data_3D46
#
_entry.id   3D46
#
_cell.length_a   119.524
_cell.length_b   147.717
_cell.length_c   195.825
_cell.angle_alpha   90.00
_cell.angle_beta   90.00
_cell.angle_gamma   90.00
#
_symmetry.space_group_name_H-M   'P 21 21 21'
#
loop_
_entity.id
_entity.type
_entity.pdbx_description
1 polymer 'Putative galactonate dehydratase'
2 non-polymer 'MAGNESIUM ION'
3 non-polymer 'L(+)-TARTARIC ACID'
4 water water
#
_entity_poly.entity_id   1
_entity_poly.type   'polypeptide(L)'
_entity_poly.pdbx_seq_one_letter_code
;MENIMTLPKIKHVRAWFIGGATAEKGAGGGDYHDQGGNHWIDDHIATPMSKYRDYEQSRQSFGINVLGTLIVEVEAENRQ
TGFAVSTAGEMGCFIVEKHLNRFIEGKCVSDIKLIHDQMLGATMYYSGSGGLVMNTISCVDLALWDLFGKVVGLPVYKLL
GGAVRDEIQFYATGARPDLAKEMGFIGGKMPTHWGPHDGDAGIRKDAAMVADMREKCGPDFWLMLDCWMSQDVNYATKLA
HACAPFNLKWIEECLPPQQYEGYRELKRNAPAGMMVTSGEHHGTLQSFRTLAETGIDIMQPDVGWCGGLTTLVEIAALAK
SRGQLVVPHGSSVYSHHAVITFTNTPFSEFLMTSPDCSTLRPQFDPILLDEPVPVNGRIHKSVLDKPGFGVELNRDCHLK
RPYSH
;
_entity_poly.pdbx_strand_id   A,B,C,D,E,F,G,H
#
loop_
_chem_comp.id
_chem_comp.type
_chem_comp.name
_chem_comp.formula
MG non-polymer 'MAGNESIUM ION' 'Mg 2'
TLA non-polymer 'L(+)-TARTARIC ACID' 'C4 H6 O6'
#
# COMPACT_ATOMS: atom_id res chain seq x y z
N MET A 1 0.23 56.77 9.51
CA MET A 1 0.86 56.12 8.33
C MET A 1 0.63 56.89 7.03
N GLU A 2 1.64 56.90 6.17
CA GLU A 2 1.54 57.59 4.89
C GLU A 2 0.54 56.90 3.97
N ASN A 3 -0.05 57.67 3.07
CA ASN A 3 -1.01 57.11 2.12
C ASN A 3 -0.21 56.21 1.19
N ILE A 4 -0.80 55.08 0.80
CA ILE A 4 -0.10 54.16 -0.07
C ILE A 4 0.11 54.74 -1.46
N MET A 5 1.09 54.15 -2.15
CA MET A 5 1.42 54.52 -3.51
C MET A 5 0.15 54.33 -4.33
N THR A 6 -0.16 55.26 -5.21
CA THR A 6 -1.36 55.13 -6.05
C THR A 6 -0.99 54.23 -7.23
N LEU A 7 -1.90 53.34 -7.60
CA LEU A 7 -1.65 52.43 -8.71
C LEU A 7 -2.68 52.62 -9.82
N PRO A 8 -2.23 52.60 -11.08
CA PRO A 8 -3.13 52.77 -12.22
C PRO A 8 -3.83 51.46 -12.56
N LYS A 9 -4.91 51.57 -13.33
CA LYS A 9 -5.65 50.40 -13.78
C LYS A 9 -5.03 50.00 -15.10
N ILE A 10 -5.30 48.78 -15.54
CA ILE A 10 -4.77 48.29 -16.81
C ILE A 10 -5.70 48.82 -17.90
N LYS A 11 -5.12 49.43 -18.93
CA LYS A 11 -5.91 49.99 -20.01
C LYS A 11 -6.03 49.07 -21.23
N HIS A 12 -4.90 48.57 -21.72
CA HIS A 12 -4.90 47.69 -22.89
C HIS A 12 -3.97 46.50 -22.72
N VAL A 13 -4.26 45.45 -23.47
CA VAL A 13 -3.41 44.27 -23.53
C VAL A 13 -3.29 44.03 -25.04
N ARG A 14 -2.07 43.86 -25.52
CA ARG A 14 -1.83 43.64 -26.94
C ARG A 14 -0.94 42.42 -27.13
N ALA A 15 -1.11 41.72 -28.25
CA ALA A 15 -0.30 40.55 -28.54
C ALA A 15 0.28 40.59 -29.95
N TRP A 16 1.55 40.24 -30.07
CA TRP A 16 2.25 40.19 -31.36
C TRP A 16 2.99 38.86 -31.42
N PHE A 17 3.53 38.56 -32.60
CA PHE A 17 4.31 37.35 -32.77
C PHE A 17 5.38 37.58 -33.82
N ILE A 18 6.43 36.76 -33.76
CA ILE A 18 7.50 36.77 -34.75
C ILE A 18 7.82 35.30 -34.95
N GLY A 19 8.37 34.95 -36.10
CA GLY A 19 8.70 33.57 -36.37
C GLY A 19 7.46 32.71 -36.54
N GLY A 20 7.64 31.39 -36.53
CA GLY A 20 6.49 30.51 -36.70
C GLY A 20 6.17 30.28 -38.16
N ALA A 21 5.22 29.39 -38.40
CA ALA A 21 4.80 29.02 -39.75
C ALA A 21 4.21 30.16 -40.60
N THR A 22 3.72 31.21 -39.96
CA THR A 22 3.15 32.32 -40.71
C THR A 22 4.02 33.57 -40.74
N ALA A 23 5.28 33.41 -40.33
CA ALA A 23 6.23 34.52 -40.33
C ALA A 23 7.59 34.02 -40.81
N GLU A 24 8.66 34.65 -40.34
CA GLU A 24 10.01 34.28 -40.75
C GLU A 24 10.63 33.15 -39.93
N LYS A 25 10.89 32.02 -40.59
CA LYS A 25 11.50 30.88 -39.91
C LYS A 25 12.88 31.26 -39.40
N GLY A 26 13.20 30.81 -38.19
CA GLY A 26 14.49 31.10 -37.59
C GLY A 26 14.57 32.42 -36.84
N ALA A 27 13.41 32.99 -36.50
CA ALA A 27 13.36 34.26 -35.79
C ALA A 27 13.90 34.22 -34.36
N GLY A 28 14.07 33.01 -33.81
CA GLY A 28 14.58 32.89 -32.46
C GLY A 28 13.61 33.45 -31.44
N GLY A 29 14.12 34.33 -30.56
CA GLY A 29 13.25 34.93 -29.56
C GLY A 29 12.73 33.98 -28.51
N GLY A 30 11.41 34.03 -28.28
CA GLY A 30 10.80 33.18 -27.28
C GLY A 30 10.82 31.70 -27.59
N ASP A 31 10.70 31.34 -28.87
CA ASP A 31 10.70 29.94 -29.28
C ASP A 31 12.14 29.46 -29.44
N TYR A 32 12.66 28.80 -28.40
CA TYR A 32 14.02 28.30 -28.39
C TYR A 32 14.37 27.50 -29.65
N HIS A 33 13.39 26.78 -30.21
CA HIS A 33 13.63 25.94 -31.37
C HIS A 33 13.41 26.57 -32.74
N ASP A 34 13.06 27.85 -32.77
CA ASP A 34 12.84 28.52 -34.05
C ASP A 34 14.19 29.07 -34.50
N GLN A 35 15.08 28.16 -34.86
CA GLN A 35 16.43 28.52 -35.29
C GLN A 35 16.67 28.28 -36.78
N GLY A 36 17.86 28.65 -37.23
CA GLY A 36 18.22 28.46 -38.63
C GLY A 36 18.85 27.09 -38.79
N GLY A 37 19.68 26.92 -39.82
CA GLY A 37 20.32 25.64 -40.05
C GLY A 37 21.63 25.48 -39.29
N ASN A 38 22.17 24.26 -39.33
CA ASN A 38 23.42 23.94 -38.67
C ASN A 38 23.44 24.28 -37.18
N HIS A 39 22.28 24.16 -36.53
CA HIS A 39 22.19 24.45 -35.10
C HIS A 39 22.20 23.15 -34.32
N TRP A 40 22.99 23.10 -33.25
CA TRP A 40 23.10 21.90 -32.42
C TRP A 40 21.74 21.45 -31.93
N ILE A 41 20.86 22.41 -31.66
CA ILE A 41 19.55 22.12 -31.12
C ILE A 41 18.63 21.37 -32.09
N ASP A 42 19.10 21.17 -33.32
CA ASP A 42 18.33 20.45 -34.32
C ASP A 42 19.16 19.34 -34.95
N ASP A 43 20.30 19.03 -34.33
CA ASP A 43 21.19 18.01 -34.85
C ASP A 43 20.92 16.58 -34.37
N HIS A 44 20.03 15.88 -35.08
CA HIS A 44 19.70 14.49 -34.76
C HIS A 44 19.38 14.30 -33.27
N ILE A 45 18.46 15.10 -32.74
CA ILE A 45 18.08 15.01 -31.34
C ILE A 45 16.98 13.95 -31.21
N ALA A 46 17.12 13.04 -30.26
CA ALA A 46 16.13 11.99 -30.07
C ALA A 46 14.80 12.59 -29.62
N THR A 47 13.71 12.12 -30.22
CA THR A 47 12.37 12.62 -29.88
C THR A 47 11.35 11.52 -30.12
N PRO A 48 10.08 11.78 -29.77
CA PRO A 48 9.04 10.78 -29.96
C PRO A 48 8.85 10.51 -31.46
N MET A 49 9.41 11.39 -32.30
CA MET A 49 9.28 11.25 -33.75
C MET A 49 10.53 10.73 -34.47
N SER A 50 11.66 10.67 -33.78
CA SER A 50 12.90 10.24 -34.43
C SER A 50 12.91 8.77 -34.86
N LYS A 51 11.88 8.01 -34.47
CA LYS A 51 11.78 6.62 -34.87
C LYS A 51 11.36 6.57 -36.34
N TYR A 52 10.89 7.71 -36.85
CA TYR A 52 10.48 7.81 -38.26
C TYR A 52 11.65 8.34 -39.07
N ARG A 53 12.01 7.62 -40.11
CA ARG A 53 13.14 8.00 -40.96
C ARG A 53 13.11 9.46 -41.43
N ASP A 54 11.96 9.93 -41.88
CA ASP A 54 11.85 11.30 -42.38
C ASP A 54 11.94 12.38 -41.30
N TYR A 55 11.83 11.98 -40.04
CA TYR A 55 11.88 12.96 -38.95
C TYR A 55 12.97 12.66 -37.92
N GLU A 56 13.94 11.84 -38.31
CA GLU A 56 15.02 11.48 -37.41
C GLU A 56 16.14 12.53 -37.29
N GLN A 57 16.56 13.09 -38.41
CA GLN A 57 17.64 14.07 -38.41
C GLN A 57 17.29 15.45 -37.85
N SER A 58 16.08 15.91 -38.14
CA SER A 58 15.66 17.25 -37.73
C SER A 58 14.33 17.37 -37.02
N ARG A 59 14.32 18.05 -35.87
CA ARG A 59 13.09 18.27 -35.14
C ARG A 59 12.29 19.31 -35.91
N GLN A 60 12.99 20.21 -36.60
CA GLN A 60 12.30 21.23 -37.39
C GLN A 60 11.47 20.53 -38.46
N SER A 61 11.96 19.42 -38.99
CA SER A 61 11.23 18.70 -40.03
C SER A 61 9.84 18.24 -39.58
N PHE A 62 9.67 17.90 -38.29
CA PHE A 62 8.34 17.50 -37.85
C PHE A 62 7.51 18.67 -37.35
N GLY A 63 8.10 19.86 -37.34
CA GLY A 63 7.38 21.04 -36.91
C GLY A 63 7.58 21.58 -35.50
N ILE A 64 8.77 21.39 -34.94
CA ILE A 64 9.04 21.88 -33.59
C ILE A 64 9.12 23.41 -33.59
N ASN A 65 9.11 23.99 -34.79
CA ASN A 65 9.23 25.44 -34.95
C ASN A 65 8.01 26.14 -35.54
N VAL A 66 6.87 25.47 -35.61
CA VAL A 66 5.69 26.11 -36.21
C VAL A 66 5.03 27.24 -35.42
N LEU A 67 5.19 27.23 -34.10
CA LEU A 67 4.55 28.26 -33.27
C LEU A 67 5.22 29.62 -33.25
N GLY A 68 6.54 29.65 -33.09
CA GLY A 68 7.22 30.92 -33.04
C GLY A 68 7.01 31.60 -31.71
N THR A 69 7.30 32.90 -31.67
CA THR A 69 7.23 33.68 -30.45
C THR A 69 5.97 34.50 -30.21
N LEU A 70 5.42 34.39 -29.00
CA LEU A 70 4.26 35.18 -28.61
C LEU A 70 4.82 36.33 -27.79
N ILE A 71 4.33 37.54 -28.03
CA ILE A 71 4.76 38.70 -27.25
C ILE A 71 3.48 39.34 -26.71
N VAL A 72 3.42 39.51 -25.39
CA VAL A 72 2.26 40.13 -24.78
C VAL A 72 2.68 41.40 -24.06
N GLU A 73 2.00 42.51 -24.36
CA GLU A 73 2.31 43.77 -23.71
C GLU A 73 1.06 44.32 -23.05
N VAL A 74 1.18 44.70 -21.78
CA VAL A 74 0.06 45.26 -21.05
C VAL A 74 0.38 46.73 -20.78
N GLU A 75 -0.56 47.61 -21.08
CA GLU A 75 -0.38 49.05 -20.88
C GLU A 75 -1.33 49.58 -19.82
N ALA A 76 -0.77 50.29 -18.84
CA ALA A 76 -1.59 50.86 -17.76
C ALA A 76 -2.16 52.21 -18.19
N GLU A 77 -3.13 52.70 -17.42
CA GLU A 77 -3.76 53.99 -17.72
C GLU A 77 -2.78 55.14 -17.69
N ASN A 78 -1.65 54.97 -16.99
CA ASN A 78 -0.64 56.02 -16.90
C ASN A 78 0.42 55.86 -18.00
N ARG A 79 0.10 55.03 -18.98
CA ARG A 79 0.97 54.76 -20.14
C ARG A 79 2.19 53.87 -19.90
N GLN A 80 2.42 53.45 -18.66
CA GLN A 80 3.55 52.56 -18.41
C GLN A 80 3.18 51.19 -18.97
N THR A 81 4.18 50.43 -19.42
CA THR A 81 3.91 49.11 -19.97
C THR A 81 4.79 48.03 -19.37
N GLY A 82 4.34 46.80 -19.53
CA GLY A 82 5.07 45.64 -19.06
C GLY A 82 4.87 44.61 -20.16
N PHE A 83 5.80 43.67 -20.31
CA PHE A 83 5.64 42.67 -21.36
C PHE A 83 6.41 41.40 -21.05
N ALA A 84 6.18 40.38 -21.85
CA ALA A 84 6.85 39.11 -21.71
C ALA A 84 6.74 38.36 -23.02
N VAL A 85 7.56 37.33 -23.19
CA VAL A 85 7.52 36.54 -24.42
C VAL A 85 7.47 35.06 -24.06
N SER A 86 6.95 34.26 -24.96
CA SER A 86 6.86 32.83 -24.75
C SER A 86 6.70 32.16 -26.11
N THR A 87 6.33 30.87 -26.11
CA THR A 87 6.17 30.13 -27.36
C THR A 87 4.68 29.89 -27.60
N ALA A 88 4.14 30.48 -28.67
CA ALA A 88 2.73 30.33 -29.01
C ALA A 88 2.40 31.03 -30.32
N GLY A 89 3.11 32.11 -30.59
CA GLY A 89 2.91 32.84 -31.83
C GLY A 89 1.51 33.33 -32.14
N GLU A 90 1.10 33.22 -33.41
CA GLU A 90 -0.20 33.68 -33.86
C GLU A 90 -1.39 33.17 -33.07
N MET A 91 -1.42 31.87 -32.78
CA MET A 91 -2.52 31.31 -32.02
C MET A 91 -2.57 31.92 -30.61
N GLY A 92 -1.40 32.18 -30.05
CA GLY A 92 -1.34 32.80 -28.73
C GLY A 92 -2.00 34.18 -28.81
N CYS A 93 -1.80 34.87 -29.93
CA CYS A 93 -2.40 36.19 -30.11
C CYS A 93 -3.92 36.10 -30.13
N PHE A 94 -4.45 35.06 -30.76
CA PHE A 94 -5.90 34.87 -30.81
C PHE A 94 -6.44 34.76 -29.38
N ILE A 95 -5.81 33.89 -28.59
CA ILE A 95 -6.23 33.67 -27.21
C ILE A 95 -6.24 34.95 -26.39
N VAL A 96 -5.16 35.72 -26.49
CA VAL A 96 -5.06 36.96 -25.74
C VAL A 96 -6.05 38.04 -26.20
N GLU A 97 -6.08 38.30 -27.51
CA GLU A 97 -6.94 39.33 -28.07
C GLU A 97 -8.43 39.02 -28.16
N LYS A 98 -8.76 37.74 -28.29
CA LYS A 98 -10.16 37.35 -28.44
C LYS A 98 -10.79 36.66 -27.24
N HIS A 99 -9.99 36.42 -26.20
CA HIS A 99 -10.55 35.77 -25.01
C HIS A 99 -10.09 36.36 -23.69
N LEU A 100 -8.80 36.20 -23.38
CA LEU A 100 -8.25 36.65 -22.11
C LEU A 100 -8.30 38.15 -21.81
N ASN A 101 -8.34 38.98 -22.84
CA ASN A 101 -8.39 40.43 -22.64
C ASN A 101 -9.53 40.86 -21.72
N ARG A 102 -10.63 40.12 -21.73
CA ARG A 102 -11.78 40.49 -20.91
C ARG A 102 -11.51 40.42 -19.40
N PHE A 103 -10.53 39.61 -19.00
CA PHE A 103 -10.19 39.47 -17.58
C PHE A 103 -9.05 40.41 -17.19
N ILE A 104 -8.31 40.89 -18.20
CA ILE A 104 -7.15 41.74 -17.97
C ILE A 104 -7.44 43.24 -17.91
N GLU A 105 -8.06 43.77 -18.96
CA GLU A 105 -8.35 45.19 -19.03
C GLU A 105 -9.34 45.67 -17.98
N GLY A 106 -9.01 46.79 -17.35
CA GLY A 106 -9.88 47.33 -16.32
C GLY A 106 -9.45 46.97 -14.90
N LYS A 107 -8.60 45.96 -14.77
CA LYS A 107 -8.11 45.52 -13.46
C LYS A 107 -7.01 46.45 -12.96
N CYS A 108 -6.68 46.36 -11.68
CA CYS A 108 -5.60 47.16 -11.11
C CYS A 108 -4.34 46.41 -11.53
N VAL A 109 -3.22 47.12 -11.68
CA VAL A 109 -1.99 46.45 -12.07
C VAL A 109 -1.54 45.43 -11.00
N SER A 110 -2.11 45.54 -9.80
CA SER A 110 -1.75 44.62 -8.73
C SER A 110 -2.65 43.38 -8.66
N ASP A 111 -3.70 43.34 -9.48
CA ASP A 111 -4.63 42.21 -9.50
C ASP A 111 -4.06 41.02 -10.28
N ILE A 112 -2.79 40.72 -10.10
CA ILE A 112 -2.16 39.63 -10.84
C ILE A 112 -2.72 38.24 -10.58
N LYS A 113 -2.79 37.85 -9.30
CA LYS A 113 -3.31 36.53 -8.95
C LYS A 113 -4.76 36.35 -9.37
N LEU A 114 -5.55 37.43 -9.29
CA LEU A 114 -6.94 37.37 -9.66
C LEU A 114 -7.07 37.09 -11.16
N ILE A 115 -6.34 37.85 -11.96
CA ILE A 115 -6.38 37.66 -13.40
C ILE A 115 -5.92 36.25 -13.73
N HIS A 116 -4.89 35.78 -13.03
CA HIS A 116 -4.35 34.45 -13.25
C HIS A 116 -5.41 33.38 -13.03
N ASP A 117 -6.13 33.46 -11.92
CA ASP A 117 -7.16 32.47 -11.62
C ASP A 117 -8.28 32.51 -12.65
N GLN A 118 -8.63 33.71 -13.10
CA GLN A 118 -9.69 33.84 -14.09
C GLN A 118 -9.26 33.28 -15.44
N MET A 119 -8.00 33.45 -15.81
CA MET A 119 -7.52 32.91 -17.07
C MET A 119 -7.59 31.39 -17.03
N LEU A 120 -7.15 30.80 -15.92
CA LEU A 120 -7.15 29.35 -15.75
C LEU A 120 -8.58 28.80 -15.77
N GLY A 121 -9.46 29.44 -15.01
CA GLY A 121 -10.83 28.98 -14.94
C GLY A 121 -11.60 29.11 -16.25
N ALA A 122 -11.37 30.20 -16.97
CA ALA A 122 -12.07 30.46 -18.22
C ALA A 122 -11.60 29.61 -19.41
N THR A 123 -10.36 29.12 -19.34
CA THR A 123 -9.80 28.31 -20.43
C THR A 123 -9.69 26.82 -20.08
N MET A 124 -10.11 26.46 -18.88
CA MET A 124 -10.02 25.07 -18.45
C MET A 124 -10.63 24.08 -19.45
N TYR A 125 -11.70 24.49 -20.13
CA TYR A 125 -12.35 23.60 -21.08
C TYR A 125 -11.58 23.34 -22.37
N TYR A 126 -10.50 24.08 -22.62
CA TYR A 126 -9.72 23.84 -23.84
C TYR A 126 -8.20 23.97 -23.67
N SER A 127 -7.74 24.23 -22.45
CA SER A 127 -6.31 24.40 -22.22
C SER A 127 -5.51 23.09 -22.13
N GLY A 128 -6.18 21.99 -21.80
CA GLY A 128 -5.48 20.73 -21.68
C GLY A 128 -4.44 20.73 -20.56
N SER A 129 -4.55 21.70 -19.65
CA SER A 129 -3.61 21.81 -18.52
C SER A 129 -2.12 21.99 -18.89
N GLY A 130 -1.83 22.35 -20.13
CA GLY A 130 -0.44 22.52 -20.51
C GLY A 130 -0.29 22.83 -21.97
N GLY A 131 0.94 23.04 -22.42
CA GLY A 131 1.16 23.34 -23.83
C GLY A 131 0.71 24.72 -24.25
N LEU A 132 0.44 24.86 -25.55
CA LEU A 132 0.02 26.10 -26.18
C LEU A 132 -0.80 27.09 -25.35
N VAL A 133 -1.96 26.65 -24.88
CA VAL A 133 -2.83 27.54 -24.11
C VAL A 133 -2.18 27.98 -22.81
N MET A 134 -1.51 27.06 -22.12
CA MET A 134 -0.84 27.42 -20.87
C MET A 134 0.33 28.35 -21.13
N ASN A 135 1.01 28.17 -22.27
CA ASN A 135 2.13 29.05 -22.63
C ASN A 135 1.61 30.48 -22.75
N THR A 136 0.43 30.61 -23.33
CA THR A 136 -0.19 31.92 -23.53
C THR A 136 -0.55 32.56 -22.19
N ILE A 137 -1.17 31.78 -21.31
CA ILE A 137 -1.55 32.26 -19.99
C ILE A 137 -0.29 32.69 -19.24
N SER A 138 0.77 31.88 -19.35
CA SER A 138 2.03 32.19 -18.70
C SER A 138 2.60 33.51 -19.17
N CYS A 139 2.53 33.74 -20.48
CA CYS A 139 3.06 34.97 -21.06
C CYS A 139 2.33 36.20 -20.51
N VAL A 140 1.01 36.08 -20.37
CA VAL A 140 0.23 37.18 -19.82
C VAL A 140 0.64 37.42 -18.37
N ASP A 141 0.73 36.34 -17.59
CA ASP A 141 1.10 36.45 -16.17
C ASP A 141 2.44 37.17 -16.02
N LEU A 142 3.40 36.80 -16.85
CA LEU A 142 4.72 37.43 -16.80
C LEU A 142 4.65 38.90 -17.19
N ALA A 143 3.84 39.22 -18.19
CA ALA A 143 3.70 40.60 -18.62
C ALA A 143 3.10 41.43 -17.49
N LEU A 144 2.18 40.83 -16.74
CA LEU A 144 1.54 41.52 -15.62
C LEU A 144 2.55 41.79 -14.49
N TRP A 145 3.37 40.80 -14.17
CA TRP A 145 4.38 40.98 -13.14
C TRP A 145 5.39 42.03 -13.59
N ASP A 146 5.71 42.05 -14.88
CA ASP A 146 6.66 43.02 -15.43
C ASP A 146 6.10 44.42 -15.27
N LEU A 147 4.83 44.60 -15.66
CA LEU A 147 4.18 45.90 -15.54
C LEU A 147 4.11 46.37 -14.09
N PHE A 148 3.68 45.48 -13.21
CA PHE A 148 3.57 45.82 -11.79
C PHE A 148 4.93 46.28 -11.25
N GLY A 149 5.98 45.52 -11.57
CA GLY A 149 7.31 45.87 -11.11
C GLY A 149 7.77 47.22 -11.65
N LYS A 150 7.46 47.49 -12.91
CA LYS A 150 7.86 48.75 -13.53
C LYS A 150 7.05 49.93 -12.96
N VAL A 151 5.79 49.68 -12.61
CA VAL A 151 4.96 50.73 -12.03
C VAL A 151 5.47 51.06 -10.62
N VAL A 152 5.75 50.02 -9.84
CA VAL A 152 6.24 50.20 -8.47
C VAL A 152 7.68 50.71 -8.45
N GLY A 153 8.46 50.33 -9.44
CA GLY A 153 9.85 50.75 -9.50
C GLY A 153 10.80 49.77 -8.84
N LEU A 154 10.43 48.49 -8.84
CA LEU A 154 11.27 47.47 -8.23
C LEU A 154 11.47 46.24 -9.09
N PRO A 155 12.61 45.56 -8.92
CA PRO A 155 12.87 44.36 -9.70
C PRO A 155 11.89 43.32 -9.16
N VAL A 156 11.45 42.40 -10.00
CA VAL A 156 10.53 41.37 -9.55
C VAL A 156 11.11 40.57 -8.38
N TYR A 157 12.42 40.30 -8.41
CA TYR A 157 13.03 39.52 -7.34
C TYR A 157 12.90 40.17 -5.97
N LYS A 158 12.85 41.50 -5.93
CA LYS A 158 12.70 42.17 -4.64
C LYS A 158 11.25 42.13 -4.20
N LEU A 159 10.33 42.23 -5.16
CA LEU A 159 8.91 42.17 -4.83
C LEU A 159 8.56 40.82 -4.21
N LEU A 160 9.24 39.78 -4.66
CA LEU A 160 9.00 38.42 -4.19
C LEU A 160 9.56 38.11 -2.79
N GLY A 161 10.35 39.01 -2.24
CA GLY A 161 10.91 38.75 -0.93
C GLY A 161 12.43 38.72 -0.92
N GLY A 162 13.03 39.17 -2.01
CA GLY A 162 14.48 39.26 -2.09
C GLY A 162 15.28 38.02 -2.45
N ALA A 163 16.53 38.26 -2.82
CA ALA A 163 17.44 37.19 -3.20
C ALA A 163 17.90 36.42 -1.97
N VAL A 164 18.11 35.11 -2.12
CA VAL A 164 18.59 34.30 -1.02
C VAL A 164 20.02 33.86 -1.32
N ARG A 165 20.57 34.41 -2.40
CA ARG A 165 21.95 34.14 -2.83
C ARG A 165 22.41 35.37 -3.61
N ASP A 166 23.71 35.68 -3.55
CA ASP A 166 24.23 36.85 -4.25
C ASP A 166 24.38 36.70 -5.75
N GLU A 167 24.39 35.46 -6.22
CA GLU A 167 24.51 35.20 -7.66
C GLU A 167 23.86 33.88 -8.01
N ILE A 168 23.47 33.76 -9.27
CA ILE A 168 22.88 32.54 -9.78
C ILE A 168 24.00 31.81 -10.51
N GLN A 169 24.21 30.54 -10.20
CA GLN A 169 25.23 29.77 -10.88
C GLN A 169 24.51 28.89 -11.91
N PHE A 170 25.07 28.81 -13.10
CA PHE A 170 24.46 28.06 -14.21
C PHE A 170 25.19 26.85 -14.74
N TYR A 171 24.41 25.94 -15.31
CA TYR A 171 24.95 24.77 -16.00
C TYR A 171 24.49 25.10 -17.42
N ALA A 172 25.21 24.62 -18.43
CA ALA A 172 24.83 24.92 -19.81
C ALA A 172 24.32 23.71 -20.56
N THR A 173 23.28 23.93 -21.35
CA THR A 173 22.69 22.87 -22.14
C THR A 173 23.10 23.06 -23.60
N GLY A 174 23.71 22.03 -24.16
CA GLY A 174 24.17 22.10 -25.54
C GLY A 174 25.09 20.94 -25.85
N ALA A 175 25.63 20.93 -27.06
CA ALA A 175 26.52 19.86 -27.49
C ALA A 175 27.98 19.99 -27.04
N ARG A 176 28.34 21.07 -26.37
CA ARG A 176 29.72 21.26 -25.97
C ARG A 176 29.96 21.53 -24.49
N PRO A 177 29.77 20.51 -23.62
CA PRO A 177 29.99 20.69 -22.18
C PRO A 177 31.43 21.15 -21.93
N ASP A 178 32.35 20.72 -22.79
CA ASP A 178 33.74 21.10 -22.65
C ASP A 178 33.95 22.61 -22.83
N LEU A 179 33.28 23.20 -23.81
CA LEU A 179 33.40 24.64 -24.02
C LEU A 179 32.69 25.38 -22.89
N ALA A 180 31.61 24.79 -22.38
CA ALA A 180 30.85 25.40 -21.29
C ALA A 180 31.73 25.49 -20.04
N LYS A 181 32.54 24.45 -19.81
CA LYS A 181 33.41 24.44 -18.64
C LYS A 181 34.37 25.62 -18.75
N GLU A 182 34.89 25.84 -19.95
CA GLU A 182 35.82 26.95 -20.19
C GLU A 182 35.16 28.28 -19.89
N MET A 183 33.87 28.39 -20.22
CA MET A 183 33.13 29.62 -19.98
C MET A 183 32.79 29.87 -18.52
N GLY A 184 33.02 28.86 -17.67
CA GLY A 184 32.74 29.03 -16.25
C GLY A 184 31.48 28.36 -15.72
N PHE A 185 30.75 27.65 -16.58
CA PHE A 185 29.54 26.97 -16.13
C PHE A 185 29.89 25.84 -15.17
N ILE A 186 28.94 25.44 -14.33
CA ILE A 186 29.19 24.39 -13.34
C ILE A 186 28.91 22.99 -13.88
N GLY A 187 28.34 22.91 -15.07
CA GLY A 187 28.04 21.61 -15.65
C GLY A 187 27.51 21.75 -17.05
N GLY A 188 27.35 20.62 -17.73
CA GLY A 188 26.83 20.65 -19.09
C GLY A 188 25.85 19.53 -19.34
N LYS A 189 24.67 19.88 -19.84
CA LYS A 189 23.65 18.89 -20.16
C LYS A 189 23.64 18.70 -21.67
N MET A 190 23.76 17.45 -22.11
CA MET A 190 23.76 17.12 -23.53
C MET A 190 22.49 16.39 -23.92
N PRO A 191 22.06 16.57 -25.17
CA PRO A 191 20.85 15.89 -25.63
C PRO A 191 21.22 14.49 -26.10
N THR A 192 20.30 13.54 -25.98
CA THR A 192 20.56 12.19 -26.47
C THR A 192 20.28 12.28 -27.97
N HIS A 193 20.97 11.47 -28.75
CA HIS A 193 20.80 11.48 -30.19
C HIS A 193 20.13 10.21 -30.71
N TRP A 194 20.06 9.19 -29.87
CA TRP A 194 19.44 7.93 -30.26
C TRP A 194 18.30 7.56 -29.34
N GLY A 195 17.40 6.70 -29.82
CA GLY A 195 16.26 6.29 -29.03
C GLY A 195 16.02 4.80 -28.96
N PRO A 196 14.89 4.36 -28.38
CA PRO A 196 14.54 2.96 -28.22
C PRO A 196 14.71 2.11 -29.49
N HIS A 197 14.31 2.66 -30.63
CA HIS A 197 14.44 1.95 -31.90
C HIS A 197 15.92 1.67 -32.26
N ASP A 198 16.84 2.36 -31.60
CA ASP A 198 18.26 2.16 -31.87
C ASP A 198 18.86 1.10 -30.96
N GLY A 199 18.08 0.69 -29.96
CA GLY A 199 18.53 -0.35 -29.05
C GLY A 199 19.88 -0.18 -28.38
N ASP A 200 20.59 -1.30 -28.23
CA ASP A 200 21.90 -1.30 -27.58
C ASP A 200 22.92 -0.39 -28.23
N ALA A 201 22.85 -0.26 -29.56
CA ALA A 201 23.79 0.61 -30.27
C ALA A 201 23.53 2.05 -29.87
N GLY A 202 22.26 2.41 -29.73
CA GLY A 202 21.92 3.77 -29.35
C GLY A 202 22.42 4.09 -27.95
N ILE A 203 22.25 3.14 -27.03
CA ILE A 203 22.70 3.31 -25.66
C ILE A 203 24.22 3.46 -25.63
N ARG A 204 24.90 2.60 -26.37
CA ARG A 204 26.36 2.64 -26.42
C ARG A 204 26.86 3.99 -26.95
N LYS A 205 26.23 4.51 -27.99
CA LYS A 205 26.66 5.77 -28.57
C LYS A 205 26.43 6.98 -27.66
N ASP A 206 25.26 7.11 -27.05
CA ASP A 206 25.05 8.24 -26.16
C ASP A 206 25.87 8.12 -24.89
N ALA A 207 26.10 6.90 -24.43
CA ALA A 207 26.91 6.68 -23.23
C ALA A 207 28.37 7.04 -23.55
N ALA A 208 28.80 6.73 -24.76
CA ALA A 208 30.17 7.03 -25.19
C ALA A 208 30.33 8.55 -25.25
N MET A 209 29.28 9.24 -25.67
CA MET A 209 29.30 10.69 -25.75
C MET A 209 29.54 11.26 -24.36
N VAL A 210 28.86 10.69 -23.37
CA VAL A 210 29.00 11.12 -21.99
C VAL A 210 30.40 10.82 -21.47
N ALA A 211 30.88 9.61 -21.73
CA ALA A 211 32.21 9.19 -21.28
C ALA A 211 33.28 10.12 -21.82
N ASP A 212 33.14 10.51 -23.09
CA ASP A 212 34.10 11.40 -23.74
C ASP A 212 34.13 12.76 -23.03
N MET A 213 32.96 13.32 -22.74
CA MET A 213 32.91 14.61 -22.07
C MET A 213 33.40 14.53 -20.62
N ARG A 214 33.22 13.38 -19.97
CA ARG A 214 33.69 13.22 -18.59
C ARG A 214 35.21 13.27 -18.61
N GLU A 215 35.78 12.65 -19.64
CA GLU A 215 37.23 12.61 -19.81
C GLU A 215 37.74 14.04 -20.01
N LYS A 216 37.06 14.79 -20.86
CA LYS A 216 37.45 16.17 -21.16
C LYS A 216 37.17 17.20 -20.07
N CYS A 217 36.11 17.00 -19.30
CA CYS A 217 35.74 17.96 -18.26
C CYS A 217 36.16 17.68 -16.83
N GLY A 218 36.61 16.48 -16.53
CA GLY A 218 37.02 16.17 -15.18
C GLY A 218 35.84 15.67 -14.36
N PRO A 219 36.07 15.22 -13.11
CA PRO A 219 35.03 14.70 -12.22
C PRO A 219 34.05 15.67 -11.54
N ASP A 220 34.48 16.90 -11.29
CA ASP A 220 33.61 17.85 -10.60
C ASP A 220 32.63 18.64 -11.46
N PHE A 221 32.91 18.73 -12.75
CA PHE A 221 32.02 19.44 -13.68
C PHE A 221 30.85 18.49 -13.93
N TRP A 222 29.63 18.93 -13.64
CA TRP A 222 28.47 18.05 -13.83
C TRP A 222 28.16 17.75 -15.29
N LEU A 223 27.66 16.55 -15.54
CA LEU A 223 27.23 16.13 -16.87
C LEU A 223 25.83 15.54 -16.71
N MET A 224 24.93 15.92 -17.61
CA MET A 224 23.56 15.44 -17.56
C MET A 224 23.09 15.09 -18.96
N LEU A 225 22.02 14.31 -19.07
CA LEU A 225 21.46 13.95 -20.37
C LEU A 225 20.01 14.38 -20.47
N ASP A 226 19.66 15.02 -21.58
CA ASP A 226 18.29 15.46 -21.81
C ASP A 226 17.75 14.49 -22.87
N CYS A 227 16.61 13.86 -22.57
CA CYS A 227 16.04 12.86 -23.47
C CYS A 227 14.77 13.29 -24.20
N TRP A 228 14.38 14.54 -24.02
CA TRP A 228 13.21 15.13 -24.66
C TRP A 228 12.05 14.19 -24.99
N MET A 229 11.47 13.59 -23.96
CA MET A 229 10.30 12.70 -24.09
C MET A 229 10.43 11.53 -25.07
N SER A 230 11.66 11.22 -25.47
CA SER A 230 11.90 10.20 -26.48
C SER A 230 12.04 8.73 -26.12
N GLN A 231 11.98 8.37 -24.84
CA GLN A 231 12.20 6.96 -24.49
C GLN A 231 11.02 6.27 -23.81
N ASP A 232 11.29 5.08 -23.28
CA ASP A 232 10.29 4.33 -22.53
C ASP A 232 11.05 3.88 -21.28
N VAL A 233 10.36 3.32 -20.29
CA VAL A 233 11.03 2.92 -19.07
C VAL A 233 12.25 2.02 -19.23
N ASN A 234 12.13 0.96 -20.02
CA ASN A 234 13.26 0.04 -20.19
C ASN A 234 14.50 0.71 -20.81
N TYR A 235 14.30 1.44 -21.90
CA TYR A 235 15.42 2.10 -22.57
C TYR A 235 16.08 3.12 -21.63
N ALA A 236 15.26 3.92 -20.95
CA ALA A 236 15.78 4.93 -20.03
C ALA A 236 16.57 4.25 -18.92
N THR A 237 16.05 3.13 -18.44
CA THR A 237 16.73 2.39 -17.37
C THR A 237 18.10 1.90 -17.85
N LYS A 238 18.13 1.32 -19.05
CA LYS A 238 19.38 0.82 -19.60
C LYS A 238 20.39 1.95 -19.81
N LEU A 239 19.93 3.08 -20.33
CA LEU A 239 20.81 4.23 -20.57
C LEU A 239 21.36 4.78 -19.26
N ALA A 240 20.50 4.94 -18.26
CA ALA A 240 20.92 5.45 -16.96
C ALA A 240 22.03 4.58 -16.36
N HIS A 241 21.83 3.28 -16.39
CA HIS A 241 22.83 2.37 -15.84
C HIS A 241 24.11 2.37 -16.67
N ALA A 242 23.97 2.56 -17.98
CA ALA A 242 25.15 2.61 -18.85
C ALA A 242 25.97 3.87 -18.58
N CYS A 243 25.32 4.90 -18.05
CA CYS A 243 26.02 6.16 -17.77
C CYS A 243 26.45 6.30 -16.32
N ALA A 244 26.05 5.36 -15.47
CA ALA A 244 26.40 5.39 -14.06
C ALA A 244 27.91 5.45 -13.79
N PRO A 245 28.72 4.70 -14.55
CA PRO A 245 30.17 4.72 -14.34
C PRO A 245 30.81 6.10 -14.50
N PHE A 246 30.12 7.00 -15.19
CA PHE A 246 30.63 8.34 -15.44
C PHE A 246 30.00 9.40 -14.55
N ASN A 247 29.27 8.92 -13.54
CA ASN A 247 28.60 9.81 -12.60
C ASN A 247 27.69 10.85 -13.26
N LEU A 248 26.83 10.39 -14.15
CA LEU A 248 25.87 11.29 -14.80
C LEU A 248 25.03 11.81 -13.65
N LYS A 249 24.93 13.13 -13.50
CA LYS A 249 24.17 13.71 -12.40
C LYS A 249 22.67 13.41 -12.48
N TRP A 250 22.10 13.53 -13.67
CA TRP A 250 20.69 13.23 -13.85
C TRP A 250 20.33 12.92 -15.29
N ILE A 251 19.21 12.25 -15.48
CA ILE A 251 18.72 11.90 -16.80
C ILE A 251 17.35 12.58 -16.85
N GLU A 252 17.18 13.47 -17.81
CA GLU A 252 15.98 14.29 -17.91
C GLU A 252 14.91 14.00 -18.96
N GLU A 253 13.66 14.16 -18.52
CA GLU A 253 12.46 13.97 -19.34
C GLU A 253 12.53 12.79 -20.29
N CYS A 254 12.76 11.60 -19.72
CA CYS A 254 12.84 10.38 -20.52
C CYS A 254 11.49 10.01 -21.14
N LEU A 255 10.40 10.40 -20.49
CA LEU A 255 9.06 10.03 -20.97
C LEU A 255 8.10 11.16 -21.25
N PRO A 256 7.08 10.89 -22.09
CA PRO A 256 6.09 11.92 -22.41
C PRO A 256 5.50 12.37 -21.07
N PRO A 257 5.00 13.60 -20.99
CA PRO A 257 4.43 14.14 -19.74
C PRO A 257 3.31 13.39 -19.02
N GLN A 258 2.41 12.74 -19.75
CA GLN A 258 1.31 12.02 -19.13
C GLN A 258 1.73 10.76 -18.39
N GLN A 259 2.92 10.26 -18.67
CA GLN A 259 3.37 9.02 -18.07
C GLN A 259 3.92 9.08 -16.65
N TYR A 260 3.10 9.55 -15.73
CA TYR A 260 3.47 9.66 -14.32
C TYR A 260 3.85 8.31 -13.74
N GLU A 261 3.06 7.29 -14.07
CA GLU A 261 3.30 5.95 -13.57
C GLU A 261 4.67 5.45 -14.03
N GLY A 262 5.02 5.77 -15.27
CA GLY A 262 6.31 5.38 -15.82
C GLY A 262 7.44 6.09 -15.11
N TYR A 263 7.24 7.38 -14.78
CA TYR A 263 8.28 8.13 -14.09
C TYR A 263 8.53 7.54 -12.72
N ARG A 264 7.46 7.10 -12.05
CA ARG A 264 7.60 6.49 -10.74
C ARG A 264 8.46 5.23 -10.84
N GLU A 265 8.19 4.41 -11.84
CA GLU A 265 8.96 3.18 -12.04
C GLU A 265 10.40 3.47 -12.42
N LEU A 266 10.60 4.44 -13.31
CA LEU A 266 11.95 4.80 -13.75
C LEU A 266 12.78 5.26 -12.56
N LYS A 267 12.21 6.11 -11.71
CA LYS A 267 12.93 6.61 -10.53
C LYS A 267 13.32 5.45 -9.63
N ARG A 268 12.43 4.47 -9.51
CA ARG A 268 12.73 3.31 -8.67
C ARG A 268 13.87 2.48 -9.27
N ASN A 269 13.95 2.44 -10.60
CA ASN A 269 14.99 1.68 -11.31
C ASN A 269 16.33 2.43 -11.47
N ALA A 270 16.35 3.70 -11.16
CA ALA A 270 17.58 4.49 -11.35
C ALA A 270 18.78 4.08 -10.51
N PRO A 271 20.00 4.21 -11.07
CA PRO A 271 21.22 3.85 -10.36
C PRO A 271 21.27 4.68 -9.07
N ALA A 272 21.83 4.10 -8.01
CA ALA A 272 21.90 4.80 -6.73
C ALA A 272 22.61 6.16 -6.88
N GLY A 273 21.97 7.21 -6.36
CA GLY A 273 22.56 8.53 -6.44
C GLY A 273 22.28 9.32 -7.71
N MET A 274 21.82 8.65 -8.76
CA MET A 274 21.53 9.36 -10.01
C MET A 274 20.12 9.90 -9.97
N MET A 275 19.95 11.16 -10.32
CA MET A 275 18.62 11.76 -10.29
C MET A 275 17.83 11.61 -11.59
N VAL A 276 16.52 11.65 -11.45
CA VAL A 276 15.60 11.56 -12.57
C VAL A 276 14.80 12.85 -12.53
N THR A 277 14.72 13.56 -13.66
CA THR A 277 14.01 14.82 -13.70
C THR A 277 13.02 14.92 -14.86
N SER A 278 12.16 15.93 -14.80
CA SER A 278 11.15 16.18 -15.83
C SER A 278 10.38 17.43 -15.42
N GLY A 279 9.39 17.81 -16.23
CA GLY A 279 8.58 18.96 -15.87
C GLY A 279 8.49 20.12 -16.84
N GLU A 280 9.45 20.27 -17.75
CA GLU A 280 9.39 21.41 -18.67
C GLU A 280 8.13 21.47 -19.52
N HIS A 281 7.51 20.32 -19.80
CA HIS A 281 6.29 20.32 -20.59
C HIS A 281 5.00 20.21 -19.78
N HIS A 282 5.13 20.12 -18.46
CA HIS A 282 3.96 20.04 -17.59
C HIS A 282 3.41 21.43 -17.31
N GLY A 283 2.12 21.51 -16.99
CA GLY A 283 1.48 22.78 -16.71
C GLY A 283 0.44 22.65 -15.61
N THR A 284 0.18 23.74 -14.90
CA THR A 284 -0.76 23.82 -13.78
C THR A 284 -0.18 23.20 -12.53
N LEU A 285 -0.46 23.83 -11.39
CA LEU A 285 0.05 23.35 -10.11
C LEU A 285 -0.36 21.91 -9.82
N GLN A 286 -1.59 21.55 -10.17
CA GLN A 286 -2.09 20.20 -9.91
C GLN A 286 -1.29 19.13 -10.65
N SER A 287 -0.86 19.41 -11.88
CA SER A 287 -0.07 18.43 -12.62
C SER A 287 1.27 18.24 -11.91
N PHE A 288 1.83 19.32 -11.40
CA PHE A 288 3.10 19.23 -10.69
C PHE A 288 2.96 18.49 -9.36
N ARG A 289 1.76 18.53 -8.78
CA ARG A 289 1.49 17.80 -7.54
C ARG A 289 1.65 16.31 -7.88
N THR A 290 1.02 15.90 -8.98
CA THR A 290 1.07 14.53 -9.43
C THR A 290 2.50 14.13 -9.82
N LEU A 291 3.18 15.01 -10.55
CA LEU A 291 4.55 14.74 -10.96
C LEU A 291 5.47 14.58 -9.74
N ALA A 292 5.30 15.47 -8.76
CA ALA A 292 6.12 15.42 -7.56
C ALA A 292 5.93 14.09 -6.82
N GLU A 293 4.70 13.60 -6.79
CA GLU A 293 4.43 12.35 -6.09
C GLU A 293 4.98 11.09 -6.76
N THR A 294 5.52 11.22 -7.97
CA THR A 294 6.11 10.07 -8.65
C THR A 294 7.47 9.79 -8.00
N GLY A 295 7.98 10.78 -7.27
CA GLY A 295 9.25 10.61 -6.59
C GLY A 295 10.46 11.14 -7.35
N ILE A 296 10.26 11.75 -8.52
CA ILE A 296 11.41 12.27 -9.26
C ILE A 296 12.11 13.34 -8.42
N ASP A 297 13.41 13.49 -8.64
CA ASP A 297 14.22 14.42 -7.87
C ASP A 297 14.06 15.91 -8.10
N ILE A 298 13.94 16.32 -9.35
CA ILE A 298 13.82 17.73 -9.67
C ILE A 298 12.76 17.98 -10.72
N MET A 299 11.89 18.95 -10.44
CA MET A 299 10.86 19.34 -11.39
C MET A 299 11.41 20.55 -12.12
N GLN A 300 11.23 20.58 -13.44
CA GLN A 300 11.79 21.65 -14.25
C GLN A 300 10.81 22.45 -15.10
N PRO A 301 9.84 23.11 -14.46
CA PRO A 301 8.88 23.89 -15.22
C PRO A 301 9.54 25.04 -15.98
N ASP A 302 8.98 25.40 -17.14
CA ASP A 302 9.47 26.55 -17.88
C ASP A 302 8.52 27.64 -17.39
N VAL A 303 9.07 28.76 -16.93
CA VAL A 303 8.24 29.83 -16.39
C VAL A 303 7.20 30.31 -17.41
N GLY A 304 7.60 30.31 -18.69
CA GLY A 304 6.69 30.76 -19.72
C GLY A 304 5.74 29.69 -20.25
N TRP A 305 5.83 28.47 -19.72
CA TRP A 305 4.96 27.38 -20.17
C TRP A 305 4.12 26.73 -19.07
N CYS A 306 4.62 26.75 -17.84
CA CYS A 306 3.95 26.10 -16.71
C CYS A 306 2.72 26.80 -16.16
N GLY A 307 2.55 28.07 -16.51
CA GLY A 307 1.43 28.83 -16.02
C GLY A 307 1.87 30.25 -15.65
N GLY A 308 3.18 30.47 -15.63
CA GLY A 308 3.71 31.78 -15.31
C GLY A 308 4.47 31.84 -13.99
N LEU A 309 4.88 33.04 -13.61
CA LEU A 309 5.60 33.22 -12.36
C LEU A 309 4.72 32.84 -11.19
N THR A 310 3.44 33.24 -11.26
CA THR A 310 2.50 32.95 -10.19
C THR A 310 2.48 31.43 -9.90
N THR A 311 2.47 30.62 -10.95
CA THR A 311 2.45 29.18 -10.80
C THR A 311 3.83 28.66 -10.37
N LEU A 312 4.89 29.21 -10.94
CA LEU A 312 6.24 28.79 -10.60
C LEU A 312 6.49 28.89 -9.09
N VAL A 313 6.10 30.02 -8.50
CA VAL A 313 6.31 30.21 -7.06
C VAL A 313 5.58 29.13 -6.25
N GLU A 314 4.41 28.71 -6.73
CA GLU A 314 3.66 27.67 -6.03
C GLU A 314 4.37 26.33 -6.19
N ILE A 315 4.88 26.07 -7.39
CA ILE A 315 5.59 24.82 -7.64
C ILE A 315 6.83 24.74 -6.76
N ALA A 316 7.51 25.87 -6.58
CA ALA A 316 8.71 25.91 -5.74
C ALA A 316 8.37 25.52 -4.31
N ALA A 317 7.23 26.00 -3.81
CA ALA A 317 6.80 25.69 -2.45
C ALA A 317 6.47 24.20 -2.33
N LEU A 318 5.81 23.67 -3.35
CA LEU A 318 5.45 22.26 -3.38
C LEU A 318 6.71 21.42 -3.25
N ALA A 319 7.71 21.69 -4.10
CA ALA A 319 8.96 20.95 -4.05
C ALA A 319 9.66 21.14 -2.72
N LYS A 320 9.70 22.37 -2.24
CA LYS A 320 10.36 22.67 -0.98
C LYS A 320 9.71 21.91 0.18
N SER A 321 8.38 21.80 0.16
CA SER A 321 7.68 21.10 1.23
C SER A 321 8.10 19.64 1.29
N ARG A 322 8.54 19.10 0.16
CA ARG A 322 8.97 17.70 0.08
C ARG A 322 10.47 17.56 0.22
N GLY A 323 11.14 18.68 0.49
CA GLY A 323 12.58 18.68 0.66
C GLY A 323 13.33 18.47 -0.64
N GLN A 324 12.70 18.84 -1.75
CA GLN A 324 13.29 18.69 -3.08
C GLN A 324 13.59 20.02 -3.77
N LEU A 325 14.28 19.94 -4.90
CA LEU A 325 14.66 21.11 -5.66
C LEU A 325 13.79 21.38 -6.88
N VAL A 326 13.77 22.64 -7.31
CA VAL A 326 13.04 23.04 -8.50
C VAL A 326 14.08 23.79 -9.32
N VAL A 327 14.30 23.34 -10.55
CA VAL A 327 15.26 23.98 -11.43
C VAL A 327 14.57 24.21 -12.76
N PRO A 328 14.01 25.41 -12.97
CA PRO A 328 13.30 25.79 -14.18
C PRO A 328 14.05 25.55 -15.49
N HIS A 329 13.28 25.35 -16.55
CA HIS A 329 13.82 25.15 -17.88
C HIS A 329 14.02 26.53 -18.53
N GLY A 330 15.24 26.82 -18.97
CA GLY A 330 15.55 28.09 -19.60
C GLY A 330 14.91 29.29 -18.94
N SER A 331 14.11 30.02 -19.71
CA SER A 331 13.35 31.19 -19.23
C SER A 331 14.05 32.53 -18.99
N SER A 332 15.37 32.56 -19.05
CA SER A 332 16.10 33.83 -18.86
C SER A 332 15.65 34.61 -17.63
N VAL A 333 15.45 35.92 -17.79
CA VAL A 333 15.05 36.79 -16.68
C VAL A 333 13.78 36.37 -15.94
N TYR A 334 12.85 35.72 -16.65
CA TYR A 334 11.61 35.28 -16.04
C TYR A 334 11.89 34.22 -14.98
N SER A 335 12.99 33.50 -15.15
CA SER A 335 13.38 32.50 -14.16
C SER A 335 14.29 33.15 -13.13
N HIS A 336 15.28 33.91 -13.60
CA HIS A 336 16.24 34.57 -12.73
C HIS A 336 15.62 35.30 -11.55
N HIS A 337 14.66 36.18 -11.82
CA HIS A 337 14.03 36.95 -10.76
C HIS A 337 13.28 36.09 -9.76
N ALA A 338 12.87 34.91 -10.18
CA ALA A 338 12.15 34.01 -9.29
C ALA A 338 13.11 33.12 -8.51
N VAL A 339 13.93 32.36 -9.23
CA VAL A 339 14.85 31.42 -8.60
C VAL A 339 15.93 32.02 -7.69
N ILE A 340 16.29 33.27 -7.91
CA ILE A 340 17.30 33.87 -7.05
C ILE A 340 16.71 34.04 -5.65
N THR A 341 15.40 33.89 -5.53
CA THR A 341 14.73 34.02 -4.24
C THR A 341 14.31 32.66 -3.68
N PHE A 342 14.57 31.59 -4.42
CA PHE A 342 14.21 30.24 -3.98
C PHE A 342 15.38 29.54 -3.28
N THR A 343 15.20 29.14 -2.03
CA THR A 343 16.26 28.45 -1.32
C THR A 343 16.50 27.09 -1.98
N ASN A 344 15.47 26.53 -2.61
CA ASN A 344 15.61 25.23 -3.25
C ASN A 344 15.90 25.23 -4.75
N THR A 345 16.54 26.28 -5.24
CA THR A 345 16.95 26.37 -6.65
C THR A 345 18.40 26.82 -6.55
N PRO A 346 19.30 25.92 -6.13
CA PRO A 346 20.74 26.19 -5.98
C PRO A 346 21.52 26.49 -7.25
N PHE A 347 20.92 26.20 -8.40
CA PHE A 347 21.55 26.46 -9.70
C PHE A 347 20.47 26.57 -10.76
N SER A 348 20.81 27.16 -11.90
CA SER A 348 19.86 27.35 -12.98
C SER A 348 20.39 26.88 -14.34
N GLU A 349 19.51 26.85 -15.32
CA GLU A 349 19.89 26.42 -16.66
C GLU A 349 20.05 27.56 -17.66
N PHE A 350 21.04 27.41 -18.53
CA PHE A 350 21.28 28.35 -19.61
C PHE A 350 21.28 27.47 -20.85
N LEU A 351 20.24 27.58 -21.67
CA LEU A 351 20.12 26.78 -22.88
C LEU A 351 20.80 27.50 -24.05
N MET A 352 21.90 26.94 -24.52
CA MET A 352 22.67 27.50 -25.63
C MET A 352 21.88 27.78 -26.89
N THR A 353 21.79 29.05 -27.28
CA THR A 353 21.09 29.44 -28.50
C THR A 353 22.16 29.64 -29.58
N SER A 354 23.41 29.61 -29.15
CA SER A 354 24.55 29.72 -30.06
C SER A 354 24.53 28.43 -30.88
N PRO A 355 24.51 28.54 -32.21
CA PRO A 355 24.48 27.37 -33.09
C PRO A 355 25.48 26.27 -32.76
N ASP A 356 26.71 26.66 -32.42
CA ASP A 356 27.75 25.68 -32.10
C ASP A 356 28.16 25.68 -30.63
N CYS A 357 27.33 26.31 -29.78
CA CYS A 357 27.58 26.36 -28.35
C CYS A 357 28.95 26.94 -27.97
N SER A 358 29.45 27.87 -28.77
CA SER A 358 30.75 28.46 -28.50
C SER A 358 30.68 29.88 -27.94
N THR A 359 29.50 30.49 -27.99
CA THR A 359 29.36 31.86 -27.48
C THR A 359 28.14 32.00 -26.57
N LEU A 360 28.08 33.13 -25.87
CA LEU A 360 26.99 33.40 -24.95
C LEU A 360 25.85 34.19 -25.58
N ARG A 361 25.35 33.72 -26.71
CA ARG A 361 24.24 34.37 -27.37
C ARG A 361 23.11 34.36 -26.32
N PRO A 362 22.45 35.51 -26.09
CA PRO A 362 21.39 35.54 -25.09
C PRO A 362 20.27 34.50 -25.29
N GLN A 363 19.73 34.04 -24.16
CA GLN A 363 18.68 33.02 -24.13
C GLN A 363 17.51 33.27 -25.07
N PHE A 364 17.03 34.51 -25.13
CA PHE A 364 15.90 34.84 -26.00
C PHE A 364 16.28 35.78 -27.14
N ASP A 365 17.55 35.74 -27.54
CA ASP A 365 18.02 36.58 -28.63
C ASP A 365 17.10 36.40 -29.85
N PRO A 366 16.71 37.50 -30.50
CA PRO A 366 17.06 38.89 -30.19
C PRO A 366 15.85 39.72 -29.73
N ILE A 367 14.79 39.07 -29.30
CA ILE A 367 13.58 39.79 -28.90
C ILE A 367 13.67 40.64 -27.63
N LEU A 368 14.65 40.33 -26.77
CA LEU A 368 14.83 41.08 -25.52
C LEU A 368 16.02 42.03 -25.55
N LEU A 369 15.77 43.31 -25.32
CA LEU A 369 16.85 44.30 -25.30
C LEU A 369 17.54 44.27 -23.94
N ASP A 370 18.87 44.36 -23.95
CA ASP A 370 19.66 44.35 -22.72
C ASP A 370 19.43 43.10 -21.88
N GLU A 371 19.29 41.96 -22.56
CA GLU A 371 19.08 40.70 -21.87
C GLU A 371 20.38 40.24 -21.23
N PRO A 372 20.38 40.04 -19.91
CA PRO A 372 21.64 39.61 -19.29
C PRO A 372 22.03 38.18 -19.66
N VAL A 373 23.32 37.91 -19.64
CA VAL A 373 23.84 36.59 -19.94
C VAL A 373 24.87 36.27 -18.86
N PRO A 374 25.11 34.98 -18.60
CA PRO A 374 26.08 34.62 -17.58
C PRO A 374 27.49 35.15 -17.86
N VAL A 375 28.16 35.58 -16.79
CA VAL A 375 29.53 36.05 -16.87
C VAL A 375 30.26 35.07 -15.97
N ASN A 376 31.20 34.32 -16.55
CA ASN A 376 31.92 33.29 -15.81
C ASN A 376 30.91 32.28 -15.25
N GLY A 377 29.88 32.01 -16.05
CA GLY A 377 28.85 31.06 -15.67
C GLY A 377 27.91 31.50 -14.54
N ARG A 378 27.88 32.80 -14.26
CA ARG A 378 27.04 33.31 -13.20
C ARG A 378 26.42 34.66 -13.51
N ILE A 379 25.32 34.96 -12.83
CA ILE A 379 24.64 36.25 -12.97
C ILE A 379 24.48 36.80 -11.56
N HIS A 380 25.19 37.88 -11.27
CA HIS A 380 25.13 38.50 -9.94
C HIS A 380 23.78 39.19 -9.78
N LYS A 381 23.27 39.23 -8.55
CA LYS A 381 21.97 39.86 -8.31
C LYS A 381 21.91 41.32 -8.74
N SER A 382 23.05 42.02 -8.68
CA SER A 382 23.07 43.42 -9.07
C SER A 382 22.70 43.58 -10.55
N VAL A 383 22.94 42.54 -11.33
CA VAL A 383 22.60 42.58 -12.77
C VAL A 383 21.09 42.66 -12.93
N LEU A 384 20.37 42.14 -11.94
CA LEU A 384 18.91 42.12 -11.98
C LEU A 384 18.27 43.34 -11.31
N ASP A 385 19.08 44.30 -10.90
CA ASP A 385 18.54 45.49 -10.24
C ASP A 385 17.96 46.53 -11.19
N LYS A 386 16.89 46.12 -11.87
CA LYS A 386 16.16 46.98 -12.81
C LYS A 386 14.69 46.65 -12.59
N PRO A 387 13.78 47.59 -12.91
CA PRO A 387 12.33 47.41 -12.73
C PRO A 387 11.75 46.19 -13.47
N GLY A 388 10.78 45.53 -12.83
CA GLY A 388 10.16 44.36 -13.44
C GLY A 388 11.18 43.27 -13.71
N PHE A 389 11.17 42.73 -14.92
CA PHE A 389 12.14 41.71 -15.29
C PHE A 389 13.38 42.35 -15.94
N GLY A 390 13.44 43.68 -15.82
CA GLY A 390 14.59 44.43 -16.31
C GLY A 390 14.96 44.54 -17.77
N VAL A 391 14.07 44.16 -18.68
CA VAL A 391 14.40 44.26 -20.09
C VAL A 391 13.36 45.04 -20.87
N GLU A 392 13.68 45.34 -22.14
CA GLU A 392 12.76 46.06 -22.99
C GLU A 392 12.53 45.27 -24.28
N LEU A 393 11.37 45.48 -24.89
CA LEU A 393 11.01 44.78 -26.12
C LEU A 393 11.75 45.31 -27.35
N ASN A 394 12.42 44.43 -28.08
CA ASN A 394 13.15 44.84 -29.28
C ASN A 394 12.16 44.99 -30.42
N ARG A 395 11.67 46.22 -30.62
CA ARG A 395 10.71 46.46 -31.69
C ARG A 395 11.32 46.56 -33.08
N ASP A 396 12.61 46.28 -33.20
CA ASP A 396 13.25 46.29 -34.51
C ASP A 396 12.97 44.95 -35.18
N CYS A 397 12.45 44.01 -34.39
CA CYS A 397 12.08 42.71 -34.92
C CYS A 397 10.78 43.00 -35.65
N HIS A 398 10.47 42.26 -36.71
CA HIS A 398 9.25 42.51 -37.45
C HIS A 398 8.04 41.91 -36.77
N LEU A 399 7.59 42.54 -35.69
CA LEU A 399 6.44 42.05 -34.94
C LEU A 399 5.15 42.15 -35.75
N LYS A 400 4.36 41.10 -35.71
CA LYS A 400 3.09 41.05 -36.42
C LYS A 400 1.95 41.07 -35.42
N ARG A 401 0.89 41.79 -35.75
CA ARG A 401 -0.29 41.88 -34.88
C ARG A 401 -1.47 41.32 -35.67
N PRO A 402 -1.66 39.99 -35.62
CA PRO A 402 -2.75 39.31 -36.34
C PRO A 402 -4.17 39.62 -35.89
N TYR A 403 -4.35 39.99 -34.64
CA TYR A 403 -5.69 40.29 -34.11
C TYR A 403 -5.76 41.60 -33.34
N SER A 404 -6.97 42.15 -33.25
CA SER A 404 -7.22 43.40 -32.54
C SER A 404 -8.56 43.27 -31.82
N HIS A 405 -8.83 44.19 -30.91
CA HIS A 405 -10.11 44.18 -30.19
C HIS A 405 -10.42 45.57 -29.67
N MET B 1 -6.62 -16.06 -54.89
CA MET B 1 -7.35 -14.91 -54.26
C MET B 1 -7.41 -13.69 -55.19
N GLU B 2 -8.52 -12.97 -55.12
CA GLU B 2 -8.71 -11.79 -55.96
C GLU B 2 -7.77 -10.67 -55.51
N ASN B 3 -7.44 -9.79 -56.45
CA ASN B 3 -6.57 -8.66 -56.13
C ASN B 3 -7.37 -7.75 -55.21
N ILE B 4 -6.69 -7.17 -54.23
CA ILE B 4 -7.38 -6.29 -53.30
C ILE B 4 -7.88 -5.01 -53.96
N MET B 5 -8.85 -4.39 -53.30
CA MET B 5 -9.43 -3.15 -53.75
C MET B 5 -8.28 -2.14 -53.83
N THR B 6 -8.25 -1.33 -54.88
CA THR B 6 -7.19 -0.34 -55.01
C THR B 6 -7.59 0.87 -54.19
N LEU B 7 -6.64 1.47 -53.49
CA LEU B 7 -6.93 2.63 -52.66
C LEU B 7 -6.12 3.84 -53.10
N PRO B 8 -6.75 5.02 -53.13
CA PRO B 8 -6.06 6.25 -53.55
C PRO B 8 -5.24 6.83 -52.41
N LYS B 9 -4.32 7.72 -52.75
CA LYS B 9 -3.50 8.39 -51.75
C LYS B 9 -4.26 9.66 -51.39
N ILE B 10 -3.89 10.27 -50.28
CA ILE B 10 -4.52 11.51 -49.84
C ILE B 10 -3.86 12.66 -50.59
N LYS B 11 -4.66 13.51 -51.22
CA LYS B 11 -4.12 14.63 -52.00
C LYS B 11 -4.07 15.94 -51.22
N HIS B 12 -5.20 16.31 -50.61
CA HIS B 12 -5.26 17.56 -49.86
C HIS B 12 -5.98 17.42 -48.52
N VAL B 13 -5.65 18.33 -47.61
CA VAL B 13 -6.33 18.41 -46.33
C VAL B 13 -6.64 19.90 -46.23
N ARG B 14 -7.89 20.23 -45.91
CA ARG B 14 -8.32 21.63 -45.80
C ARG B 14 -9.05 21.84 -44.48
N ALA B 15 -8.95 23.05 -43.94
CA ALA B 15 -9.62 23.35 -42.68
C ALA B 15 -10.40 24.67 -42.75
N TRP B 16 -11.63 24.64 -42.24
CA TRP B 16 -12.50 25.81 -42.20
C TRP B 16 -13.04 25.95 -40.79
N PHE B 17 -13.70 27.07 -40.52
CA PHE B 17 -14.32 27.28 -39.23
C PHE B 17 -15.56 28.15 -39.38
N ILE B 18 -16.47 28.05 -38.42
CA ILE B 18 -17.67 28.85 -38.37
C ILE B 18 -17.81 29.18 -36.89
N GLY B 19 -18.49 30.27 -36.58
CA GLY B 19 -18.68 30.65 -35.18
C GLY B 19 -17.36 31.09 -34.55
N GLY B 20 -17.36 31.21 -33.23
CA GLY B 20 -16.14 31.63 -32.54
C GLY B 20 -16.02 33.13 -32.50
N ALA B 21 -15.00 33.61 -31.79
CA ALA B 21 -14.76 35.04 -31.64
C ALA B 21 -14.46 35.81 -32.92
N THR B 22 -14.03 35.12 -33.97
CA THR B 22 -13.71 35.80 -35.22
C THR B 22 -14.74 35.56 -36.33
N ALA B 23 -15.90 35.03 -35.94
CA ALA B 23 -16.97 34.78 -36.89
C ALA B 23 -18.31 35.13 -36.25
N GLU B 24 -19.37 34.44 -36.66
CA GLU B 24 -20.71 34.70 -36.13
C GLU B 24 -21.05 33.95 -34.84
N LYS B 25 -21.22 34.69 -33.75
CA LYS B 25 -21.56 34.07 -32.47
C LYS B 25 -22.89 33.34 -32.59
N GLY B 26 -22.96 32.15 -31.98
CA GLY B 26 -24.17 31.36 -32.02
C GLY B 26 -24.32 30.45 -33.23
N ALA B 27 -23.21 30.20 -33.93
CA ALA B 27 -23.24 29.36 -35.12
C ALA B 27 -23.56 27.89 -34.85
N GLY B 28 -23.47 27.48 -33.59
CA GLY B 28 -23.74 26.09 -33.25
C GLY B 28 -22.71 25.15 -33.86
N GLY B 29 -23.19 24.12 -34.57
CA GLY B 29 -22.29 23.18 -35.20
C GLY B 29 -21.47 22.34 -34.24
N GLY B 30 -20.17 22.29 -34.47
CA GLY B 30 -19.28 21.49 -33.63
C GLY B 30 -19.15 21.97 -32.20
N ASP B 31 -19.20 23.28 -31.98
CA ASP B 31 -19.07 23.83 -30.64
C ASP B 31 -20.43 23.86 -29.96
N TYR B 32 -20.68 22.84 -29.14
CA TYR B 32 -21.95 22.71 -28.43
C TYR B 32 -22.39 23.98 -27.70
N HIS B 33 -21.41 24.74 -27.21
CA HIS B 33 -21.71 25.96 -26.45
C HIS B 33 -21.79 27.26 -27.23
N ASP B 34 -21.60 27.20 -28.55
CA ASP B 34 -21.68 28.40 -29.37
C ASP B 34 -23.14 28.59 -29.76
N GLN B 35 -23.95 28.95 -28.77
CA GLN B 35 -25.38 29.14 -28.95
C GLN B 35 -25.81 30.59 -28.82
N GLY B 36 -27.10 30.83 -29.07
CA GLY B 36 -27.63 32.18 -28.94
C GLY B 36 -28.10 32.40 -27.51
N GLY B 37 -29.02 33.34 -27.33
CA GLY B 37 -29.51 33.63 -26.00
C GLY B 37 -30.65 32.73 -25.57
N ASN B 38 -31.03 32.84 -24.29
CA ASN B 38 -32.12 32.06 -23.71
C ASN B 38 -31.95 30.55 -23.90
N HIS B 39 -30.70 30.08 -23.90
CA HIS B 39 -30.44 28.67 -24.06
C HIS B 39 -30.16 28.03 -22.71
N TRP B 40 -30.77 26.88 -22.43
CA TRP B 40 -30.59 26.19 -21.15
C TRP B 40 -29.11 25.95 -20.87
N ILE B 41 -28.34 25.69 -21.92
CA ILE B 41 -26.93 25.37 -21.78
C ILE B 41 -26.09 26.53 -21.28
N ASP B 42 -26.71 27.69 -21.14
CA ASP B 42 -26.00 28.88 -20.65
C ASP B 42 -26.76 29.50 -19.48
N ASP B 43 -27.73 28.78 -18.94
CA ASP B 43 -28.54 29.29 -17.85
C ASP B 43 -28.00 29.02 -16.44
N HIS B 44 -27.16 29.92 -15.95
CA HIS B 44 -26.59 29.81 -14.61
C HIS B 44 -26.02 28.41 -14.32
N ILE B 45 -25.18 27.92 -15.21
CA ILE B 45 -24.56 26.60 -15.04
C ILE B 45 -23.33 26.75 -14.15
N ALA B 46 -23.21 25.90 -13.13
CA ALA B 46 -22.05 25.97 -12.24
C ALA B 46 -20.76 25.64 -12.98
N THR B 47 -19.72 26.43 -12.76
CA THR B 47 -18.43 26.23 -13.41
C THR B 47 -17.31 26.71 -12.50
N PRO B 48 -16.05 26.51 -12.93
CA PRO B 48 -14.91 26.97 -12.11
C PRO B 48 -14.93 28.51 -12.02
N MET B 49 -15.72 29.15 -12.88
CA MET B 49 -15.80 30.61 -12.90
C MET B 49 -17.06 31.20 -12.26
N SER B 50 -18.06 30.38 -11.98
CA SER B 50 -19.30 30.90 -11.42
C SER B 50 -19.19 31.50 -10.02
N LYS B 51 -18.02 31.34 -9.40
CA LYS B 51 -17.77 31.92 -8.08
C LYS B 51 -17.58 33.43 -8.24
N TYR B 52 -17.35 33.87 -9.47
CA TYR B 52 -17.17 35.29 -9.77
C TYR B 52 -18.52 35.86 -10.20
N ARG B 53 -18.94 36.92 -9.53
CA ARG B 53 -20.22 37.56 -9.81
C ARG B 53 -20.47 37.87 -11.29
N ASP B 54 -19.47 38.41 -11.98
CA ASP B 54 -19.62 38.75 -13.39
C ASP B 54 -19.69 37.55 -14.33
N TYR B 55 -19.35 36.36 -13.83
CA TYR B 55 -19.36 35.18 -14.69
C TYR B 55 -20.24 34.06 -14.14
N GLU B 56 -21.12 34.40 -13.22
CA GLU B 56 -22.00 33.41 -12.61
C GLU B 56 -23.21 33.02 -13.46
N GLN B 57 -23.87 34.00 -14.05
CA GLN B 57 -25.06 33.73 -14.85
C GLN B 57 -24.83 33.07 -16.21
N SER B 58 -23.74 33.46 -16.88
CA SER B 58 -23.46 32.96 -18.22
C SER B 58 -22.05 32.43 -18.48
N ARG B 59 -21.98 31.21 -19.03
CA ARG B 59 -20.70 30.62 -19.36
C ARG B 59 -20.17 31.37 -20.59
N GLN B 60 -21.09 31.86 -21.42
CA GLN B 60 -20.67 32.60 -22.60
C GLN B 60 -19.91 33.85 -22.15
N SER B 61 -20.32 34.44 -21.03
CA SER B 61 -19.66 35.64 -20.55
C SER B 61 -18.17 35.44 -20.25
N PHE B 62 -17.77 34.24 -19.82
CA PHE B 62 -16.35 34.04 -19.58
C PHE B 62 -15.62 33.52 -20.82
N GLY B 63 -16.36 33.28 -21.89
CA GLY B 63 -15.75 32.83 -23.13
C GLY B 63 -15.80 31.35 -23.49
N ILE B 64 -16.85 30.66 -23.07
CA ILE B 64 -16.98 29.24 -23.38
C ILE B 64 -17.26 29.06 -24.87
N ASN B 65 -17.53 30.16 -25.55
CA ASN B 65 -17.86 30.14 -26.98
C ASN B 65 -16.86 30.79 -27.93
N VAL B 66 -15.66 31.11 -27.45
CA VAL B 66 -14.68 31.78 -28.30
C VAL B 66 -14.07 30.96 -29.43
N LEU B 67 -14.03 29.64 -29.27
CA LEU B 67 -13.41 28.78 -30.29
C LEU B 67 -14.25 28.52 -31.54
N GLY B 68 -15.52 28.20 -31.35
CA GLY B 68 -16.35 27.91 -32.50
C GLY B 68 -16.02 26.54 -33.07
N THR B 69 -16.50 26.30 -34.28
CA THR B 69 -16.33 25.02 -34.95
C THR B 69 -15.17 24.87 -35.93
N LEU B 70 -14.45 23.76 -35.80
CA LEU B 70 -13.36 23.45 -36.71
C LEU B 70 -13.94 22.41 -37.67
N ILE B 71 -13.68 22.59 -38.96
CA ILE B 71 -14.13 21.63 -39.96
C ILE B 71 -12.88 21.18 -40.73
N VAL B 72 -12.65 19.88 -40.78
CA VAL B 72 -11.50 19.37 -41.51
C VAL B 72 -11.98 18.45 -42.63
N GLU B 73 -11.51 18.69 -43.85
CA GLU B 73 -11.89 17.86 -44.98
C GLU B 73 -10.63 17.32 -45.63
N VAL B 74 -10.62 16.02 -45.90
CA VAL B 74 -9.49 15.38 -46.55
C VAL B 74 -9.96 14.89 -47.91
N GLU B 75 -9.20 15.22 -48.95
CA GLU B 75 -9.56 14.82 -50.30
C GLU B 75 -8.53 13.84 -50.87
N ALA B 76 -9.01 12.71 -51.38
CA ALA B 76 -8.14 11.70 -51.97
C ALA B 76 -7.83 12.03 -53.42
N GLU B 77 -6.83 11.36 -53.99
CA GLU B 77 -6.43 11.58 -55.37
C GLU B 77 -7.56 11.27 -56.36
N ASN B 78 -8.54 10.48 -55.94
CA ASN B 78 -9.65 10.13 -56.81
C ASN B 78 -10.83 11.08 -56.60
N ARG B 79 -10.56 12.18 -55.93
CA ARG B 79 -11.54 13.23 -55.65
C ARG B 79 -12.57 12.95 -54.57
N GLN B 80 -12.56 11.74 -53.99
CA GLN B 80 -13.51 11.46 -52.93
C GLN B 80 -13.05 12.22 -51.70
N THR B 81 -13.98 12.62 -50.84
CA THR B 81 -13.62 13.35 -49.64
C THR B 81 -14.24 12.77 -48.38
N GLY B 82 -13.67 13.14 -47.26
CA GLY B 82 -14.14 12.72 -45.96
C GLY B 82 -13.97 13.94 -45.07
N PHE B 83 -14.77 14.07 -44.03
CA PHE B 83 -14.64 15.24 -43.16
C PHE B 83 -15.17 14.97 -41.77
N ALA B 84 -14.93 15.91 -40.88
CA ALA B 84 -15.40 15.83 -39.51
C ALA B 84 -15.39 17.23 -38.93
N VAL B 85 -16.06 17.40 -37.79
CA VAL B 85 -16.11 18.70 -37.14
C VAL B 85 -15.80 18.53 -35.67
N SER B 86 -15.33 19.60 -35.05
CA SER B 86 -15.00 19.56 -33.62
C SER B 86 -14.98 21.01 -33.13
N THR B 87 -14.45 21.21 -31.92
CA THR B 87 -14.36 22.53 -31.33
C THR B 87 -12.91 23.01 -31.34
N ALA B 88 -12.62 24.05 -32.11
CA ALA B 88 -11.27 24.60 -32.20
C ALA B 88 -11.24 25.85 -33.08
N GLY B 89 -12.12 25.90 -34.06
CA GLY B 89 -12.20 27.05 -34.93
C GLY B 89 -10.94 27.49 -35.66
N GLU B 90 -10.73 28.80 -35.71
CA GLU B 90 -9.59 29.38 -36.41
C GLU B 90 -8.23 28.82 -36.02
N MET B 91 -7.97 28.69 -34.71
CA MET B 91 -6.70 28.16 -34.25
C MET B 91 -6.55 26.71 -34.73
N GLY B 92 -7.64 25.97 -34.77
CA GLY B 92 -7.58 24.61 -35.23
C GLY B 92 -7.12 24.60 -36.69
N CYS B 93 -7.59 25.59 -37.45
CA CYS B 93 -7.21 25.68 -38.85
C CYS B 93 -5.70 25.92 -39.01
N PHE B 94 -5.13 26.73 -38.12
CA PHE B 94 -3.69 26.99 -38.16
C PHE B 94 -2.95 25.67 -37.99
N ILE B 95 -3.32 24.92 -36.95
CA ILE B 95 -2.67 23.65 -36.67
C ILE B 95 -2.72 22.68 -37.85
N VAL B 96 -3.89 22.55 -38.45
CA VAL B 96 -4.06 21.65 -39.60
C VAL B 96 -3.30 22.11 -40.85
N GLU B 97 -3.51 23.36 -41.24
CA GLU B 97 -2.89 23.91 -42.44
C GLU B 97 -1.40 24.26 -42.36
N LYS B 98 -0.92 24.57 -41.16
CA LYS B 98 0.48 24.95 -41.00
C LYS B 98 1.37 23.93 -40.32
N HIS B 99 0.79 22.83 -39.85
CA HIS B 99 1.61 21.82 -39.19
C HIS B 99 1.26 20.39 -39.57
N LEU B 100 0.08 19.93 -39.18
CA LEU B 100 -0.34 18.55 -39.42
C LEU B 100 -0.45 18.09 -40.89
N ASN B 101 -0.68 19.02 -41.81
CA ASN B 101 -0.80 18.66 -43.21
C ASN B 101 0.40 17.86 -43.72
N ARG B 102 1.58 18.12 -43.17
CA ARG B 102 2.78 17.40 -43.63
C ARG B 102 2.74 15.89 -43.37
N PHE B 103 1.95 15.46 -42.39
CA PHE B 103 1.86 14.04 -42.08
C PHE B 103 0.68 13.39 -42.78
N ILE B 104 -0.26 14.22 -43.23
CA ILE B 104 -1.49 13.75 -43.88
C ILE B 104 -1.41 13.55 -45.39
N GLU B 105 -1.03 14.61 -46.10
CA GLU B 105 -0.96 14.55 -47.55
C GLU B 105 0.12 13.60 -48.07
N GLY B 106 -0.26 12.78 -49.05
CA GLY B 106 0.68 11.82 -49.62
C GLY B 106 0.52 10.42 -49.06
N LYS B 107 -0.16 10.30 -47.93
CA LYS B 107 -0.38 8.99 -47.30
C LYS B 107 -1.52 8.24 -48.00
N CYS B 108 -1.62 6.94 -47.73
CA CYS B 108 -2.71 6.15 -48.29
C CYS B 108 -3.91 6.48 -47.41
N VAL B 109 -5.12 6.41 -47.96
CA VAL B 109 -6.29 6.69 -47.15
C VAL B 109 -6.43 5.69 -45.99
N SER B 110 -5.71 4.57 -46.06
CA SER B 110 -5.77 3.57 -44.99
C SER B 110 -4.72 3.79 -43.90
N ASP B 111 -3.80 4.73 -44.12
CA ASP B 111 -2.75 5.02 -43.13
C ASP B 111 -3.26 5.84 -41.95
N ILE B 112 -4.44 5.52 -41.46
CA ILE B 112 -5.02 6.29 -40.35
C ILE B 112 -4.24 6.27 -39.05
N LYS B 113 -3.91 5.07 -38.55
CA LYS B 113 -3.17 4.95 -37.30
C LYS B 113 -1.80 5.58 -37.38
N LEU B 114 -1.17 5.48 -38.55
CA LEU B 114 0.16 6.06 -38.74
C LEU B 114 0.09 7.57 -38.63
N ILE B 115 -0.84 8.18 -39.34
CA ILE B 115 -0.99 9.63 -39.29
C ILE B 115 -1.30 10.05 -37.85
N HIS B 116 -2.15 9.27 -37.18
CA HIS B 116 -2.53 9.56 -35.82
C HIS B 116 -1.30 9.62 -34.90
N ASP B 117 -0.44 8.61 -34.99
CA ASP B 117 0.75 8.57 -34.14
C ASP B 117 1.68 9.73 -34.46
N GLN B 118 1.79 10.10 -35.73
CA GLN B 118 2.67 11.19 -36.10
C GLN B 118 2.12 12.53 -35.62
N MET B 119 0.79 12.69 -35.64
CA MET B 119 0.22 13.95 -35.16
C MET B 119 0.49 14.09 -33.66
N LEU B 120 0.32 13.00 -32.92
CA LEU B 120 0.54 13.01 -31.48
C LEU B 120 2.01 13.28 -31.16
N GLY B 121 2.90 12.57 -31.85
CA GLY B 121 4.31 12.74 -31.60
C GLY B 121 4.85 14.11 -31.96
N ALA B 122 4.37 14.66 -33.07
CA ALA B 122 4.83 15.96 -33.53
C ALA B 122 4.30 17.15 -32.75
N THR B 123 3.17 16.98 -32.06
CA THR B 123 2.58 18.08 -31.30
C THR B 123 2.72 17.90 -29.79
N MET B 124 3.38 16.82 -29.37
CA MET B 124 3.54 16.55 -27.94
C MET B 124 4.11 17.74 -27.17
N TYR B 125 5.00 18.50 -27.79
CA TYR B 125 5.61 19.62 -27.12
C TYR B 125 4.69 20.82 -26.86
N TYR B 126 3.50 20.84 -27.45
CA TYR B 126 2.58 21.95 -27.21
C TYR B 126 1.11 21.57 -27.10
N SER B 127 0.80 20.27 -27.17
CA SER B 127 -0.59 19.84 -27.08
C SER B 127 -1.17 19.79 -25.68
N GLY B 128 -0.31 19.69 -24.66
CA GLY B 128 -0.81 19.61 -23.29
C GLY B 128 -1.67 18.39 -23.05
N SER B 129 -1.56 17.39 -23.91
CA SER B 129 -2.33 16.14 -23.78
C SER B 129 -3.86 16.27 -23.76
N GLY B 130 -4.38 17.41 -24.20
CA GLY B 130 -5.83 17.56 -24.20
C GLY B 130 -6.23 18.96 -24.61
N GLY B 131 -7.53 19.21 -24.68
CA GLY B 131 -8.00 20.53 -25.07
C GLY B 131 -7.81 20.84 -26.54
N LEU B 132 -7.74 22.15 -26.83
CA LEU B 132 -7.61 22.69 -28.18
C LEU B 132 -6.82 21.86 -29.19
N VAL B 133 -5.54 21.61 -28.89
CA VAL B 133 -4.70 20.86 -29.82
C VAL B 133 -5.21 19.43 -30.05
N MET B 134 -5.65 18.77 -28.98
CA MET B 134 -6.15 17.41 -29.11
C MET B 134 -7.47 17.40 -29.88
N ASN B 135 -8.28 18.44 -29.70
CA ASN B 135 -9.54 18.55 -30.42
C ASN B 135 -9.25 18.58 -31.92
N THR B 136 -8.19 19.28 -32.29
CA THR B 136 -7.80 19.41 -33.69
C THR B 136 -7.32 18.07 -34.24
N ILE B 137 -6.48 17.39 -33.48
CA ILE B 137 -5.97 16.08 -33.88
C ILE B 137 -7.16 15.12 -34.06
N SER B 138 -8.10 15.18 -33.12
CA SER B 138 -9.27 14.32 -33.16
C SER B 138 -10.08 14.56 -34.42
N CYS B 139 -10.25 15.82 -34.78
CA CYS B 139 -11.02 16.19 -35.96
C CYS B 139 -10.39 15.61 -37.22
N VAL B 140 -9.06 15.65 -37.28
CA VAL B 140 -8.36 15.09 -38.43
C VAL B 140 -8.57 13.58 -38.47
N ASP B 141 -8.40 12.93 -37.32
CA ASP B 141 -8.57 11.47 -37.23
C ASP B 141 -9.95 11.06 -37.73
N LEU B 142 -10.98 11.79 -37.31
CA LEU B 142 -12.34 11.48 -37.71
C LEU B 142 -12.54 11.71 -39.21
N ALA B 143 -11.94 12.77 -39.74
CA ALA B 143 -12.05 13.05 -41.17
C ALA B 143 -11.41 11.92 -41.97
N LEU B 144 -10.31 11.38 -41.44
CA LEU B 144 -9.62 10.29 -42.11
C LEU B 144 -10.46 9.01 -42.12
N TRP B 145 -11.09 8.70 -40.98
CA TRP B 145 -11.95 7.52 -40.90
C TRP B 145 -13.14 7.70 -41.83
N ASP B 146 -13.64 8.93 -41.92
CA ASP B 146 -14.80 9.23 -42.78
C ASP B 146 -14.41 8.98 -44.24
N LEU B 147 -13.26 9.50 -44.64
CA LEU B 147 -12.79 9.33 -46.02
C LEU B 147 -12.56 7.85 -46.35
N PHE B 148 -11.88 7.14 -45.45
CA PHE B 148 -11.60 5.72 -45.65
C PHE B 148 -12.91 4.95 -45.84
N GLY B 149 -13.88 5.21 -44.98
CA GLY B 149 -15.16 4.54 -45.09
C GLY B 149 -15.88 4.86 -46.39
N LYS B 150 -15.80 6.11 -46.83
CA LYS B 150 -16.45 6.52 -48.07
C LYS B 150 -15.75 5.93 -49.29
N VAL B 151 -14.43 5.77 -49.20
CA VAL B 151 -13.67 5.19 -50.30
C VAL B 151 -14.00 3.70 -50.42
N VAL B 152 -14.02 3.02 -49.28
CA VAL B 152 -14.31 1.59 -49.25
C VAL B 152 -15.78 1.31 -49.53
N GLY B 153 -16.66 2.22 -49.13
CA GLY B 153 -18.08 2.06 -49.35
C GLY B 153 -18.78 1.39 -48.18
N LEU B 154 -18.25 1.58 -46.98
CA LEU B 154 -18.85 0.99 -45.79
C LEU B 154 -18.99 1.95 -44.63
N PRO B 155 -20.00 1.71 -43.77
CA PRO B 155 -20.20 2.60 -42.62
C PRO B 155 -19.02 2.30 -41.70
N VAL B 156 -18.59 3.29 -40.93
CA VAL B 156 -17.47 3.09 -40.02
C VAL B 156 -17.76 1.96 -39.04
N TYR B 157 -19.00 1.85 -38.57
CA TYR B 157 -19.33 0.81 -37.60
C TYR B 157 -19.10 -0.61 -38.13
N LYS B 158 -19.22 -0.78 -39.45
CA LYS B 158 -18.98 -2.11 -40.01
C LYS B 158 -17.47 -2.34 -40.15
N LEU B 159 -16.73 -1.29 -40.48
CA LEU B 159 -15.28 -1.41 -40.61
C LEU B 159 -14.67 -1.81 -39.27
N LEU B 160 -15.27 -1.35 -38.19
CA LEU B 160 -14.77 -1.63 -36.84
C LEU B 160 -15.06 -3.03 -36.31
N GLY B 161 -15.89 -3.79 -37.03
CA GLY B 161 -16.19 -5.12 -36.56
C GLY B 161 -17.67 -5.34 -36.29
N GLY B 162 -18.49 -4.40 -36.76
CA GLY B 162 -19.94 -4.53 -36.63
C GLY B 162 -20.60 -4.13 -35.33
N ALA B 163 -21.91 -3.96 -35.40
CA ALA B 163 -22.72 -3.59 -34.25
C ALA B 163 -22.88 -4.77 -33.31
N VAL B 164 -22.95 -4.50 -32.01
CA VAL B 164 -23.13 -5.56 -31.02
C VAL B 164 -24.52 -5.41 -30.41
N ARG B 165 -25.29 -4.47 -30.97
CA ARG B 165 -26.66 -4.21 -30.54
C ARG B 165 -27.40 -3.64 -31.76
N ASP B 166 -28.70 -3.90 -31.85
CA ASP B 166 -29.47 -3.43 -33.00
C ASP B 166 -29.82 -1.94 -32.96
N GLU B 167 -29.73 -1.35 -31.78
CA GLU B 167 -30.04 0.07 -31.65
C GLU B 167 -29.29 0.67 -30.48
N ILE B 168 -29.07 1.98 -30.55
CA ILE B 168 -28.41 2.69 -29.47
C ILE B 168 -29.51 3.34 -28.66
N GLN B 169 -29.49 3.16 -27.35
CA GLN B 169 -30.50 3.79 -26.50
C GLN B 169 -29.82 5.00 -25.86
N PHE B 170 -30.55 6.12 -25.80
CA PHE B 170 -30.01 7.37 -25.27
C PHE B 170 -30.63 7.93 -24.01
N TYR B 171 -29.83 8.71 -23.29
CA TYR B 171 -30.30 9.44 -22.12
C TYR B 171 -30.12 10.86 -22.65
N ALA B 172 -30.89 11.82 -22.15
CA ALA B 172 -30.79 13.18 -22.64
C ALA B 172 -30.23 14.14 -21.62
N THR B 173 -29.35 15.02 -22.06
CA THR B 173 -28.76 16.01 -21.18
C THR B 173 -29.41 17.37 -21.45
N GLY B 174 -29.94 17.98 -20.39
CA GLY B 174 -30.60 19.26 -20.53
C GLY B 174 -31.40 19.56 -19.28
N ALA B 175 -32.12 20.67 -19.30
CA ALA B 175 -32.91 21.11 -18.15
C ALA B 175 -34.28 20.45 -18.02
N ARG B 176 -34.67 19.63 -18.99
CA ARG B 176 -36.00 19.02 -18.91
C ARG B 176 -36.05 17.49 -18.99
N PRO B 177 -35.60 16.79 -17.93
CA PRO B 177 -35.63 15.33 -17.94
C PRO B 177 -37.06 14.83 -18.16
N ASP B 178 -38.02 15.60 -17.67
CA ASP B 178 -39.42 15.22 -17.82
C ASP B 178 -39.85 15.20 -19.28
N LEU B 179 -39.42 16.19 -20.07
CA LEU B 179 -39.77 16.20 -21.49
C LEU B 179 -39.00 15.09 -22.21
N ALA B 180 -37.79 14.81 -21.74
CA ALA B 180 -36.97 13.77 -22.35
C ALA B 180 -37.64 12.42 -22.19
N LYS B 181 -38.25 12.19 -21.03
CA LYS B 181 -38.94 10.94 -20.78
C LYS B 181 -40.07 10.78 -21.80
N GLU B 182 -40.78 11.86 -22.04
CA GLU B 182 -41.88 11.85 -23.01
C GLU B 182 -41.37 11.49 -24.39
N MET B 183 -40.17 11.96 -24.73
CA MET B 183 -39.58 11.69 -26.03
C MET B 183 -39.05 10.27 -26.19
N GLY B 184 -39.01 9.52 -25.09
CA GLY B 184 -38.54 8.15 -25.16
C GLY B 184 -37.13 7.87 -24.65
N PHE B 185 -36.45 8.88 -24.14
CA PHE B 185 -35.11 8.70 -23.61
C PHE B 185 -35.16 7.84 -22.35
N ILE B 186 -34.06 7.19 -22.01
CA ILE B 186 -34.01 6.32 -20.84
C ILE B 186 -33.61 7.04 -19.56
N GLY B 187 -33.22 8.29 -19.69
CA GLY B 187 -32.83 9.05 -18.51
C GLY B 187 -32.56 10.49 -18.86
N GLY B 188 -32.34 11.30 -17.84
CA GLY B 188 -32.07 12.71 -18.07
C GLY B 188 -30.98 13.23 -17.14
N LYS B 189 -29.95 13.84 -17.72
CA LYS B 189 -28.86 14.40 -16.93
C LYS B 189 -29.05 15.91 -16.89
N MET B 190 -29.06 16.47 -15.69
CA MET B 190 -29.23 17.91 -15.49
C MET B 190 -27.95 18.55 -15.01
N PRO B 191 -27.74 19.82 -15.36
CA PRO B 191 -26.53 20.52 -14.93
C PRO B 191 -26.78 21.09 -13.54
N THR B 192 -25.73 21.20 -12.73
CA THR B 192 -25.88 21.80 -11.42
C THR B 192 -25.84 23.30 -11.69
N HIS B 193 -26.52 24.07 -10.86
CA HIS B 193 -26.57 25.52 -11.04
C HIS B 193 -25.82 26.27 -9.94
N TRP B 194 -25.47 25.57 -8.87
CA TRP B 194 -24.77 26.19 -7.77
C TRP B 194 -23.45 25.48 -7.48
N GLY B 195 -22.53 26.18 -6.81
CA GLY B 195 -21.24 25.60 -6.51
C GLY B 195 -20.80 25.74 -5.07
N PRO B 196 -19.55 25.36 -4.77
CA PRO B 196 -18.98 25.43 -3.42
C PRO B 196 -19.23 26.74 -2.68
N HIS B 197 -19.10 27.86 -3.39
CA HIS B 197 -19.32 29.18 -2.79
C HIS B 197 -20.75 29.37 -2.33
N ASP B 198 -21.66 28.52 -2.81
CA ASP B 198 -23.07 28.61 -2.42
C ASP B 198 -23.37 27.77 -1.20
N GLY B 199 -22.41 26.93 -0.82
CA GLY B 199 -22.56 26.10 0.37
C GLY B 199 -23.81 25.23 0.47
N ASP B 200 -24.32 25.12 1.69
CA ASP B 200 -25.50 24.29 1.94
C ASP B 200 -26.73 24.70 1.14
N ALA B 201 -26.87 25.99 0.88
CA ALA B 201 -28.01 26.48 0.11
C ALA B 201 -27.92 25.95 -1.32
N GLY B 202 -26.70 25.94 -1.86
CA GLY B 202 -26.50 25.44 -3.21
C GLY B 202 -26.82 23.97 -3.30
N ILE B 203 -26.37 23.20 -2.32
CA ILE B 203 -26.64 21.76 -2.29
C ILE B 203 -28.14 21.51 -2.19
N ARG B 204 -28.80 22.26 -1.32
CA ARG B 204 -30.24 22.10 -1.13
C ARG B 204 -31.00 22.38 -2.44
N LYS B 205 -30.61 23.44 -3.13
CA LYS B 205 -31.28 23.80 -4.39
C LYS B 205 -31.10 22.80 -5.52
N ASP B 206 -29.87 22.34 -5.75
CA ASP B 206 -29.68 21.38 -6.83
C ASP B 206 -30.28 20.02 -6.46
N ALA B 207 -30.27 19.68 -5.18
CA ALA B 207 -30.85 18.42 -4.73
C ALA B 207 -32.37 18.48 -4.89
N ALA B 208 -32.94 19.65 -4.64
CA ALA B 208 -34.39 19.85 -4.76
C ALA B 208 -34.76 19.73 -6.23
N MET B 209 -33.89 20.20 -7.11
CA MET B 209 -34.11 20.11 -8.55
C MET B 209 -34.22 18.64 -8.94
N VAL B 210 -33.32 17.82 -8.39
CA VAL B 210 -33.32 16.38 -8.66
C VAL B 210 -34.58 15.72 -8.10
N ALA B 211 -34.92 16.06 -6.85
CA ALA B 211 -36.09 15.49 -6.20
C ALA B 211 -37.35 15.77 -7.01
N ASP B 212 -37.45 16.98 -7.53
CA ASP B 212 -38.60 17.40 -8.33
C ASP B 212 -38.72 16.54 -9.60
N MET B 213 -37.61 16.35 -10.29
CA MET B 213 -37.64 15.53 -11.50
C MET B 213 -37.88 14.05 -11.20
N ARG B 214 -37.44 13.57 -10.04
CA ARG B 214 -37.68 12.18 -9.68
C ARG B 214 -39.18 11.99 -9.51
N GLU B 215 -39.81 12.98 -8.90
CA GLU B 215 -41.25 12.96 -8.66
C GLU B 215 -41.98 12.92 -10.01
N LYS B 216 -41.53 13.75 -10.93
CA LYS B 216 -42.15 13.85 -12.25
C LYS B 216 -41.85 12.69 -13.20
N CYS B 217 -40.67 12.09 -13.09
CA CYS B 217 -40.29 11.02 -14.00
C CYS B 217 -40.46 9.58 -13.52
N GLY B 218 -40.69 9.38 -12.23
CA GLY B 218 -40.83 8.01 -11.75
C GLY B 218 -39.49 7.42 -11.35
N PRO B 219 -39.46 6.22 -10.76
CA PRO B 219 -38.23 5.55 -10.32
C PRO B 219 -37.31 4.91 -11.35
N ASP B 220 -37.85 4.45 -12.48
CA ASP B 220 -37.03 3.77 -13.48
C ASP B 220 -36.30 4.65 -14.49
N PHE B 221 -36.78 5.89 -14.65
CA PHE B 221 -36.15 6.83 -15.58
C PHE B 221 -34.92 7.35 -14.84
N TRP B 222 -33.74 7.18 -15.43
CA TRP B 222 -32.51 7.63 -14.77
C TRP B 222 -32.38 9.14 -14.66
N LEU B 223 -31.76 9.58 -13.58
CA LEU B 223 -31.50 11.00 -13.35
C LEU B 223 -30.02 11.10 -12.97
N MET B 224 -29.33 12.06 -13.57
CA MET B 224 -27.91 12.26 -13.30
C MET B 224 -27.62 13.75 -13.18
N LEU B 225 -26.49 14.08 -12.57
CA LEU B 225 -26.08 15.48 -12.43
C LEU B 225 -24.73 15.72 -13.09
N ASP B 226 -24.65 16.78 -13.88
CA ASP B 226 -23.40 17.15 -14.54
C ASP B 226 -22.91 18.37 -13.76
N CYS B 227 -21.66 18.31 -13.29
CA CYS B 227 -21.10 19.39 -12.48
C CYS B 227 -20.02 20.23 -13.15
N TRP B 228 -19.79 19.97 -14.44
CA TRP B 228 -18.82 20.69 -15.25
C TRP B 228 -17.58 21.27 -14.54
N MET B 229 -16.78 20.40 -13.92
CA MET B 229 -15.54 20.79 -13.24
C MET B 229 -15.66 21.87 -12.17
N SER B 230 -16.88 22.14 -11.72
CA SER B 230 -17.13 23.23 -10.77
C SER B 230 -17.00 23.04 -9.26
N GLN B 231 -16.72 21.83 -8.79
CA GLN B 231 -16.67 21.61 -7.36
C GLN B 231 -15.32 21.18 -6.79
N ASP B 232 -15.34 20.78 -5.52
CA ASP B 232 -14.15 20.25 -4.86
C ASP B 232 -14.65 18.97 -4.19
N VAL B 233 -13.75 18.17 -3.63
CA VAL B 233 -14.16 16.91 -3.04
C VAL B 233 -15.26 17.01 -1.97
N ASN B 234 -15.11 17.92 -1.02
CA ASN B 234 -16.13 18.05 0.03
C ASN B 234 -17.51 18.41 -0.49
N TYR B 235 -17.59 19.42 -1.36
CA TYR B 235 -18.88 19.84 -1.90
C TYR B 235 -19.52 18.72 -2.71
N ALA B 236 -18.74 18.07 -3.55
CA ALA B 236 -19.23 16.97 -4.38
C ALA B 236 -19.74 15.84 -3.49
N THR B 237 -19.02 15.57 -2.40
CA THR B 237 -19.41 14.51 -1.49
C THR B 237 -20.76 14.87 -0.84
N LYS B 238 -20.89 16.10 -0.38
CA LYS B 238 -22.13 16.53 0.25
C LYS B 238 -23.30 16.47 -0.74
N LEU B 239 -23.07 16.93 -1.97
CA LEU B 239 -24.13 16.91 -2.98
C LEU B 239 -24.56 15.49 -3.32
N ALA B 240 -23.59 14.60 -3.50
CA ALA B 240 -23.88 13.21 -3.83
C ALA B 240 -24.74 12.56 -2.75
N HIS B 241 -24.38 12.77 -1.48
CA HIS B 241 -25.15 12.20 -0.39
C HIS B 241 -26.53 12.84 -0.28
N ALA B 242 -26.62 14.13 -0.61
CA ALA B 242 -27.91 14.82 -0.56
C ALA B 242 -28.85 14.29 -1.65
N CYS B 243 -28.28 13.75 -2.72
CA CYS B 243 -29.09 13.22 -3.82
C CYS B 243 -29.32 11.71 -3.74
N ALA B 244 -28.66 11.06 -2.80
CA ALA B 244 -28.80 9.61 -2.65
C ALA B 244 -30.24 9.13 -2.44
N PRO B 245 -31.05 9.87 -1.67
CA PRO B 245 -32.44 9.46 -1.44
C PRO B 245 -33.27 9.38 -2.71
N PHE B 246 -32.82 10.04 -3.78
CA PHE B 246 -33.55 10.05 -5.04
C PHE B 246 -32.93 9.14 -6.08
N ASN B 247 -32.01 8.29 -5.64
CA ASN B 247 -31.33 7.35 -6.51
C ASN B 247 -30.69 8.01 -7.73
N LEU B 248 -29.90 9.06 -7.50
CA LEU B 248 -29.20 9.73 -8.60
C LEU B 248 -28.26 8.64 -9.14
N LYS B 249 -28.34 8.35 -10.44
CA LYS B 249 -27.50 7.30 -11.02
C LYS B 249 -26.00 7.62 -10.97
N TRP B 250 -25.64 8.85 -11.28
CA TRP B 250 -24.24 9.26 -11.22
C TRP B 250 -24.07 10.76 -11.11
N ILE B 251 -22.91 11.18 -10.62
CA ILE B 251 -22.58 12.58 -10.49
C ILE B 251 -21.33 12.73 -11.36
N GLU B 252 -21.43 13.58 -12.37
CA GLU B 252 -20.39 13.77 -13.37
C GLU B 252 -19.45 14.98 -13.33
N GLU B 253 -18.19 14.70 -13.64
CA GLU B 253 -17.12 15.68 -13.71
C GLU B 253 -17.15 16.75 -12.61
N CYS B 254 -17.14 16.30 -11.37
CA CYS B 254 -17.16 17.21 -10.23
C CYS B 254 -15.89 18.05 -10.14
N LEU B 255 -14.78 17.52 -10.62
CA LEU B 255 -13.49 18.19 -10.50
C LEU B 255 -12.75 18.48 -11.80
N PRO B 256 -11.84 19.48 -11.77
CA PRO B 256 -11.05 19.81 -12.96
C PRO B 256 -10.33 18.51 -13.36
N PRO B 257 -10.00 18.35 -14.65
CA PRO B 257 -9.33 17.14 -15.13
C PRO B 257 -8.03 16.66 -14.49
N GLN B 258 -7.17 17.60 -14.08
CA GLN B 258 -5.89 17.20 -13.48
C GLN B 258 -6.02 16.56 -12.10
N GLN B 259 -7.17 16.74 -11.45
CA GLN B 259 -7.34 16.24 -10.10
C GLN B 259 -7.68 14.75 -9.93
N TYR B 260 -6.80 13.90 -10.43
CA TYR B 260 -6.97 12.45 -10.36
C TYR B 260 -7.07 12.00 -8.90
N GLU B 261 -6.19 12.54 -8.05
CA GLU B 261 -6.18 12.19 -6.64
C GLU B 261 -7.53 12.53 -5.99
N GLY B 262 -8.10 13.65 -6.39
CA GLY B 262 -9.39 14.05 -5.86
C GLY B 262 -10.49 13.12 -6.32
N TYR B 263 -10.43 12.68 -7.58
CA TYR B 263 -11.42 11.77 -8.09
C TYR B 263 -11.38 10.45 -7.33
N ARG B 264 -10.18 10.00 -7.00
CA ARG B 264 -10.03 8.75 -6.26
C ARG B 264 -10.72 8.88 -4.90
N GLU B 265 -10.49 10.01 -4.23
CA GLU B 265 -11.09 10.24 -2.92
C GLU B 265 -12.62 10.39 -3.01
N LEU B 266 -13.09 11.11 -4.03
CA LEU B 266 -14.53 11.32 -4.23
C LEU B 266 -15.23 9.98 -4.46
N LYS B 267 -14.65 9.12 -5.30
CA LYS B 267 -15.24 7.82 -5.56
C LYS B 267 -15.34 7.02 -4.26
N ARG B 268 -14.31 7.11 -3.42
CA ARG B 268 -14.31 6.40 -2.15
C ARG B 268 -15.41 6.93 -1.22
N ASN B 269 -15.68 8.24 -1.30
CA ASN B 269 -16.71 8.88 -0.46
C ASN B 269 -18.13 8.77 -1.00
N ALA B 270 -18.29 8.31 -2.23
CA ALA B 270 -19.62 8.23 -2.84
C ALA B 270 -20.62 7.29 -2.17
N PRO B 271 -21.91 7.68 -2.17
CA PRO B 271 -22.95 6.86 -1.56
C PRO B 271 -22.92 5.48 -2.25
N ALA B 272 -23.22 4.43 -1.50
CA ALA B 272 -23.22 3.09 -2.05
C ALA B 272 -24.10 2.98 -3.30
N GLY B 273 -23.54 2.43 -4.36
CA GLY B 273 -24.32 2.26 -5.58
C GLY B 273 -24.35 3.46 -6.52
N MET B 274 -23.96 4.63 -6.03
CA MET B 274 -23.95 5.82 -6.89
C MET B 274 -22.63 5.90 -7.64
N MET B 275 -22.70 6.14 -8.94
CA MET B 275 -21.49 6.22 -9.74
C MET B 275 -20.88 7.61 -9.83
N VAL B 276 -19.57 7.64 -10.06
CA VAL B 276 -18.83 8.89 -10.20
C VAL B 276 -18.22 8.80 -11.60
N THR B 277 -18.42 9.83 -12.41
CA THR B 277 -17.89 9.82 -13.77
C THR B 277 -17.11 11.08 -14.13
N SER B 278 -16.39 11.02 -15.25
CA SER B 278 -15.61 12.14 -15.76
C SER B 278 -14.95 11.70 -17.05
N GLY B 279 -14.16 12.59 -17.65
CA GLY B 279 -13.46 12.23 -18.87
C GLY B 279 -13.68 13.06 -20.12
N GLU B 280 -14.77 13.80 -20.22
CA GLU B 280 -15.02 14.56 -21.44
C GLU B 280 -13.91 15.56 -21.77
N HIS B 281 -13.20 16.05 -20.75
CA HIS B 281 -12.13 17.00 -21.01
C HIS B 281 -10.73 16.38 -21.02
N HIS B 282 -10.64 15.08 -20.79
CA HIS B 282 -9.34 14.40 -20.80
C HIS B 282 -8.95 14.05 -22.23
N GLY B 283 -7.65 13.91 -22.46
CA GLY B 283 -7.16 13.56 -23.79
C GLY B 283 -5.96 12.64 -23.70
N THR B 284 -5.76 11.83 -24.74
CA THR B 284 -4.66 10.85 -24.87
C THR B 284 -4.96 9.60 -24.04
N LEU B 285 -4.61 8.45 -24.61
CA LEU B 285 -4.85 7.18 -23.94
C LEU B 285 -4.20 7.11 -22.55
N GLN B 286 -3.00 7.68 -22.43
CA GLN B 286 -2.30 7.65 -21.14
C GLN B 286 -3.04 8.39 -20.03
N SER B 287 -3.67 9.52 -20.36
CA SER B 287 -4.43 10.25 -19.35
C SER B 287 -5.61 9.40 -18.90
N PHE B 288 -6.23 8.68 -19.83
CA PHE B 288 -7.36 7.83 -19.47
C PHE B 288 -6.92 6.63 -18.63
N ARG B 289 -5.67 6.21 -18.80
CA ARG B 289 -5.12 5.11 -18.01
C ARG B 289 -5.11 5.59 -16.56
N THR B 290 -4.60 6.80 -16.36
CA THR B 290 -4.54 7.41 -15.03
C THR B 290 -5.94 7.66 -14.47
N LEU B 291 -6.84 8.15 -15.30
CA LEU B 291 -8.20 8.41 -14.87
C LEU B 291 -8.88 7.11 -14.45
N ALA B 292 -8.72 6.07 -15.27
CA ALA B 292 -9.33 4.77 -14.96
C ALA B 292 -8.86 4.24 -13.61
N GLU B 293 -7.58 4.43 -13.31
CA GLU B 293 -7.03 3.93 -12.05
C GLU B 293 -7.51 4.65 -10.80
N THR B 294 -8.24 5.76 -10.97
CA THR B 294 -8.76 6.48 -9.81
C THR B 294 -9.94 5.69 -9.26
N GLY B 295 -10.47 4.78 -10.09
CA GLY B 295 -11.60 3.97 -9.66
C GLY B 295 -12.97 4.48 -10.09
N ILE B 296 -13.03 5.59 -10.82
CA ILE B 296 -14.34 6.10 -11.22
C ILE B 296 -15.03 5.06 -12.10
N ASP B 297 -16.35 5.09 -12.08
CA ASP B 297 -17.17 4.11 -12.79
C ASP B 297 -17.25 4.17 -14.31
N ILE B 298 -17.37 5.38 -14.85
CA ILE B 298 -17.50 5.54 -16.28
C ILE B 298 -16.65 6.69 -16.79
N MET B 299 -15.89 6.42 -17.86
CA MET B 299 -15.07 7.46 -18.47
C MET B 299 -15.88 7.94 -19.65
N GLN B 300 -15.92 9.26 -19.83
CA GLN B 300 -16.74 9.86 -20.88
C GLN B 300 -16.01 10.74 -21.89
N PRO B 301 -15.06 10.16 -22.64
CA PRO B 301 -14.33 10.97 -23.62
C PRO B 301 -15.26 11.47 -24.72
N ASP B 302 -14.93 12.64 -25.27
CA ASP B 302 -15.68 13.19 -26.39
C ASP B 302 -14.83 12.69 -27.57
N VAL B 303 -15.44 12.04 -28.54
CA VAL B 303 -14.68 11.50 -29.66
C VAL B 303 -13.90 12.59 -30.40
N GLY B 304 -14.47 13.79 -30.45
CA GLY B 304 -13.80 14.88 -31.13
C GLY B 304 -12.81 15.65 -30.27
N TRP B 305 -12.66 15.25 -29.01
CA TRP B 305 -11.72 15.95 -28.11
C TRP B 305 -10.65 15.05 -27.49
N CYS B 306 -10.96 13.77 -27.33
CA CYS B 306 -10.04 12.83 -26.68
C CYS B 306 -8.84 12.38 -27.50
N GLY B 307 -8.91 12.59 -28.81
CA GLY B 307 -7.83 12.17 -29.69
C GLY B 307 -8.41 11.58 -30.97
N GLY B 308 -9.72 11.37 -31.00
CA GLY B 308 -10.36 10.82 -32.19
C GLY B 308 -10.92 9.42 -32.00
N LEU B 309 -11.43 8.85 -33.07
CA LEU B 309 -11.97 7.50 -33.02
C LEU B 309 -10.87 6.51 -32.68
N THR B 310 -9.69 6.70 -33.25
CA THR B 310 -8.58 5.81 -33.00
C THR B 310 -8.30 5.70 -31.50
N THR B 311 -8.34 6.83 -30.80
CA THR B 311 -8.10 6.85 -29.36
C THR B 311 -9.32 6.30 -28.60
N LEU B 312 -10.51 6.66 -29.05
CA LEU B 312 -11.73 6.18 -28.40
C LEU B 312 -11.76 4.66 -28.32
N VAL B 313 -11.43 4.00 -29.42
CA VAL B 313 -11.45 2.54 -29.44
C VAL B 313 -10.48 1.98 -28.41
N GLU B 314 -9.34 2.65 -28.23
CA GLU B 314 -8.36 2.18 -27.24
C GLU B 314 -8.89 2.40 -25.83
N ILE B 315 -9.53 3.54 -25.60
CA ILE B 315 -10.10 3.84 -24.29
C ILE B 315 -11.18 2.81 -23.95
N ALA B 316 -11.96 2.40 -24.95
CA ALA B 316 -13.02 1.42 -24.72
C ALA B 316 -12.41 0.09 -24.26
N ALA B 317 -11.29 -0.30 -24.84
CA ALA B 317 -10.63 -1.54 -24.47
C ALA B 317 -10.06 -1.43 -23.05
N LEU B 318 -9.52 -0.26 -22.72
CA LEU B 318 -8.97 -0.04 -21.39
C LEU B 318 -10.08 -0.24 -20.36
N ALA B 319 -11.22 0.42 -20.57
CA ALA B 319 -12.33 0.29 -19.65
C ALA B 319 -12.85 -1.14 -19.59
N LYS B 320 -12.97 -1.77 -20.76
CA LYS B 320 -13.47 -3.13 -20.83
C LYS B 320 -12.55 -4.09 -20.07
N SER B 321 -11.24 -3.88 -20.17
CA SER B 321 -10.30 -4.74 -19.48
C SER B 321 -10.50 -4.69 -17.96
N ARG B 322 -11.02 -3.57 -17.48
CA ARG B 322 -11.27 -3.39 -16.05
C ARG B 322 -12.72 -3.71 -15.67
N GLY B 323 -13.48 -4.21 -16.64
CA GLY B 323 -14.86 -4.56 -16.40
C GLY B 323 -15.76 -3.36 -16.21
N GLN B 324 -15.36 -2.23 -16.78
CA GLN B 324 -16.12 -0.99 -16.67
C GLN B 324 -16.69 -0.50 -17.99
N LEU B 325 -17.52 0.54 -17.92
CA LEU B 325 -18.19 1.10 -19.09
C LEU B 325 -17.55 2.38 -19.60
N VAL B 326 -17.77 2.65 -20.88
CA VAL B 326 -17.29 3.88 -21.51
C VAL B 326 -18.54 4.46 -22.16
N VAL B 327 -18.86 5.69 -21.82
CA VAL B 327 -20.03 6.34 -22.39
C VAL B 327 -19.59 7.73 -22.84
N PRO B 328 -19.25 7.86 -24.13
CA PRO B 328 -18.78 9.12 -24.72
C PRO B 328 -19.67 10.32 -24.49
N HIS B 329 -19.05 11.49 -24.52
CA HIS B 329 -19.75 12.76 -24.37
C HIS B 329 -20.23 13.21 -25.75
N GLY B 330 -21.54 13.43 -25.89
CA GLY B 330 -22.11 13.87 -27.16
C GLY B 330 -21.53 13.17 -28.37
N SER B 331 -20.96 13.94 -29.29
CA SER B 331 -20.31 13.44 -30.50
C SER B 331 -21.13 12.94 -31.69
N SER B 332 -22.45 12.83 -31.53
CA SER B 332 -23.29 12.41 -32.64
C SER B 332 -22.78 11.15 -33.38
N VAL B 333 -22.80 11.18 -34.71
CA VAL B 333 -22.35 10.04 -35.51
C VAL B 333 -20.94 9.55 -35.23
N TYR B 334 -20.06 10.45 -34.80
CA TYR B 334 -18.68 10.06 -34.49
C TYR B 334 -18.64 9.11 -33.31
N SER B 335 -19.64 9.20 -32.44
CA SER B 335 -19.74 8.30 -31.31
C SER B 335 -20.59 7.08 -31.71
N HIS B 336 -21.72 7.34 -32.35
CA HIS B 336 -22.62 6.25 -32.77
C HIS B 336 -21.95 5.09 -33.47
N HIS B 337 -21.17 5.38 -34.51
CA HIS B 337 -20.48 4.34 -35.27
C HIS B 337 -19.49 3.55 -34.44
N ALA B 338 -18.98 4.17 -33.37
CA ALA B 338 -18.02 3.49 -32.51
C ALA B 338 -18.73 2.70 -31.42
N VAL B 339 -19.52 3.38 -30.60
CA VAL B 339 -20.21 2.75 -29.48
C VAL B 339 -21.21 1.65 -29.83
N ILE B 340 -21.76 1.67 -31.03
CA ILE B 340 -22.72 0.62 -31.37
C ILE B 340 -21.95 -0.71 -31.50
N THR B 341 -20.62 -0.63 -31.55
CA THR B 341 -19.79 -1.82 -31.65
C THR B 341 -19.11 -2.17 -30.32
N PHE B 342 -19.34 -1.35 -29.30
CA PHE B 342 -18.74 -1.57 -27.98
C PHE B 342 -19.68 -2.33 -27.04
N THR B 343 -19.25 -3.49 -26.57
CA THR B 343 -20.08 -4.25 -25.64
C THR B 343 -20.24 -3.49 -24.33
N ASN B 344 -19.25 -2.65 -24.01
CA ASN B 344 -19.31 -1.89 -22.76
C ASN B 344 -19.82 -0.45 -22.86
N THR B 345 -20.66 -0.18 -23.85
CA THR B 345 -21.28 1.13 -24.01
C THR B 345 -22.75 0.80 -24.23
N PRO B 346 -23.45 0.36 -23.17
CA PRO B 346 -24.88 -0.01 -23.19
C PRO B 346 -25.87 1.10 -23.48
N PHE B 347 -25.40 2.35 -23.42
CA PHE B 347 -26.25 3.51 -23.69
C PHE B 347 -25.37 4.69 -24.07
N SER B 348 -25.97 5.70 -24.70
CA SER B 348 -25.21 6.87 -25.15
C SER B 348 -25.89 8.17 -24.74
N GLU B 349 -25.16 9.27 -24.93
CA GLU B 349 -25.67 10.59 -24.58
C GLU B 349 -26.14 11.42 -25.76
N PHE B 350 -27.23 12.14 -25.55
CA PHE B 350 -27.74 13.07 -26.55
C PHE B 350 -27.82 14.39 -25.80
N LEU B 351 -26.94 15.32 -26.16
CA LEU B 351 -26.89 16.63 -25.50
C LEU B 351 -27.83 17.60 -26.22
N MET B 352 -28.90 17.99 -25.53
CA MET B 352 -29.90 18.90 -26.08
C MET B 352 -29.34 20.22 -26.59
N THR B 353 -29.49 20.47 -27.90
CA THR B 353 -29.04 21.71 -28.50
C THR B 353 -30.27 22.62 -28.63
N SER B 354 -31.44 22.02 -28.39
CA SER B 354 -32.71 22.75 -28.41
C SER B 354 -32.63 23.71 -27.22
N PRO B 355 -32.83 25.01 -27.46
CA PRO B 355 -32.77 26.03 -26.39
C PRO B 355 -33.56 25.69 -25.12
N ASP B 356 -34.76 25.14 -25.29
CA ASP B 356 -35.59 24.80 -24.14
C ASP B 356 -35.77 23.30 -23.94
N CYS B 357 -34.92 22.51 -24.60
CA CYS B 357 -34.96 21.05 -24.48
C CYS B 357 -36.31 20.43 -24.80
N SER B 358 -37.06 21.04 -25.72
CA SER B 358 -38.37 20.52 -26.08
C SER B 358 -38.41 19.81 -27.43
N THR B 359 -37.36 19.94 -28.21
CA THR B 359 -37.32 19.31 -29.53
C THR B 359 -36.02 18.57 -29.77
N LEU B 360 -36.00 17.75 -30.82
CA LEU B 360 -34.83 16.97 -31.15
C LEU B 360 -33.92 17.65 -32.17
N ARG B 361 -33.53 18.89 -31.88
CA ARG B 361 -32.63 19.60 -32.77
C ARG B 361 -31.37 18.73 -32.83
N PRO B 362 -30.85 18.47 -34.04
CA PRO B 362 -29.65 17.63 -34.13
C PRO B 362 -28.44 18.08 -33.30
N GLN B 363 -27.69 17.10 -32.81
CA GLN B 363 -26.51 17.32 -31.97
C GLN B 363 -25.54 18.38 -32.48
N PHE B 364 -25.25 18.37 -33.78
CA PHE B 364 -24.32 19.33 -34.36
C PHE B 364 -25.00 20.29 -35.34
N ASP B 365 -26.29 20.52 -35.14
CA ASP B 365 -27.03 21.44 -36.00
C ASP B 365 -26.30 22.77 -36.08
N PRO B 366 -26.16 23.33 -37.29
CA PRO B 366 -26.64 22.81 -38.58
C PRO B 366 -25.51 22.43 -39.54
N ILE B 367 -24.30 22.22 -39.02
CA ILE B 367 -23.16 21.91 -39.87
C ILE B 367 -23.19 20.55 -40.56
N LEU B 368 -23.96 19.61 -40.04
CA LEU B 368 -24.05 18.27 -40.62
C LEU B 368 -25.36 18.02 -41.37
N LEU B 369 -25.26 17.69 -42.65
CA LEU B 369 -26.44 17.42 -43.46
C LEU B 369 -26.90 15.98 -43.20
N ASP B 370 -28.22 15.80 -43.08
CA ASP B 370 -28.81 14.48 -42.84
C ASP B 370 -28.28 13.84 -41.56
N GLU B 371 -28.10 14.65 -40.53
CA GLU B 371 -27.61 14.14 -39.25
C GLU B 371 -28.73 13.39 -38.54
N PRO B 372 -28.50 12.11 -38.21
CA PRO B 372 -29.58 11.39 -37.54
C PRO B 372 -29.82 11.88 -36.11
N VAL B 373 -31.06 11.71 -35.66
CA VAL B 373 -31.43 12.09 -34.29
C VAL B 373 -32.22 10.93 -33.72
N PRO B 374 -32.23 10.79 -32.39
CA PRO B 374 -32.99 9.68 -31.80
C PRO B 374 -34.48 9.72 -32.13
N VAL B 375 -35.04 8.54 -32.34
CA VAL B 375 -36.46 8.37 -32.61
C VAL B 375 -36.90 7.50 -31.44
N ASN B 376 -37.81 8.04 -30.62
CA ASN B 376 -38.27 7.32 -29.43
C ASN B 376 -37.06 7.03 -28.54
N GLY B 377 -36.12 7.97 -28.51
CA GLY B 377 -34.93 7.85 -27.68
C GLY B 377 -33.91 6.83 -28.16
N ARG B 378 -34.01 6.39 -29.41
CA ARG B 378 -33.10 5.40 -29.93
C ARG B 378 -32.71 5.64 -31.39
N ILE B 379 -31.58 5.07 -31.80
CA ILE B 379 -31.13 5.17 -33.18
C ILE B 379 -30.81 3.73 -33.60
N HIS B 380 -31.61 3.22 -34.54
CA HIS B 380 -31.44 1.86 -35.03
C HIS B 380 -30.19 1.79 -35.90
N LYS B 381 -29.50 0.65 -35.89
CA LYS B 381 -28.29 0.52 -36.69
C LYS B 381 -28.50 0.77 -38.17
N SER B 382 -29.69 0.49 -38.67
CA SER B 382 -29.98 0.70 -40.09
C SER B 382 -29.84 2.19 -40.45
N VAL B 383 -30.06 3.06 -39.47
CA VAL B 383 -29.95 4.50 -39.69
C VAL B 383 -28.50 4.86 -40.02
N LEU B 384 -27.57 4.05 -39.51
CA LEU B 384 -26.14 4.28 -39.73
C LEU B 384 -25.59 3.58 -40.96
N ASP B 385 -26.46 2.94 -41.74
CA ASP B 385 -26.00 2.23 -42.93
C ASP B 385 -25.70 3.12 -44.13
N LYS B 386 -24.70 3.98 -43.96
CA LYS B 386 -24.25 4.89 -45.01
C LYS B 386 -22.72 4.91 -44.89
N PRO B 387 -22.01 5.25 -45.98
CA PRO B 387 -20.54 5.28 -45.99
C PRO B 387 -19.91 6.23 -44.96
N GLY B 388 -18.78 5.81 -44.39
CA GLY B 388 -18.10 6.64 -43.39
C GLY B 388 -19.00 6.89 -42.19
N PHE B 389 -19.11 8.16 -41.78
CA PHE B 389 -19.97 8.51 -40.67
C PHE B 389 -21.36 8.88 -41.16
N GLY B 390 -21.59 8.62 -42.45
CA GLY B 390 -22.88 8.83 -43.07
C GLY B 390 -23.49 10.22 -43.26
N VAL B 391 -22.70 11.28 -43.10
CA VAL B 391 -23.24 12.62 -43.28
C VAL B 391 -22.45 13.43 -44.29
N GLU B 392 -22.98 14.59 -44.65
CA GLU B 392 -22.31 15.48 -45.59
C GLU B 392 -22.18 16.86 -44.96
N LEU B 393 -21.18 17.61 -45.42
CA LEU B 393 -20.92 18.94 -44.88
C LEU B 393 -21.90 19.98 -45.43
N ASN B 394 -22.53 20.73 -44.53
CA ASN B 394 -23.48 21.76 -44.93
C ASN B 394 -22.70 23.00 -45.35
N ARG B 395 -22.42 23.13 -46.64
CA ARG B 395 -21.68 24.27 -47.11
C ARG B 395 -22.49 25.55 -47.25
N ASP B 396 -23.75 25.52 -46.79
CA ASP B 396 -24.57 26.72 -46.83
C ASP B 396 -24.21 27.57 -45.62
N CYS B 397 -23.45 26.97 -44.70
CA CYS B 397 -23.00 27.70 -43.52
C CYS B 397 -21.86 28.56 -44.08
N HIS B 398 -21.63 29.73 -43.49
CA HIS B 398 -20.58 30.60 -44.00
C HIS B 398 -19.19 30.16 -43.54
N LEU B 399 -18.70 29.07 -44.11
CA LEU B 399 -17.39 28.56 -43.75
C LEU B 399 -16.27 29.53 -44.13
N LYS B 400 -15.33 29.72 -43.19
CA LYS B 400 -14.21 30.59 -43.41
C LYS B 400 -12.93 29.76 -43.51
N ARG B 401 -12.05 30.15 -44.41
CA ARG B 401 -10.78 29.44 -44.60
C ARG B 401 -9.66 30.44 -44.30
N PRO B 402 -9.28 30.56 -43.02
CA PRO B 402 -8.24 31.49 -42.59
C PRO B 402 -6.81 31.20 -43.07
N TYR B 403 -6.51 29.94 -43.37
CA TYR B 403 -5.16 29.59 -43.81
C TYR B 403 -5.15 28.69 -45.04
N SER B 404 -4.02 28.70 -45.74
CA SER B 404 -3.83 27.89 -46.93
C SER B 404 -2.40 27.37 -46.91
N HIS B 405 -2.10 26.42 -47.78
CA HIS B 405 -0.76 25.87 -47.89
C HIS B 405 -0.56 25.23 -49.25
N MET C 1 -21.47 -53.27 -3.47
CA MET C 1 -20.16 -52.95 -2.83
C MET C 1 -19.91 -53.74 -1.55
N GLU C 2 -18.65 -54.09 -1.32
CA GLU C 2 -18.28 -54.84 -0.12
C GLU C 2 -18.42 -53.97 1.11
N ASN C 3 -18.64 -54.60 2.26
CA ASN C 3 -18.76 -53.87 3.50
C ASN C 3 -17.37 -53.32 3.82
N ILE C 4 -17.33 -52.11 4.37
CA ILE C 4 -16.03 -51.52 4.67
C ILE C 4 -15.30 -52.24 5.79
N MET C 5 -13.99 -52.03 5.82
CA MET C 5 -13.13 -52.59 6.84
C MET C 5 -13.67 -52.10 8.19
N THR C 6 -13.74 -52.98 9.18
CA THR C 6 -14.22 -52.57 10.49
C THR C 6 -13.05 -51.93 11.23
N LEU C 7 -13.33 -50.84 11.95
CA LEU C 7 -12.28 -50.15 12.70
C LEU C 7 -12.60 -50.11 14.18
N PRO C 8 -11.57 -50.35 15.02
CA PRO C 8 -11.76 -50.34 16.47
C PRO C 8 -11.76 -48.91 17.01
N LYS C 9 -12.25 -48.77 18.23
CA LYS C 9 -12.28 -47.47 18.89
C LYS C 9 -10.96 -47.38 19.68
N ILE C 10 -10.59 -46.18 20.08
CA ILE C 10 -9.37 -45.98 20.85
C ILE C 10 -9.71 -46.30 22.30
N LYS C 11 -8.89 -47.14 22.92
CA LYS C 11 -9.13 -47.53 24.32
C LYS C 11 -8.32 -46.72 25.32
N HIS C 12 -7.01 -46.62 25.12
CA HIS C 12 -6.15 -45.89 26.04
C HIS C 12 -5.13 -45.02 25.31
N VAL C 13 -4.67 -43.99 26.01
CA VAL C 13 -3.61 -43.12 25.52
C VAL C 13 -2.67 -43.05 26.73
N ARG C 14 -1.39 -43.30 26.50
CA ARG C 14 -0.39 -43.28 27.56
C ARG C 14 0.78 -42.40 27.15
N ALA C 15 1.44 -41.78 28.13
CA ALA C 15 2.58 -40.93 27.86
C ALA C 15 3.76 -41.25 28.76
N TRP C 16 4.95 -41.31 28.18
CA TRP C 16 6.19 -41.58 28.90
C TRP C 16 7.21 -40.53 28.48
N PHE C 17 8.34 -40.51 29.17
CA PHE C 17 9.42 -39.59 28.82
C PHE C 17 10.75 -40.22 29.17
N ILE C 18 11.80 -39.74 28.50
CA ILE C 18 13.17 -40.17 28.79
C ILE C 18 13.96 -38.87 28.66
N GLY C 19 15.11 -38.81 29.33
CA GLY C 19 15.92 -37.61 29.26
C GLY C 19 15.27 -36.45 29.98
N GLY C 20 15.79 -35.25 29.76
CA GLY C 20 15.23 -34.08 30.42
C GLY C 20 15.80 -33.90 31.82
N ALA C 21 15.44 -32.79 32.45
CA ALA C 21 15.91 -32.45 33.78
C ALA C 21 15.51 -33.42 34.90
N THR C 22 14.48 -34.22 34.69
CA THR C 22 14.06 -35.17 35.74
C THR C 22 14.41 -36.61 35.40
N ALA C 23 15.27 -36.81 34.40
CA ALA C 23 15.71 -38.14 34.01
C ALA C 23 17.19 -38.10 33.68
N GLU C 24 17.63 -38.98 32.77
CA GLU C 24 19.03 -39.07 32.39
C GLU C 24 19.44 -38.11 31.27
N LYS C 25 20.31 -37.15 31.60
CA LYS C 25 20.79 -36.19 30.61
C LYS C 25 21.52 -36.92 29.49
N GLY C 26 21.29 -36.48 28.25
CA GLY C 26 21.93 -37.09 27.10
C GLY C 26 21.21 -38.31 26.54
N ALA C 27 19.93 -38.47 26.88
CA ALA C 27 19.15 -39.61 26.41
C ALA C 27 18.86 -39.59 24.91
N GLY C 28 19.07 -38.45 24.26
CA GLY C 28 18.82 -38.36 22.83
C GLY C 28 17.34 -38.54 22.51
N GLY C 29 17.04 -39.45 21.59
CA GLY C 29 15.65 -39.69 21.23
C GLY C 29 14.96 -38.53 20.53
N GLY C 30 13.77 -38.18 21.02
CA GLY C 30 13.01 -37.09 20.43
C GLY C 30 13.63 -35.70 20.56
N ASP C 31 14.30 -35.45 21.68
CA ASP C 31 14.93 -34.14 21.89
C ASP C 31 16.31 -34.12 21.24
N TYR C 32 16.38 -33.57 20.04
CA TYR C 32 17.62 -33.47 19.28
C TYR C 32 18.80 -32.93 20.09
N HIS C 33 18.51 -32.02 21.01
CA HIS C 33 19.56 -31.38 21.83
C HIS C 33 19.90 -32.04 23.16
N ASP C 34 19.25 -33.16 23.47
CA ASP C 34 19.54 -33.84 24.73
C ASP C 34 20.69 -34.81 24.45
N GLN C 35 21.87 -34.23 24.23
CA GLN C 35 23.06 -35.01 23.91
C GLN C 35 24.09 -34.97 25.04
N GLY C 36 25.18 -35.72 24.84
CA GLY C 36 26.25 -35.75 25.83
C GLY C 36 27.24 -34.65 25.52
N GLY C 37 28.49 -34.83 25.97
CA GLY C 37 29.50 -33.81 25.72
C GLY C 37 30.21 -33.99 24.38
N ASN C 38 31.02 -32.99 24.03
CA ASN C 38 31.78 -33.01 22.80
C ASN C 38 30.93 -33.20 21.55
N HIS C 39 29.70 -32.69 21.59
CA HIS C 39 28.79 -32.82 20.45
C HIS C 39 28.79 -31.51 19.66
N TRP C 40 28.88 -31.62 18.33
CA TRP C 40 28.89 -30.43 17.48
C TRP C 40 27.67 -29.55 17.72
N ILE C 41 26.55 -30.19 18.03
CA ILE C 41 25.29 -29.47 18.22
C ILE C 41 25.30 -28.57 19.45
N ASP C 42 26.36 -28.64 20.24
CA ASP C 42 26.47 -27.81 21.44
C ASP C 42 27.79 -27.06 21.45
N ASP C 43 28.47 -27.04 20.30
CA ASP C 43 29.76 -26.36 20.20
C ASP C 43 29.71 -24.89 19.81
N HIS C 44 29.58 -24.03 20.81
CA HIS C 44 29.56 -22.58 20.59
C HIS C 44 28.59 -22.17 19.48
N ILE C 45 27.35 -22.64 19.57
CA ILE C 45 26.32 -22.30 18.57
C ILE C 45 25.70 -20.96 18.94
N ALA C 46 25.58 -20.06 17.98
CA ALA C 46 24.99 -18.75 18.24
C ALA C 46 23.52 -18.89 18.59
N THR C 47 23.09 -18.17 19.62
CA THR C 47 21.69 -18.22 20.08
C THR C 47 21.32 -16.89 20.71
N PRO C 48 20.05 -16.73 21.10
CA PRO C 48 19.60 -15.49 21.74
C PRO C 48 20.31 -15.30 23.08
N MET C 49 20.93 -16.37 23.57
CA MET C 49 21.63 -16.33 24.87
C MET C 49 23.15 -16.26 24.79
N SER C 50 23.72 -16.50 23.60
CA SER C 50 25.19 -16.49 23.49
C SER C 50 25.85 -15.13 23.71
N LYS C 51 25.04 -14.08 23.86
CA LYS C 51 25.58 -12.75 24.13
C LYS C 51 26.01 -12.70 25.61
N TYR C 52 25.57 -13.70 26.37
CA TYR C 52 25.93 -13.79 27.79
C TYR C 52 27.13 -14.73 27.93
N ARG C 53 28.18 -14.22 28.55
CA ARG C 53 29.42 -14.99 28.72
C ARG C 53 29.21 -16.40 29.26
N ASP C 54 28.38 -16.55 30.30
CA ASP C 54 28.14 -17.87 30.88
C ASP C 54 27.34 -18.82 30.00
N TYR C 55 26.72 -18.31 28.95
CA TYR C 55 25.91 -19.17 28.08
C TYR C 55 26.34 -19.13 26.63
N GLU C 56 27.56 -18.66 26.38
CA GLU C 56 28.06 -18.56 25.02
C GLU C 56 28.58 -19.87 24.43
N GLN C 57 29.33 -20.62 25.22
CA GLN C 57 29.91 -21.87 24.73
C GLN C 57 28.93 -23.03 24.57
N SER C 58 27.97 -23.15 25.47
CA SER C 58 27.04 -24.26 25.45
C SER C 58 25.55 -23.93 25.54
N ARG C 59 24.77 -24.47 24.61
CA ARG C 59 23.33 -24.26 24.65
C ARG C 59 22.77 -25.08 25.81
N GLN C 60 23.43 -26.20 26.10
CA GLN C 60 23.00 -27.03 27.22
C GLN C 60 23.09 -26.21 28.51
N SER C 61 24.08 -25.33 28.61
CA SER C 61 24.23 -24.52 29.82
C SER C 61 23.02 -23.65 30.11
N PHE C 62 22.32 -23.17 29.10
CA PHE C 62 21.14 -22.34 29.37
C PHE C 62 19.86 -23.18 29.47
N GLY C 63 19.99 -24.49 29.25
CA GLY C 63 18.84 -25.37 29.37
C GLY C 63 18.12 -25.80 28.11
N ILE C 64 18.83 -25.93 27.00
CA ILE C 64 18.21 -26.36 25.75
C ILE C 64 17.80 -27.83 25.84
N ASN C 65 18.27 -28.49 26.90
CA ASN C 65 18.02 -29.92 27.10
C ASN C 65 17.13 -30.28 28.30
N VAL C 66 16.45 -29.32 28.90
CA VAL C 66 15.63 -29.63 30.07
C VAL C 66 14.36 -30.44 29.82
N LEU C 67 13.80 -30.36 28.63
CA LEU C 67 12.55 -31.07 28.33
C LEU C 67 12.68 -32.57 28.08
N GLY C 68 13.65 -32.97 27.28
CA GLY C 68 13.79 -34.38 27.00
C GLY C 68 12.73 -34.84 26.02
N THR C 69 12.56 -36.15 25.94
CA THR C 69 11.64 -36.78 25.00
C THR C 69 10.26 -37.16 25.53
N LEU C 70 9.22 -36.81 24.77
CA LEU C 70 7.87 -37.19 25.11
C LEU C 70 7.54 -38.36 24.21
N ILE C 71 6.93 -39.40 24.77
CA ILE C 71 6.52 -40.55 23.99
C ILE C 71 5.03 -40.73 24.24
N VAL C 72 4.24 -40.76 23.17
CA VAL C 72 2.81 -40.97 23.31
C VAL C 72 2.40 -42.24 22.58
N GLU C 73 1.68 -43.12 23.27
CA GLU C 73 1.22 -44.35 22.66
C GLU C 73 -0.30 -44.45 22.81
N VAL C 74 -0.96 -44.75 21.70
CA VAL C 74 -2.41 -44.89 21.69
C VAL C 74 -2.72 -46.36 21.43
N GLU C 75 -3.59 -46.95 22.25
CA GLU C 75 -3.96 -48.35 22.09
C GLU C 75 -5.43 -48.48 21.73
N ALA C 76 -5.71 -49.22 20.67
CA ALA C 76 -7.08 -49.44 20.23
C ALA C 76 -7.72 -50.60 20.99
N GLU C 77 -9.04 -50.72 20.89
CA GLU C 77 -9.78 -51.78 21.57
C GLU C 77 -9.34 -53.17 21.13
N ASN C 78 -8.74 -53.27 19.95
CA ASN C 78 -8.30 -54.57 19.44
C ASN C 78 -6.83 -54.82 19.80
N ARG C 79 -6.33 -54.01 20.74
CA ARG C 79 -4.96 -54.11 21.24
C ARG C 79 -3.84 -53.61 20.34
N GLN C 80 -4.15 -53.17 19.13
CA GLN C 80 -3.12 -52.64 18.25
C GLN C 80 -2.73 -51.29 18.82
N THR C 81 -1.47 -50.89 18.62
CA THR C 81 -1.00 -49.60 19.11
C THR C 81 -0.30 -48.78 18.05
N GLY C 82 -0.20 -47.48 18.33
CA GLY C 82 0.48 -46.55 17.45
C GLY C 82 1.19 -45.59 18.40
N PHE C 83 2.30 -45.00 17.96
CA PHE C 83 3.01 -44.09 18.85
C PHE C 83 3.83 -43.08 18.08
N ALA C 84 4.36 -42.10 18.81
CA ALA C 84 5.21 -41.08 18.23
C ALA C 84 6.02 -40.46 19.34
N VAL C 85 7.07 -39.73 18.97
CA VAL C 85 7.92 -39.07 19.96
C VAL C 85 8.11 -37.63 19.56
N SER C 86 8.41 -36.78 20.54
CA SER C 86 8.65 -35.37 20.28
C SER C 86 9.42 -34.80 21.46
N THR C 87 9.52 -33.48 21.53
CA THR C 87 10.25 -32.83 22.62
C THR C 87 9.25 -32.18 23.58
N ALA C 88 9.19 -32.68 24.81
CA ALA C 88 8.28 -32.13 25.82
C ALA C 88 8.48 -32.82 27.16
N GLY C 89 8.88 -34.08 27.12
CA GLY C 89 9.14 -34.83 28.35
C GLY C 89 8.02 -34.91 29.37
N GLU C 90 8.39 -34.77 30.64
CA GLU C 90 7.44 -34.88 31.74
C GLU C 90 6.24 -33.96 31.64
N MET C 91 6.45 -32.69 31.30
CA MET C 91 5.32 -31.77 31.19
C MET C 91 4.38 -32.22 30.07
N GLY C 92 4.95 -32.77 29.00
CA GLY C 92 4.12 -33.27 27.91
C GLY C 92 3.23 -34.38 28.43
N CYS C 93 3.76 -35.20 29.34
CA CYS C 93 2.99 -36.29 29.92
C CYS C 93 1.80 -35.76 30.72
N PHE C 94 2.01 -34.66 31.44
CA PHE C 94 0.93 -34.06 32.21
C PHE C 94 -0.21 -33.67 31.26
N ILE C 95 0.14 -32.96 30.20
CA ILE C 95 -0.85 -32.51 29.22
C ILE C 95 -1.65 -33.66 28.63
N VAL C 96 -0.96 -34.72 28.23
CA VAL C 96 -1.63 -35.88 27.64
C VAL C 96 -2.51 -36.64 28.63
N GLU C 97 -1.94 -36.99 29.78
CA GLU C 97 -2.64 -37.78 30.79
C GLU C 97 -3.68 -37.04 31.62
N LYS C 98 -3.52 -35.73 31.79
CA LYS C 98 -4.45 -34.97 32.61
C LYS C 98 -5.38 -34.03 31.84
N HIS C 99 -5.21 -33.93 30.53
CA HIS C 99 -6.07 -33.05 29.76
C HIS C 99 -6.56 -33.64 28.45
N LEU C 100 -5.63 -33.85 27.51
CA LEU C 100 -5.98 -34.34 26.18
C LEU C 100 -6.62 -35.72 26.08
N ASN C 101 -6.36 -36.58 27.05
CA ASN C 101 -6.92 -37.92 27.02
C ASN C 101 -8.44 -37.91 26.87
N ARG C 102 -9.11 -36.89 27.38
CA ARG C 102 -10.56 -36.84 27.31
C ARG C 102 -11.11 -36.72 25.88
N PHE C 103 -10.30 -36.21 24.96
CA PHE C 103 -10.72 -36.06 23.57
C PHE C 103 -10.28 -37.25 22.71
N ILE C 104 -9.31 -38.00 23.23
CA ILE C 104 -8.74 -39.14 22.52
C ILE C 104 -9.44 -40.48 22.74
N GLU C 105 -9.56 -40.88 24.00
CA GLU C 105 -10.18 -42.16 24.33
C GLU C 105 -11.67 -42.24 23.99
N GLY C 106 -12.05 -43.35 23.37
CA GLY C 106 -13.45 -43.52 22.98
C GLY C 106 -13.73 -43.18 21.54
N LYS C 107 -12.81 -42.46 20.89
CA LYS C 107 -12.97 -42.07 19.49
C LYS C 107 -12.62 -43.25 18.58
N CYS C 108 -13.00 -43.14 17.31
CA CYS C 108 -12.65 -44.16 16.33
C CYS C 108 -11.20 -43.87 15.97
N VAL C 109 -10.44 -44.89 15.57
CA VAL C 109 -9.05 -44.64 15.21
C VAL C 109 -8.96 -43.72 13.99
N SER C 110 -10.06 -43.56 13.26
CA SER C 110 -10.06 -42.70 12.08
C SER C 110 -10.43 -41.24 12.40
N ASP C 111 -10.84 -40.97 13.64
CA ASP C 111 -11.24 -39.61 14.04
C ASP C 111 -10.04 -38.71 14.31
N ILE C 112 -9.02 -38.78 13.46
CA ILE C 112 -7.81 -38.00 13.68
C ILE C 112 -7.99 -36.48 13.62
N LYS C 113 -8.60 -35.98 12.55
CA LYS C 113 -8.80 -34.54 12.41
C LYS C 113 -9.70 -33.97 13.50
N LEU C 114 -10.69 -34.76 13.92
CA LEU C 114 -11.59 -34.32 14.97
C LEU C 114 -10.83 -34.15 16.28
N ILE C 115 -10.07 -35.16 16.65
CA ILE C 115 -9.29 -35.09 17.88
C ILE C 115 -8.33 -33.91 17.80
N HIS C 116 -7.73 -33.73 16.63
CA HIS C 116 -6.79 -32.63 16.43
C HIS C 116 -7.44 -31.27 16.69
N ASP C 117 -8.62 -31.05 16.13
CA ASP C 117 -9.31 -29.77 16.33
C ASP C 117 -9.69 -29.58 17.80
N GLN C 118 -10.08 -30.65 18.46
CA GLN C 118 -10.46 -30.54 19.86
C GLN C 118 -9.25 -30.25 20.74
N MET C 119 -8.10 -30.83 20.41
CA MET C 119 -6.90 -30.56 21.20
C MET C 119 -6.52 -29.08 21.06
N LEU C 120 -6.58 -28.57 19.83
CA LEU C 120 -6.23 -27.16 19.58
C LEU C 120 -7.21 -26.22 20.29
N GLY C 121 -8.50 -26.51 20.14
CA GLY C 121 -9.51 -25.66 20.77
C GLY C 121 -9.48 -25.66 22.28
N ALA C 122 -9.24 -26.83 22.87
CA ALA C 122 -9.23 -26.97 24.33
C ALA C 122 -7.98 -26.42 25.01
N THR C 123 -6.89 -26.30 24.27
CA THR C 123 -5.64 -25.79 24.84
C THR C 123 -5.29 -24.37 24.37
N MET C 124 -6.15 -23.80 23.53
CA MET C 124 -5.88 -22.47 23.01
C MET C 124 -5.56 -21.45 24.09
N TYR C 125 -6.19 -21.57 25.25
CA TYR C 125 -5.96 -20.61 26.33
C TYR C 125 -4.59 -20.70 27.00
N TYR C 126 -3.82 -21.75 26.72
CA TYR C 126 -2.49 -21.85 27.33
C TYR C 126 -1.40 -22.40 26.41
N SER C 127 -1.73 -22.67 25.16
CA SER C 127 -0.74 -23.24 24.23
C SER C 127 0.23 -22.23 23.64
N GLY C 128 -0.16 -20.95 23.60
CA GLY C 128 0.71 -19.94 23.02
C GLY C 128 0.97 -20.18 21.54
N SER C 129 0.13 -20.98 20.90
CA SER C 129 0.27 -21.28 19.47
C SER C 129 1.59 -21.92 19.02
N GLY C 130 2.38 -22.45 19.95
CA GLY C 130 3.63 -23.06 19.55
C GLY C 130 4.42 -23.51 20.76
N GLY C 131 5.58 -24.11 20.53
CA GLY C 131 6.39 -24.57 21.64
C GLY C 131 5.84 -25.80 22.35
N LEU C 132 6.24 -25.95 23.60
CA LEU C 132 5.87 -27.07 24.46
C LEU C 132 4.50 -27.70 24.28
N VAL C 133 3.45 -26.90 24.44
CA VAL C 133 2.10 -27.43 24.31
C VAL C 133 1.81 -27.93 22.90
N MET C 134 2.27 -27.20 21.88
CA MET C 134 2.04 -27.63 20.50
C MET C 134 2.85 -28.88 20.19
N ASN C 135 4.03 -29.01 20.79
CA ASN C 135 4.87 -30.19 20.59
C ASN C 135 4.09 -31.42 21.09
N THR C 136 3.40 -31.24 22.21
CA THR C 136 2.62 -32.33 22.81
C THR C 136 1.44 -32.71 21.91
N ILE C 137 0.73 -31.71 21.41
CA ILE C 137 -0.40 -31.94 20.53
C ILE C 137 0.09 -32.67 19.28
N SER C 138 1.22 -32.21 18.75
CA SER C 138 1.81 -32.83 17.56
C SER C 138 2.13 -34.29 17.79
N CYS C 139 2.68 -34.59 18.96
CA CYS C 139 3.05 -35.97 19.28
C CYS C 139 1.82 -36.87 19.31
N VAL C 140 0.72 -36.36 19.84
CA VAL C 140 -0.51 -37.13 19.88
C VAL C 140 -1.02 -37.37 18.46
N ASP C 141 -1.03 -36.30 17.65
CA ASP C 141 -1.50 -36.39 16.26
C ASP C 141 -0.71 -37.47 15.50
N LEU C 142 0.60 -37.47 15.69
CA LEU C 142 1.45 -38.44 15.00
C LEU C 142 1.16 -39.86 15.50
N ALA C 143 0.93 -40.00 16.79
CA ALA C 143 0.63 -41.31 17.36
C ALA C 143 -0.67 -41.84 16.76
N LEU C 144 -1.62 -40.93 16.55
CA LEU C 144 -2.91 -41.30 15.99
C LEU C 144 -2.77 -41.75 14.54
N TRP C 145 -1.99 -41.02 13.76
CA TRP C 145 -1.77 -41.41 12.36
C TRP C 145 -1.04 -42.76 12.32
N ASP C 146 -0.11 -42.96 13.25
CA ASP C 146 0.65 -44.21 13.31
C ASP C 146 -0.29 -45.38 13.59
N LEU C 147 -1.17 -45.22 14.58
CA LEU C 147 -2.14 -46.25 14.92
C LEU C 147 -3.08 -46.54 13.77
N PHE C 148 -3.63 -45.49 13.16
CA PHE C 148 -4.56 -45.66 12.03
C PHE C 148 -3.88 -46.45 10.90
N GLY C 149 -2.64 -46.07 10.59
CA GLY C 149 -1.92 -46.77 9.53
C GLY C 149 -1.66 -48.22 9.87
N LYS C 150 -1.34 -48.50 11.13
CA LYS C 150 -1.07 -49.87 11.56
C LYS C 150 -2.36 -50.70 11.58
N VAL C 151 -3.48 -50.06 11.92
CA VAL C 151 -4.75 -50.76 11.94
C VAL C 151 -5.18 -51.10 10.52
N VAL C 152 -5.05 -50.14 9.61
CA VAL C 152 -5.42 -50.35 8.21
C VAL C 152 -4.44 -51.25 7.48
N GLY C 153 -3.17 -51.21 7.89
CA GLY C 153 -2.15 -52.02 7.27
C GLY C 153 -1.44 -51.30 6.13
N LEU C 154 -1.35 -49.98 6.20
CA LEU C 154 -0.70 -49.21 5.16
C LEU C 154 0.27 -48.17 5.69
N PRO C 155 1.30 -47.84 4.89
CA PRO C 155 2.27 -46.83 5.33
C PRO C 155 1.51 -45.51 5.27
N VAL C 156 1.86 -44.58 6.14
CA VAL C 156 1.19 -43.28 6.15
C VAL C 156 1.30 -42.59 4.78
N TYR C 157 2.45 -42.72 4.12
CA TYR C 157 2.60 -42.06 2.82
C TYR C 157 1.61 -42.54 1.77
N LYS C 158 1.15 -43.78 1.89
CA LYS C 158 0.17 -44.29 0.92
C LYS C 158 -1.22 -43.78 1.29
N LEU C 159 -1.50 -43.68 2.59
CA LEU C 159 -2.79 -43.19 3.05
C LEU C 159 -2.99 -41.74 2.59
N LEU C 160 -1.90 -40.99 2.53
CA LEU C 160 -1.94 -39.58 2.14
C LEU C 160 -2.13 -39.33 0.64
N GLY C 161 -2.04 -40.38 -0.17
CA GLY C 161 -2.20 -40.17 -1.60
C GLY C 161 -0.97 -40.59 -2.39
N GLY C 162 -0.06 -41.31 -1.73
CA GLY C 162 1.12 -41.80 -2.41
C GLY C 162 2.31 -40.89 -2.62
N ALA C 163 3.44 -41.52 -2.93
CA ALA C 163 4.69 -40.80 -3.18
C ALA C 163 4.64 -40.11 -4.53
N VAL C 164 5.28 -38.94 -4.62
CA VAL C 164 5.35 -38.22 -5.88
C VAL C 164 6.79 -38.24 -6.40
N ARG C 165 7.62 -39.02 -5.72
CA ARG C 165 9.01 -39.21 -6.10
C ARG C 165 9.43 -40.58 -5.56
N ASP C 166 10.35 -41.25 -6.24
CA ASP C 166 10.78 -42.58 -5.83
C ASP C 166 11.72 -42.60 -4.64
N GLU C 167 12.35 -41.47 -4.35
CA GLU C 167 13.26 -41.39 -3.21
C GLU C 167 13.32 -39.97 -2.70
N ILE C 168 13.68 -39.84 -1.43
CA ILE C 168 13.84 -38.54 -0.79
C ILE C 168 15.33 -38.25 -0.82
N GLN C 169 15.71 -37.07 -1.29
CA GLN C 169 17.12 -36.70 -1.30
C GLN C 169 17.32 -35.75 -0.14
N PHE C 170 18.43 -35.93 0.59
CA PHE C 170 18.72 -35.14 1.79
C PHE C 170 19.93 -34.23 1.75
N TYR C 171 19.88 -33.18 2.56
CA TYR C 171 21.01 -32.30 2.76
C TYR C 171 21.29 -32.61 4.23
N ALA C 172 22.53 -32.44 4.69
CA ALA C 172 22.86 -32.74 6.08
C ALA C 172 23.19 -31.50 6.89
N THR C 173 22.69 -31.46 8.13
CA THR C 173 22.94 -30.35 9.01
C THR C 173 23.97 -30.78 10.05
N GLY C 174 25.06 -30.02 10.15
CA GLY C 174 26.11 -30.34 11.08
C GLY C 174 27.36 -29.54 10.77
N ALA C 175 28.43 -29.80 11.51
CA ALA C 175 29.68 -29.07 11.33
C ALA C 175 30.58 -29.58 10.20
N ARG C 176 30.20 -30.68 9.56
CA ARG C 176 31.04 -31.22 8.49
C ARG C 176 30.38 -31.42 7.11
N PRO C 177 30.10 -30.31 6.40
CA PRO C 177 29.49 -30.44 5.07
C PRO C 177 30.37 -31.28 4.15
N ASP C 178 31.68 -31.21 4.37
CA ASP C 178 32.61 -31.97 3.55
C ASP C 178 32.42 -33.48 3.74
N LEU C 179 32.21 -33.93 4.97
CA LEU C 179 31.99 -35.35 5.21
C LEU C 179 30.62 -35.75 4.67
N ALA C 180 29.65 -34.82 4.76
CA ALA C 180 28.31 -35.09 4.26
C ALA C 180 28.34 -35.33 2.76
N LYS C 181 29.17 -34.55 2.05
CA LYS C 181 29.28 -34.71 0.61
C LYS C 181 29.76 -36.12 0.30
N GLU C 182 30.74 -36.59 1.06
CA GLU C 182 31.28 -37.93 0.88
C GLU C 182 30.19 -38.98 1.09
N MET C 183 29.30 -38.73 2.03
CA MET C 183 28.22 -39.67 2.32
C MET C 183 27.11 -39.67 1.28
N GLY C 184 27.15 -38.71 0.36
CA GLY C 184 26.15 -38.66 -0.69
C GLY C 184 25.05 -37.62 -0.55
N PHE C 185 25.11 -36.80 0.50
CA PHE C 185 24.11 -35.76 0.69
C PHE C 185 24.24 -34.70 -0.41
N ILE C 186 23.16 -33.97 -0.66
CA ILE C 186 23.17 -32.96 -1.71
C ILE C 186 23.62 -31.58 -1.24
N GLY C 187 23.81 -31.43 0.07
CA GLY C 187 24.24 -30.16 0.61
C GLY C 187 24.51 -30.26 2.09
N GLY C 188 25.05 -29.20 2.66
CA GLY C 188 25.33 -29.20 4.08
C GLY C 188 25.01 -27.85 4.71
N LYS C 189 24.24 -27.89 5.78
CA LYS C 189 23.86 -26.68 6.49
C LYS C 189 24.68 -26.63 7.77
N MET C 190 25.38 -25.51 7.97
CA MET C 190 26.22 -25.32 9.15
C MET C 190 25.62 -24.28 10.08
N PRO C 191 25.86 -24.43 11.39
CA PRO C 191 25.33 -23.47 12.36
C PRO C 191 26.28 -22.28 12.44
N THR C 192 25.75 -21.10 12.74
CA THR C 192 26.62 -19.93 12.90
C THR C 192 27.16 -20.06 14.32
N HIS C 193 28.35 -19.55 14.55
CA HIS C 193 28.96 -19.64 15.89
C HIS C 193 29.06 -18.29 16.57
N TRP C 194 28.87 -17.22 15.81
CA TRP C 194 28.95 -15.87 16.35
C TRP C 194 27.66 -15.10 16.13
N GLY C 195 27.45 -14.06 16.94
CA GLY C 195 26.24 -13.27 16.83
C GLY C 195 26.46 -11.77 16.76
N PRO C 196 25.36 -10.98 16.80
CA PRO C 196 25.42 -9.52 16.74
C PRO C 196 26.48 -8.88 17.65
N HIS C 197 26.59 -9.38 18.87
CA HIS C 197 27.56 -8.85 19.82
C HIS C 197 29.00 -9.04 19.36
N ASP C 198 29.21 -9.92 18.38
CA ASP C 198 30.55 -10.17 17.86
C ASP C 198 30.87 -9.25 16.68
N GLY C 199 29.86 -8.54 16.20
CA GLY C 199 30.05 -7.61 15.10
C GLY C 199 30.73 -8.11 13.84
N ASP C 200 31.55 -7.24 13.25
CA ASP C 200 32.25 -7.57 12.01
C ASP C 200 33.15 -8.81 12.13
N ALA C 201 33.75 -9.02 13.30
CA ALA C 201 34.61 -10.18 13.51
C ALA C 201 33.78 -11.45 13.40
N GLY C 202 32.58 -11.41 13.97
CA GLY C 202 31.69 -12.56 13.94
C GLY C 202 31.28 -12.89 12.51
N ILE C 203 30.95 -11.86 11.74
CA ILE C 203 30.55 -12.05 10.36
C ILE C 203 31.71 -12.63 9.55
N ARG C 204 32.90 -12.08 9.77
CA ARG C 204 34.09 -12.55 9.06
C ARG C 204 34.36 -14.02 9.35
N LYS C 205 34.24 -14.42 10.61
CA LYS C 205 34.50 -15.80 10.99
C LYS C 205 33.50 -16.81 10.43
N ASP C 206 32.20 -16.53 10.53
CA ASP C 206 31.24 -17.47 9.99
C ASP C 206 31.29 -17.48 8.46
N ALA C 207 31.58 -16.34 7.84
CA ALA C 207 31.67 -16.28 6.38
C ALA C 207 32.90 -17.08 5.94
N ALA C 208 33.97 -17.02 6.73
CA ALA C 208 35.20 -17.74 6.40
C ALA C 208 34.92 -19.24 6.50
N MET C 209 34.09 -19.62 7.46
CA MET C 209 33.71 -21.02 7.64
C MET C 209 33.02 -21.50 6.38
N VAL C 210 32.13 -20.68 5.84
CA VAL C 210 31.40 -21.02 4.62
C VAL C 210 32.35 -21.09 3.42
N ALA C 211 33.23 -20.10 3.29
CA ALA C 211 34.18 -20.06 2.20
C ALA C 211 35.05 -21.32 2.19
N ASP C 212 35.48 -21.75 3.36
CA ASP C 212 36.31 -22.93 3.50
C ASP C 212 35.58 -24.18 2.99
N MET C 213 34.32 -24.35 3.40
CA MET C 213 33.55 -25.49 2.96
C MET C 213 33.22 -25.44 1.46
N ARG C 214 33.07 -24.24 0.91
CA ARG C 214 32.78 -24.11 -0.51
C ARG C 214 34.00 -24.61 -1.28
N GLU C 215 35.18 -24.27 -0.76
CA GLU C 215 36.43 -24.67 -1.36
C GLU C 215 36.54 -26.20 -1.34
N LYS C 216 36.21 -26.79 -0.20
CA LYS C 216 36.27 -28.23 -0.03
C LYS C 216 35.17 -29.04 -0.73
N CYS C 217 33.98 -28.47 -0.86
CA CYS C 217 32.86 -29.19 -1.46
C CYS C 217 32.53 -28.93 -2.93
N GLY C 218 33.11 -27.89 -3.51
CA GLY C 218 32.81 -27.60 -4.90
C GLY C 218 31.60 -26.71 -5.04
N PRO C 219 31.27 -26.25 -6.25
CA PRO C 219 30.13 -25.36 -6.52
C PRO C 219 28.71 -25.94 -6.51
N ASP C 220 28.56 -27.22 -6.83
CA ASP C 220 27.22 -27.80 -6.89
C ASP C 220 26.64 -28.35 -5.59
N PHE C 221 27.51 -28.62 -4.62
CA PHE C 221 27.06 -29.11 -3.32
C PHE C 221 26.54 -27.89 -2.56
N TRP C 222 25.27 -27.90 -2.16
CA TRP C 222 24.70 -26.76 -1.46
C TRP C 222 25.30 -26.50 -0.09
N LEU C 223 25.37 -25.23 0.29
CA LEU C 223 25.85 -24.82 1.60
C LEU C 223 24.81 -23.85 2.14
N MET C 224 24.45 -24.01 3.41
CA MET C 224 23.46 -23.14 4.05
C MET C 224 23.93 -22.81 5.46
N LEU C 225 23.35 -21.74 6.03
CA LEU C 225 23.68 -21.34 7.40
C LEU C 225 22.43 -21.34 8.26
N ASP C 226 22.53 -21.96 9.44
CA ASP C 226 21.43 -21.98 10.39
C ASP C 226 21.83 -20.98 11.48
N CYS C 227 20.96 -20.02 11.76
CA CYS C 227 21.26 -18.97 12.74
C CYS C 227 20.49 -19.07 14.06
N TRP C 228 19.72 -20.13 14.22
CA TRP C 228 18.92 -20.40 15.42
C TRP C 228 18.44 -19.19 16.23
N MET C 229 17.62 -18.35 15.59
CA MET C 229 17.01 -17.19 16.23
C MET C 229 17.96 -16.20 16.90
N SER C 230 19.26 -16.29 16.58
CA SER C 230 20.28 -15.48 17.23
C SER C 230 20.63 -14.08 16.73
N GLN C 231 20.03 -13.62 15.64
CA GLN C 231 20.44 -12.32 15.11
C GLN C 231 19.34 -11.25 15.09
N ASP C 232 19.63 -10.15 14.40
CA ASP C 232 18.67 -9.07 14.21
C ASP C 232 18.77 -8.77 12.71
N VAL C 233 17.88 -7.94 12.20
CA VAL C 233 17.89 -7.67 10.77
C VAL C 233 19.22 -7.19 10.19
N ASN C 234 19.85 -6.22 10.84
CA ASN C 234 21.11 -5.69 10.33
C ASN C 234 22.23 -6.73 10.27
N TYR C 235 22.43 -7.47 11.36
CA TYR C 235 23.48 -8.47 11.39
C TYR C 235 23.22 -9.56 10.35
N ALA C 236 21.97 -10.02 10.26
CA ALA C 236 21.61 -11.05 9.30
C ALA C 236 21.85 -10.54 7.88
N THR C 237 21.53 -9.28 7.63
CA THR C 237 21.74 -8.69 6.32
C THR C 237 23.23 -8.67 5.98
N LYS C 238 24.04 -8.22 6.93
CA LYS C 238 25.48 -8.17 6.71
C LYS C 238 26.06 -9.56 6.45
N LEU C 239 25.63 -10.54 7.25
CA LEU C 239 26.13 -11.90 7.08
C LEU C 239 25.73 -12.49 5.73
N ALA C 240 24.47 -12.29 5.34
CA ALA C 240 24.00 -12.81 4.06
C ALA C 240 24.82 -12.27 2.91
N HIS C 241 25.07 -10.96 2.92
CA HIS C 241 25.85 -10.34 1.86
C HIS C 241 27.31 -10.79 1.90
N ALA C 242 27.82 -11.05 3.10
CA ALA C 242 29.20 -11.51 3.24
C ALA C 242 29.35 -12.93 2.68
N CYS C 243 28.25 -13.68 2.67
CA CYS C 243 28.28 -15.06 2.16
C CYS C 243 27.84 -15.19 0.71
N ALA C 244 27.36 -14.09 0.12
CA ALA C 244 26.89 -14.12 -1.26
C ALA C 244 27.95 -14.59 -2.26
N PRO C 245 29.22 -14.17 -2.10
CA PRO C 245 30.28 -14.60 -3.03
C PRO C 245 30.46 -16.12 -3.11
N PHE C 246 30.00 -16.83 -2.08
CA PHE C 246 30.15 -18.28 -2.02
C PHE C 246 28.86 -19.02 -2.36
N ASN C 247 27.90 -18.29 -2.89
CA ASN C 247 26.61 -18.84 -3.27
C ASN C 247 25.91 -19.62 -2.15
N LEU C 248 25.81 -19.00 -0.98
CA LEU C 248 25.13 -19.64 0.14
C LEU C 248 23.69 -19.79 -0.35
N LYS C 249 23.14 -21.00 -0.32
CA LYS C 249 21.79 -21.24 -0.82
C LYS C 249 20.73 -20.52 0.01
N TRP C 250 20.85 -20.57 1.33
CA TRP C 250 19.89 -19.87 2.18
C TRP C 250 20.44 -19.61 3.57
N ILE C 251 19.83 -18.64 4.25
CA ILE C 251 20.23 -18.29 5.61
C ILE C 251 18.95 -18.52 6.41
N GLU C 252 19.05 -19.41 7.40
CA GLU C 252 17.90 -19.85 8.17
C GLU C 252 17.67 -19.35 9.60
N GLU C 253 16.40 -19.10 9.89
CA GLU C 253 15.92 -18.64 11.17
C GLU C 253 16.82 -17.59 11.85
N CYS C 254 17.05 -16.50 11.14
CA CYS C 254 17.88 -15.42 11.69
C CYS C 254 17.25 -14.73 12.89
N LEU C 255 15.92 -14.72 12.93
CA LEU C 255 15.20 -14.02 13.98
C LEU C 255 14.23 -14.84 14.83
N PRO C 256 13.93 -14.35 16.05
CA PRO C 256 12.99 -15.05 16.93
C PRO C 256 11.68 -15.19 16.12
N PRO C 257 10.89 -16.22 16.40
CA PRO C 257 9.63 -16.45 15.68
C PRO C 257 8.57 -15.35 15.59
N GLN C 258 8.43 -14.54 16.63
CA GLN C 258 7.42 -13.47 16.62
C GLN C 258 7.75 -12.32 15.66
N GLN C 259 9.01 -12.22 15.25
CA GLN C 259 9.43 -11.13 14.39
C GLN C 259 9.12 -11.22 12.91
N TYR C 260 7.83 -11.33 12.59
CA TYR C 260 7.37 -11.44 11.21
C TYR C 260 7.77 -10.20 10.41
N GLU C 261 7.60 -9.03 11.02
CA GLU C 261 7.94 -7.78 10.35
C GLU C 261 9.43 -7.76 9.99
N GLY C 262 10.26 -8.28 10.90
CA GLY C 262 11.69 -8.33 10.66
C GLY C 262 12.02 -9.29 9.52
N TYR C 263 11.32 -10.42 9.46
CA TYR C 263 11.57 -11.38 8.38
C TYR C 263 11.22 -10.76 7.04
N ARG C 264 10.15 -9.98 6.99
CA ARG C 264 9.76 -9.34 5.75
C ARG C 264 10.88 -8.39 5.29
N GLU C 265 11.42 -7.61 6.21
CA GLU C 265 12.50 -6.69 5.87
C GLU C 265 13.78 -7.43 5.49
N LEU C 266 14.11 -8.48 6.22
CA LEU C 266 15.31 -9.26 5.92
C LEU C 266 15.23 -9.86 4.51
N LYS C 267 14.08 -10.42 4.15
CA LYS C 267 13.91 -11.01 2.83
C LYS C 267 14.10 -9.93 1.76
N ARG C 268 13.61 -8.73 2.02
CA ARG C 268 13.76 -7.64 1.07
C ARG C 268 15.24 -7.24 0.92
N ASN C 269 16.00 -7.35 2.00
CA ASN C 269 17.42 -6.99 1.99
C ASN C 269 18.36 -8.09 1.51
N ALA C 270 17.84 -9.29 1.33
CA ALA C 270 18.68 -10.43 0.93
C ALA C 270 19.34 -10.32 -0.44
N PRO C 271 20.56 -10.85 -0.57
CA PRO C 271 21.28 -10.81 -1.85
C PRO C 271 20.41 -11.50 -2.90
N ALA C 272 20.48 -11.03 -4.14
CA ALA C 272 19.67 -11.61 -5.21
C ALA C 272 19.92 -13.11 -5.33
N GLY C 273 18.82 -13.88 -5.36
CA GLY C 273 18.95 -15.32 -5.50
C GLY C 273 19.14 -16.10 -4.21
N MET C 274 19.52 -15.43 -3.12
CA MET C 274 19.73 -16.11 -1.85
C MET C 274 18.41 -16.20 -1.11
N MET C 275 18.08 -17.39 -0.60
CA MET C 275 16.83 -17.57 0.11
C MET C 275 16.91 -17.31 1.60
N VAL C 276 15.77 -16.94 2.18
CA VAL C 276 15.64 -16.66 3.60
C VAL C 276 14.59 -17.66 4.08
N THR C 277 14.90 -18.39 5.14
CA THR C 277 13.97 -19.40 5.65
C THR C 277 13.75 -19.30 7.15
N SER C 278 12.73 -20.00 7.63
CA SER C 278 12.39 -20.04 9.05
C SER C 278 11.19 -20.95 9.22
N GLY C 279 10.71 -21.10 10.44
CA GLY C 279 9.53 -21.92 10.67
C GLY C 279 9.61 -23.08 11.64
N GLU C 280 10.80 -23.60 11.92
CA GLU C 280 10.89 -24.74 12.82
C GLU C 280 10.30 -24.50 14.21
N HIS C 281 10.29 -23.25 14.66
CA HIS C 281 9.73 -22.95 15.97
C HIS C 281 8.31 -22.40 15.94
N HIS C 282 7.75 -22.24 14.73
CA HIS C 282 6.39 -21.74 14.60
C HIS C 282 5.38 -22.88 14.77
N GLY C 283 4.17 -22.52 15.17
CA GLY C 283 3.12 -23.52 15.37
C GLY C 283 1.76 -22.99 14.96
N THR C 284 0.88 -23.91 14.58
CA THR C 284 -0.49 -23.61 14.13
C THR C 284 -0.49 -23.09 12.69
N LEU C 285 -1.50 -23.51 11.93
CA LEU C 285 -1.61 -23.10 10.54
C LEU C 285 -1.66 -21.59 10.37
N GLN C 286 -2.37 -20.90 11.28
CA GLN C 286 -2.49 -19.45 11.20
C GLN C 286 -1.15 -18.73 11.33
N SER C 287 -0.26 -19.23 12.18
CA SER C 287 1.05 -18.59 12.32
C SER C 287 1.82 -18.74 11.02
N PHE C 288 1.68 -19.90 10.37
CA PHE C 288 2.37 -20.12 9.11
C PHE C 288 1.78 -19.26 7.98
N ARG C 289 0.51 -18.89 8.10
CA ARG C 289 -0.14 -18.02 7.14
C ARG C 289 0.59 -16.68 7.22
N THR C 290 0.78 -16.20 8.44
CA THR C 290 1.47 -14.94 8.69
C THR C 290 2.93 -15.03 8.25
N LEU C 291 3.59 -16.13 8.60
CA LEU C 291 4.99 -16.30 8.22
C LEU C 291 5.14 -16.31 6.69
N ALA C 292 4.26 -17.03 6.01
CA ALA C 292 4.29 -17.12 4.56
C ALA C 292 4.16 -15.74 3.92
N GLU C 293 3.30 -14.90 4.49
CA GLU C 293 3.08 -13.58 3.93
C GLU C 293 4.25 -12.60 4.10
N THR C 294 5.27 -12.99 4.87
CA THR C 294 6.43 -12.12 5.04
C THR C 294 7.26 -12.20 3.76
N GLY C 295 7.00 -13.23 2.95
CA GLY C 295 7.73 -13.39 1.71
C GLY C 295 8.93 -14.31 1.76
N ILE C 296 9.22 -14.93 2.92
CA ILE C 296 10.36 -15.82 3.00
C ILE C 296 10.16 -16.97 2.02
N ASP C 297 11.26 -17.53 1.54
CA ASP C 297 11.25 -18.59 0.54
C ASP C 297 10.79 -19.98 0.94
N ILE C 298 11.22 -20.43 2.11
CA ILE C 298 10.89 -21.78 2.55
C ILE C 298 10.50 -21.79 4.02
N MET C 299 9.38 -22.43 4.32
CA MET C 299 8.93 -22.57 5.70
C MET C 299 9.38 -23.96 6.12
N GLN C 300 9.91 -24.05 7.34
CA GLN C 300 10.47 -25.30 7.83
C GLN C 300 9.88 -25.84 9.13
N PRO C 301 8.58 -26.13 9.14
CA PRO C 301 7.97 -26.64 10.37
C PRO C 301 8.56 -27.99 10.76
N ASP C 302 8.60 -28.28 12.06
CA ASP C 302 9.04 -29.57 12.53
C ASP C 302 7.71 -30.29 12.70
N VAL C 303 7.57 -31.48 12.11
CA VAL C 303 6.31 -32.20 12.19
C VAL C 303 5.86 -32.45 13.64
N GLY C 304 6.83 -32.66 14.53
CA GLY C 304 6.51 -32.91 15.91
C GLY C 304 6.34 -31.66 16.75
N TRP C 305 6.51 -30.48 16.15
CA TRP C 305 6.36 -29.24 16.90
C TRP C 305 5.31 -28.27 16.34
N CYS C 306 5.07 -28.35 15.03
CA CYS C 306 4.13 -27.43 14.37
C CYS C 306 2.65 -27.69 14.60
N GLY C 307 2.32 -28.88 15.09
CA GLY C 307 0.93 -29.23 15.31
C GLY C 307 0.68 -30.67 14.89
N GLY C 308 1.66 -31.27 14.22
CA GLY C 308 1.53 -32.65 13.79
C GLY C 308 1.45 -32.81 12.28
N LEU C 309 1.22 -34.04 11.83
CA LEU C 309 1.11 -34.32 10.40
C LEU C 309 -0.11 -33.61 9.83
N THR C 310 -1.19 -33.60 10.60
CA THR C 310 -2.42 -32.95 10.15
C THR C 310 -2.16 -31.48 9.78
N THR C 311 -1.38 -30.80 10.62
CA THR C 311 -1.05 -29.41 10.37
C THR C 311 -0.01 -29.29 9.25
N LEU C 312 0.97 -30.18 9.24
CA LEU C 312 2.00 -30.14 8.20
C LEU C 312 1.41 -30.19 6.81
N VAL C 313 0.44 -31.08 6.60
CA VAL C 313 -0.18 -31.20 5.29
C VAL C 313 -0.85 -29.88 4.89
N GLU C 314 -1.44 -29.19 5.85
CA GLU C 314 -2.09 -27.92 5.57
C GLU C 314 -1.06 -26.86 5.21
N ILE C 315 0.06 -26.87 5.95
CA ILE C 315 1.13 -25.91 5.69
C ILE C 315 1.69 -26.13 4.28
N ALA C 316 1.81 -27.40 3.87
CA ALA C 316 2.34 -27.71 2.54
C ALA C 316 1.43 -27.11 1.47
N ALA C 317 0.13 -27.19 1.68
CA ALA C 317 -0.84 -26.65 0.71
C ALA C 317 -0.73 -25.13 0.66
N LEU C 318 -0.57 -24.52 1.83
CA LEU C 318 -0.43 -23.07 1.93
C LEU C 318 0.76 -22.63 1.08
N ALA C 319 1.91 -23.26 1.32
CA ALA C 319 3.12 -22.92 0.56
C ALA C 319 2.94 -23.20 -0.93
N LYS C 320 2.34 -24.34 -1.24
CA LYS C 320 2.14 -24.71 -2.64
C LYS C 320 1.24 -23.70 -3.35
N SER C 321 0.22 -23.20 -2.65
CA SER C 321 -0.70 -22.24 -3.25
C SER C 321 0.04 -20.96 -3.64
N ARG C 322 1.15 -20.68 -2.96
CA ARG C 322 1.94 -19.48 -3.23
C ARG C 322 3.13 -19.78 -4.15
N GLY C 323 3.19 -21.02 -4.63
CA GLY C 323 4.26 -21.43 -5.51
C GLY C 323 5.60 -21.57 -4.81
N GLN C 324 5.55 -21.83 -3.51
CA GLN C 324 6.76 -21.97 -2.70
C GLN C 324 6.97 -23.38 -2.16
N LEU C 325 8.13 -23.60 -1.55
CA LEU C 325 8.49 -24.91 -1.00
C LEU C 325 8.34 -24.99 0.51
N VAL C 326 8.17 -26.22 0.99
CA VAL C 326 8.08 -26.49 2.41
C VAL C 326 9.11 -27.59 2.63
N VAL C 327 10.06 -27.33 3.53
CA VAL C 327 11.10 -28.31 3.83
C VAL C 327 11.17 -28.43 5.34
N PRO C 328 10.48 -29.43 5.91
CA PRO C 328 10.43 -29.68 7.35
C PRO C 328 11.79 -29.78 8.04
N HIS C 329 11.77 -29.45 9.32
CA HIS C 329 12.95 -29.54 10.17
C HIS C 329 13.04 -30.96 10.75
N GLY C 330 14.16 -31.64 10.51
CA GLY C 330 14.37 -32.99 11.00
C GLY C 330 13.15 -33.89 10.87
N SER C 331 12.69 -34.43 11.99
CA SER C 331 11.49 -35.26 12.08
C SER C 331 11.53 -36.73 11.62
N SER C 332 12.61 -37.15 10.99
CA SER C 332 12.73 -38.55 10.58
C SER C 332 11.49 -39.07 9.81
N VAL C 333 11.03 -40.26 10.17
CA VAL C 333 9.87 -40.88 9.50
C VAL C 333 8.60 -40.04 9.51
N TYR C 334 8.42 -39.21 10.53
CA TYR C 334 7.23 -38.37 10.62
C TYR C 334 7.21 -37.36 9.49
N SER C 335 8.40 -37.00 9.00
CA SER C 335 8.50 -36.09 7.87
C SER C 335 8.51 -36.88 6.56
N HIS C 336 9.32 -37.94 6.53
CA HIS C 336 9.44 -38.78 5.33
C HIS C 336 8.12 -39.19 4.70
N HIS C 337 7.23 -39.77 5.51
CA HIS C 337 5.93 -40.23 5.01
C HIS C 337 5.07 -39.10 4.47
N ALA C 338 5.31 -37.89 4.94
CA ALA C 338 4.55 -36.74 4.48
C ALA C 338 5.17 -36.11 3.24
N VAL C 339 6.42 -35.69 3.36
CA VAL C 339 7.12 -35.01 2.26
C VAL C 339 7.34 -35.82 0.99
N ILE C 340 7.38 -37.15 1.10
CA ILE C 340 7.57 -37.94 -0.11
C ILE C 340 6.31 -37.81 -0.98
N THR C 341 5.23 -37.27 -0.41
CA THR C 341 3.98 -37.09 -1.15
C THR C 341 3.76 -35.63 -1.53
N PHE C 342 4.68 -34.75 -1.14
CA PHE C 342 4.55 -33.32 -1.44
C PHE C 342 5.34 -32.93 -2.68
N THR C 343 4.66 -32.40 -3.68
CA THR C 343 5.35 -31.98 -4.89
C THR C 343 6.29 -30.82 -4.59
N ASN C 344 5.96 -30.03 -3.56
CA ASN C 344 6.79 -28.89 -3.20
C ASN C 344 7.79 -29.10 -2.07
N THR C 345 8.25 -30.34 -1.90
CA THR C 345 9.28 -30.65 -0.92
C THR C 345 10.26 -31.51 -1.70
N PRO C 346 11.04 -30.88 -2.61
CA PRO C 346 12.02 -31.56 -3.46
C PRO C 346 13.23 -32.19 -2.74
N PHE C 347 13.43 -31.82 -1.48
CA PHE C 347 14.52 -32.36 -0.69
C PHE C 347 14.18 -32.25 0.79
N SER C 348 14.87 -33.01 1.63
CA SER C 348 14.60 -33.00 3.06
C SER C 348 15.88 -32.81 3.89
N GLU C 349 15.68 -32.61 5.18
CA GLU C 349 16.81 -32.43 6.10
C GLU C 349 17.11 -33.64 6.96
N PHE C 350 18.42 -33.88 7.16
CA PHE C 350 18.88 -34.93 8.04
C PHE C 350 19.79 -34.20 9.02
N LEU C 351 19.35 -34.08 10.27
CA LEU C 351 20.11 -33.39 11.30
C LEU C 351 21.05 -34.37 12.00
N MET C 352 22.35 -34.19 11.79
CA MET C 352 23.37 -35.06 12.37
C MET C 352 23.30 -35.20 13.89
N THR C 353 23.05 -36.41 14.36
CA THR C 353 23.01 -36.68 15.80
C THR C 353 24.37 -37.26 16.19
N SER C 354 25.16 -37.58 15.16
CA SER C 354 26.51 -38.10 15.36
C SER C 354 27.30 -36.93 15.95
N PRO C 355 27.95 -37.15 17.11
CA PRO C 355 28.73 -36.09 17.78
C PRO C 355 29.69 -35.32 16.89
N ASP C 356 30.38 -36.02 16.00
CA ASP C 356 31.32 -35.36 15.10
C ASP C 356 30.89 -35.37 13.64
N CYS C 357 29.62 -35.65 13.40
CA CYS C 357 29.06 -35.65 12.05
C CYS C 357 29.78 -36.57 11.07
N SER C 358 30.33 -37.67 11.58
CA SER C 358 31.06 -38.59 10.72
C SER C 358 30.29 -39.87 10.41
N THR C 359 29.19 -40.11 11.10
CA THR C 359 28.40 -41.31 10.86
C THR C 359 26.92 -41.02 10.73
N LEU C 360 26.18 -42.02 10.25
CA LEU C 360 24.75 -41.87 10.06
C LEU C 360 23.92 -42.35 11.26
N ARG C 361 24.24 -41.85 12.44
CA ARG C 361 23.49 -42.20 13.63
C ARG C 361 22.05 -41.77 13.32
N PRO C 362 21.07 -42.65 13.57
CA PRO C 362 19.68 -42.27 13.28
C PRO C 362 19.20 -40.98 13.93
N GLN C 363 18.32 -40.28 13.21
CA GLN C 363 17.76 -38.99 13.63
C GLN C 363 17.23 -38.97 15.07
N PHE C 364 16.51 -40.01 15.47
CA PHE C 364 15.95 -40.07 16.82
C PHE C 364 16.58 -41.17 17.67
N ASP C 365 17.82 -41.53 17.35
CA ASP C 365 18.52 -42.57 18.11
C ASP C 365 18.46 -42.24 19.60
N PRO C 366 18.15 -43.23 20.46
CA PRO C 366 17.85 -44.62 20.12
C PRO C 366 16.40 -45.03 20.42
N ILE C 367 15.51 -44.05 20.57
CA ILE C 367 14.13 -44.35 20.91
C ILE C 367 13.30 -45.08 19.85
N LEU C 368 13.73 -45.00 18.59
CA LEU C 368 13.00 -45.65 17.50
C LEU C 368 13.70 -46.90 16.97
N LEU C 369 13.01 -48.04 17.02
CA LEU C 369 13.56 -49.29 16.53
C LEU C 369 13.42 -49.36 15.02
N ASP C 370 14.47 -49.83 14.35
CA ASP C 370 14.46 -49.95 12.89
C ASP C 370 14.22 -48.62 12.19
N GLU C 371 14.79 -47.55 12.74
CA GLU C 371 14.64 -46.23 12.15
C GLU C 371 15.49 -46.14 10.89
N PRO C 372 14.86 -45.82 9.75
CA PRO C 372 15.67 -45.73 8.54
C PRO C 372 16.60 -44.52 8.54
N VAL C 373 17.72 -44.65 7.83
CA VAL C 373 18.68 -43.56 7.69
C VAL C 373 19.03 -43.47 6.22
N PRO C 374 19.47 -42.29 5.76
CA PRO C 374 19.82 -42.14 4.35
C PRO C 374 20.94 -43.09 3.92
N VAL C 375 20.82 -43.59 2.70
CA VAL C 375 21.81 -44.47 2.09
C VAL C 375 22.23 -43.66 0.88
N ASN C 376 23.50 -43.29 0.81
CA ASN C 376 24.00 -42.46 -0.29
C ASN C 376 23.20 -41.14 -0.32
N GLY C 377 22.85 -40.65 0.86
CA GLY C 377 22.11 -39.40 0.99
C GLY C 377 20.65 -39.45 0.56
N ARG C 378 20.10 -40.65 0.44
CA ARG C 378 18.72 -40.80 0.02
C ARG C 378 17.99 -41.92 0.73
N ILE C 379 16.66 -41.84 0.74
CA ILE C 379 15.82 -42.88 1.33
C ILE C 379 14.79 -43.23 0.26
N HIS C 380 14.88 -44.45 -0.27
CA HIS C 380 13.97 -44.91 -1.31
C HIS C 380 12.58 -45.16 -0.71
N LYS C 381 11.53 -44.92 -1.49
CA LYS C 381 10.19 -45.11 -0.96
C LYS C 381 9.93 -46.53 -0.44
N SER C 382 10.60 -47.52 -1.02
CA SER C 382 10.41 -48.90 -0.57
C SER C 382 10.83 -49.07 0.89
N VAL C 383 11.75 -48.23 1.35
CA VAL C 383 12.20 -48.29 2.74
C VAL C 383 11.05 -47.93 3.67
N LEU C 384 10.10 -47.14 3.16
CA LEU C 384 8.96 -46.69 3.94
C LEU C 384 7.74 -47.61 3.83
N ASP C 385 7.89 -48.73 3.12
CA ASP C 385 6.77 -49.63 2.94
C ASP C 385 6.48 -50.53 4.14
N LYS C 386 6.10 -49.88 5.25
CA LYS C 386 5.75 -50.56 6.48
C LYS C 386 4.54 -49.80 7.04
N PRO C 387 3.70 -50.45 7.86
CA PRO C 387 2.50 -49.84 8.45
C PRO C 387 2.77 -48.57 9.27
N GLY C 388 1.87 -47.60 9.16
CA GLY C 388 2.03 -46.36 9.91
C GLY C 388 3.31 -45.66 9.52
N PHE C 389 4.09 -45.24 10.52
CA PHE C 389 5.36 -44.58 10.24
C PHE C 389 6.49 -45.60 10.19
N GLY C 390 6.11 -46.87 10.17
CA GLY C 390 7.05 -47.98 10.05
C GLY C 390 8.08 -48.32 11.12
N VAL C 391 7.95 -47.77 12.31
CA VAL C 391 8.91 -48.08 13.37
C VAL C 391 8.25 -48.59 14.63
N GLU C 392 9.07 -49.07 15.56
CA GLU C 392 8.57 -49.56 16.83
C GLU C 392 9.28 -48.84 17.97
N LEU C 393 8.61 -48.76 19.13
CA LEU C 393 9.16 -48.08 20.29
C LEU C 393 10.23 -48.92 20.99
N ASN C 394 11.40 -48.33 21.21
CA ASN C 394 12.48 -49.05 21.88
C ASN C 394 12.23 -49.00 23.38
N ARG C 395 11.59 -50.04 23.91
CA ARG C 395 11.31 -50.06 25.33
C ARG C 395 12.49 -50.46 26.21
N ASP C 396 13.68 -50.59 25.62
CA ASP C 396 14.86 -50.89 26.40
C ASP C 396 15.37 -49.59 27.00
N CYS C 397 14.82 -48.48 26.52
CA CYS C 397 15.19 -47.18 27.05
C CYS C 397 14.43 -47.13 28.37
N HIS C 398 14.96 -46.42 29.36
CA HIS C 398 14.29 -46.38 30.65
C HIS C 398 13.13 -45.39 30.65
N LEU C 399 12.04 -45.76 30.00
CA LEU C 399 10.86 -44.89 29.94
C LEU C 399 10.23 -44.70 31.31
N LYS C 400 9.86 -43.45 31.59
CA LYS C 400 9.24 -43.09 32.86
C LYS C 400 7.80 -42.68 32.60
N ARG C 401 6.90 -43.08 33.49
CA ARG C 401 5.49 -42.75 33.36
C ARG C 401 5.11 -41.93 34.60
N PRO C 402 5.32 -40.61 34.55
CA PRO C 402 5.02 -39.71 35.66
C PRO C 402 3.56 -39.55 36.06
N TYR C 403 2.65 -39.75 35.11
CA TYR C 403 1.22 -39.59 35.38
C TYR C 403 0.37 -40.75 34.87
N SER C 404 -0.80 -40.91 35.47
CA SER C 404 -1.75 -41.96 35.10
C SER C 404 -3.15 -41.37 35.17
N HIS C 405 -4.13 -42.08 34.62
CA HIS C 405 -5.52 -41.63 34.65
C HIS C 405 -6.45 -42.82 34.49
N MET D 1 27.96 12.36 48.84
CA MET D 1 26.72 11.53 48.78
C MET D 1 26.79 10.31 49.69
N GLU D 2 25.64 9.98 50.28
CA GLU D 2 25.56 8.83 51.18
C GLU D 2 25.76 7.53 50.41
N ASN D 3 26.23 6.51 51.11
CA ASN D 3 26.42 5.22 50.49
C ASN D 3 25.04 4.66 50.19
N ILE D 4 24.91 3.98 49.06
CA ILE D 4 23.61 3.44 48.69
C ILE D 4 23.16 2.32 49.62
N MET D 5 21.86 2.08 49.62
CA MET D 5 21.25 1.02 50.40
C MET D 5 21.91 -0.28 49.95
N THR D 6 22.25 -1.15 50.90
CA THR D 6 22.86 -2.42 50.54
C THR D 6 21.74 -3.38 50.16
N LEU D 7 21.96 -4.17 49.12
CA LEU D 7 20.95 -5.12 48.65
C LEU D 7 21.49 -6.54 48.71
N PRO D 8 20.64 -7.48 49.17
CA PRO D 8 21.04 -8.88 49.26
C PRO D 8 20.93 -9.59 47.92
N LYS D 9 21.58 -10.74 47.81
CA LYS D 9 21.52 -11.53 46.58
C LYS D 9 20.36 -12.48 46.77
N ILE D 10 19.88 -13.06 45.68
CA ILE D 10 18.78 -14.02 45.74
C ILE D 10 19.36 -15.37 46.14
N LYS D 11 18.77 -16.00 47.15
CA LYS D 11 19.26 -17.28 47.62
C LYS D 11 18.52 -18.48 47.03
N HIS D 12 17.20 -18.47 47.13
CA HIS D 12 16.38 -19.56 46.62
C HIS D 12 15.17 -19.09 45.85
N VAL D 13 14.68 -19.97 44.97
CA VAL D 13 13.44 -19.72 44.24
C VAL D 13 12.70 -21.05 44.42
N ARG D 14 11.44 -20.96 44.85
CA ARG D 14 10.63 -22.15 45.09
C ARG D 14 9.29 -22.01 44.37
N ALA D 15 8.72 -23.14 43.95
CA ALA D 15 7.44 -23.12 43.26
C ALA D 15 6.45 -24.14 43.84
N TRP D 16 5.21 -23.70 44.04
CA TRP D 16 4.15 -24.55 44.56
C TRP D 16 2.94 -24.39 43.64
N PHE D 17 1.92 -25.23 43.86
CA PHE D 17 0.69 -25.12 43.09
C PHE D 17 -0.47 -25.58 43.94
N ILE D 18 -1.66 -25.12 43.57
CA ILE D 18 -2.90 -25.55 44.21
C ILE D 18 -3.88 -25.69 43.05
N GLY D 19 -4.91 -26.50 43.23
CA GLY D 19 -5.88 -26.68 42.17
C GLY D 19 -5.30 -27.44 40.99
N GLY D 20 -6.02 -27.43 39.87
CA GLY D 20 -5.53 -28.13 38.70
C GLY D 20 -5.90 -29.60 38.73
N ALA D 21 -5.60 -30.30 37.64
CA ALA D 21 -5.91 -31.71 37.50
C ALA D 21 -5.22 -32.64 38.49
N THR D 22 -4.13 -32.20 39.11
CA THR D 22 -3.43 -33.06 40.07
C THR D 22 -3.62 -32.61 41.52
N ALA D 23 -4.58 -31.73 41.74
CA ALA D 23 -4.87 -31.25 43.08
C ALA D 23 -6.39 -31.13 43.25
N GLU D 24 -6.82 -30.20 44.09
CA GLU D 24 -8.24 -30.01 44.37
C GLU D 24 -8.95 -29.09 43.39
N LYS D 25 -9.89 -29.64 42.62
CA LYS D 25 -10.64 -28.85 41.65
C LYS D 25 -11.42 -27.75 42.37
N GLY D 26 -11.44 -26.55 41.78
CA GLY D 26 -12.15 -25.43 42.38
C GLY D 26 -11.37 -24.64 43.41
N ALA D 27 -10.05 -24.79 43.41
CA ALA D 27 -9.19 -24.10 44.37
C ALA D 27 -9.15 -22.57 44.18
N GLY D 28 -9.60 -22.10 43.02
CA GLY D 28 -9.59 -20.66 42.76
C GLY D 28 -8.17 -20.12 42.67
N GLY D 29 -7.88 -19.07 43.44
CA GLY D 29 -6.54 -18.51 43.44
C GLY D 29 -6.12 -17.87 42.13
N GLY D 30 -4.94 -18.22 41.64
CA GLY D 30 -4.44 -17.64 40.40
C GLY D 30 -5.22 -18.02 39.15
N ASP D 31 -5.74 -19.24 39.11
CA ASP D 31 -6.50 -19.69 37.94
C ASP D 31 -7.96 -19.25 38.07
N TYR D 32 -8.29 -18.12 37.43
CA TYR D 32 -9.63 -17.55 37.46
C TYR D 32 -10.73 -18.57 37.17
N HIS D 33 -10.44 -19.54 36.31
CA HIS D 33 -11.42 -20.54 35.92
C HIS D 33 -11.46 -21.83 36.75
N ASP D 34 -10.62 -21.93 37.77
CA ASP D 34 -10.62 -23.14 38.59
C ASP D 34 -11.66 -22.92 39.70
N GLN D 35 -12.92 -22.92 39.30
CA GLN D 35 -14.03 -22.69 40.22
C GLN D 35 -14.89 -23.93 40.46
N GLY D 36 -15.86 -23.80 41.34
CA GLY D 36 -16.76 -24.91 41.63
C GLY D 36 -17.92 -24.87 40.67
N GLY D 37 -19.06 -25.46 41.07
CA GLY D 37 -20.23 -25.48 40.21
C GLY D 37 -21.09 -24.23 40.36
N ASN D 38 -22.08 -24.12 39.47
CA ASN D 38 -23.01 -23.00 39.49
C ASN D 38 -22.33 -21.63 39.44
N HIS D 39 -21.20 -21.56 38.75
CA HIS D 39 -20.47 -20.30 38.63
C HIS D 39 -20.76 -19.66 37.28
N TRP D 40 -21.04 -18.35 37.27
CA TRP D 40 -21.35 -17.66 36.03
C TRP D 40 -20.24 -17.82 35.00
N ILE D 41 -19.00 -17.90 35.49
CA ILE D 41 -17.85 -18.01 34.60
C ILE D 41 -17.78 -19.32 33.83
N ASP D 42 -18.70 -20.24 34.13
CA ASP D 42 -18.74 -21.52 33.44
C ASP D 42 -20.14 -21.79 32.90
N ASP D 43 -20.97 -20.77 32.88
CA ASP D 43 -22.34 -20.93 32.41
C ASP D 43 -22.55 -20.69 30.91
N HIS D 44 -22.41 -21.76 30.13
CA HIS D 44 -22.62 -21.70 28.68
C HIS D 44 -21.89 -20.52 28.03
N ILE D 45 -20.61 -20.37 28.31
CA ILE D 45 -19.80 -19.30 27.73
C ILE D 45 -19.31 -19.73 26.34
N ALA D 46 -19.48 -18.86 25.35
CA ALA D 46 -19.05 -19.19 23.99
C ALA D 46 -17.53 -19.32 23.93
N THR D 47 -17.06 -20.37 23.26
CA THR D 47 -15.63 -20.62 23.14
C THR D 47 -15.33 -21.33 21.82
N PRO D 48 -14.04 -21.56 21.52
CA PRO D 48 -13.69 -22.25 20.28
C PRO D 48 -14.21 -23.70 20.34
N MET D 49 -14.60 -24.15 21.53
CA MET D 49 -15.09 -25.52 21.72
C MET D 49 -16.60 -25.66 21.87
N SER D 50 -17.31 -24.55 22.07
CA SER D 50 -18.75 -24.62 22.28
C SER D 50 -19.55 -25.10 21.08
N LYS D 51 -18.88 -25.25 19.93
CA LYS D 51 -19.56 -25.74 18.73
C LYS D 51 -19.77 -27.26 18.89
N TYR D 52 -19.08 -27.85 19.87
CA TYR D 52 -19.21 -29.28 20.14
C TYR D 52 -20.23 -29.47 21.26
N ARG D 53 -21.24 -30.28 20.98
CA ARG D 53 -22.31 -30.53 21.94
C ARG D 53 -21.83 -30.87 23.36
N ASP D 54 -20.84 -31.76 23.47
CA ASP D 54 -20.34 -32.16 24.78
C ASP D 54 -19.55 -31.07 25.52
N TYR D 55 -19.17 -30.01 24.82
CA TYR D 55 -18.39 -28.96 25.45
C TYR D 55 -19.04 -27.59 25.34
N GLU D 56 -20.33 -27.56 25.06
CA GLU D 56 -21.05 -26.31 24.91
C GLU D 56 -21.47 -25.64 26.22
N GLN D 57 -21.97 -26.44 27.15
CA GLN D 57 -22.44 -25.89 28.43
C GLN D 57 -21.34 -25.47 29.39
N SER D 58 -20.26 -26.22 29.44
CA SER D 58 -19.19 -25.94 30.40
C SER D 58 -17.77 -25.87 29.85
N ARG D 59 -17.06 -24.79 30.18
CA ARG D 59 -15.67 -24.66 29.74
C ARG D 59 -14.85 -25.63 30.58
N GLN D 60 -15.29 -25.88 31.81
CA GLN D 60 -14.58 -26.83 32.66
C GLN D 60 -14.58 -28.20 31.99
N SER D 61 -15.66 -28.53 31.29
CA SER D 61 -15.74 -29.83 30.63
C SER D 61 -14.64 -30.05 29.60
N PHE D 62 -14.18 -29.01 28.93
CA PHE D 62 -13.10 -29.21 27.96
C PHE D 62 -11.72 -29.05 28.59
N GLY D 63 -11.69 -28.70 29.88
CA GLY D 63 -10.41 -28.56 30.58
C GLY D 63 -9.84 -27.17 30.79
N ILE D 64 -10.69 -26.17 30.92
CA ILE D 64 -10.21 -24.80 31.13
C ILE D 64 -9.61 -24.67 32.52
N ASN D 65 -9.80 -25.70 33.34
CA ASN D 65 -9.33 -25.70 34.72
C ASN D 65 -8.24 -26.72 35.06
N VAL D 66 -7.60 -27.32 34.05
CA VAL D 66 -6.58 -28.33 34.34
C VAL D 66 -5.26 -27.83 34.93
N LEU D 67 -4.90 -26.57 34.66
CA LEU D 67 -3.63 -26.03 35.14
C LEU D 67 -3.57 -25.64 36.60
N GLY D 68 -4.60 -24.94 37.07
CA GLY D 68 -4.58 -24.52 38.45
C GLY D 68 -3.63 -23.36 38.66
N THR D 69 -3.29 -23.12 39.92
CA THR D 69 -2.44 -21.99 40.30
C THR D 69 -0.95 -22.28 40.52
N LEU D 70 -0.11 -21.45 39.93
CA LEU D 70 1.32 -21.56 40.13
C LEU D 70 1.68 -20.48 41.15
N ILE D 71 2.50 -20.84 42.14
CA ILE D 71 2.94 -19.88 43.15
C ILE D 71 4.45 -19.90 43.11
N VAL D 72 5.07 -18.74 42.94
CA VAL D 72 6.52 -18.66 42.92
C VAL D 72 6.99 -17.76 44.04
N GLU D 73 7.92 -18.24 44.85
CA GLU D 73 8.45 -17.44 45.95
C GLU D 73 9.97 -17.36 45.82
N VAL D 74 10.49 -16.14 45.90
CA VAL D 74 11.93 -15.93 45.82
C VAL D 74 12.40 -15.45 47.20
N GLU D 75 13.46 -16.07 47.71
CA GLU D 75 13.98 -15.71 49.02
C GLU D 75 15.39 -15.14 48.89
N ALA D 76 15.61 -13.98 49.49
CA ALA D 76 16.92 -13.33 49.44
C ALA D 76 17.82 -13.88 50.55
N GLU D 77 19.11 -13.57 50.46
CA GLU D 77 20.09 -14.02 51.45
C GLU D 77 19.77 -13.49 52.85
N ASN D 78 19.03 -12.40 52.93
CA ASN D 78 18.69 -11.81 54.23
C ASN D 78 17.35 -12.34 54.75
N ARG D 79 16.89 -13.43 54.11
CA ARG D 79 15.64 -14.10 54.45
C ARG D 79 14.33 -13.42 54.05
N GLN D 80 14.41 -12.23 53.45
CA GLN D 80 13.18 -11.58 53.02
C GLN D 80 12.69 -12.33 51.79
N THR D 81 11.37 -12.34 51.59
CA THR D 81 10.82 -13.04 50.43
C THR D 81 9.85 -12.18 49.63
N GLY D 82 9.61 -12.61 48.41
CA GLY D 82 8.69 -11.94 47.52
C GLY D 82 8.01 -13.08 46.77
N PHE D 83 6.78 -12.88 46.31
CA PHE D 83 6.09 -13.94 45.61
C PHE D 83 5.03 -13.41 44.66
N ALA D 84 4.48 -14.31 43.86
CA ALA D 84 3.42 -13.96 42.93
C ALA D 84 2.70 -15.25 42.54
N VAL D 85 1.53 -15.10 41.95
CA VAL D 85 0.76 -16.26 41.53
C VAL D 85 0.29 -16.06 40.09
N SER D 86 0.03 -17.15 39.40
CA SER D 86 -0.42 -17.10 38.03
C SER D 86 -1.08 -18.43 37.69
N THR D 87 -1.36 -18.66 36.42
CA THR D 87 -1.99 -19.90 35.97
C THR D 87 -0.96 -20.78 35.28
N ALA D 88 -0.65 -21.93 35.87
CA ALA D 88 0.32 -22.86 35.29
C ALA D 88 0.43 -24.13 36.11
N GLY D 89 0.22 -24.00 37.42
CA GLY D 89 0.25 -25.16 38.30
C GLY D 89 1.50 -26.01 38.30
N GLU D 90 1.32 -27.33 38.33
CA GLU D 90 2.42 -28.28 38.40
C GLU D 90 3.48 -28.11 37.31
N MET D 91 3.03 -27.96 36.07
CA MET D 91 3.98 -27.78 34.97
C MET D 91 4.79 -26.51 35.16
N GLY D 92 4.15 -25.48 35.70
CA GLY D 92 4.85 -24.24 35.96
C GLY D 92 5.97 -24.49 36.96
N CYS D 93 5.70 -25.38 37.93
CA CYS D 93 6.71 -25.70 38.94
C CYS D 93 7.92 -26.37 38.31
N PHE D 94 7.68 -27.24 37.33
CA PHE D 94 8.77 -27.93 36.64
C PHE D 94 9.68 -26.88 36.00
N ILE D 95 9.07 -25.97 35.24
CA ILE D 95 9.82 -24.92 34.56
C ILE D 95 10.67 -24.09 35.52
N VAL D 96 10.09 -23.69 36.64
CA VAL D 96 10.82 -22.88 37.62
C VAL D 96 11.94 -23.65 38.33
N GLU D 97 11.60 -24.81 38.88
CA GLU D 97 12.55 -25.62 39.62
C GLU D 97 13.60 -26.39 38.81
N LYS D 98 13.27 -26.73 37.56
CA LYS D 98 14.19 -27.49 36.74
C LYS D 98 14.85 -26.72 35.60
N HIS D 99 14.48 -25.46 35.42
CA HIS D 99 15.09 -24.69 34.34
C HIS D 99 15.45 -23.26 34.73
N LEU D 100 14.44 -22.45 34.99
CA LEU D 100 14.64 -21.03 35.30
C LEU D 100 15.45 -20.68 36.55
N ASN D 101 15.46 -21.57 37.53
CA ASN D 101 16.19 -21.32 38.76
C ASN D 101 17.66 -20.96 38.51
N ARG D 102 18.25 -21.50 37.44
CA ARG D 102 19.65 -21.24 37.15
C ARG D 102 19.94 -19.77 36.83
N PHE D 103 18.94 -19.03 36.36
CA PHE D 103 19.13 -17.62 36.03
C PHE D 103 18.74 -16.72 37.19
N ILE D 104 17.96 -17.26 38.12
CA ILE D 104 17.45 -16.50 39.26
C ILE D 104 18.36 -16.48 40.50
N GLU D 105 18.72 -17.66 40.98
CA GLU D 105 19.55 -17.76 42.18
C GLU D 105 20.96 -17.22 41.99
N GLY D 106 21.41 -16.43 42.97
CA GLY D 106 22.74 -15.84 42.90
C GLY D 106 22.75 -14.41 42.39
N LYS D 107 21.65 -13.99 41.76
CA LYS D 107 21.55 -12.62 41.22
C LYS D 107 21.21 -11.64 42.35
N CYS D 108 21.39 -10.36 42.08
CA CYS D 108 21.04 -9.33 43.05
C CYS D 108 19.52 -9.20 42.96
N VAL D 109 18.86 -8.82 44.04
CA VAL D 109 17.41 -8.67 43.98
C VAL D 109 17.01 -7.57 42.97
N SER D 110 17.96 -6.74 42.58
CA SER D 110 17.66 -5.67 41.61
C SER D 110 17.87 -6.09 40.15
N ASP D 111 18.42 -7.28 39.93
CA ASP D 111 18.68 -7.78 38.58
C ASP D 111 17.42 -8.31 37.90
N ILE D 112 16.30 -7.61 38.05
CA ILE D 112 15.04 -8.06 37.48
C ILE D 112 14.99 -8.15 35.96
N LYS D 113 15.35 -7.07 35.27
CA LYS D 113 15.33 -7.07 33.81
C LYS D 113 16.31 -8.08 33.23
N LEU D 114 17.44 -8.28 33.89
CA LEU D 114 18.43 -9.23 33.42
C LEU D 114 17.86 -10.65 33.48
N ILE D 115 17.30 -11.01 34.63
CA ILE D 115 16.71 -12.32 34.78
C ILE D 115 15.60 -12.51 33.75
N HIS D 116 14.80 -11.47 33.56
CA HIS D 116 13.71 -11.50 32.61
C HIS D 116 14.20 -11.83 31.20
N ASP D 117 15.23 -11.14 30.75
CA ASP D 117 15.76 -11.38 29.41
C ASP D 117 16.33 -12.79 29.28
N GLN D 118 16.97 -13.27 30.35
CA GLN D 118 17.53 -14.61 30.31
C GLN D 118 16.44 -15.68 30.28
N MET D 119 15.34 -15.44 30.99
CA MET D 119 14.26 -16.42 30.98
C MET D 119 13.66 -16.50 29.58
N LEU D 120 13.46 -15.36 28.95
CA LEU D 120 12.88 -15.32 27.60
C LEU D 120 13.81 -15.97 26.59
N GLY D 121 15.10 -15.64 26.67
CA GLY D 121 16.06 -16.19 25.73
C GLY D 121 16.27 -17.69 25.87
N ALA D 122 16.29 -18.17 27.11
CA ALA D 122 16.51 -19.58 27.38
C ALA D 122 15.31 -20.49 27.09
N THR D 123 14.11 -19.92 27.09
CA THR D 123 12.91 -20.72 26.82
C THR D 123 12.30 -20.45 25.45
N MET D 124 12.94 -19.59 24.67
CA MET D 124 12.41 -19.25 23.35
C MET D 124 12.11 -20.47 22.48
N TYR D 125 12.92 -21.52 22.61
CA TYR D 125 12.73 -22.72 21.81
C TYR D 125 11.50 -23.56 22.17
N TYR D 126 10.85 -23.26 23.30
CA TYR D 126 9.66 -24.03 23.66
C TYR D 126 8.53 -23.22 24.29
N SER D 127 8.72 -21.91 24.40
CA SER D 127 7.69 -21.07 25.02
C SER D 127 6.49 -20.74 24.11
N GLY D 128 6.69 -20.80 22.80
CA GLY D 128 5.61 -20.46 21.89
C GLY D 128 5.16 -19.00 22.02
N SER D 129 6.01 -18.17 22.62
CA SER D 129 5.69 -16.74 22.80
C SER D 129 4.41 -16.41 23.59
N GLY D 130 3.87 -17.37 24.32
CA GLY D 130 2.65 -17.09 25.08
C GLY D 130 2.13 -18.34 25.77
N GLY D 131 1.04 -18.20 26.51
CA GLY D 131 0.48 -19.35 27.18
C GLY D 131 1.29 -19.83 28.37
N LEU D 132 1.12 -21.10 28.70
CA LEU D 132 1.76 -21.78 29.83
C LEU D 132 3.16 -21.32 30.20
N VAL D 133 4.11 -21.43 29.27
CA VAL D 133 5.48 -21.06 29.57
C VAL D 133 5.62 -19.57 29.89
N MET D 134 4.92 -18.73 29.15
CA MET D 134 4.99 -17.29 29.40
C MET D 134 4.33 -16.95 30.74
N ASN D 135 3.28 -17.69 31.10
CA ASN D 135 2.60 -17.47 32.39
C ASN D 135 3.60 -17.71 33.50
N THR D 136 4.43 -18.75 33.33
CA THR D 136 5.43 -19.11 34.33
C THR D 136 6.50 -18.02 34.45
N ILE D 137 6.99 -17.56 33.32
CA ILE D 137 8.00 -16.51 33.29
C ILE D 137 7.43 -15.26 33.97
N SER D 138 6.17 -14.94 33.64
CA SER D 138 5.49 -13.78 34.23
C SER D 138 5.43 -13.88 35.74
N CYS D 139 5.10 -15.06 36.24
CA CYS D 139 4.98 -15.29 37.68
C CYS D 139 6.31 -15.04 38.36
N VAL D 140 7.40 -15.48 37.74
CA VAL D 140 8.73 -15.26 38.31
C VAL D 140 9.02 -13.76 38.34
N ASP D 141 8.79 -13.09 37.21
CA ASP D 141 9.03 -11.65 37.11
C ASP D 141 8.30 -10.88 38.21
N LEU D 142 7.04 -11.23 38.44
CA LEU D 142 6.25 -10.58 39.46
C LEU D 142 6.80 -10.87 40.86
N ALA D 143 7.24 -12.10 41.08
CA ALA D 143 7.79 -12.47 42.38
C ALA D 143 9.06 -11.64 42.63
N LEU D 144 9.83 -11.41 41.57
CA LEU D 144 11.06 -10.63 41.69
C LEU D 144 10.76 -9.17 42.04
N TRP D 145 9.77 -8.58 41.36
CA TRP D 145 9.40 -7.20 41.65
C TRP D 145 8.87 -7.11 43.08
N ASP D 146 8.14 -8.13 43.52
CA ASP D 146 7.59 -8.15 44.86
C ASP D 146 8.72 -8.16 45.89
N LEU D 147 9.70 -9.04 45.68
CA LEU D 147 10.83 -9.14 46.58
C LEU D 147 11.62 -7.84 46.62
N PHE D 148 11.92 -7.28 45.46
CA PHE D 148 12.67 -6.04 45.38
C PHE D 148 11.94 -4.93 46.15
N GLY D 149 10.64 -4.81 45.94
CA GLY D 149 9.87 -3.80 46.63
C GLY D 149 9.88 -3.99 48.14
N LYS D 150 9.79 -5.25 48.57
CA LYS D 150 9.78 -5.55 50.00
C LYS D 150 11.16 -5.32 50.63
N VAL D 151 12.21 -5.55 49.86
CA VAL D 151 13.57 -5.33 50.36
C VAL D 151 13.81 -3.83 50.50
N VAL D 152 13.41 -3.07 49.49
CA VAL D 152 13.60 -1.62 49.50
C VAL D 152 12.64 -0.93 50.47
N GLY D 153 11.46 -1.52 50.66
CA GLY D 153 10.48 -0.95 51.57
C GLY D 153 9.51 0.00 50.87
N LEU D 154 9.26 -0.23 49.59
CA LEU D 154 8.35 0.62 48.84
C LEU D 154 7.34 -0.16 48.01
N PRO D 155 6.17 0.45 47.77
CA PRO D 155 5.15 -0.22 46.97
C PRO D 155 5.71 -0.22 45.55
N VAL D 156 5.37 -1.22 44.76
CA VAL D 156 5.84 -1.27 43.39
C VAL D 156 5.43 -0.02 42.61
N TYR D 157 4.22 0.50 42.85
CA TYR D 157 3.77 1.66 42.10
C TYR D 157 4.66 2.89 42.32
N LYS D 158 5.29 2.98 43.48
CA LYS D 158 6.19 4.11 43.73
C LYS D 158 7.54 3.88 43.05
N LEU D 159 7.98 2.63 43.03
CA LEU D 159 9.25 2.30 42.38
C LEU D 159 9.18 2.63 40.89
N LEU D 160 7.99 2.44 40.31
CA LEU D 160 7.77 2.68 38.89
C LEU D 160 7.69 4.15 38.48
N GLY D 161 7.63 5.05 39.45
CA GLY D 161 7.54 6.46 39.09
C GLY D 161 6.29 7.13 39.62
N GLY D 162 5.58 6.44 40.51
CA GLY D 162 4.39 6.99 41.14
C GLY D 162 3.06 6.94 40.41
N ALA D 163 2.00 7.15 41.18
CA ALA D 163 0.65 7.14 40.64
C ALA D 163 0.39 8.40 39.82
N VAL D 164 -0.41 8.27 38.77
CA VAL D 164 -0.76 9.42 37.94
C VAL D 164 -2.24 9.74 38.14
N ARG D 165 -2.84 9.05 39.11
CA ARG D 165 -4.24 9.25 39.48
C ARG D 165 -4.37 8.82 40.94
N ASP D 166 -5.29 9.44 41.67
CA ASP D 166 -5.47 9.12 43.08
C ASP D 166 -6.21 7.82 43.35
N GLU D 167 -6.93 7.33 42.36
CA GLU D 167 -7.66 6.08 42.53
C GLU D 167 -7.84 5.40 41.19
N ILE D 168 -8.02 4.08 41.24
CA ILE D 168 -8.26 3.30 40.04
C ILE D 168 -9.76 3.07 39.98
N GLN D 169 -10.36 3.36 38.83
CA GLN D 169 -11.80 3.14 38.69
C GLN D 169 -11.96 1.85 37.89
N PHE D 170 -12.90 1.01 38.30
CA PHE D 170 -13.12 -0.29 37.68
C PHE D 170 -14.44 -0.53 36.96
N TYR D 171 -14.40 -1.44 36.01
CA TYR D 171 -15.60 -1.90 35.32
C TYR D 171 -15.60 -3.35 35.79
N ALA D 172 -16.78 -3.98 35.85
CA ALA D 172 -16.85 -5.35 36.32
C ALA D 172 -17.22 -6.35 35.24
N THR D 173 -16.54 -7.50 35.24
CA THR D 173 -16.82 -8.53 34.26
C THR D 173 -17.61 -9.64 34.94
N GLY D 174 -18.76 -9.97 34.37
CA GLY D 174 -19.62 -11.00 34.93
C GLY D 174 -21.00 -10.94 34.31
N ALA D 175 -21.89 -11.79 34.79
CA ALA D 175 -23.24 -11.86 34.25
C ALA D 175 -24.21 -10.82 34.80
N ARG D 176 -23.78 -10.01 35.75
CA ARG D 176 -24.70 -9.01 36.32
C ARG D 176 -24.23 -7.55 36.30
N PRO D 177 -24.22 -6.94 35.10
CA PRO D 177 -23.80 -5.53 35.01
C PRO D 177 -24.69 -4.66 35.89
N ASP D 178 -25.95 -5.07 36.04
CA ASP D 178 -26.87 -4.29 36.87
C ASP D 178 -26.46 -4.27 38.33
N LEU D 179 -25.99 -5.42 38.85
CA LEU D 179 -25.54 -5.45 40.24
C LEU D 179 -24.23 -4.70 40.37
N ALA D 180 -23.41 -4.75 39.32
CA ALA D 180 -22.13 -4.06 39.34
C ALA D 180 -22.35 -2.55 39.43
N LYS D 181 -23.38 -2.06 38.74
CA LYS D 181 -23.68 -0.63 38.78
C LYS D 181 -24.00 -0.24 40.21
N GLU D 182 -24.78 -1.08 40.89
CA GLU D 182 -25.15 -0.82 42.27
C GLU D 182 -23.92 -0.76 43.16
N MET D 183 -22.93 -1.59 42.86
CA MET D 183 -21.70 -1.62 43.63
C MET D 183 -20.78 -0.45 43.38
N GLY D 184 -21.07 0.35 42.35
CA GLY D 184 -20.24 1.50 42.07
C GLY D 184 -19.30 1.40 40.88
N PHE D 185 -19.32 0.28 40.18
CA PHE D 185 -18.46 0.10 39.01
C PHE D 185 -18.91 1.04 37.90
N ILE D 186 -18.00 1.37 36.98
CA ILE D 186 -18.30 2.29 35.89
C ILE D 186 -18.85 1.60 34.65
N GLY D 187 -18.87 0.28 34.67
CA GLY D 187 -19.39 -0.45 33.53
C GLY D 187 -19.41 -1.94 33.79
N GLY D 188 -20.02 -2.69 32.88
CA GLY D 188 -20.08 -4.13 33.05
C GLY D 188 -19.85 -4.86 31.74
N LYS D 189 -18.91 -5.79 31.75
CA LYS D 189 -18.61 -6.58 30.57
C LYS D 189 -19.24 -7.95 30.75
N MET D 190 -20.03 -8.38 29.77
CA MET D 190 -20.71 -9.68 29.82
C MET D 190 -20.13 -10.62 28.80
N PRO D 191 -20.15 -11.93 29.10
CA PRO D 191 -19.62 -12.91 28.15
C PRO D 191 -20.70 -13.25 27.14
N THR D 192 -20.30 -13.62 25.92
CA THR D 192 -21.29 -14.02 24.94
C THR D 192 -21.58 -15.48 25.27
N HIS D 193 -22.79 -15.93 24.99
CA HIS D 193 -23.16 -17.31 25.28
C HIS D 193 -23.34 -18.15 24.02
N TRP D 194 -23.42 -17.50 22.87
CA TRP D 194 -23.61 -18.20 21.62
C TRP D 194 -22.48 -17.89 20.64
N GLY D 195 -22.31 -18.75 19.64
CA GLY D 195 -21.25 -18.56 18.67
C GLY D 195 -21.69 -18.69 17.23
N PRO D 196 -20.73 -18.68 16.28
CA PRO D 196 -20.99 -18.79 14.85
C PRO D 196 -21.97 -19.91 14.46
N HIS D 197 -21.82 -21.07 15.09
CA HIS D 197 -22.70 -22.21 14.80
C HIS D 197 -24.16 -21.92 15.16
N ASP D 198 -24.38 -20.90 15.97
CA ASP D 198 -25.73 -20.52 16.39
C ASP D 198 -26.36 -19.51 15.43
N GLY D 199 -25.54 -18.97 14.54
CA GLY D 199 -26.01 -18.03 13.55
C GLY D 199 -26.81 -16.83 14.03
N ASP D 200 -27.82 -16.45 13.25
CA ASP D 200 -28.65 -15.30 13.57
C ASP D 200 -29.34 -15.39 14.93
N ALA D 201 -29.72 -16.61 15.33
CA ALA D 201 -30.37 -16.80 16.61
C ALA D 201 -29.39 -16.44 17.74
N GLY D 202 -28.14 -16.85 17.56
CA GLY D 202 -27.12 -16.55 18.56
C GLY D 202 -26.89 -15.06 18.70
N ILE D 203 -26.83 -14.37 17.56
CA ILE D 203 -26.61 -12.94 17.56
C ILE D 203 -27.79 -12.24 18.23
N ARG D 204 -28.99 -12.67 17.90
CA ARG D 204 -30.20 -12.08 18.46
C ARG D 204 -30.22 -12.23 19.99
N LYS D 205 -29.87 -13.43 20.47
CA LYS D 205 -29.86 -13.68 21.91
C LYS D 205 -28.84 -12.87 22.69
N ASP D 206 -27.58 -12.83 22.24
CA ASP D 206 -26.59 -12.05 22.96
C ASP D 206 -26.86 -10.55 22.85
N ALA D 207 -27.41 -10.12 21.72
CA ALA D 207 -27.72 -8.71 21.54
C ALA D 207 -28.88 -8.33 22.48
N ALA D 208 -29.82 -9.26 22.65
CA ALA D 208 -30.97 -9.03 23.52
C ALA D 208 -30.48 -8.91 24.96
N MET D 209 -29.46 -9.71 25.29
CA MET D 209 -28.88 -9.69 26.63
C MET D 209 -28.32 -8.29 26.88
N VAL D 210 -27.63 -7.74 25.89
CA VAL D 210 -27.06 -6.40 26.00
C VAL D 210 -28.17 -5.34 26.11
N ALA D 211 -29.18 -5.45 25.26
CA ALA D 211 -30.29 -4.50 25.26
C ALA D 211 -30.97 -4.46 26.63
N ASP D 212 -31.14 -5.64 27.23
CA ASP D 212 -31.78 -5.75 28.54
C ASP D 212 -30.97 -5.01 29.60
N MET D 213 -29.65 -5.22 29.59
CA MET D 213 -28.80 -4.55 30.57
C MET D 213 -28.72 -3.03 30.33
N ARG D 214 -28.81 -2.61 29.07
CA ARG D 214 -28.76 -1.18 28.76
C ARG D 214 -30.00 -0.53 29.38
N GLU D 215 -31.12 -1.24 29.28
CA GLU D 215 -32.39 -0.77 29.82
C GLU D 215 -32.27 -0.63 31.34
N LYS D 216 -31.69 -1.64 31.97
CA LYS D 216 -31.52 -1.66 33.41
C LYS D 216 -30.45 -0.72 33.97
N CYS D 217 -29.37 -0.50 33.21
CA CYS D 217 -28.27 0.32 33.69
C CYS D 217 -28.23 1.79 33.25
N GLY D 218 -29.02 2.15 32.25
CA GLY D 218 -28.97 3.53 31.80
C GLY D 218 -27.91 3.72 30.72
N PRO D 219 -27.85 4.90 30.11
CA PRO D 219 -26.88 5.22 29.04
C PRO D 219 -25.41 5.47 29.40
N ASP D 220 -25.14 5.94 30.62
CA ASP D 220 -23.76 6.26 30.99
C ASP D 220 -22.92 5.11 31.54
N PHE D 221 -23.58 4.07 32.03
CA PHE D 221 -22.89 2.90 32.56
C PHE D 221 -22.42 2.09 31.35
N TRP D 222 -21.12 1.88 31.22
CA TRP D 222 -20.63 1.13 30.06
C TRP D 222 -21.03 -0.32 30.02
N LEU D 223 -21.22 -0.83 28.81
CA LEU D 223 -21.55 -2.23 28.60
C LEU D 223 -20.60 -2.74 27.53
N MET D 224 -20.03 -3.93 27.75
CA MET D 224 -19.08 -4.51 26.80
C MET D 224 -19.37 -6.01 26.66
N LEU D 225 -18.87 -6.61 25.59
CA LEU D 225 -19.04 -8.04 25.37
C LEU D 225 -17.68 -8.73 25.26
N ASP D 226 -17.52 -9.84 25.97
CA ASP D 226 -16.30 -10.61 25.92
C ASP D 226 -16.67 -11.85 25.10
N CYS D 227 -15.89 -12.12 24.05
CA CYS D 227 -16.19 -13.24 23.16
C CYS D 227 -15.23 -14.43 23.25
N TRP D 228 -14.29 -14.35 24.19
CA TRP D 228 -13.31 -15.40 24.45
C TRP D 228 -12.87 -16.26 23.24
N MET D 229 -12.28 -15.62 22.23
CA MET D 229 -11.75 -16.30 21.04
C MET D 229 -12.73 -17.19 20.29
N SER D 230 -14.02 -17.04 20.55
CA SER D 230 -15.04 -17.91 19.98
C SER D 230 -15.65 -17.64 18.60
N GLN D 231 -15.30 -16.54 17.96
CA GLN D 231 -15.95 -16.22 16.69
C GLN D 231 -15.03 -16.16 15.48
N ASP D 232 -15.57 -15.64 14.38
CA ASP D 232 -14.81 -15.44 13.16
C ASP D 232 -15.18 -14.02 12.73
N VAL D 233 -14.51 -13.47 11.73
CA VAL D 233 -14.77 -12.10 11.33
C VAL D 233 -16.23 -11.78 11.00
N ASN D 234 -16.87 -12.60 10.18
CA ASN D 234 -18.26 -12.33 9.82
C ASN D 234 -19.22 -12.31 11.02
N TYR D 235 -19.15 -13.33 11.87
CA TYR D 235 -20.02 -13.39 13.04
C TYR D 235 -19.78 -12.20 13.97
N ALA D 236 -18.51 -11.90 14.23
CA ALA D 236 -18.16 -10.78 15.10
C ALA D 236 -18.69 -9.47 14.51
N THR D 237 -18.58 -9.33 13.19
CA THR D 237 -19.07 -8.13 12.53
C THR D 237 -20.58 -8.01 12.70
N LYS D 238 -21.30 -9.10 12.47
CA LYS D 238 -22.75 -9.08 12.62
C LYS D 238 -23.15 -8.76 14.06
N LEU D 239 -22.48 -9.38 15.03
CA LEU D 239 -22.79 -9.14 16.44
C LEU D 239 -22.53 -7.68 16.83
N ALA D 240 -21.39 -7.14 16.41
CA ALA D 240 -21.04 -5.76 16.72
C ALA D 240 -22.11 -4.80 16.20
N HIS D 241 -22.53 -4.98 14.96
CA HIS D 241 -23.54 -4.12 14.38
C HIS D 241 -24.90 -4.32 15.04
N ALA D 242 -25.18 -5.54 15.50
CA ALA D 242 -26.44 -5.80 16.17
C ALA D 242 -26.47 -5.11 17.54
N CYS D 243 -25.30 -4.86 18.11
CA CYS D 243 -25.22 -4.21 19.42
C CYS D 243 -24.98 -2.70 19.34
N ALA D 244 -24.75 -2.19 18.14
CA ALA D 244 -24.51 -0.77 17.97
C ALA D 244 -25.63 0.13 18.51
N PRO D 245 -26.90 -0.27 18.31
CA PRO D 245 -28.00 0.56 18.82
C PRO D 245 -27.99 0.78 20.33
N PHE D 246 -27.28 -0.07 21.05
CA PHE D 246 -27.23 0.02 22.50
C PHE D 246 -25.91 0.62 22.99
N ASN D 247 -25.13 1.18 22.06
CA ASN D 247 -23.85 1.79 22.38
C ASN D 247 -22.90 0.86 23.13
N LEU D 248 -22.71 -0.34 22.62
CA LEU D 248 -21.78 -1.30 23.25
C LEU D 248 -20.43 -0.60 23.13
N LYS D 249 -19.73 -0.42 24.25
CA LYS D 249 -18.45 0.28 24.23
C LYS D 249 -17.38 -0.46 23.43
N TRP D 250 -17.30 -1.77 23.62
CA TRP D 250 -16.32 -2.56 22.87
C TRP D 250 -16.69 -4.03 22.82
N ILE D 251 -16.13 -4.72 21.83
CA ILE D 251 -16.36 -6.15 21.67
C ILE D 251 -14.95 -6.75 21.78
N GLU D 252 -14.78 -7.63 22.75
CA GLU D 252 -13.48 -8.20 23.08
C GLU D 252 -13.10 -9.62 22.68
N GLU D 253 -11.85 -9.75 22.26
CA GLU D 253 -11.25 -11.01 21.84
C GLU D 253 -12.16 -11.91 21.02
N CYS D 254 -12.65 -11.39 19.90
CA CYS D 254 -13.54 -12.15 19.03
C CYS D 254 -12.83 -13.31 18.36
N LEU D 255 -11.52 -13.17 18.16
CA LEU D 255 -10.76 -14.19 17.44
C LEU D 255 -9.57 -14.81 18.18
N PRO D 256 -9.16 -16.02 17.77
CA PRO D 256 -8.01 -16.67 18.40
C PRO D 256 -6.84 -15.68 18.27
N PRO D 257 -5.86 -15.75 19.17
CA PRO D 257 -4.71 -14.83 19.15
C PRO D 257 -3.85 -14.73 17.89
N GLN D 258 -3.66 -15.81 17.16
CA GLN D 258 -2.83 -15.78 15.95
C GLN D 258 -3.45 -15.01 14.78
N GLN D 259 -4.76 -14.78 14.85
CA GLN D 259 -5.45 -14.13 13.74
C GLN D 259 -5.37 -12.60 13.66
N TYR D 260 -4.14 -12.11 13.57
CA TYR D 260 -3.88 -10.66 13.46
C TYR D 260 -4.57 -10.09 12.25
N GLU D 261 -4.48 -10.79 11.11
CA GLU D 261 -5.08 -10.31 9.87
C GLU D 261 -6.60 -10.18 10.04
N GLY D 262 -7.19 -11.12 10.77
CA GLY D 262 -8.63 -11.07 11.01
C GLY D 262 -8.99 -9.90 11.91
N TYR D 263 -8.15 -9.61 12.90
CA TYR D 263 -8.42 -8.49 13.79
C TYR D 263 -8.38 -7.18 13.02
N ARG D 264 -7.45 -7.08 12.07
CA ARG D 264 -7.35 -5.86 11.26
C ARG D 264 -8.64 -5.68 10.47
N GLU D 265 -9.13 -6.75 9.87
CA GLU D 265 -10.36 -6.67 9.09
C GLU D 265 -11.58 -6.37 9.97
N LEU D 266 -11.64 -7.01 11.14
CA LEU D 266 -12.75 -6.79 12.07
C LEU D 266 -12.81 -5.33 12.51
N LYS D 267 -11.66 -4.77 12.86
CA LYS D 267 -11.60 -3.37 13.28
C LYS D 267 -12.11 -2.47 12.17
N ARG D 268 -11.75 -2.80 10.93
CA ARG D 268 -12.20 -2.00 9.79
C ARG D 268 -13.71 -2.09 9.61
N ASN D 269 -14.29 -3.25 9.92
CA ASN D 269 -15.72 -3.48 9.78
C ASN D 269 -16.56 -3.02 10.97
N ALA D 270 -15.91 -2.64 12.07
CA ALA D 270 -16.64 -2.22 13.27
C ALA D 270 -17.51 -0.98 13.13
N PRO D 271 -18.66 -0.96 13.83
CA PRO D 271 -19.56 0.20 13.78
C PRO D 271 -18.78 1.43 14.23
N ALA D 272 -19.09 2.59 13.66
CA ALA D 272 -18.39 3.81 14.02
C ALA D 272 -18.43 4.06 15.53
N GLY D 273 -17.26 4.33 16.11
CA GLY D 273 -17.20 4.61 17.54
C GLY D 273 -17.09 3.40 18.45
N MET D 274 -17.40 2.21 17.94
CA MET D 274 -17.31 1.01 18.76
C MET D 274 -15.89 0.46 18.72
N MET D 275 -15.34 0.14 19.89
CA MET D 275 -13.97 -0.36 19.94
C MET D 275 -13.86 -1.88 19.83
N VAL D 276 -12.70 -2.32 19.35
CA VAL D 276 -12.40 -3.74 19.19
C VAL D 276 -11.17 -3.95 20.05
N THR D 277 -11.20 -4.95 20.93
CA THR D 277 -10.08 -5.22 21.81
C THR D 277 -9.65 -6.68 21.81
N SER D 278 -8.48 -6.94 22.39
CA SER D 278 -7.93 -8.28 22.51
C SER D 278 -6.61 -8.18 23.25
N GLY D 279 -5.92 -9.31 23.40
CA GLY D 279 -4.62 -9.28 24.05
C GLY D 279 -4.39 -10.11 25.30
N GLU D 280 -5.45 -10.50 26.00
CA GLU D 280 -5.24 -11.26 27.23
C GLU D 280 -4.48 -12.56 27.03
N HIS D 281 -4.58 -13.16 25.85
CA HIS D 281 -3.87 -14.41 25.59
C HIS D 281 -2.56 -14.23 24.82
N HIS D 282 -2.21 -13.00 24.47
CA HIS D 282 -0.97 -12.75 23.75
C HIS D 282 0.19 -12.64 24.74
N GLY D 283 1.40 -12.91 24.25
CA GLY D 283 2.59 -12.85 25.10
C GLY D 283 3.78 -12.32 24.32
N THR D 284 4.72 -11.71 25.05
CA THR D 284 5.95 -11.10 24.51
C THR D 284 5.65 -9.76 23.85
N LEU D 285 6.57 -8.82 24.04
CA LEU D 285 6.42 -7.48 23.49
C LEU D 285 6.25 -7.50 21.97
N GLN D 286 6.97 -8.38 21.29
CA GLN D 286 6.87 -8.43 19.83
C GLN D 286 5.48 -8.82 19.34
N SER D 287 4.80 -9.73 20.04
CA SER D 287 3.46 -10.12 19.63
C SER D 287 2.52 -8.93 19.78
N PHE D 288 2.74 -8.13 20.83
CA PHE D 288 1.91 -6.96 21.04
C PHE D 288 2.19 -5.87 20.00
N ARG D 289 3.40 -5.86 19.46
CA ARG D 289 3.76 -4.91 18.41
C ARG D 289 2.87 -5.25 17.21
N THR D 290 2.81 -6.53 16.89
CA THR D 290 2.00 -7.00 15.77
C THR D 290 0.52 -6.77 16.04
N LEU D 291 0.07 -7.07 17.26
CA LEU D 291 -1.33 -6.86 17.61
C LEU D 291 -1.70 -5.38 17.50
N ALA D 292 -0.85 -4.52 18.01
CA ALA D 292 -1.09 -3.08 17.98
C ALA D 292 -1.24 -2.59 16.54
N GLU D 293 -0.43 -3.13 15.64
CA GLU D 293 -0.49 -2.69 14.24
C GLU D 293 -1.73 -3.13 13.48
N THR D 294 -2.56 -3.98 14.10
CA THR D 294 -3.79 -4.41 13.43
C THR D 294 -4.79 -3.25 13.52
N GLY D 295 -4.52 -2.31 14.41
CA GLY D 295 -5.40 -1.17 14.57
C GLY D 295 -6.44 -1.28 15.67
N ILE D 296 -6.45 -2.38 16.41
CA ILE D 296 -7.43 -2.51 17.49
C ILE D 296 -7.22 -1.39 18.51
N ASP D 297 -8.31 -1.01 19.18
CA ASP D 297 -8.30 0.09 20.13
C ASP D 297 -7.60 -0.08 21.46
N ILE D 298 -7.79 -1.24 22.09
CA ILE D 298 -7.20 -1.49 23.39
C ILE D 298 -6.58 -2.87 23.48
N MET D 299 -5.35 -2.94 23.98
CA MET D 299 -4.69 -4.22 24.15
C MET D 299 -4.88 -4.56 25.63
N GLN D 300 -5.20 -5.82 25.91
CA GLN D 300 -5.50 -6.23 27.27
C GLN D 300 -4.64 -7.37 27.83
N PRO D 301 -3.33 -7.17 27.92
CA PRO D 301 -2.48 -8.23 28.45
C PRO D 301 -2.80 -8.55 29.90
N ASP D 302 -2.62 -9.81 30.29
CA ASP D 302 -2.80 -10.19 31.69
C ASP D 302 -1.37 -10.08 32.21
N VAL D 303 -1.16 -9.36 33.30
CA VAL D 303 0.19 -9.18 33.83
C VAL D 303 0.87 -10.51 34.13
N GLY D 304 0.09 -11.49 34.58
CA GLY D 304 0.64 -12.79 34.90
C GLY D 304 0.78 -13.74 33.71
N TRP D 305 0.36 -13.30 32.53
CA TRP D 305 0.44 -14.16 31.34
C TRP D 305 1.25 -13.56 30.18
N CYS D 306 1.30 -12.24 30.10
CA CYS D 306 1.98 -11.56 28.99
C CYS D 306 3.50 -11.55 29.03
N GLY D 307 4.07 -11.86 30.19
CA GLY D 307 5.51 -11.84 30.35
C GLY D 307 5.88 -11.23 31.69
N GLY D 308 4.90 -10.65 32.36
CA GLY D 308 5.15 -10.05 33.68
C GLY D 308 5.04 -8.54 33.69
N LEU D 309 5.36 -7.93 34.82
CA LEU D 309 5.31 -6.48 34.94
C LEU D 309 6.32 -5.83 34.00
N THR D 310 7.50 -6.42 33.90
CA THR D 310 8.54 -5.89 33.02
C THR D 310 8.02 -5.74 31.59
N THR D 311 7.29 -6.75 31.12
CA THR D 311 6.72 -6.70 29.78
C THR D 311 5.52 -5.76 29.71
N LEU D 312 4.68 -5.78 30.74
CA LEU D 312 3.51 -4.90 30.77
C LEU D 312 3.90 -3.43 30.59
N VAL D 313 4.93 -3.00 31.32
CA VAL D 313 5.36 -1.61 31.22
C VAL D 313 5.78 -1.26 29.79
N GLU D 314 6.38 -2.22 29.09
CA GLU D 314 6.81 -1.98 27.71
C GLU D 314 5.58 -1.91 26.80
N ILE D 315 4.62 -2.79 27.03
CA ILE D 315 3.39 -2.79 26.23
C ILE D 315 2.66 -1.46 26.41
N ALA D 316 2.66 -0.93 27.63
CA ALA D 316 2.00 0.34 27.91
C ALA D 316 2.63 1.47 27.09
N ALA D 317 3.96 1.45 26.99
CA ALA D 317 4.68 2.46 26.22
C ALA D 317 4.35 2.33 24.73
N LEU D 318 4.29 1.09 24.26
CA LEU D 318 3.97 0.82 22.86
C LEU D 318 2.60 1.43 22.54
N ALA D 319 1.61 1.13 23.36
CA ALA D 319 0.26 1.66 23.14
C ALA D 319 0.25 3.18 23.25
N LYS D 320 0.94 3.71 24.25
CA LYS D 320 0.98 5.15 24.45
C LYS D 320 1.61 5.85 23.25
N SER D 321 2.65 5.25 22.68
CA SER D 321 3.32 5.85 21.52
C SER D 321 2.35 6.00 20.34
N ARG D 322 1.34 5.14 20.31
CA ARG D 322 0.36 5.15 19.22
C ARG D 322 -0.90 5.94 19.62
N GLY D 323 -0.87 6.54 20.80
CA GLY D 323 -1.99 7.31 21.29
C GLY D 323 -3.16 6.45 21.69
N GLN D 324 -2.88 5.21 22.07
CA GLN D 324 -3.91 4.26 22.46
C GLN D 324 -3.84 3.85 23.93
N LEU D 325 -4.86 3.12 24.39
CA LEU D 325 -4.96 2.68 25.77
C LEU D 325 -4.57 1.22 25.98
N VAL D 326 -4.16 0.92 27.20
CA VAL D 326 -3.82 -0.44 27.60
C VAL D 326 -4.65 -0.68 28.85
N VAL D 327 -5.46 -1.72 28.83
CA VAL D 327 -6.31 -2.05 29.97
C VAL D 327 -6.12 -3.54 30.23
N PRO D 328 -5.23 -3.88 31.17
CA PRO D 328 -4.92 -5.26 31.54
C PRO D 328 -6.12 -6.12 31.91
N HIS D 329 -5.96 -7.42 31.70
CA HIS D 329 -6.98 -8.40 32.04
C HIS D 329 -6.77 -8.81 33.49
N GLY D 330 -7.83 -8.65 34.31
CA GLY D 330 -7.76 -9.01 35.72
C GLY D 330 -6.46 -8.62 36.40
N SER D 331 -5.76 -9.61 36.95
CA SER D 331 -4.46 -9.43 37.60
C SER D 331 -4.36 -8.81 39.01
N SER D 332 -5.46 -8.29 39.54
CA SER D 332 -5.43 -7.74 40.89
C SER D 332 -4.27 -6.78 41.14
N VAL D 333 -3.59 -6.92 42.29
CA VAL D 333 -2.48 -6.04 42.66
C VAL D 333 -1.35 -5.97 41.63
N TYR D 334 -1.15 -7.04 40.88
CA TYR D 334 -0.08 -7.06 39.88
C TYR D 334 -0.38 -6.06 38.77
N SER D 335 -1.65 -5.78 38.56
CA SER D 335 -2.06 -4.79 37.57
C SER D 335 -2.15 -3.40 38.25
N HIS D 336 -2.80 -3.37 39.40
CA HIS D 336 -2.99 -2.11 40.13
C HIS D 336 -1.72 -1.27 40.29
N HIS D 337 -0.65 -1.88 40.79
CA HIS D 337 0.60 -1.16 41.00
C HIS D 337 1.21 -0.63 39.71
N ALA D 338 0.88 -1.28 38.59
CA ALA D 338 1.39 -0.83 37.30
C ALA D 338 0.51 0.23 36.68
N VAL D 339 -0.77 -0.10 36.47
CA VAL D 339 -1.70 0.80 35.81
C VAL D 339 -2.00 2.11 36.52
N ILE D 340 -1.82 2.16 37.84
CA ILE D 340 -2.09 3.41 38.54
C ILE D 340 -1.01 4.43 38.14
N THR D 341 0.04 3.95 37.48
CA THR D 341 1.12 4.83 37.05
C THR D 341 1.08 5.08 35.54
N PHE D 342 0.14 4.45 34.86
CA PHE D 342 0.00 4.60 33.40
C PHE D 342 -1.01 5.69 33.03
N THR D 343 -0.56 6.70 32.31
CA THR D 343 -1.49 7.76 31.89
C THR D 343 -2.52 7.19 30.91
N ASN D 344 -2.14 6.12 30.20
CA ASN D 344 -3.06 5.53 29.23
C ASN D 344 -3.84 4.29 29.69
N THR D 345 -4.09 4.21 30.99
CA THR D 345 -4.91 3.14 31.56
C THR D 345 -5.88 3.88 32.49
N PRO D 346 -6.85 4.59 31.90
CA PRO D 346 -7.86 5.37 32.64
C PRO D 346 -8.85 4.58 33.49
N PHE D 347 -8.89 3.27 33.29
CA PHE D 347 -9.77 2.40 34.07
C PHE D 347 -9.22 0.98 34.02
N SER D 348 -9.67 0.14 34.96
CA SER D 348 -9.19 -1.24 35.04
C SER D 348 -10.33 -2.24 35.15
N GLU D 349 -9.99 -3.52 35.03
CA GLU D 349 -10.96 -4.58 35.10
C GLU D 349 -10.98 -5.33 36.43
N PHE D 350 -12.18 -5.69 36.86
CA PHE D 350 -12.36 -6.50 38.06
C PHE D 350 -13.19 -7.68 37.56
N LEU D 351 -12.59 -8.85 37.49
CA LEU D 351 -13.28 -10.05 37.02
C LEU D 351 -13.94 -10.77 38.19
N MET D 352 -15.27 -10.74 38.20
CA MET D 352 -16.07 -11.36 39.26
C MET D 352 -15.75 -12.83 39.53
N THR D 353 -15.27 -13.13 40.74
CA THR D 353 -14.98 -14.50 41.11
C THR D 353 -16.16 -15.00 41.95
N SER D 354 -17.06 -14.07 42.28
CA SER D 354 -18.28 -14.39 43.01
C SER D 354 -19.12 -15.22 42.05
N PRO D 355 -19.54 -16.43 42.46
CA PRO D 355 -20.35 -17.31 41.60
C PRO D 355 -21.53 -16.64 40.90
N ASP D 356 -22.25 -15.77 41.63
CA ASP D 356 -23.41 -15.10 41.05
C ASP D 356 -23.20 -13.60 40.85
N CYS D 357 -21.94 -13.17 40.91
CA CYS D 357 -21.60 -11.75 40.70
C CYS D 357 -22.33 -10.78 41.63
N SER D 358 -22.64 -11.22 42.85
CA SER D 358 -23.35 -10.37 43.79
C SER D 358 -22.48 -9.82 44.90
N THR D 359 -21.26 -10.32 45.03
CA THR D 359 -20.35 -9.85 46.07
C THR D 359 -18.97 -9.56 45.54
N LEU D 360 -18.18 -8.87 46.36
CA LEU D 360 -16.82 -8.51 45.98
C LEU D 360 -15.77 -9.52 46.42
N ARG D 361 -15.98 -10.79 46.08
CA ARG D 361 -15.02 -11.82 46.43
C ARG D 361 -13.71 -11.37 45.76
N PRO D 362 -12.59 -11.37 46.49
CA PRO D 362 -11.32 -10.94 45.88
C PRO D 362 -10.93 -11.65 44.58
N GLN D 363 -10.28 -10.90 43.70
CA GLN D 363 -9.84 -11.39 42.39
C GLN D 363 -9.12 -12.73 42.41
N PHE D 364 -8.21 -12.91 43.37
CA PHE D 364 -7.45 -14.17 43.46
C PHE D 364 -7.78 -14.97 44.72
N ASP D 365 -8.99 -14.78 45.24
CA ASP D 365 -9.41 -15.50 46.43
C ASP D 365 -9.18 -17.00 46.23
N PRO D 366 -8.61 -17.69 47.23
CA PRO D 366 -8.17 -17.16 48.53
C PRO D 366 -6.66 -17.21 48.74
N ILE D 367 -5.90 -17.34 47.65
CA ILE D 367 -4.45 -17.46 47.76
C ILE D 367 -3.70 -16.22 48.25
N LEU D 368 -4.32 -15.04 48.13
CA LEU D 368 -3.68 -13.80 48.56
C LEU D 368 -4.26 -13.24 49.86
N LEU D 369 -3.42 -13.07 50.87
CA LEU D 369 -3.87 -12.52 52.15
C LEU D 369 -3.94 -11.00 52.05
N ASP D 370 -5.01 -10.43 52.61
CA ASP D 370 -5.21 -8.98 52.59
C ASP D 370 -5.26 -8.41 51.19
N GLU D 371 -5.89 -9.13 50.28
CA GLU D 371 -6.01 -8.69 48.90
C GLU D 371 -7.04 -7.58 48.81
N PRO D 372 -6.64 -6.40 48.32
CA PRO D 372 -7.64 -5.33 48.23
C PRO D 372 -8.71 -5.59 47.18
N VAL D 373 -9.89 -5.04 47.42
CA VAL D 373 -11.01 -5.16 46.48
C VAL D 373 -11.58 -3.76 46.32
N PRO D 374 -12.24 -3.50 45.18
CA PRO D 374 -12.82 -2.18 44.96
C PRO D 374 -13.86 -1.80 46.02
N VAL D 375 -13.84 -0.53 46.39
CA VAL D 375 -14.81 0.03 47.35
C VAL D 375 -15.51 1.08 46.51
N ASN D 376 -16.82 0.93 46.34
CA ASN D 376 -17.57 1.84 45.49
C ASN D 376 -16.97 1.84 44.09
N GLY D 377 -16.54 0.66 43.65
CA GLY D 377 -15.96 0.49 42.32
C GLY D 377 -14.60 1.11 42.11
N ARG D 378 -13.91 1.46 43.20
CA ARG D 378 -12.60 2.08 43.09
C ARG D 378 -11.61 1.59 44.15
N ILE D 379 -10.32 1.78 43.85
CA ILE D 379 -9.27 1.43 44.80
C ILE D 379 -8.38 2.67 44.89
N HIS D 380 -8.37 3.30 46.05
CA HIS D 380 -7.58 4.50 46.27
C HIS D 380 -6.10 4.11 46.36
N LYS D 381 -5.22 4.99 45.90
CA LYS D 381 -3.79 4.69 45.92
C LYS D 381 -3.27 4.36 47.32
N SER D 382 -3.87 4.96 48.35
CA SER D 382 -3.44 4.71 49.72
C SER D 382 -3.59 3.23 50.09
N VAL D 383 -4.53 2.56 49.43
CA VAL D 383 -4.75 1.14 49.69
C VAL D 383 -3.53 0.33 49.24
N LEU D 384 -2.80 0.87 48.26
CA LEU D 384 -1.62 0.20 47.73
C LEU D 384 -0.32 0.60 48.44
N ASP D 385 -0.43 1.39 49.49
CA ASP D 385 0.77 1.82 50.20
C ASP D 385 1.36 0.78 51.15
N LYS D 386 1.81 -0.32 50.56
CA LYS D 386 2.44 -1.42 51.28
C LYS D 386 3.60 -1.88 50.39
N PRO D 387 4.63 -2.50 50.98
CA PRO D 387 5.81 -2.98 50.24
C PRO D 387 5.50 -3.97 49.11
N GLY D 388 6.23 -3.86 48.01
CA GLY D 388 6.02 -4.76 46.88
C GLY D 388 4.61 -4.63 46.35
N PHE D 389 3.93 -5.76 46.15
CA PHE D 389 2.55 -5.73 45.67
C PHE D 389 1.58 -5.73 46.86
N GLY D 390 2.13 -5.52 48.04
CA GLY D 390 1.34 -5.40 49.26
C GLY D 390 0.55 -6.55 49.85
N VAL D 391 0.78 -7.78 49.39
CA VAL D 391 0.04 -8.90 49.94
C VAL D 391 0.96 -10.00 50.45
N GLU D 392 0.37 -10.98 51.13
CA GLU D 392 1.12 -12.10 51.65
C GLU D 392 0.50 -13.40 51.16
N LEU D 393 1.30 -14.45 51.09
CA LEU D 393 0.83 -15.75 50.61
C LEU D 393 0.02 -16.49 51.67
N ASN D 394 -1.18 -16.92 51.30
CA ASN D 394 -2.03 -17.66 52.23
C ASN D 394 -1.58 -19.11 52.26
N ARG D 395 -0.73 -19.43 53.23
CA ARG D 395 -0.21 -20.79 53.34
C ARG D 395 -1.19 -21.78 53.98
N ASP D 396 -2.42 -21.33 54.25
CA ASP D 396 -3.42 -22.23 54.82
C ASP D 396 -4.01 -23.02 53.66
N CYS D 397 -3.70 -22.61 52.44
CA CYS D 397 -4.16 -23.33 51.27
C CYS D 397 -3.23 -24.53 51.23
N HIS D 398 -3.69 -25.65 50.69
CA HIS D 398 -2.85 -26.85 50.67
C HIS D 398 -1.85 -26.82 49.51
N LEU D 399 -0.84 -25.98 49.64
CA LEU D 399 0.18 -25.85 48.61
C LEU D 399 0.97 -27.14 48.45
N LYS D 400 1.20 -27.51 47.20
CA LYS D 400 1.97 -28.71 46.86
C LYS D 400 3.27 -28.30 46.20
N ARG D 401 4.35 -28.99 46.55
CA ARG D 401 5.66 -28.71 45.98
C ARG D 401 6.10 -29.97 45.23
N PRO D 402 5.73 -30.07 43.95
CA PRO D 402 6.05 -31.24 43.11
C PRO D 402 7.51 -31.44 42.73
N TYR D 403 8.31 -30.37 42.78
CA TYR D 403 9.72 -30.50 42.42
C TYR D 403 10.63 -29.77 43.41
N SER D 404 11.90 -30.18 43.42
CA SER D 404 12.92 -29.57 44.26
C SER D 404 14.21 -29.50 43.46
N HIS D 405 15.18 -28.75 43.98
CA HIS D 405 16.48 -28.63 43.32
C HIS D 405 17.53 -28.21 44.33
N MET E 1 14.88 52.20 -19.27
CA MET E 1 14.12 51.96 -18.00
C MET E 1 14.58 52.85 -16.86
N GLU E 2 13.64 53.28 -16.03
CA GLU E 2 13.96 54.14 -14.89
C GLU E 2 14.76 53.38 -13.86
N ASN E 3 15.56 54.10 -13.08
CA ASN E 3 16.34 53.48 -12.02
C ASN E 3 15.36 52.99 -10.97
N ILE E 4 15.64 51.84 -10.37
CA ILE E 4 14.74 51.31 -9.36
C ILE E 4 14.71 52.14 -8.10
N MET E 5 13.63 51.96 -7.35
CA MET E 5 13.43 52.65 -6.08
C MET E 5 14.63 52.27 -5.21
N THR E 6 15.18 53.23 -4.49
CA THR E 6 16.31 52.93 -3.63
C THR E 6 15.76 52.39 -2.31
N LEU E 7 16.40 51.36 -1.77
CA LEU E 7 15.95 50.76 -0.52
C LEU E 7 17.01 50.84 0.56
N PRO E 8 16.61 51.16 1.79
CA PRO E 8 17.55 51.27 2.90
C PRO E 8 17.90 49.91 3.49
N LYS E 9 18.97 49.86 4.25
CA LYS E 9 19.39 48.62 4.89
C LYS E 9 18.71 48.64 6.26
N ILE E 10 18.64 47.48 6.92
CA ILE E 10 18.03 47.39 8.24
C ILE E 10 19.10 47.82 9.24
N LYS E 11 18.73 48.73 10.15
CA LYS E 11 19.67 49.23 11.14
C LYS E 11 19.57 48.54 12.48
N HIS E 12 18.36 48.48 13.04
CA HIS E 12 18.14 47.86 14.34
C HIS E 12 16.92 46.95 14.36
N VAL E 13 16.94 46.01 15.30
CA VAL E 13 15.80 45.13 15.53
C VAL E 13 15.67 45.20 17.06
N ARG E 14 14.46 45.46 17.53
CA ARG E 14 14.19 45.56 18.97
C ARG E 14 13.01 44.68 19.34
N ALA E 15 13.01 44.17 20.57
CA ALA E 15 11.92 43.32 21.03
C ALA E 15 11.41 43.76 22.40
N TRP E 16 10.08 43.78 22.55
CA TRP E 16 9.43 44.15 23.81
C TRP E 16 8.36 43.11 24.10
N PHE E 17 7.80 43.17 25.30
CA PHE E 17 6.73 42.27 25.66
C PHE E 17 5.78 42.95 26.63
N ILE E 18 4.56 42.45 26.68
CA ILE E 18 3.55 42.93 27.62
C ILE E 18 2.85 41.65 28.06
N GLY E 19 2.24 41.67 29.24
CA GLY E 19 1.55 40.49 29.72
C GLY E 19 2.52 39.37 30.09
N GLY E 20 2.00 38.18 30.29
CA GLY E 20 2.84 37.06 30.64
C GLY E 20 3.14 37.02 32.13
N ALA E 21 3.80 35.95 32.55
CA ALA E 21 4.13 35.74 33.96
C ALA E 21 5.04 36.79 34.59
N THR E 22 5.78 37.55 33.79
CA THR E 22 6.67 38.57 34.36
C THR E 22 6.16 39.99 34.15
N ALA E 23 4.91 40.12 33.75
CA ALA E 23 4.29 41.43 33.53
C ALA E 23 2.85 41.40 34.06
N GLU E 24 1.99 42.21 33.46
CA GLU E 24 0.59 42.29 33.90
C GLU E 24 -0.34 41.26 33.27
N LYS E 25 -0.86 40.37 34.10
CA LYS E 25 -1.78 39.32 33.63
C LYS E 25 -3.01 39.97 33.02
N GLY E 26 -3.47 39.42 31.90
CA GLY E 26 -4.65 39.95 31.23
C GLY E 26 -4.39 41.09 30.26
N ALA E 27 -3.13 41.25 29.85
CA ALA E 27 -2.76 42.33 28.93
C ALA E 27 -3.33 42.17 27.52
N GLY E 28 -3.82 40.99 27.19
CA GLY E 28 -4.38 40.76 25.86
C GLY E 28 -3.32 40.87 24.78
N GLY E 29 -3.59 41.68 23.76
CA GLY E 29 -2.62 41.85 22.69
C GLY E 29 -2.39 40.62 21.83
N GLY E 30 -1.12 40.27 21.63
CA GLY E 30 -0.77 39.12 20.81
C GLY E 30 -1.18 37.78 21.39
N ASP E 31 -1.15 37.64 22.70
CA ASP E 31 -1.53 36.38 23.35
C ASP E 31 -3.03 36.34 23.56
N TYR E 32 -3.73 35.69 22.63
CA TYR E 32 -5.18 35.56 22.67
C TYR E 32 -5.71 35.11 24.04
N HIS E 33 -4.94 34.27 24.72
CA HIS E 33 -5.37 33.73 26.02
C HIS E 33 -4.96 34.52 27.26
N ASP E 34 -4.26 35.64 27.08
CA ASP E 34 -3.84 36.43 28.23
C ASP E 34 -4.99 37.40 28.54
N GLN E 35 -6.08 36.84 29.03
CA GLN E 35 -7.28 37.61 29.36
C GLN E 35 -7.54 37.72 30.86
N GLY E 36 -8.57 38.48 31.20
CA GLY E 36 -8.93 38.63 32.61
C GLY E 36 -9.91 37.53 33.00
N GLY E 37 -10.71 37.78 34.02
CA GLY E 37 -11.67 36.78 34.46
C GLY E 37 -12.99 36.84 33.71
N ASN E 38 -13.84 35.83 33.94
CA ASN E 38 -15.16 35.76 33.33
C ASN E 38 -15.11 35.82 31.80
N HIS E 39 -14.05 35.28 31.21
CA HIS E 39 -13.92 35.29 29.76
C HIS E 39 -14.31 33.93 29.19
N TRP E 40 -15.11 33.91 28.14
CA TRP E 40 -15.55 32.66 27.53
C TRP E 40 -14.37 31.77 27.15
N ILE E 41 -13.28 32.40 26.74
CA ILE E 41 -12.10 31.68 26.29
C ILE E 41 -11.40 30.88 27.40
N ASP E 42 -11.88 31.05 28.63
CA ASP E 42 -11.29 30.34 29.77
C ASP E 42 -12.39 29.61 30.55
N ASP E 43 -13.57 29.52 29.96
CA ASP E 43 -14.69 28.87 30.64
C ASP E 43 -14.83 27.37 30.41
N HIS E 44 -14.15 26.59 31.25
CA HIS E 44 -14.21 25.13 31.18
C HIS E 44 -14.00 24.59 29.76
N ILE E 45 -12.92 25.04 29.13
CA ILE E 45 -12.59 24.59 27.77
C ILE E 45 -11.83 23.26 27.86
N ALA E 46 -12.24 22.27 27.08
CA ALA E 46 -11.57 20.97 27.09
C ALA E 46 -10.14 21.10 26.56
N THR E 47 -9.20 20.48 27.28
CA THR E 47 -7.79 20.53 26.90
C THR E 47 -7.09 19.25 27.32
N PRO E 48 -5.81 19.10 26.97
CA PRO E 48 -5.06 17.90 27.37
C PRO E 48 -4.93 17.85 28.89
N MET E 49 -5.21 18.97 29.55
CA MET E 49 -5.09 19.06 31.01
C MET E 49 -6.42 19.02 31.77
N SER E 50 -7.54 19.17 31.09
CA SER E 50 -8.83 19.20 31.78
C SER E 50 -9.23 17.89 32.45
N LYS E 51 -8.45 16.84 32.24
CA LYS E 51 -8.71 15.56 32.88
C LYS E 51 -8.28 15.65 34.34
N TYR E 52 -7.52 16.69 34.66
CA TYR E 52 -7.05 16.91 36.03
C TYR E 52 -8.02 17.89 36.71
N ARG E 53 -8.55 17.47 37.86
CA ARG E 53 -9.51 18.28 38.59
C ARG E 53 -9.09 19.73 38.80
N ASP E 54 -7.84 19.95 39.19
CA ASP E 54 -7.35 21.30 39.45
C ASP E 54 -7.16 22.16 38.19
N TYR E 55 -7.21 21.53 37.01
CA TYR E 55 -7.01 22.29 35.78
C TYR E 55 -8.16 22.12 34.79
N GLU E 56 -9.31 21.68 35.29
CA GLU E 56 -10.47 21.47 34.44
C GLU E 56 -11.26 22.74 34.11
N GLN E 57 -11.48 23.58 35.11
CA GLN E 57 -12.26 24.79 34.90
C GLN E 57 -11.56 25.91 34.12
N SER E 58 -10.27 26.08 34.36
CA SER E 58 -9.52 27.17 33.74
C SER E 58 -8.22 26.80 33.05
N ARG E 59 -8.07 27.24 31.80
CA ARG E 59 -6.83 26.99 31.07
C ARG E 59 -5.76 27.89 31.66
N GLN E 60 -6.17 29.05 32.16
CA GLN E 60 -5.22 29.96 32.79
C GLN E 60 -4.58 29.26 33.98
N SER E 61 -5.34 28.43 34.68
CA SER E 61 -4.80 27.74 35.85
C SER E 61 -3.60 26.85 35.52
N PHE E 62 -3.56 26.26 34.33
CA PHE E 62 -2.39 25.43 34.00
C PHE E 62 -1.29 26.23 33.32
N GLY E 63 -1.56 27.53 33.08
CA GLY E 63 -0.55 28.39 32.48
C GLY E 63 -0.63 28.69 30.99
N ILE E 64 -1.84 28.74 30.44
CA ILE E 64 -2.00 29.03 29.02
C ILE E 64 -1.65 30.50 28.76
N ASN E 65 -1.46 31.26 29.83
CA ASN E 65 -1.19 32.69 29.73
C ASN E 65 0.19 33.14 30.22
N VAL E 66 1.12 32.21 30.43
CA VAL E 66 2.43 32.59 30.94
C VAL E 66 3.34 33.35 29.99
N LEU E 67 3.18 33.15 28.69
CA LEU E 67 4.04 33.80 27.70
C LEU E 67 3.77 35.28 27.43
N GLY E 68 2.51 35.64 27.25
CA GLY E 68 2.20 37.01 26.96
C GLY E 68 2.55 37.36 25.53
N THR E 69 2.61 38.66 25.26
CA THR E 69 2.87 39.17 23.92
C THR E 69 4.30 39.57 23.58
N LEU E 70 4.77 39.11 22.42
CA LEU E 70 6.09 39.49 21.95
C LEU E 70 5.84 40.58 20.90
N ILE E 71 6.63 41.65 20.95
CA ILE E 71 6.52 42.72 19.97
C ILE E 71 7.90 42.88 19.35
N VAL E 72 7.99 42.81 18.03
CA VAL E 72 9.27 42.97 17.36
C VAL E 72 9.17 44.15 16.42
N GLU E 73 10.14 45.07 16.51
CA GLU E 73 10.16 46.24 15.65
C GLU E 73 11.50 46.31 14.93
N VAL E 74 11.46 46.48 13.63
CA VAL E 74 12.68 46.57 12.83
C VAL E 74 12.77 48.00 12.31
N GLU E 75 13.93 48.63 12.46
CA GLU E 75 14.12 50.01 12.01
C GLU E 75 15.15 50.06 10.90
N ALA E 76 14.79 50.71 9.79
CA ALA E 76 15.70 50.85 8.66
C ALA E 76 16.62 52.05 8.86
N GLU E 77 17.68 52.11 8.05
CA GLU E 77 18.64 53.21 8.12
C GLU E 77 18.00 54.57 7.87
N ASN E 78 16.86 54.59 7.19
CA ASN E 78 16.17 55.84 6.89
C ASN E 78 15.13 56.17 7.95
N ARG E 79 15.23 55.48 9.09
CA ARG E 79 14.34 55.66 10.24
C ARG E 79 12.92 55.09 10.13
N GLN E 80 12.56 54.55 8.98
CA GLN E 80 11.23 53.97 8.86
C GLN E 80 11.23 52.67 9.66
N THR E 81 10.08 52.30 10.22
CA THR E 81 9.99 51.08 11.01
C THR E 81 8.84 50.19 10.56
N GLY E 82 8.93 48.93 10.97
CA GLY E 82 7.89 47.95 10.69
C GLY E 82 7.84 47.10 11.95
N PHE E 83 6.70 46.49 12.24
CA PHE E 83 6.61 45.69 13.44
C PHE E 83 5.52 44.64 13.34
N ALA E 84 5.50 43.74 14.33
CA ALA E 84 4.49 42.69 14.38
C ALA E 84 4.42 42.19 15.81
N VAL E 85 3.37 41.45 16.13
CA VAL E 85 3.21 40.92 17.48
C VAL E 85 2.86 39.44 17.38
N SER E 86 3.16 38.70 18.43
CA SER E 86 2.86 37.28 18.47
C SER E 86 2.85 36.84 19.93
N THR E 87 2.84 35.54 20.17
CA THR E 87 2.85 34.99 21.52
C THR E 87 4.22 34.41 21.84
N ALA E 88 4.93 35.02 22.78
CA ALA E 88 6.26 34.54 23.19
C ALA E 88 6.79 35.35 24.36
N GLY E 89 6.41 36.62 24.44
CA GLY E 89 6.84 37.46 25.52
C GLY E 89 8.33 37.61 25.78
N GLU E 90 8.71 37.58 27.06
CA GLU E 90 10.10 37.76 27.47
C GLU E 90 11.09 36.81 26.82
N MET E 91 10.74 35.53 26.74
CA MET E 91 11.64 34.56 26.12
C MET E 91 11.82 34.88 24.64
N GLY E 92 10.74 35.36 24.00
CA GLY E 92 10.83 35.73 22.60
C GLY E 92 11.85 36.87 22.46
N CYS E 93 11.87 37.77 23.43
CA CYS E 93 12.80 38.89 23.39
C CYS E 93 14.25 38.40 23.46
N PHE E 94 14.49 37.38 24.27
CA PHE E 94 15.83 36.82 24.40
C PHE E 94 16.28 36.31 23.02
N ILE E 95 15.43 35.52 22.38
CA ILE E 95 15.74 34.96 21.06
C ILE E 95 16.07 36.04 20.05
N VAL E 96 15.24 37.08 19.99
CA VAL E 96 15.47 38.16 19.03
C VAL E 96 16.73 38.99 19.31
N GLU E 97 16.85 39.44 20.55
CA GLU E 97 17.96 40.29 20.95
C GLU E 97 19.31 39.61 21.14
N LYS E 98 19.30 38.33 21.49
CA LYS E 98 20.55 37.60 21.74
C LYS E 98 20.93 36.59 20.67
N HIS E 99 20.07 36.36 19.69
CA HIS E 99 20.40 35.40 18.64
C HIS E 99 20.08 35.86 17.23
N LEU E 100 18.80 36.00 16.93
CA LEU E 100 18.36 36.36 15.59
C LEU E 100 18.80 37.71 15.02
N ASN E 101 19.10 38.67 15.90
CA ASN E 101 19.52 39.99 15.45
C ASN E 101 20.71 39.93 14.49
N ARG E 102 21.58 38.93 14.67
CA ARG E 102 22.77 38.84 13.82
C ARG E 102 22.45 38.57 12.35
N PHE E 103 21.27 38.01 12.07
CA PHE E 103 20.88 37.72 10.68
C PHE E 103 20.03 38.84 10.10
N ILE E 104 19.47 39.66 10.99
CA ILE E 104 18.58 40.75 10.60
C ILE E 104 19.26 42.09 10.27
N GLU E 105 20.03 42.61 11.23
CA GLU E 105 20.69 43.89 11.06
C GLU E 105 21.75 43.88 9.97
N GLY E 106 21.72 44.91 9.13
CA GLY E 106 22.69 45.01 8.04
C GLY E 106 22.14 44.53 6.71
N LYS E 107 21.04 43.79 6.74
CA LYS E 107 20.42 43.28 5.51
C LYS E 107 19.60 44.38 4.82
N CYS E 108 19.23 44.14 3.57
CA CYS E 108 18.38 45.09 2.85
C CYS E 108 16.98 44.81 3.36
N VAL E 109 16.10 45.81 3.36
CA VAL E 109 14.74 45.57 3.83
C VAL E 109 14.03 44.55 2.95
N SER E 110 14.56 44.31 1.75
CA SER E 110 13.94 43.33 0.84
C SER E 110 14.47 41.91 1.04
N ASP E 111 15.49 41.74 1.87
CA ASP E 111 16.07 40.40 2.10
C ASP E 111 15.24 39.56 3.06
N ILE E 112 13.91 39.59 2.90
CA ILE E 112 13.03 38.86 3.81
C ILE E 112 13.19 37.34 3.81
N LYS E 113 13.13 36.74 2.63
CA LYS E 113 13.26 35.28 2.51
C LYS E 113 14.62 34.79 2.99
N LEU E 114 15.66 35.59 2.75
CA LEU E 114 17.00 35.21 3.16
C LEU E 114 17.07 35.18 4.69
N ILE E 115 16.61 36.25 5.33
CA ILE E 115 16.63 36.30 6.78
C ILE E 115 15.80 35.14 7.34
N HIS E 116 14.67 34.87 6.70
CA HIS E 116 13.79 33.78 7.14
C HIS E 116 14.52 32.44 7.14
N ASP E 117 15.20 32.13 6.04
CA ASP E 117 15.92 30.87 5.94
C ASP E 117 17.03 30.79 6.99
N GLN E 118 17.72 31.91 7.23
CA GLN E 118 18.80 31.91 8.20
C GLN E 118 18.27 31.73 9.62
N MET E 119 17.10 32.31 9.91
CA MET E 119 16.52 32.15 11.25
C MET E 119 16.16 30.67 11.47
N LEU E 120 15.57 30.05 10.46
CA LEU E 120 15.18 28.64 10.57
C LEU E 120 16.40 27.74 10.71
N GLY E 121 17.40 27.97 9.86
CA GLY E 121 18.60 27.15 9.91
C GLY E 121 19.39 27.30 11.20
N ALA E 122 19.49 28.52 11.71
CA ALA E 122 20.26 28.79 12.92
C ALA E 122 19.59 28.32 14.22
N THR E 123 18.28 28.17 14.21
CA THR E 123 17.55 27.75 15.40
C THR E 123 17.04 26.32 15.32
N MET E 124 17.33 25.63 14.22
CA MET E 124 16.85 24.27 14.04
C MET E 124 17.18 23.36 15.20
N TYR E 125 18.34 23.57 15.81
CA TYR E 125 18.76 22.71 16.92
C TYR E 125 17.96 22.90 18.21
N TYR E 126 17.16 23.96 18.32
CA TYR E 126 16.36 24.14 19.53
C TYR E 126 14.92 24.64 19.31
N SER E 127 14.52 24.78 18.05
CA SER E 127 13.18 25.29 17.77
C SER E 127 12.07 24.25 17.89
N GLY E 128 12.41 22.98 17.77
CA GLY E 128 11.39 21.94 17.84
C GLY E 128 10.35 22.06 16.72
N SER E 129 10.70 22.77 15.65
CA SER E 129 9.79 22.95 14.51
C SER E 129 8.43 23.58 14.79
N GLY E 130 8.28 24.22 15.95
CA GLY E 130 6.99 24.82 16.25
C GLY E 130 6.97 25.41 17.64
N GLY E 131 5.84 26.01 18.03
CA GLY E 131 5.75 26.59 19.36
C GLY E 131 6.57 27.86 19.54
N LEU E 132 6.91 28.13 20.79
CA LEU E 132 7.64 29.31 21.21
C LEU E 132 8.69 29.88 20.25
N VAL E 133 9.68 29.07 19.89
CA VAL E 133 10.73 29.54 18.99
C VAL E 133 10.19 29.92 17.62
N MET E 134 9.27 29.11 17.09
CA MET E 134 8.71 29.40 15.78
C MET E 134 7.83 30.66 15.84
N ASN E 135 7.17 30.88 16.99
CA ASN E 135 6.33 32.07 17.15
C ASN E 135 7.22 33.31 17.05
N THR E 136 8.42 33.21 17.61
CA THR E 136 9.36 34.31 17.59
C THR E 136 9.84 34.59 16.17
N ILE E 137 10.21 33.52 15.47
CA ILE E 137 10.67 33.64 14.09
C ILE E 137 9.57 34.27 13.26
N SER E 138 8.34 33.80 13.47
CA SER E 138 7.18 34.32 12.73
C SER E 138 7.00 35.81 12.97
N CYS E 139 7.16 36.24 14.21
CA CYS E 139 7.00 37.65 14.57
C CYS E 139 8.03 38.50 13.83
N VAL E 140 9.26 38.02 13.73
CA VAL E 140 10.29 38.75 13.02
C VAL E 140 9.93 38.84 11.53
N ASP E 141 9.53 37.71 10.96
CA ASP E 141 9.17 37.66 9.54
C ASP E 141 8.07 38.69 9.22
N LEU E 142 7.06 38.76 10.10
CA LEU E 142 5.97 39.69 9.89
C LEU E 142 6.44 41.12 10.02
N ALA E 143 7.32 41.39 10.98
CA ALA E 143 7.85 42.73 11.17
C ALA E 143 8.63 43.14 9.91
N LEU E 144 9.33 42.20 9.31
CA LEU E 144 10.10 42.48 8.10
C LEU E 144 9.19 42.82 6.92
N TRP E 145 8.10 42.05 6.77
CA TRP E 145 7.15 42.32 5.69
C TRP E 145 6.48 43.67 5.93
N ASP E 146 6.20 43.98 7.19
CA ASP E 146 5.57 45.25 7.53
C ASP E 146 6.49 46.42 7.15
N LEU E 147 7.77 46.30 7.51
CA LEU E 147 8.75 47.34 7.19
C LEU E 147 8.91 47.51 5.69
N PHE E 148 9.05 46.39 4.97
CA PHE E 148 9.22 46.44 3.52
C PHE E 148 8.02 47.14 2.87
N GLY E 149 6.82 46.77 3.30
CA GLY E 149 5.63 47.40 2.75
C GLY E 149 5.56 48.88 3.05
N LYS E 150 5.96 49.27 4.26
CA LYS E 150 5.93 50.68 4.63
C LYS E 150 7.00 51.48 3.89
N VAL E 151 8.13 50.84 3.60
CA VAL E 151 9.20 51.51 2.87
C VAL E 151 8.78 51.71 1.41
N VAL E 152 8.21 50.67 0.82
CA VAL E 152 7.76 50.74 -0.56
C VAL E 152 6.51 51.61 -0.72
N GLY E 153 5.68 51.64 0.31
CA GLY E 153 4.46 52.42 0.28
C GLY E 153 3.26 51.65 -0.22
N LEU E 154 3.26 50.33 -0.01
CA LEU E 154 2.15 49.49 -0.46
C LEU E 154 1.66 48.52 0.60
N PRO E 155 0.37 48.15 0.53
CA PRO E 155 -0.18 47.20 1.50
C PRO E 155 0.46 45.87 1.17
N VAL E 156 0.67 45.02 2.16
CA VAL E 156 1.27 43.72 1.91
C VAL E 156 0.46 42.92 0.88
N TYR E 157 -0.87 43.02 0.95
CA TYR E 157 -1.70 42.25 0.02
C TYR E 157 -1.44 42.61 -1.45
N LYS E 158 -1.02 43.84 -1.72
CA LYS E 158 -0.73 44.22 -3.10
C LYS E 158 0.65 43.72 -3.49
N LEU E 159 1.59 43.73 -2.54
CA LEU E 159 2.94 43.24 -2.82
C LEU E 159 2.88 41.76 -3.19
N LEU E 160 1.96 41.03 -2.57
CA LEU E 160 1.81 39.59 -2.81
C LEU E 160 1.17 39.21 -4.13
N GLY E 161 0.62 40.19 -4.86
CA GLY E 161 -0.01 39.85 -6.12
C GLY E 161 -1.48 40.22 -6.15
N GLY E 162 -1.91 41.01 -5.17
CA GLY E 162 -3.29 41.48 -5.14
C GLY E 162 -4.38 40.60 -4.59
N ALA E 163 -5.51 41.23 -4.30
CA ALA E 163 -6.67 40.52 -3.76
C ALA E 163 -7.35 39.71 -4.86
N VAL E 164 -7.91 38.57 -4.48
CA VAL E 164 -8.62 37.73 -5.43
C VAL E 164 -10.11 37.76 -5.10
N ARG E 165 -10.46 38.62 -4.15
CA ARG E 165 -11.84 38.81 -3.71
C ARG E 165 -11.94 40.24 -3.16
N ASP E 166 -13.10 40.86 -3.30
CA ASP E 166 -13.27 42.25 -2.83
C ASP E 166 -13.41 42.39 -1.33
N GLU E 167 -13.75 41.30 -0.65
CA GLU E 167 -13.90 41.34 0.80
C GLU E 167 -13.64 39.97 1.40
N ILE E 168 -13.25 39.97 2.67
CA ILE E 168 -13.00 38.73 3.39
C ILE E 168 -14.26 38.48 4.21
N GLN E 169 -14.81 37.28 4.12
CA GLN E 169 -15.99 36.95 4.90
C GLN E 169 -15.51 36.11 6.07
N PHE E 170 -16.04 36.38 7.26
CA PHE E 170 -15.63 35.71 8.49
C PHE E 170 -16.64 34.84 9.21
N TYR E 171 -16.10 33.86 9.95
CA TYR E 171 -16.93 33.02 10.81
C TYR E 171 -16.38 33.45 12.16
N ALA E 172 -17.18 33.36 13.22
CA ALA E 172 -16.71 33.79 14.53
C ALA E 172 -16.51 32.65 15.51
N THR E 173 -15.42 32.70 16.26
CA THR E 173 -15.14 31.67 17.25
C THR E 173 -15.45 32.23 18.64
N GLY E 174 -16.28 31.50 19.36
CA GLY E 174 -16.68 31.94 20.70
C GLY E 174 -17.88 31.14 21.17
N ALA E 175 -18.37 31.49 22.35
CA ALA E 175 -19.51 30.79 22.94
C ALA E 175 -20.89 31.23 22.44
N ARG E 176 -20.94 32.25 21.60
CA ARG E 176 -22.24 32.71 21.12
C ARG E 176 -22.44 32.78 19.61
N PRO E 177 -22.55 31.61 18.94
CA PRO E 177 -22.76 31.60 17.49
C PRO E 177 -24.01 32.38 17.12
N ASP E 178 -25.01 32.37 18.02
CA ASP E 178 -26.25 33.08 17.78
C ASP E 178 -26.02 34.59 17.69
N LEU E 179 -25.20 35.14 18.57
CA LEU E 179 -24.92 36.58 18.53
C LEU E 179 -24.06 36.88 17.30
N ALA E 180 -23.20 35.94 16.92
CA ALA E 180 -22.33 36.14 15.77
C ALA E 180 -23.18 36.23 14.50
N LYS E 181 -24.24 35.42 14.43
CA LYS E 181 -25.11 35.45 13.27
C LYS E 181 -25.72 36.85 13.15
N GLU E 182 -26.14 37.40 14.28
CA GLU E 182 -26.73 38.74 14.30
C GLU E 182 -25.73 39.78 13.80
N MET E 183 -24.46 39.59 14.12
CA MET E 183 -23.42 40.51 13.70
C MET E 183 -23.06 40.40 12.22
N GLY E 184 -23.56 39.36 11.56
CA GLY E 184 -23.27 39.21 10.14
C GLY E 184 -22.26 38.14 9.75
N PHE E 185 -21.73 37.41 10.73
CA PHE E 185 -20.76 36.36 10.46
C PHE E 185 -21.43 35.22 9.69
N ILE E 186 -20.65 34.43 8.96
CA ILE E 186 -21.19 33.34 8.18
C ILE E 186 -21.28 32.02 8.94
N GLY E 187 -20.73 32.00 10.14
CA GLY E 187 -20.77 30.79 10.94
C GLY E 187 -20.19 31.03 12.32
N GLY E 188 -20.33 30.03 13.18
CA GLY E 188 -19.81 30.17 14.52
C GLY E 188 -19.16 28.89 14.99
N LYS E 189 -17.91 28.99 15.45
CA LYS E 189 -17.18 27.83 15.96
C LYS E 189 -17.18 27.91 17.48
N MET E 190 -17.62 26.84 18.13
CA MET E 190 -17.68 26.78 19.58
C MET E 190 -16.65 25.81 20.12
N PRO E 191 -16.15 26.07 21.33
CA PRO E 191 -15.16 25.18 21.94
C PRO E 191 -15.88 24.03 22.63
N THR E 192 -15.25 22.87 22.69
CA THR E 192 -15.85 21.75 23.41
C THR E 192 -15.54 22.02 24.87
N HIS E 193 -16.40 21.56 25.76
CA HIS E 193 -16.19 21.77 27.19
C HIS E 193 -15.87 20.49 27.93
N TRP E 194 -16.09 19.35 27.27
CA TRP E 194 -15.84 18.07 27.91
C TRP E 194 -14.86 17.24 27.09
N GLY E 195 -14.22 16.27 27.75
CA GLY E 195 -13.24 15.44 27.06
C GLY E 195 -13.42 13.94 27.25
N PRO E 196 -12.47 13.13 26.77
CA PRO E 196 -12.52 11.67 26.88
C PRO E 196 -12.88 11.14 28.26
N HIS E 197 -12.33 11.75 29.30
CA HIS E 197 -12.61 11.33 30.67
C HIS E 197 -14.08 11.52 31.04
N ASP E 198 -14.80 12.32 30.27
CA ASP E 198 -16.22 12.55 30.53
C ASP E 198 -17.11 11.55 29.80
N GLY E 199 -16.49 10.78 28.91
CA GLY E 199 -17.22 9.76 28.18
C GLY E 199 -18.49 10.16 27.45
N ASP E 200 -19.48 9.27 27.48
CA ASP E 200 -20.74 9.52 26.79
C ASP E 200 -21.46 10.78 27.27
N ALA E 201 -21.35 11.10 28.54
CA ALA E 201 -22.00 12.31 29.08
C ALA E 201 -21.36 13.54 28.43
N GLY E 202 -20.04 13.51 28.26
CA GLY E 202 -19.35 14.62 27.65
C GLY E 202 -19.77 14.82 26.20
N ILE E 203 -19.91 13.71 25.49
CA ILE E 203 -20.32 13.76 24.09
C ILE E 203 -21.74 14.30 23.99
N ARG E 204 -22.62 13.82 24.86
CA ARG E 204 -24.01 14.25 24.86
C ARG E 204 -24.13 15.75 25.13
N LYS E 205 -23.34 16.25 26.08
CA LYS E 205 -23.39 17.67 26.43
C LYS E 205 -22.89 18.61 25.33
N ASP E 206 -21.74 18.30 24.74
CA ASP E 206 -21.25 19.16 23.68
C ASP E 206 -22.11 19.04 22.43
N ALA E 207 -22.66 17.86 22.17
CA ALA E 207 -23.52 17.67 21.01
C ALA E 207 -24.82 18.46 21.23
N ALA E 208 -25.31 18.49 22.47
CA ALA E 208 -26.53 19.21 22.80
C ALA E 208 -26.29 20.71 22.60
N MET E 209 -25.08 21.15 22.92
CA MET E 209 -24.70 22.55 22.76
C MET E 209 -24.81 22.91 21.27
N VAL E 210 -24.33 22.02 20.41
CA VAL E 210 -24.39 22.24 18.98
C VAL E 210 -25.84 22.23 18.48
N ALA E 211 -26.61 21.26 18.93
CA ALA E 211 -28.02 21.14 18.55
C ALA E 211 -28.78 22.41 18.89
N ASP E 212 -28.51 22.96 20.08
CA ASP E 212 -29.17 24.17 20.53
C ASP E 212 -28.85 25.34 19.61
N MET E 213 -27.58 25.51 19.25
CA MET E 213 -27.21 26.59 18.36
C MET E 213 -27.74 26.40 16.94
N ARG E 214 -27.88 25.16 16.50
CA ARG E 214 -28.42 24.89 15.16
C ARG E 214 -29.87 25.36 15.13
N GLU E 215 -30.57 25.09 16.23
CA GLU E 215 -31.97 25.48 16.37
C GLU E 215 -32.06 27.01 16.31
N LYS E 216 -31.18 27.68 17.04
CA LYS E 216 -31.17 29.14 17.09
C LYS E 216 -30.66 29.85 15.84
N CYS E 217 -29.71 29.24 15.14
CA CYS E 217 -29.11 29.87 13.97
C CYS E 217 -29.63 29.48 12.59
N GLY E 218 -30.41 28.41 12.50
CA GLY E 218 -30.91 27.99 11.21
C GLY E 218 -29.93 27.06 10.51
N PRO E 219 -30.30 26.48 9.37
CA PRO E 219 -29.47 25.55 8.60
C PRO E 219 -28.28 26.09 7.80
N ASP E 220 -28.36 27.31 7.32
CA ASP E 220 -27.28 27.86 6.49
C ASP E 220 -26.09 28.49 7.23
N PHE E 221 -26.31 28.89 8.48
CA PHE E 221 -25.25 29.48 9.28
C PHE E 221 -24.37 28.32 9.73
N TRP E 222 -23.09 28.34 9.39
CA TRP E 222 -22.20 27.24 9.76
C TRP E 222 -21.95 27.12 11.26
N LEU E 223 -21.77 25.87 11.71
CA LEU E 223 -21.46 25.59 13.10
C LEU E 223 -20.27 24.64 13.09
N MET E 224 -19.28 24.92 13.94
CA MET E 224 -18.08 24.09 14.01
C MET E 224 -17.69 23.88 15.47
N LEU E 225 -16.87 22.86 15.73
CA LEU E 225 -16.40 22.59 17.08
C LEU E 225 -14.88 22.63 17.14
N ASP E 226 -14.35 23.34 18.11
CA ASP E 226 -12.91 23.42 18.31
C ASP E 226 -12.63 22.53 19.54
N CYS E 227 -11.72 21.57 19.38
CA CYS E 227 -11.42 20.63 20.45
C CYS E 227 -10.06 20.82 21.13
N TRP E 228 -9.36 21.88 20.75
CA TRP E 228 -8.05 22.24 21.30
C TRP E 228 -7.16 21.08 21.81
N MET E 229 -6.80 20.16 20.91
CA MET E 229 -5.91 19.03 21.22
C MET E 229 -6.34 18.13 22.38
N SER E 230 -7.59 18.24 22.81
CA SER E 230 -8.07 17.51 23.98
C SER E 230 -8.59 16.09 23.88
N GLN E 231 -8.69 15.52 22.69
CA GLN E 231 -9.28 14.19 22.58
C GLN E 231 -8.35 13.09 22.06
N ASP E 232 -8.94 11.95 21.73
CA ASP E 232 -8.20 10.84 21.14
C ASP E 232 -9.09 10.41 19.97
N VAL E 233 -8.60 9.51 19.13
CA VAL E 233 -9.37 9.10 17.96
C VAL E 233 -10.79 8.61 18.24
N ASN E 234 -10.95 7.71 19.22
CA ASN E 234 -12.27 7.18 19.52
C ASN E 234 -13.26 8.25 19.99
N TYR E 235 -12.85 9.08 20.93
CA TYR E 235 -13.74 10.13 21.44
C TYR E 235 -14.12 11.10 20.33
N ALA E 236 -13.13 11.52 19.54
CA ALA E 236 -13.38 12.44 18.45
C ALA E 236 -14.34 11.83 17.44
N THR E 237 -14.17 10.54 17.17
CA THR E 237 -15.03 9.85 16.23
C THR E 237 -16.47 9.83 16.76
N LYS E 238 -16.63 9.50 18.04
CA LYS E 238 -17.96 9.46 18.65
C LYS E 238 -18.61 10.85 18.62
N LEU E 239 -17.84 11.87 18.96
CA LEU E 239 -18.39 13.24 18.97
C LEU E 239 -18.80 13.69 17.57
N ALA E 240 -17.96 13.42 16.58
CA ALA E 240 -18.26 13.81 15.21
C ALA E 240 -19.57 13.19 14.75
N HIS E 241 -19.73 11.89 15.00
CA HIS E 241 -20.95 11.21 14.59
C HIS E 241 -22.16 11.71 15.38
N ALA E 242 -21.96 12.07 16.63
CA ALA E 242 -23.05 12.58 17.46
C ALA E 242 -23.51 13.95 16.96
N CYS E 243 -22.61 14.67 16.28
CA CYS E 243 -22.95 16.00 15.76
C CYS E 243 -23.38 15.99 14.29
N ALA E 244 -23.26 14.84 13.64
CA ALA E 244 -23.62 14.72 12.23
C ALA E 244 -25.07 15.13 11.91
N PRO E 245 -26.03 14.78 12.79
CA PRO E 245 -27.43 15.15 12.54
C PRO E 245 -27.67 16.66 12.46
N PHE E 246 -26.74 17.45 12.99
CA PHE E 246 -26.88 18.89 12.98
C PHE E 246 -26.00 19.57 11.93
N ASN E 247 -25.45 18.76 11.04
CA ASN E 247 -24.58 19.24 9.96
C ASN E 247 -23.41 20.09 10.46
N LEU E 248 -22.69 19.58 11.45
CA LEU E 248 -21.51 20.30 11.96
C LEU E 248 -20.59 20.36 10.74
N LYS E 249 -20.14 21.56 10.39
CA LYS E 249 -19.27 21.72 9.21
C LYS E 249 -17.92 21.04 9.37
N TRP E 250 -17.29 21.21 10.54
CA TRP E 250 -16.01 20.57 10.78
C TRP E 250 -15.72 20.44 12.27
N ILE E 251 -14.82 19.51 12.61
CA ILE E 251 -14.41 19.30 13.99
C ILE E 251 -12.90 19.57 13.94
N GLU E 252 -12.47 20.53 14.75
CA GLU E 252 -11.09 21.02 14.74
C GLU E 252 -10.12 20.64 15.84
N GLU E 253 -8.88 20.38 15.41
CA GLU E 253 -7.77 20.02 16.28
C GLU E 253 -8.12 19.05 17.41
N CYS E 254 -8.67 17.90 17.05
CA CYS E 254 -9.05 16.91 18.03
C CYS E 254 -7.86 16.30 18.75
N LEU E 255 -6.72 16.28 18.07
CA LEU E 255 -5.53 15.64 18.63
C LEU E 255 -4.27 16.51 18.75
N PRO E 256 -3.35 16.12 19.65
CA PRO E 256 -2.11 16.87 19.82
C PRO E 256 -1.45 16.91 18.43
N PRO E 257 -0.64 17.93 18.13
CA PRO E 257 0.02 18.07 16.83
C PRO E 257 0.89 16.93 16.28
N GLN E 258 1.59 16.20 17.14
CA GLN E 258 2.45 15.11 16.67
C GLN E 258 1.68 13.90 16.15
N GLN E 259 0.40 13.80 16.50
CA GLN E 259 -0.39 12.64 16.11
C GLN E 259 -0.93 12.60 14.68
N TYR E 260 -0.02 12.65 13.71
CA TYR E 260 -0.40 12.61 12.30
C TYR E 260 -1.14 11.33 11.96
N GLU E 261 -0.64 10.21 12.47
CA GLU E 261 -1.26 8.92 12.21
C GLU E 261 -2.70 8.91 12.73
N GLY E 262 -2.91 9.54 13.88
CA GLY E 262 -4.24 9.60 14.45
C GLY E 262 -5.16 10.46 13.60
N TYR E 263 -4.64 11.56 13.07
CA TYR E 263 -5.45 12.43 12.23
C TYR E 263 -5.88 11.69 10.97
N ARG E 264 -4.98 10.88 10.42
CA ARG E 264 -5.31 10.11 9.23
C ARG E 264 -6.49 9.17 9.52
N GLU E 265 -6.42 8.50 10.66
CA GLU E 265 -7.48 7.56 11.04
C GLU E 265 -8.79 8.29 11.34
N LEU E 266 -8.70 9.42 12.02
CA LEU E 266 -9.89 10.21 12.36
C LEU E 266 -10.59 10.68 11.09
N LYS E 267 -9.82 11.17 10.12
CA LYS E 267 -10.40 11.63 8.87
C LYS E 267 -11.13 10.48 8.18
N ARG E 268 -10.54 9.29 8.22
CA ARG E 268 -11.16 8.13 7.61
C ARG E 268 -12.47 7.76 8.32
N ASN E 269 -12.52 7.98 9.63
CA ASN E 269 -13.71 7.65 10.43
C ASN E 269 -14.79 8.73 10.44
N ALA E 270 -14.48 9.91 9.90
CA ALA E 270 -15.43 11.02 9.93
C ALA E 270 -16.72 10.80 9.15
N PRO E 271 -17.85 11.35 9.66
CA PRO E 271 -19.13 11.22 8.99
C PRO E 271 -18.99 11.78 7.58
N ALA E 272 -19.71 11.22 6.62
CA ALA E 272 -19.64 11.68 5.24
C ALA E 272 -19.93 13.18 5.13
N GLY E 273 -19.05 13.90 4.46
CA GLY E 273 -19.25 15.33 4.28
C GLY E 273 -18.74 16.23 5.39
N MET E 274 -18.46 15.66 6.56
CA MET E 274 -17.97 16.46 7.68
C MET E 274 -16.45 16.59 7.58
N MET E 275 -15.94 17.81 7.71
CA MET E 275 -14.51 18.01 7.61
C MET E 275 -13.76 17.87 8.92
N VAL E 276 -12.47 17.53 8.81
CA VAL E 276 -11.59 17.39 9.96
C VAL E 276 -10.48 18.39 9.71
N THR E 277 -10.18 19.23 10.71
CA THR E 277 -9.15 20.25 10.54
C THR E 277 -8.15 20.28 11.70
N SER E 278 -7.05 20.98 11.47
CA SER E 278 -6.00 21.14 12.46
C SER E 278 -4.92 22.03 11.87
N GLY E 279 -3.85 22.27 12.63
CA GLY E 279 -2.76 23.06 12.11
C GLY E 279 -2.34 24.31 12.86
N GLU E 280 -3.20 24.87 13.69
CA GLU E 280 -2.82 26.11 14.39
C GLU E 280 -1.56 25.97 15.24
N HIS E 281 -1.28 24.77 15.73
CA HIS E 281 -0.09 24.58 16.56
C HIS E 281 1.10 23.99 15.80
N HIS E 282 0.93 23.69 14.51
CA HIS E 282 2.02 23.14 13.71
C HIS E 282 2.91 24.27 13.20
N GLY E 283 4.17 23.93 12.91
CA GLY E 283 5.12 24.92 12.43
C GLY E 283 6.07 24.32 11.40
N THR E 284 6.58 25.17 10.51
CA THR E 284 7.49 24.79 9.41
C THR E 284 6.72 24.14 8.27
N LEU E 285 7.14 24.46 7.06
CA LEU E 285 6.50 23.93 5.87
C LEU E 285 6.50 22.41 5.84
N GLN E 286 7.60 21.79 6.29
CA GLN E 286 7.69 20.33 6.27
C GLN E 286 6.64 19.65 7.15
N SER E 287 6.34 20.24 8.31
CA SER E 287 5.33 19.66 9.20
C SER E 287 3.97 19.73 8.50
N PHE E 288 3.73 20.81 7.78
CA PHE E 288 2.46 20.95 7.08
C PHE E 288 2.36 19.98 5.90
N ARG E 289 3.50 19.58 5.35
CA ARG E 289 3.55 18.61 4.26
C ARG E 289 3.02 17.30 4.85
N THR E 290 3.52 16.95 6.03
CA THR E 290 3.11 15.73 6.71
C THR E 290 1.64 15.81 7.12
N LEU E 291 1.24 16.96 7.66
CA LEU E 291 -0.15 17.14 8.09
C LEU E 291 -1.09 17.02 6.89
N ALA E 292 -0.72 17.65 5.78
CA ALA E 292 -1.56 17.61 4.58
C ALA E 292 -1.76 16.18 4.09
N GLU E 293 -0.70 15.37 4.17
CA GLU E 293 -0.79 14.00 3.70
C GLU E 293 -1.65 13.08 4.57
N THR E 294 -2.11 13.56 5.73
CA THR E 294 -2.97 12.74 6.57
C THR E 294 -4.37 12.72 5.96
N GLY E 295 -4.61 13.66 5.04
CA GLY E 295 -5.90 13.75 4.38
C GLY E 295 -6.90 14.71 5.01
N ILE E 296 -6.51 15.42 6.07
CA ILE E 296 -7.47 16.35 6.67
C ILE E 296 -7.86 17.41 5.65
N ASP E 297 -9.06 17.95 5.81
CA ASP E 297 -9.62 18.91 4.87
C ASP E 297 -9.06 20.32 4.83
N ILE E 298 -8.79 20.90 6.00
CA ILE E 298 -8.29 22.26 6.07
C ILE E 298 -7.17 22.39 7.08
N MET E 299 -6.09 23.04 6.67
CA MET E 299 -4.96 23.27 7.57
C MET E 299 -5.14 24.70 8.05
N GLN E 300 -4.94 24.91 9.35
CA GLN E 300 -5.16 26.22 9.96
C GLN E 300 -3.98 26.86 10.67
N PRO E 301 -2.89 27.10 9.95
CA PRO E 301 -1.74 27.72 10.60
C PRO E 301 -2.05 29.11 11.12
N ASP E 302 -1.38 29.50 12.21
CA ASP E 302 -1.54 30.85 12.73
C ASP E 302 -0.34 31.54 12.07
N VAL E 303 -0.57 32.66 11.41
CA VAL E 303 0.51 33.36 10.73
C VAL E 303 1.66 33.72 11.67
N GLY E 304 1.32 34.05 12.91
CA GLY E 304 2.34 34.40 13.89
C GLY E 304 2.97 33.22 14.61
N TRP E 305 2.54 32.00 14.30
CA TRP E 305 3.09 30.82 14.95
C TRP E 305 3.69 29.78 14.00
N CYS E 306 3.20 29.74 12.77
CA CYS E 306 3.63 28.74 11.79
C CYS E 306 5.00 28.98 11.16
N GLY E 307 5.50 30.20 11.28
CA GLY E 307 6.79 30.54 10.69
C GLY E 307 6.73 31.92 10.07
N GLY E 308 5.53 32.48 9.98
CA GLY E 308 5.36 33.81 9.43
C GLY E 308 4.62 33.83 8.11
N LEU E 309 4.53 35.01 7.52
CA LEU E 309 3.86 35.17 6.23
C LEU E 309 4.59 34.37 5.15
N THR E 310 5.93 34.41 5.20
CA THR E 310 6.72 33.67 4.22
C THR E 310 6.33 32.20 4.20
N THR E 311 6.16 31.61 5.38
CA THR E 311 5.76 30.21 5.47
C THR E 311 4.30 30.03 5.10
N LEU E 312 3.43 30.93 5.55
CA LEU E 312 2.01 30.84 5.25
C LEU E 312 1.75 30.75 3.74
N VAL E 313 2.44 31.58 2.97
CA VAL E 313 2.25 31.58 1.52
C VAL E 313 2.64 30.22 0.93
N GLU E 314 3.67 29.59 1.50
CA GLU E 314 4.09 28.28 1.01
C GLU E 314 3.04 27.23 1.38
N ILE E 315 2.51 27.33 2.60
CA ILE E 315 1.50 26.38 3.05
C ILE E 315 0.26 26.50 2.16
N ALA E 316 -0.09 27.71 1.77
CA ALA E 316 -1.25 27.94 0.92
C ALA E 316 -1.07 27.23 -0.42
N ALA E 317 0.15 27.28 -0.96
CA ALA E 317 0.44 26.64 -2.23
C ALA E 317 0.36 25.12 -2.09
N LEU E 318 0.87 24.61 -0.97
CA LEU E 318 0.84 23.18 -0.70
C LEU E 318 -0.61 22.71 -0.72
N ALA E 319 -1.47 23.37 0.05
CA ALA E 319 -2.87 23.01 0.09
C ALA E 319 -3.54 23.15 -1.27
N LYS E 320 -3.24 24.25 -1.95
CA LYS E 320 -3.82 24.49 -3.27
C LYS E 320 -3.45 23.38 -4.26
N SER E 321 -2.19 22.93 -4.19
CA SER E 321 -1.73 21.87 -5.09
C SER E 321 -2.53 20.60 -4.91
N ARG E 322 -3.07 20.40 -3.72
CA ARG E 322 -3.85 19.21 -3.40
C ARG E 322 -5.36 19.46 -3.55
N GLY E 323 -5.70 20.65 -4.03
CA GLY E 323 -7.09 21.01 -4.23
C GLY E 323 -7.83 21.25 -2.92
N GLN E 324 -7.10 21.63 -1.89
CA GLN E 324 -7.67 21.87 -0.57
C GLN E 324 -7.59 23.33 -0.13
N LEU E 325 -8.24 23.63 0.99
CA LEU E 325 -8.28 24.98 1.54
C LEU E 325 -7.34 25.21 2.71
N VAL E 326 -6.97 26.47 2.91
CA VAL E 326 -6.13 26.87 4.02
C VAL E 326 -6.90 28.01 4.67
N VAL E 327 -7.21 27.87 5.95
CA VAL E 327 -7.94 28.89 6.69
C VAL E 327 -7.18 29.14 7.98
N PRO E 328 -6.32 30.16 7.99
CA PRO E 328 -5.50 30.53 9.14
C PRO E 328 -6.26 30.74 10.44
N HIS E 329 -5.55 30.51 11.54
CA HIS E 329 -6.09 30.70 12.88
C HIS E 329 -5.88 32.16 13.27
N GLY E 330 -6.98 32.86 13.62
CA GLY E 330 -6.92 34.26 14.03
C GLY E 330 -5.99 35.10 13.18
N SER E 331 -5.00 35.71 13.83
CA SER E 331 -3.96 36.52 13.16
C SER E 331 -4.28 37.94 12.66
N SER E 332 -5.55 38.35 12.69
CA SER E 332 -5.90 39.70 12.27
C SER E 332 -5.29 40.12 10.93
N VAL E 333 -4.74 41.33 10.87
CA VAL E 333 -4.15 41.85 9.63
C VAL E 333 -3.06 40.98 9.02
N TYR E 334 -2.35 40.23 9.86
CA TYR E 334 -1.28 39.37 9.36
C TYR E 334 -1.84 38.27 8.48
N SER E 335 -3.08 37.90 8.75
CA SER E 335 -3.76 36.89 7.94
C SER E 335 -4.50 37.58 6.79
N HIS E 336 -5.21 38.65 7.11
CA HIS E 336 -6.00 39.38 6.10
C HIS E 336 -5.22 39.70 4.83
N HIS E 337 -4.06 40.33 4.97
CA HIS E 337 -3.26 40.70 3.82
C HIS E 337 -2.80 39.51 2.98
N ALA E 338 -2.71 38.35 3.63
CA ALA E 338 -2.29 37.15 2.91
C ALA E 338 -3.48 36.43 2.27
N VAL E 339 -4.45 36.05 3.09
CA VAL E 339 -5.61 35.31 2.62
C VAL E 339 -6.50 36.01 1.61
N ILE E 340 -6.50 37.34 1.59
CA ILE E 340 -7.34 38.02 0.62
C ILE E 340 -6.76 37.79 -0.79
N THR E 341 -5.54 37.26 -0.84
CA THR E 341 -4.89 36.98 -2.12
C THR E 341 -4.87 35.49 -2.44
N PHE E 342 -5.40 34.67 -1.53
CA PHE E 342 -5.42 33.22 -1.72
C PHE E 342 -6.75 32.74 -2.29
N THR E 343 -6.70 32.09 -3.46
CA THR E 343 -7.94 31.59 -4.06
C THR E 343 -8.52 30.49 -3.19
N ASN E 344 -7.67 29.79 -2.44
CA ASN E 344 -8.14 28.71 -1.59
C ASN E 344 -8.37 29.05 -0.11
N THR E 345 -8.70 30.31 0.16
CA THR E 345 -9.04 30.75 1.51
C THR E 345 -10.32 31.56 1.32
N PRO E 346 -11.44 30.87 1.04
CA PRO E 346 -12.75 31.49 0.80
C PRO E 346 -13.39 32.21 1.99
N PHE E 347 -12.86 31.97 3.18
CA PHE E 347 -13.36 32.61 4.40
C PHE E 347 -12.26 32.61 5.45
N SER E 348 -12.41 33.46 6.46
CA SER E 348 -11.42 33.57 7.53
C SER E 348 -12.03 33.50 8.91
N GLU E 349 -11.16 33.41 9.92
CA GLU E 349 -11.61 33.33 11.30
C GLU E 349 -11.45 34.62 12.07
N PHE E 350 -12.42 34.90 12.93
CA PHE E 350 -12.36 36.04 13.82
C PHE E 350 -12.57 35.43 15.19
N LEU E 351 -11.51 35.41 16.01
CA LEU E 351 -11.58 34.83 17.34
C LEU E 351 -12.01 35.89 18.36
N MET E 352 -13.21 35.73 18.90
CA MET E 352 -13.78 36.67 19.86
C MET E 352 -12.90 36.94 21.08
N THR E 353 -12.46 38.18 21.23
CA THR E 353 -11.66 38.57 22.40
C THR E 353 -12.61 39.23 23.40
N SER E 354 -13.83 39.48 22.94
CA SER E 354 -14.88 40.04 23.80
C SER E 354 -15.19 38.96 24.83
N PRO E 355 -15.11 39.29 26.14
CA PRO E 355 -15.38 38.33 27.21
C PRO E 355 -16.65 37.50 27.04
N ASP E 356 -17.73 38.14 26.61
CA ASP E 356 -19.00 37.43 26.43
C ASP E 356 -19.43 37.29 24.97
N CYS E 357 -18.49 37.51 24.06
CA CYS E 357 -18.75 37.39 22.63
C CYS E 357 -19.91 38.23 22.12
N SER E 358 -20.13 39.40 22.74
CA SER E 358 -21.23 40.26 22.33
C SER E 358 -20.79 41.48 21.53
N THR E 359 -19.49 41.76 21.51
CA THR E 359 -19.00 42.92 20.77
C THR E 359 -17.81 42.57 19.89
N LEU E 360 -17.47 43.50 19.01
CA LEU E 360 -16.37 43.30 18.08
C LEU E 360 -15.03 43.84 18.59
N ARG E 361 -14.66 43.45 19.80
CA ARG E 361 -13.39 43.89 20.35
C ARG E 361 -12.34 43.41 19.35
N PRO E 362 -11.40 44.28 18.94
CA PRO E 362 -10.38 43.84 17.98
C PRO E 362 -9.59 42.59 18.37
N GLN E 363 -9.22 41.81 17.36
CA GLN E 363 -8.49 40.56 17.53
C GLN E 363 -7.26 40.63 18.45
N PHE E 364 -6.47 41.69 18.30
CA PHE E 364 -5.27 41.85 19.13
C PHE E 364 -5.36 43.04 20.08
N ASP E 365 -6.58 43.41 20.45
CA ASP E 365 -6.79 44.52 21.37
C ASP E 365 -5.92 44.32 22.62
N PRO E 366 -5.22 45.37 23.07
CA PRO E 366 -5.19 46.73 22.51
C PRO E 366 -3.82 47.12 21.94
N ILE E 367 -2.97 46.13 21.65
CA ILE E 367 -1.63 46.42 21.18
C ILE E 367 -1.52 47.03 19.78
N LEU E 368 -2.56 46.84 18.96
CA LEU E 368 -2.56 47.39 17.59
C LEU E 368 -3.46 48.61 17.42
N LEU E 369 -2.88 49.73 17.00
CA LEU E 369 -3.65 50.94 16.78
C LEU E 369 -4.34 50.88 15.43
N ASP E 370 -5.60 51.30 15.38
CA ASP E 370 -6.39 51.30 14.16
C ASP E 370 -6.54 49.91 13.55
N GLU E 371 -6.69 48.91 14.42
CA GLU E 371 -6.85 47.54 13.96
C GLU E 371 -8.24 47.35 13.38
N PRO E 372 -8.33 46.92 12.11
CA PRO E 372 -9.66 46.75 11.55
C PRO E 372 -10.42 45.57 12.16
N VAL E 373 -11.74 45.67 12.15
CA VAL E 373 -12.60 44.61 12.66
C VAL E 373 -13.69 44.39 11.63
N PRO E 374 -14.26 43.19 11.59
CA PRO E 374 -15.33 42.94 10.62
C PRO E 374 -16.53 43.86 10.77
N VAL E 375 -17.09 44.26 9.65
CA VAL E 375 -18.29 45.09 9.60
C VAL E 375 -19.27 44.20 8.87
N ASN E 376 -20.37 43.85 9.55
CA ASN E 376 -21.36 42.95 8.98
C ASN E 376 -20.67 41.63 8.63
N GLY E 377 -19.72 41.23 9.48
CA GLY E 377 -19.00 39.98 9.29
C GLY E 377 -18.01 39.94 8.14
N ARG E 378 -17.65 41.12 7.63
CA ARG E 378 -16.72 41.19 6.51
C ARG E 378 -15.74 42.35 6.61
N ILE E 379 -14.62 42.21 5.90
CA ILE E 379 -13.62 43.28 5.85
C ILE E 379 -13.35 43.51 4.37
N HIS E 380 -13.75 44.68 3.87
CA HIS E 380 -13.55 45.02 2.46
C HIS E 380 -12.07 45.29 2.21
N LYS E 381 -11.60 44.96 1.01
CA LYS E 381 -10.19 45.16 0.69
C LYS E 381 -9.73 46.60 0.85
N SER E 382 -10.63 47.56 0.67
CA SER E 382 -10.28 48.97 0.80
C SER E 382 -9.82 49.28 2.23
N VAL E 383 -10.32 48.50 3.19
CA VAL E 383 -9.95 48.70 4.59
C VAL E 383 -8.46 48.39 4.78
N LEU E 384 -7.93 47.52 3.93
CA LEU E 384 -6.53 47.13 3.99
C LEU E 384 -5.60 47.99 3.14
N ASP E 385 -6.14 49.06 2.54
CA ASP E 385 -5.31 49.92 1.70
C ASP E 385 -4.44 50.90 2.48
N LYS E 386 -3.51 50.35 3.24
CA LYS E 386 -2.55 51.13 4.03
C LYS E 386 -1.23 50.38 3.90
N PRO E 387 -0.10 51.07 4.08
CA PRO E 387 1.25 50.48 3.97
C PRO E 387 1.50 49.30 4.92
N GLY E 388 2.23 48.30 4.43
CA GLY E 388 2.53 47.13 5.24
C GLY E 388 1.27 46.43 5.68
N PHE E 389 1.14 46.13 6.97
CA PHE E 389 -0.05 45.48 7.49
C PHE E 389 -1.05 46.53 7.97
N GLY E 390 -0.78 47.78 7.63
CA GLY E 390 -1.66 48.89 7.94
C GLY E 390 -1.94 49.36 9.36
N VAL E 391 -1.18 48.90 10.34
CA VAL E 391 -1.42 49.33 11.71
C VAL E 391 -0.18 49.93 12.37
N GLU E 392 -0.39 50.51 13.54
CA GLU E 392 0.71 51.10 14.30
C GLU E 392 0.74 50.51 15.70
N LEU E 393 1.93 50.51 16.31
CA LEU E 393 2.11 49.96 17.64
C LEU E 393 1.58 50.88 18.73
N ASN E 394 0.72 50.35 19.59
CA ASN E 394 0.17 51.14 20.68
C ASN E 394 1.20 51.21 21.80
N ARG E 395 1.98 52.27 21.82
CA ARG E 395 3.00 52.42 22.84
C ARG E 395 2.48 52.91 24.19
N ASP E 396 1.15 53.03 24.32
CA ASP E 396 0.57 53.44 25.58
C ASP E 396 0.50 52.20 26.48
N CYS E 397 0.73 51.04 25.89
CA CYS E 397 0.74 49.81 26.64
C CYS E 397 2.09 49.85 27.34
N HIS E 398 2.20 49.25 28.52
CA HIS E 398 3.46 49.30 29.24
C HIS E 398 4.46 48.28 28.70
N LEU E 399 5.02 48.56 27.53
CA LEU E 399 6.00 47.66 26.91
C LEU E 399 7.26 47.56 27.74
N LYS E 400 7.76 46.34 27.89
CA LYS E 400 8.98 46.08 28.64
C LYS E 400 10.06 45.61 27.68
N ARG E 401 11.29 46.07 27.90
CA ARG E 401 12.41 45.68 27.07
C ARG E 401 13.41 44.97 27.97
N PRO E 402 13.24 43.65 28.14
CA PRO E 402 14.11 42.85 28.99
C PRO E 402 15.57 42.69 28.54
N TYR E 403 15.82 42.78 27.24
CA TYR E 403 17.17 42.60 26.71
C TYR E 403 17.57 43.69 25.72
N SER E 404 18.88 43.88 25.56
CA SER E 404 19.45 44.85 24.65
C SER E 404 20.68 44.23 23.99
N HIS E 405 21.18 44.88 22.95
CA HIS E 405 22.39 44.39 22.27
C HIS E 405 23.05 45.54 21.51
N MET F 1 3.34 -7.40 57.03
CA MET F 1 4.32 -6.61 56.24
C MET F 1 4.74 -5.32 56.94
N GLU F 2 6.00 -4.95 56.78
CA GLU F 2 6.53 -3.74 57.39
C GLU F 2 5.92 -2.50 56.73
N ASN F 3 5.85 -1.41 57.49
CA ASN F 3 5.32 -0.17 56.97
C ASN F 3 6.31 0.33 55.92
N ILE F 4 5.79 0.89 54.83
CA ILE F 4 6.67 1.38 53.78
C ILE F 4 7.51 2.56 54.22
N MET F 5 8.60 2.76 53.49
CA MET F 5 9.51 3.87 53.72
C MET F 5 8.68 5.15 53.60
N THR F 6 8.89 6.10 54.50
CA THR F 6 8.14 7.34 54.43
C THR F 6 8.84 8.24 53.42
N LEU F 7 8.07 8.94 52.60
CA LEU F 7 8.63 9.82 51.59
C LEU F 7 8.18 11.26 51.80
N PRO F 8 9.11 12.21 51.65
CA PRO F 8 8.79 13.63 51.82
C PRO F 8 8.13 14.21 50.58
N LYS F 9 7.49 15.37 50.74
CA LYS F 9 6.87 16.04 49.62
C LYS F 9 7.93 16.98 49.05
N ILE F 10 7.71 17.47 47.83
CA ILE F 10 8.64 18.39 47.22
C ILE F 10 8.33 19.79 47.75
N LYS F 11 9.36 20.49 48.23
CA LYS F 11 9.16 21.82 48.79
C LYS F 11 9.44 22.95 47.79
N HIS F 12 10.61 22.91 47.15
CA HIS F 12 10.98 23.94 46.19
C HIS F 12 11.60 23.37 44.92
N VAL F 13 11.50 24.15 43.85
CA VAL F 13 12.15 23.82 42.59
C VAL F 13 12.85 25.14 42.23
N ARG F 14 14.13 25.07 41.88
CA ARG F 14 14.89 26.25 41.55
C ARG F 14 15.62 26.02 40.23
N ALA F 15 15.85 27.08 39.48
CA ALA F 15 16.56 26.98 38.20
C ALA F 15 17.67 28.02 38.08
N TRP F 16 18.83 27.57 37.60
CA TRP F 16 19.99 28.44 37.38
C TRP F 16 20.50 28.18 35.97
N PHE F 17 21.44 29.02 35.53
CA PHE F 17 22.06 28.82 34.23
C PHE F 17 23.50 29.32 34.27
N ILE F 18 24.31 28.82 33.35
CA ILE F 18 25.70 29.26 33.19
C ILE F 18 25.88 29.27 31.68
N GLY F 19 26.81 30.07 31.19
CA GLY F 19 27.05 30.13 29.76
C GLY F 19 25.91 30.80 29.02
N GLY F 20 25.89 30.67 27.70
CA GLY F 20 24.84 31.28 26.92
C GLY F 20 25.12 32.73 26.62
N ALA F 21 24.25 33.34 25.82
CA ALA F 21 24.39 34.73 25.41
C ALA F 21 24.34 35.76 26.53
N THR F 22 23.76 35.41 27.68
CA THR F 22 23.69 36.37 28.78
C THR F 22 24.63 36.04 29.93
N ALA F 23 25.58 35.15 29.67
CA ALA F 23 26.58 34.78 30.68
C ALA F 23 27.94 34.65 30.00
N GLU F 24 28.80 33.78 30.55
CA GLU F 24 30.14 33.59 30.02
C GLU F 24 30.22 32.56 28.90
N LYS F 25 30.57 33.01 27.69
CA LYS F 25 30.69 32.12 26.55
C LYS F 25 31.77 31.08 26.82
N GLY F 26 31.50 29.83 26.43
CA GLY F 26 32.46 28.76 26.64
C GLY F 26 32.38 28.07 27.99
N ALA F 27 31.27 28.25 28.70
CA ALA F 27 31.09 27.66 30.02
C ALA F 27 30.98 26.13 30.01
N GLY F 28 30.74 25.55 28.85
CA GLY F 28 30.63 24.10 28.76
C GLY F 28 29.42 23.58 29.50
N GLY F 29 29.62 22.61 30.40
CA GLY F 29 28.51 22.08 31.16
C GLY F 29 27.48 21.33 30.34
N GLY F 30 26.21 21.68 30.55
CA GLY F 30 25.12 21.01 29.84
C GLY F 30 25.09 21.25 28.33
N ASP F 31 25.48 22.45 27.90
CA ASP F 31 25.47 22.78 26.48
C ASP F 31 26.77 22.31 25.85
N TYR F 32 26.72 21.14 25.21
CA TYR F 32 27.89 20.54 24.56
C TYR F 32 28.62 21.51 23.64
N HIS F 33 27.88 22.41 23.01
CA HIS F 33 28.46 23.36 22.05
C HIS F 33 28.91 24.70 22.60
N ASP F 34 28.76 24.91 23.91
CA ASP F 34 29.18 26.17 24.50
C ASP F 34 30.65 26.03 24.89
N GLN F 35 31.51 25.96 23.86
CA GLN F 35 32.94 25.79 24.04
C GLN F 35 33.75 27.03 23.67
N GLY F 36 35.05 26.96 23.88
CA GLY F 36 35.93 28.06 23.55
C GLY F 36 36.40 27.91 22.11
N GLY F 37 37.55 28.50 21.79
CA GLY F 37 38.05 28.41 20.43
C GLY F 37 38.89 27.17 20.19
N ASN F 38 39.25 26.95 18.93
CA ASN F 38 40.07 25.81 18.53
C ASN F 38 39.49 24.46 18.96
N HIS F 39 38.17 24.37 19.01
CA HIS F 39 37.53 23.11 19.42
C HIS F 39 37.06 22.37 18.19
N TRP F 40 37.32 21.06 18.14
CA TRP F 40 36.93 20.25 16.99
C TRP F 40 35.42 20.36 16.72
N ILE F 41 34.65 20.50 17.79
CA ILE F 41 33.21 20.55 17.67
C ILE F 41 32.70 21.80 16.95
N ASP F 42 33.61 22.72 16.62
CA ASP F 42 33.24 23.94 15.92
C ASP F 42 34.11 24.12 14.68
N ASP F 43 34.83 23.07 14.30
CA ASP F 43 35.73 23.15 13.15
C ASP F 43 35.10 22.79 11.80
N HIS F 44 34.52 23.79 11.14
CA HIS F 44 33.91 23.60 9.83
C HIS F 44 32.98 22.39 9.77
N ILE F 45 32.04 22.32 10.72
CA ILE F 45 31.09 21.20 10.77
C ILE F 45 29.93 21.52 9.83
N ALA F 46 29.54 20.56 8.99
CA ALA F 46 28.44 20.78 8.05
C ALA F 46 27.13 20.94 8.82
N THR F 47 26.32 21.94 8.42
CA THR F 47 25.05 22.20 9.08
C THR F 47 24.08 22.81 8.08
N PRO F 48 22.82 23.05 8.50
CA PRO F 48 21.84 23.65 7.60
C PRO F 48 22.27 25.07 7.23
N MET F 49 23.23 25.62 8.00
CA MET F 49 23.70 26.98 7.76
C MET F 49 25.05 27.10 7.06
N SER F 50 25.78 26.00 6.94
CA SER F 50 27.11 26.06 6.33
C SER F 50 27.12 26.41 4.84
N LYS F 51 25.93 26.48 4.23
CA LYS F 51 25.83 26.85 2.83
C LYS F 51 26.05 28.37 2.72
N TYR F 52 25.98 29.06 3.85
CA TYR F 52 26.20 30.50 3.89
C TYR F 52 27.66 30.75 4.24
N ARG F 53 28.34 31.54 3.40
CA ARG F 53 29.74 31.84 3.60
C ARG F 53 30.10 32.31 5.01
N ASP F 54 29.31 33.22 5.57
CA ASP F 54 29.58 33.75 6.91
C ASP F 54 29.35 32.75 8.04
N TYR F 55 28.70 31.64 7.75
CA TYR F 55 28.41 30.65 8.80
C TYR F 55 28.94 29.26 8.48
N GLU F 56 29.85 29.19 7.53
CA GLU F 56 30.41 27.90 7.12
C GLU F 56 31.49 27.35 8.06
N GLN F 57 32.41 28.21 8.49
CA GLN F 57 33.50 27.76 9.34
C GLN F 57 33.13 27.44 10.78
N SER F 58 32.22 28.23 11.36
CA SER F 58 31.85 28.08 12.76
C SER F 58 30.36 27.98 13.08
N ARG F 59 29.98 26.95 13.82
CA ARG F 59 28.57 26.81 14.23
C ARG F 59 28.31 27.88 15.30
N GLN F 60 29.34 28.22 16.06
CA GLN F 60 29.19 29.25 17.07
C GLN F 60 28.79 30.57 16.39
N SER F 61 29.31 30.80 15.19
CA SER F 61 28.98 32.04 14.48
C SER F 61 27.48 32.20 14.21
N PHE F 62 26.76 31.11 13.97
CA PHE F 62 25.32 31.26 13.74
C PHE F 62 24.52 31.17 15.04
N GLY F 63 25.20 30.94 16.15
CA GLY F 63 24.52 30.89 17.44
C GLY F 63 24.18 29.55 18.05
N ILE F 64 25.00 28.53 17.78
CA ILE F 64 24.74 27.20 18.33
C ILE F 64 24.99 27.20 19.84
N ASN F 65 25.57 28.30 20.34
CA ASN F 65 25.92 28.44 21.74
C ASN F 65 25.17 29.51 22.54
N VAL F 66 24.08 30.03 21.99
CA VAL F 66 23.34 31.08 22.70
C VAL F 66 22.56 30.66 23.94
N LEU F 67 22.15 29.40 24.01
CA LEU F 67 21.36 28.93 25.15
C LEU F 67 22.12 28.66 26.44
N GLY F 68 23.25 27.98 26.34
CA GLY F 68 24.00 27.69 27.54
C GLY F 68 23.34 26.58 28.35
N THR F 69 23.76 26.46 29.59
CA THR F 69 23.28 25.40 30.47
C THR F 69 22.13 25.73 31.43
N LEU F 70 21.14 24.85 31.48
CA LEU F 70 20.04 25.02 32.41
C LEU F 70 20.33 24.05 33.54
N ILE F 71 20.17 24.51 34.78
CA ILE F 71 20.36 23.64 35.93
C ILE F 71 19.08 23.70 36.74
N VAL F 72 18.50 22.54 37.03
CA VAL F 72 17.27 22.50 37.81
C VAL F 72 17.52 21.70 39.07
N GLU F 73 17.15 22.26 40.21
CA GLU F 73 17.32 21.57 41.48
C GLU F 73 15.99 21.52 42.21
N VAL F 74 15.62 20.33 42.67
CA VAL F 74 14.38 20.14 43.39
C VAL F 74 14.75 19.80 44.83
N GLU F 75 14.13 20.48 45.79
CA GLU F 75 14.40 20.24 47.21
C GLU F 75 13.16 19.71 47.92
N ALA F 76 13.34 18.60 48.62
CA ALA F 76 12.23 17.97 49.35
C ALA F 76 12.07 18.62 50.73
N GLU F 77 10.94 18.35 51.38
CA GLU F 77 10.64 18.90 52.69
C GLU F 77 11.67 18.49 53.74
N ASN F 78 12.38 17.39 53.49
CA ASN F 78 13.39 16.91 54.44
C ASN F 78 14.77 17.46 54.09
N ARG F 79 14.79 18.46 53.22
CA ARG F 79 16.02 19.13 52.78
C ARG F 79 16.91 18.39 51.80
N GLN F 80 16.55 17.17 51.44
CA GLN F 80 17.36 16.45 50.47
C GLN F 80 17.08 17.08 49.11
N THR F 81 18.07 17.06 48.22
CA THR F 81 17.90 17.63 46.89
C THR F 81 18.30 16.70 45.78
N GLY F 82 17.82 17.01 44.59
CA GLY F 82 18.14 16.25 43.39
C GLY F 82 18.26 17.30 42.31
N PHE F 83 19.06 17.03 41.27
CA PHE F 83 19.22 18.02 40.22
C PHE F 83 19.61 17.39 38.90
N ALA F 84 19.60 18.19 37.85
CA ALA F 84 20.00 17.74 36.52
C ALA F 84 20.35 18.98 35.70
N VAL F 85 21.03 18.76 34.58
CA VAL F 85 21.41 19.86 33.72
C VAL F 85 21.02 19.52 32.29
N SER F 86 20.84 20.54 31.47
CA SER F 86 20.48 20.35 30.08
C SER F 86 20.83 21.64 29.33
N THR F 87 20.34 21.75 28.09
CA THR F 87 20.59 22.93 27.28
C THR F 87 19.33 23.78 27.19
N ALA F 88 19.37 24.99 27.75
CA ALA F 88 18.21 25.89 27.71
C ALA F 88 18.54 27.23 28.34
N GLY F 89 19.43 27.20 29.34
CA GLY F 89 19.84 28.43 29.99
C GLY F 89 18.78 29.31 30.60
N GLU F 90 18.92 30.62 30.41
CA GLU F 90 18.01 31.60 30.97
C GLU F 90 16.54 31.38 30.66
N MET F 91 16.23 31.09 29.40
CA MET F 91 14.84 30.84 29.01
C MET F 91 14.30 29.60 29.72
N GLY F 92 15.16 28.60 29.91
CA GLY F 92 14.73 27.40 30.62
C GLY F 92 14.35 27.79 32.05
N CYS F 93 15.08 28.74 32.63
CA CYS F 93 14.79 29.18 33.98
C CYS F 93 13.40 29.84 34.05
N PHE F 94 13.05 30.60 33.02
CA PHE F 94 11.74 31.25 32.97
C PHE F 94 10.65 30.18 33.03
N ILE F 95 10.78 29.18 32.16
CA ILE F 95 9.80 28.10 32.08
C ILE F 95 9.62 27.38 33.42
N VAL F 96 10.73 27.06 34.07
CA VAL F 96 10.67 26.36 35.35
C VAL F 96 10.10 27.22 36.48
N GLU F 97 10.65 28.42 36.63
CA GLU F 97 10.24 29.32 37.72
C GLU F 97 8.91 30.02 37.55
N LYS F 98 8.49 30.24 36.31
CA LYS F 98 7.24 30.95 36.06
C LYS F 98 6.09 30.10 35.54
N HIS F 99 6.33 28.82 35.29
CA HIS F 99 5.26 27.97 34.78
C HIS F 99 5.21 26.59 35.42
N LEU F 100 6.22 25.77 35.15
CA LEU F 100 6.26 24.40 35.64
C LEU F 100 6.27 24.18 37.15
N ASN F 101 6.77 25.15 37.90
CA ASN F 101 6.83 25.02 39.35
C ASN F 101 5.47 24.68 39.97
N ARG F 102 4.38 25.14 39.34
CA ARG F 102 3.05 24.88 39.89
C ARG F 102 2.67 23.39 39.91
N PHE F 103 3.28 22.60 39.03
CA PHE F 103 2.98 21.16 38.98
C PHE F 103 3.96 20.36 39.81
N ILE F 104 5.10 20.97 40.14
CA ILE F 104 6.16 20.31 40.89
C ILE F 104 6.07 20.40 42.41
N GLU F 105 6.01 21.63 42.92
CA GLU F 105 5.97 21.85 44.36
C GLU F 105 4.70 21.32 45.01
N GLY F 106 4.87 20.62 46.13
CA GLY F 106 3.72 20.06 46.84
C GLY F 106 3.48 18.60 46.53
N LYS F 107 4.08 18.09 45.45
CA LYS F 107 3.91 16.70 45.06
C LYS F 107 4.82 15.80 45.90
N CYS F 108 4.55 14.49 45.87
CA CYS F 108 5.40 13.54 46.59
C CYS F 108 6.62 13.37 45.69
N VAL F 109 7.78 13.05 46.27
CA VAL F 109 8.97 12.88 45.44
C VAL F 109 8.80 11.70 44.48
N SER F 110 7.80 10.85 44.74
CA SER F 110 7.57 9.70 43.86
C SER F 110 6.59 9.99 42.73
N ASP F 111 5.97 11.18 42.74
CA ASP F 111 4.99 11.56 41.71
C ASP F 111 5.68 12.00 40.40
N ILE F 112 6.72 11.30 40.00
CA ILE F 112 7.47 11.67 38.79
C ILE F 112 6.68 11.63 37.48
N LYS F 113 6.03 10.51 37.20
CA LYS F 113 5.25 10.37 35.97
C LYS F 113 4.10 11.35 35.91
N LEU F 114 3.50 11.64 37.07
CA LEU F 114 2.38 12.57 37.13
C LEU F 114 2.85 13.96 36.75
N ILE F 115 3.94 14.41 37.37
CA ILE F 115 4.48 15.72 37.07
C ILE F 115 4.84 15.80 35.60
N HIS F 116 5.43 14.71 35.10
CA HIS F 116 5.84 14.65 33.70
C HIS F 116 4.64 14.87 32.76
N ASP F 117 3.55 14.17 33.00
CA ASP F 117 2.37 14.31 32.15
C ASP F 117 1.80 15.72 32.22
N GLN F 118 1.82 16.30 33.42
CA GLN F 118 1.29 17.65 33.59
C GLN F 118 2.17 18.68 32.88
N MET F 119 3.48 18.48 32.91
CA MET F 119 4.37 19.42 32.22
C MET F 119 4.11 19.38 30.72
N LEU F 120 3.97 18.17 30.18
CA LEU F 120 3.71 17.99 28.76
C LEU F 120 2.36 18.59 28.36
N GLY F 121 1.32 18.27 29.13
CA GLY F 121 0.00 18.79 28.82
C GLY F 121 -0.13 20.30 28.92
N ALA F 122 0.51 20.87 29.94
CA ALA F 122 0.43 22.32 30.16
C ALA F 122 1.25 23.17 29.19
N THR F 123 2.27 22.57 28.58
CA THR F 123 3.12 23.31 27.64
C THR F 123 2.89 22.92 26.19
N MET F 124 1.96 21.99 25.95
CA MET F 124 1.70 21.54 24.59
C MET F 124 1.45 22.68 23.61
N TYR F 125 0.80 23.75 24.07
CA TYR F 125 0.49 24.87 23.19
C TYR F 125 1.70 25.70 22.75
N TYR F 126 2.86 25.50 23.37
CA TYR F 126 4.04 26.27 22.95
C TYR F 126 5.36 25.49 22.93
N SER F 127 5.31 24.20 23.23
CA SER F 127 6.53 23.39 23.26
C SER F 127 7.03 22.94 21.89
N GLY F 128 6.15 22.91 20.89
CA GLY F 128 6.57 22.46 19.58
C GLY F 128 7.06 21.01 19.57
N SER F 129 6.70 20.25 20.60
CA SER F 129 7.11 18.83 20.70
C SER F 129 8.61 18.54 20.70
N GLY F 130 9.44 19.55 20.92
CA GLY F 130 10.86 19.31 20.92
C GLY F 130 11.65 20.59 21.12
N GLY F 131 12.96 20.48 21.16
CA GLY F 131 13.79 21.67 21.33
C GLY F 131 13.73 22.28 22.72
N LEU F 132 14.03 23.58 22.78
CA LEU F 132 14.06 24.36 24.01
C LEU F 132 13.11 23.98 25.13
N VAL F 133 11.81 24.03 24.85
CA VAL F 133 10.82 23.71 25.88
C VAL F 133 10.92 22.26 26.35
N MET F 134 11.16 21.34 25.43
CA MET F 134 11.26 19.93 25.80
C MET F 134 12.56 19.69 26.60
N ASN F 135 13.61 20.45 26.27
CA ASN F 135 14.87 20.32 26.99
C ASN F 135 14.63 20.69 28.45
N THR F 136 13.81 21.71 28.66
CA THR F 136 13.51 22.18 30.01
C THR F 136 12.70 21.13 30.78
N ILE F 137 11.68 20.58 30.13
CA ILE F 137 10.86 19.55 30.74
C ILE F 137 11.75 18.35 31.10
N SER F 138 12.63 17.99 30.18
CA SER F 138 13.54 16.86 30.40
C SER F 138 14.42 17.10 31.62
N CYS F 139 14.93 18.31 31.74
CA CYS F 139 15.80 18.66 32.86
C CYS F 139 15.07 18.49 34.20
N VAL F 140 13.79 18.89 34.23
CA VAL F 140 13.00 18.75 35.44
C VAL F 140 12.80 17.27 35.75
N ASP F 141 12.43 16.49 34.74
CA ASP F 141 12.20 15.07 34.91
C ASP F 141 13.43 14.38 35.50
N LEU F 142 14.60 14.73 34.97
CA LEU F 142 15.84 14.13 35.46
C LEU F 142 16.12 14.55 36.89
N ALA F 143 15.85 15.82 37.22
CA ALA F 143 16.07 16.31 38.57
C ALA F 143 15.17 15.54 39.55
N LEU F 144 13.96 15.24 39.10
CA LEU F 144 13.01 14.50 39.93
C LEU F 144 13.48 13.06 40.17
N TRP F 145 13.97 12.40 39.13
CA TRP F 145 14.47 11.04 39.29
C TRP F 145 15.69 11.05 40.19
N ASP F 146 16.52 12.09 40.06
CA ASP F 146 17.72 12.22 40.90
C ASP F 146 17.32 12.35 42.36
N LEU F 147 16.36 13.21 42.64
CA LEU F 147 15.90 13.42 44.01
C LEU F 147 15.28 12.14 44.59
N PHE F 148 14.42 11.50 43.81
CA PHE F 148 13.77 10.27 44.27
C PHE F 148 14.83 9.22 44.61
N GLY F 149 15.82 9.05 43.74
CA GLY F 149 16.88 8.08 43.99
C GLY F 149 17.68 8.42 45.23
N LYS F 150 17.96 9.69 45.44
CA LYS F 150 18.73 10.11 46.60
C LYS F 150 17.92 9.97 47.89
N VAL F 151 16.61 10.15 47.79
CA VAL F 151 15.75 10.01 48.97
C VAL F 151 15.67 8.53 49.35
N VAL F 152 15.46 7.68 48.36
CA VAL F 152 15.36 6.24 48.58
C VAL F 152 16.71 5.62 48.96
N GLY F 153 17.78 6.19 48.41
CA GLY F 153 19.11 5.67 48.69
C GLY F 153 19.57 4.65 47.67
N LEU F 154 19.09 4.76 46.43
CA LEU F 154 19.47 3.83 45.38
C LEU F 154 19.85 4.51 44.08
N PRO F 155 20.73 3.86 43.30
CA PRO F 155 21.12 4.45 42.00
C PRO F 155 19.88 4.33 41.13
N VAL F 156 19.71 5.25 40.18
CA VAL F 156 18.57 5.19 39.29
C VAL F 156 18.51 3.87 38.53
N TYR F 157 19.68 3.35 38.11
CA TYR F 157 19.69 2.11 37.35
C TYR F 157 19.10 0.93 38.13
N LYS F 158 19.19 0.96 39.45
CA LYS F 158 18.62 -0.13 40.24
C LYS F 158 17.11 0.07 40.39
N LEU F 159 16.69 1.34 40.51
CA LEU F 159 15.27 1.63 40.63
C LEU F 159 14.53 1.18 39.37
N LEU F 160 15.19 1.28 38.22
CA LEU F 160 14.61 0.91 36.94
C LEU F 160 14.49 -0.59 36.68
N GLY F 161 15.10 -1.41 37.53
CA GLY F 161 15.03 -2.84 37.30
C GLY F 161 16.38 -3.49 37.11
N GLY F 162 17.43 -2.74 37.43
CA GLY F 162 18.78 -3.27 37.35
C GLY F 162 19.50 -3.30 36.02
N ALA F 163 20.81 -3.48 36.09
CA ALA F 163 21.64 -3.54 34.90
C ALA F 163 21.46 -4.87 34.18
N VAL F 164 21.56 -4.85 32.86
CA VAL F 164 21.43 -6.08 32.07
C VAL F 164 22.80 -6.41 31.46
N ARG F 165 23.81 -5.65 31.88
CA ARG F 165 25.19 -5.84 31.45
C ARG F 165 26.09 -5.30 32.57
N ASP F 166 27.26 -5.88 32.73
CA ASP F 166 28.18 -5.44 33.79
C ASP F 166 28.91 -4.15 33.51
N GLU F 167 28.96 -3.75 32.25
CA GLU F 167 29.63 -2.51 31.88
C GLU F 167 29.04 -1.95 30.60
N ILE F 168 29.18 -0.65 30.43
CA ILE F 168 28.70 0.04 29.24
C ILE F 168 29.92 0.22 28.36
N GLN F 169 29.83 -0.19 27.09
CA GLN F 169 30.94 -0.02 26.17
C GLN F 169 30.60 1.20 25.31
N PHE F 170 31.59 2.05 25.07
CA PHE F 170 31.39 3.29 24.32
C PHE F 170 32.12 3.42 22.99
N TYR F 171 31.54 4.26 22.12
CA TYR F 171 32.16 4.62 20.86
C TYR F 171 32.37 6.10 21.13
N ALA F 172 33.37 6.72 20.50
CA ALA F 172 33.65 8.12 20.74
C ALA F 172 33.34 9.01 19.54
N THR F 173 32.74 10.17 19.80
CA THR F 173 32.42 11.10 18.75
C THR F 173 33.41 12.26 18.79
N GLY F 174 34.05 12.52 17.66
CA GLY F 174 35.04 13.58 17.58
C GLY F 174 35.85 13.43 16.32
N ALA F 175 36.85 14.30 16.15
CA ALA F 175 37.69 14.28 14.96
C ALA F 175 38.83 13.26 14.97
N ARG F 176 39.01 12.55 16.07
CA ARG F 176 40.12 11.59 16.15
C ARG F 176 39.76 10.16 16.50
N PRO F 177 39.12 9.44 15.57
CA PRO F 177 38.76 8.04 15.83
C PRO F 177 40.01 7.22 16.17
N ASP F 178 41.14 7.61 15.57
CA ASP F 178 42.38 6.90 15.83
C ASP F 178 42.83 7.02 17.28
N LEU F 179 42.69 8.21 17.86
CA LEU F 179 43.06 8.38 19.26
C LEU F 179 42.04 7.67 20.15
N ALA F 180 40.79 7.65 19.72
CA ALA F 180 39.74 6.99 20.49
C ALA F 180 40.04 5.48 20.56
N LYS F 181 40.53 4.90 19.48
CA LYS F 181 40.85 3.49 19.47
C LYS F 181 41.91 3.20 20.53
N GLU F 182 42.91 4.08 20.60
CA GLU F 182 43.97 3.93 21.58
C GLU F 182 43.42 3.98 23.00
N MET F 183 42.41 4.82 23.21
CA MET F 183 41.78 4.94 24.52
C MET F 183 40.89 3.77 24.91
N GLY F 184 40.63 2.87 23.95
CA GLY F 184 39.82 1.71 24.26
C GLY F 184 38.38 1.73 23.77
N PHE F 185 37.99 2.80 23.08
CA PHE F 185 36.63 2.89 22.55
C PHE F 185 36.41 1.84 21.46
N ILE F 186 35.16 1.47 21.22
CA ILE F 186 34.85 0.45 20.23
C ILE F 186 34.62 1.01 18.83
N GLY F 187 34.61 2.33 18.72
CA GLY F 187 34.40 2.95 17.43
C GLY F 187 34.52 4.45 17.52
N GLY F 188 34.53 5.10 16.36
CA GLY F 188 34.64 6.55 16.34
C GLY F 188 33.71 7.17 15.31
N LYS F 189 32.90 8.12 15.75
CA LYS F 189 31.98 8.80 14.86
C LYS F 189 32.56 10.17 14.56
N MET F 190 32.71 10.49 13.28
CA MET F 190 33.26 11.77 12.85
C MET F 190 32.18 12.65 12.23
N PRO F 191 32.33 13.98 12.35
CA PRO F 191 31.34 14.88 11.76
C PRO F 191 31.70 15.12 10.29
N THR F 192 30.69 15.37 9.46
CA THR F 192 30.97 15.67 8.06
C THR F 192 31.36 17.15 8.07
N HIS F 193 32.20 17.55 7.13
CA HIS F 193 32.63 18.93 7.05
C HIS F 193 32.10 19.65 5.84
N TRP F 194 31.54 18.90 4.89
CA TRP F 194 31.00 19.49 3.68
C TRP F 194 29.54 19.12 3.50
N GLY F 195 28.83 19.92 2.70
CA GLY F 195 27.41 19.68 2.48
C GLY F 195 26.98 19.66 1.01
N PRO F 196 25.67 19.59 0.75
CA PRO F 196 25.12 19.57 -0.61
C PRO F 196 25.69 20.62 -1.55
N HIS F 197 25.89 21.83 -1.04
CA HIS F 197 26.43 22.92 -1.86
C HIS F 197 27.86 22.63 -2.32
N ASP F 198 28.51 21.67 -1.68
CA ASP F 198 29.88 21.30 -2.05
C ASP F 198 29.92 20.21 -3.10
N GLY F 199 28.76 19.61 -3.35
CA GLY F 199 28.64 18.57 -4.36
C GLY F 199 29.61 17.40 -4.29
N ASP F 200 30.03 16.93 -5.46
CA ASP F 200 30.94 15.79 -5.54
C ASP F 200 32.26 15.99 -4.78
N ALA F 201 32.76 17.23 -4.75
CA ALA F 201 34.00 17.50 -4.05
C ALA F 201 33.80 17.27 -2.55
N GLY F 202 32.63 17.68 -2.05
CA GLY F 202 32.34 17.51 -0.64
C GLY F 202 32.25 16.04 -0.28
N ILE F 203 31.59 15.26 -1.13
CA ILE F 203 31.46 13.84 -0.90
C ILE F 203 32.83 13.17 -0.91
N ARG F 204 33.65 13.54 -1.89
CA ARG F 204 34.99 12.99 -2.01
C ARG F 204 35.83 13.27 -0.77
N LYS F 205 35.76 14.51 -0.27
CA LYS F 205 36.54 14.88 0.91
C LYS F 205 36.11 14.16 2.19
N ASP F 206 34.82 14.11 2.47
CA ASP F 206 34.40 13.43 3.70
C ASP F 206 34.60 11.92 3.58
N ALA F 207 34.46 11.37 2.38
CA ALA F 207 34.66 9.94 2.17
C ALA F 207 36.15 9.63 2.35
N ALA F 208 37.01 10.55 1.91
CA ALA F 208 38.46 10.36 2.04
C ALA F 208 38.83 10.38 3.51
N MET F 209 38.14 11.22 4.28
CA MET F 209 38.37 11.32 5.72
C MET F 209 38.07 9.96 6.35
N VAL F 210 36.98 9.34 5.93
CA VAL F 210 36.59 8.03 6.46
C VAL F 210 37.60 6.97 6.05
N ALA F 211 37.99 6.98 4.78
CA ALA F 211 38.95 6.01 4.25
C ALA F 211 40.26 6.07 5.04
N ASP F 212 40.71 7.29 5.33
CA ASP F 212 41.94 7.50 6.08
C ASP F 212 41.86 6.88 7.47
N MET F 213 40.74 7.11 8.16
CA MET F 213 40.58 6.55 9.49
C MET F 213 40.42 5.03 9.47
N ARG F 214 39.85 4.49 8.40
CA ARG F 214 39.67 3.05 8.29
C ARG F 214 41.07 2.43 8.19
N GLU F 215 41.93 3.10 7.44
CA GLU F 215 43.30 2.65 7.24
C GLU F 215 44.03 2.66 8.59
N LYS F 216 43.85 3.73 9.34
CA LYS F 216 44.50 3.88 10.64
C LYS F 216 43.92 3.02 11.77
N CYS F 217 42.61 2.77 11.74
CA CYS F 217 41.98 2.02 12.81
C CYS F 217 41.74 0.53 12.60
N GLY F 218 41.88 0.03 11.37
CA GLY F 218 41.64 -1.38 11.14
C GLY F 218 40.18 -1.64 10.83
N PRO F 219 39.82 -2.88 10.45
CA PRO F 219 38.45 -3.27 10.10
C PRO F 219 37.40 -3.44 11.22
N ASP F 220 37.84 -3.82 12.41
CA ASP F 220 36.89 -4.06 13.49
C ASP F 220 36.46 -2.85 14.32
N PHE F 221 37.25 -1.79 14.29
CA PHE F 221 36.92 -0.57 15.02
C PHE F 221 35.85 0.14 14.18
N TRP F 222 34.68 0.38 14.76
CA TRP F 222 33.61 1.02 13.99
C TRP F 222 33.90 2.47 13.61
N LEU F 223 33.38 2.87 12.45
CA LEU F 223 33.50 4.24 11.98
C LEU F 223 32.10 4.68 11.57
N MET F 224 31.72 5.89 11.97
CA MET F 224 30.39 6.42 11.63
C MET F 224 30.52 7.88 11.24
N LEU F 225 29.51 8.40 10.55
CA LEU F 225 29.48 9.80 10.16
C LEU F 225 28.27 10.51 10.74
N ASP F 226 28.50 11.68 11.34
CA ASP F 226 27.41 12.47 11.89
C ASP F 226 27.24 13.63 10.90
N CYS F 227 26.02 13.83 10.41
CA CYS F 227 25.76 14.86 9.41
C CYS F 227 24.96 16.07 9.90
N TRP F 228 24.70 16.11 11.21
CA TRP F 228 23.97 17.20 11.86
C TRP F 228 22.92 17.96 11.03
N MET F 229 21.90 17.25 10.56
CA MET F 229 20.79 17.83 9.80
C MET F 229 21.17 18.63 8.56
N SER F 230 22.41 18.47 8.09
CA SER F 230 22.92 19.27 6.97
C SER F 230 22.70 18.84 5.52
N GLN F 231 22.09 17.71 5.27
CA GLN F 231 21.95 17.26 3.89
C GLN F 231 20.53 17.13 3.38
N ASP F 232 20.40 16.50 2.21
CA ASP F 232 19.11 16.22 1.62
C ASP F 232 19.21 14.76 1.18
N VAL F 233 18.11 14.15 0.77
CA VAL F 233 18.15 12.73 0.41
C VAL F 233 19.21 12.34 -0.63
N ASN F 234 19.30 13.09 -1.73
CA ASN F 234 20.28 12.76 -2.76
C ASN F 234 21.74 12.81 -2.29
N TYR F 235 22.10 13.91 -1.62
CA TYR F 235 23.47 14.05 -1.13
C TYR F 235 23.81 12.95 -0.12
N ALA F 236 22.89 12.70 0.81
CA ALA F 236 23.10 11.67 1.82
C ALA F 236 23.26 10.31 1.15
N THR F 237 22.46 10.05 0.12
CA THR F 237 22.53 8.78 -0.60
C THR F 237 23.90 8.64 -1.26
N LYS F 238 24.35 9.70 -1.94
CA LYS F 238 25.65 9.66 -2.60
C LYS F 238 26.78 9.45 -1.59
N LEU F 239 26.73 10.16 -0.47
CA LEU F 239 27.77 10.03 0.56
C LEU F 239 27.79 8.62 1.15
N ALA F 240 26.61 8.09 1.47
CA ALA F 240 26.53 6.75 2.04
C ALA F 240 27.17 5.72 1.12
N HIS F 241 26.84 5.79 -0.18
CA HIS F 241 27.40 4.84 -1.12
C HIS F 241 28.89 5.06 -1.33
N ALA F 242 29.33 6.31 -1.21
CA ALA F 242 30.76 6.61 -1.35
C ALA F 242 31.55 6.04 -0.18
N CYS F 243 30.89 5.87 0.97
CA CYS F 243 31.56 5.34 2.16
C CYS F 243 31.36 3.84 2.35
N ALA F 244 30.51 3.24 1.53
CA ALA F 244 30.25 1.80 1.63
C ALA F 244 31.51 0.93 1.56
N PRO F 245 32.46 1.26 0.66
CA PRO F 245 33.68 0.47 0.54
C PRO F 245 34.50 0.39 1.83
N PHE F 246 34.26 1.31 2.75
CA PHE F 246 35.01 1.35 4.00
C PHE F 246 34.20 0.84 5.18
N ASN F 247 33.07 0.21 4.87
CA ASN F 247 32.18 -0.35 5.89
C ASN F 247 31.78 0.67 6.96
N LEU F 248 31.30 1.83 6.53
CA LEU F 248 30.83 2.83 7.48
C LEU F 248 29.65 2.16 8.17
N LYS F 249 29.68 2.09 9.50
CA LYS F 249 28.61 1.42 10.23
C LYS F 249 27.25 2.12 10.09
N TRP F 250 27.25 3.44 10.18
CA TRP F 250 25.99 4.19 10.01
C TRP F 250 26.24 5.64 9.65
N ILE F 251 25.21 6.27 9.06
CA ILE F 251 25.26 7.67 8.69
C ILE F 251 24.13 8.30 9.49
N GLU F 252 24.49 9.25 10.33
CA GLU F 252 23.56 9.88 11.26
C GLU F 252 23.00 11.28 11.01
N GLU F 253 21.71 11.41 11.32
CA GLU F 253 20.95 12.66 11.19
C GLU F 253 21.25 13.45 9.92
N CYS F 254 21.06 12.81 8.78
CA CYS F 254 21.31 13.47 7.51
C CYS F 254 20.32 14.59 7.22
N LEU F 255 19.12 14.47 7.78
CA LEU F 255 18.06 15.44 7.52
C LEU F 255 17.45 16.15 8.73
N PRO F 256 16.85 17.33 8.50
CA PRO F 256 16.21 18.06 9.60
C PRO F 256 15.18 17.09 10.19
N PRO F 257 14.85 17.25 11.48
CA PRO F 257 13.90 16.37 12.17
C PRO F 257 12.48 16.17 11.60
N GLN F 258 11.90 17.20 10.99
CA GLN F 258 10.55 17.08 10.44
C GLN F 258 10.46 16.20 9.19
N GLN F 259 11.60 15.95 8.55
CA GLN F 259 11.60 15.19 7.31
C GLN F 259 11.53 13.67 7.42
N TYR F 260 10.46 13.18 8.05
CA TYR F 260 10.22 11.76 8.21
C TYR F 260 10.15 11.04 6.88
N GLU F 261 9.45 11.65 5.93
CA GLU F 261 9.29 11.06 4.60
C GLU F 261 10.66 10.89 3.94
N GLY F 262 11.54 11.89 4.13
CA GLY F 262 12.87 11.83 3.57
C GLY F 262 13.69 10.72 4.21
N TYR F 263 13.53 10.54 5.53
CA TYR F 263 14.27 9.49 6.22
C TYR F 263 13.86 8.13 5.70
N ARG F 264 12.57 7.96 5.42
CA ARG F 264 12.07 6.69 4.91
C ARG F 264 12.73 6.41 3.57
N GLU F 265 12.80 7.41 2.70
CA GLU F 265 13.40 7.24 1.39
C GLU F 265 14.91 6.98 1.49
N LEU F 266 15.58 7.72 2.38
CA LEU F 266 17.02 7.56 2.56
C LEU F 266 17.35 6.14 3.04
N LYS F 267 16.58 5.63 3.99
CA LYS F 267 16.81 4.28 4.50
C LYS F 267 16.65 3.28 3.37
N ARG F 268 15.66 3.50 2.50
CA ARG F 268 15.44 2.60 1.38
C ARG F 268 16.61 2.64 0.40
N ASN F 269 17.23 3.82 0.25
CA ASN F 269 18.37 3.99 -0.66
C ASN F 269 19.73 3.61 -0.09
N ALA F 270 19.79 3.33 1.22
CA ALA F 270 21.07 3.02 1.84
C ALA F 270 21.75 1.74 1.37
N PRO F 271 23.09 1.76 1.33
CA PRO F 271 23.86 0.59 0.91
C PRO F 271 23.47 -0.58 1.81
N ALA F 272 23.46 -1.80 1.27
CA ALA F 272 23.10 -2.96 2.05
C ALA F 272 23.95 -3.10 3.31
N GLY F 273 23.30 -3.28 4.45
CA GLY F 273 24.03 -3.43 5.70
C GLY F 273 24.41 -2.15 6.42
N MET F 274 24.35 -1.02 5.73
CA MET F 274 24.70 0.27 6.36
C MET F 274 23.46 0.84 7.05
N MET F 275 23.62 1.26 8.30
CA MET F 275 22.49 1.80 9.03
C MET F 275 22.29 3.30 8.87
N VAL F 276 21.05 3.73 9.06
CA VAL F 276 20.67 5.14 8.98
C VAL F 276 20.09 5.45 10.35
N THR F 277 20.58 6.54 10.96
CA THR F 277 20.11 6.90 12.29
C THR F 277 19.72 8.36 12.41
N SER F 278 19.04 8.68 13.51
CA SER F 278 18.59 10.05 13.79
C SER F 278 17.88 10.04 15.13
N GLY F 279 17.37 11.20 15.55
CA GLY F 279 16.63 11.26 16.79
C GLY F 279 17.09 12.20 17.89
N GLU F 280 18.36 12.62 17.87
CA GLU F 280 18.83 13.49 18.94
C GLU F 280 18.04 14.79 19.07
N HIS F 281 17.47 15.28 17.99
CA HIS F 281 16.70 16.52 18.05
C HIS F 281 15.18 16.30 18.14
N HIS F 282 14.74 15.05 18.12
CA HIS F 282 13.31 14.76 18.23
C HIS F 282 12.88 14.79 19.69
N GLY F 283 11.59 15.03 19.91
CA GLY F 283 11.05 15.08 21.27
C GLY F 283 9.64 14.52 21.32
N THR F 284 9.26 14.00 22.47
CA THR F 284 7.95 13.38 22.74
C THR F 284 7.88 11.98 22.15
N LEU F 285 7.24 11.09 22.90
CA LEU F 285 7.11 9.70 22.47
C LEU F 285 6.44 9.58 21.10
N GLN F 286 5.42 10.40 20.85
CA GLN F 286 4.71 10.33 19.58
C GLN F 286 5.60 10.65 18.36
N SER F 287 6.53 11.60 18.51
CA SER F 287 7.42 11.91 17.40
C SER F 287 8.33 10.71 17.13
N PHE F 288 8.74 10.02 18.19
CA PHE F 288 9.59 8.84 18.02
C PHE F 288 8.82 7.68 17.39
N ARG F 289 7.50 7.66 17.60
CA ARG F 289 6.65 6.63 17.00
C ARG F 289 6.74 6.84 15.49
N THR F 290 6.59 8.10 15.07
CA THR F 290 6.65 8.45 13.66
C THR F 290 8.04 8.20 13.09
N LEU F 291 9.06 8.58 13.84
CA LEU F 291 10.44 8.38 13.40
C LEU F 291 10.73 6.89 13.23
N ALA F 292 10.31 6.09 14.21
CA ALA F 292 10.54 4.65 14.15
C ALA F 292 9.90 4.02 12.92
N GLU F 293 8.71 4.50 12.55
CA GLU F 293 8.02 3.94 11.40
C GLU F 293 8.64 4.29 10.05
N THR F 294 9.65 5.17 10.04
CA THR F 294 10.31 5.51 8.78
C THR F 294 11.23 4.35 8.40
N GLY F 295 11.50 3.49 9.38
CA GLY F 295 12.37 2.35 9.13
C GLY F 295 13.84 2.53 9.48
N ILE F 296 14.21 3.70 10.00
CA ILE F 296 15.61 3.90 10.36
C ILE F 296 16.03 2.88 11.41
N ASP F 297 17.31 2.54 11.41
CA ASP F 297 17.85 1.51 12.30
C ASP F 297 17.98 1.81 13.79
N ILE F 298 18.43 3.02 14.11
CA ILE F 298 18.63 3.38 15.50
C ILE F 298 18.14 4.78 15.79
N MET F 299 17.37 4.93 16.87
CA MET F 299 16.88 6.24 17.26
C MET F 299 17.83 6.69 18.37
N GLN F 300 18.22 7.96 18.33
CA GLN F 300 19.19 8.48 19.27
C GLN F 300 18.76 9.68 20.11
N PRO F 301 17.71 9.52 20.90
CA PRO F 301 17.25 10.64 21.72
C PRO F 301 18.31 11.08 22.72
N ASP F 302 18.33 12.37 23.05
CA ASP F 302 19.23 12.87 24.08
C ASP F 302 18.30 12.84 25.30
N VAL F 303 18.74 12.22 26.39
CA VAL F 303 17.90 12.12 27.57
C VAL F 303 17.45 13.48 28.09
N GLY F 304 18.32 14.48 27.95
CA GLY F 304 17.99 15.81 28.42
C GLY F 304 17.22 16.67 27.41
N TRP F 305 16.93 16.12 26.23
CA TRP F 305 16.19 16.86 25.21
C TRP F 305 14.91 16.20 24.73
N CYS F 306 14.86 14.88 24.80
CA CYS F 306 13.70 14.12 24.31
C CYS F 306 12.46 14.15 25.18
N GLY F 307 12.61 14.58 26.42
CA GLY F 307 11.49 14.61 27.34
C GLY F 307 11.91 14.13 28.72
N GLY F 308 13.11 13.56 28.79
CA GLY F 308 13.62 13.08 30.07
C GLY F 308 13.77 11.57 30.15
N LEU F 309 14.13 11.08 31.32
CA LEU F 309 14.29 9.64 31.52
C LEU F 309 12.96 8.94 31.34
N THR F 310 11.89 9.55 31.84
CA THR F 310 10.55 8.97 31.72
C THR F 310 10.24 8.67 30.25
N THR F 311 10.55 9.63 29.38
CA THR F 311 10.29 9.45 27.95
C THR F 311 11.29 8.48 27.32
N LEU F 312 12.55 8.56 27.73
CA LEU F 312 13.58 7.67 27.19
C LEU F 312 13.20 6.20 27.38
N VAL F 313 12.72 5.86 28.57
CA VAL F 313 12.35 4.48 28.85
C VAL F 313 11.24 4.02 27.91
N GLU F 314 10.32 4.92 27.57
CA GLU F 314 9.22 4.58 26.68
C GLU F 314 9.77 4.39 25.26
N ILE F 315 10.69 5.27 24.86
CA ILE F 315 11.27 5.17 23.52
C ILE F 315 12.01 3.84 23.38
N ALA F 316 12.70 3.43 24.45
CA ALA F 316 13.43 2.17 24.43
C ALA F 316 12.48 1.00 24.18
N ALA F 317 11.31 1.03 24.80
CA ALA F 317 10.32 -0.03 24.64
C ALA F 317 9.79 -0.03 23.21
N LEU F 318 9.54 1.16 22.68
CA LEU F 318 9.05 1.31 21.31
C LEU F 318 10.04 0.63 20.36
N ALA F 319 11.31 1.00 20.47
CA ALA F 319 12.34 0.40 19.61
C ALA F 319 12.45 -1.10 19.82
N LYS F 320 12.43 -1.52 21.08
CA LYS F 320 12.54 -2.94 21.40
C LYS F 320 11.38 -3.74 20.80
N SER F 321 10.18 -3.16 20.82
CA SER F 321 9.01 -3.84 20.27
C SER F 321 9.18 -4.11 18.79
N ARG F 322 9.99 -3.28 18.13
CA ARG F 322 10.24 -3.41 16.70
C ARG F 322 11.52 -4.18 16.40
N GLY F 323 12.15 -4.68 17.46
CA GLY F 323 13.38 -5.45 17.32
C GLY F 323 14.56 -4.58 16.95
N GLN F 324 14.49 -3.30 17.30
CA GLN F 324 15.56 -2.35 16.99
C GLN F 324 16.28 -1.81 18.23
N LEU F 325 17.36 -1.08 17.99
CA LEU F 325 18.17 -0.52 19.06
C LEU F 325 17.92 0.96 19.32
N VAL F 326 18.22 1.38 20.55
CA VAL F 326 18.11 2.77 20.94
C VAL F 326 19.49 3.10 21.52
N VAL F 327 20.14 4.12 20.96
CA VAL F 327 21.45 4.53 21.43
C VAL F 327 21.40 6.03 21.63
N PRO F 328 21.15 6.48 22.87
CA PRO F 328 21.07 7.89 23.22
C PRO F 328 22.25 8.76 22.82
N HIS F 329 21.96 10.04 22.60
CA HIS F 329 22.97 11.02 22.24
C HIS F 329 23.58 11.56 23.54
N GLY F 330 24.91 11.46 23.67
CA GLY F 330 25.60 11.93 24.86
C GLY F 330 24.89 11.63 26.16
N SER F 331 24.58 12.68 26.92
CA SER F 331 23.85 12.57 28.19
C SER F 331 24.54 12.09 29.46
N SER F 332 25.77 11.59 29.36
CA SER F 332 26.49 11.16 30.56
C SER F 332 25.67 10.24 31.48
N VAL F 333 25.73 10.49 32.78
CA VAL F 333 25.02 9.68 33.77
C VAL F 333 23.52 9.54 33.53
N TYR F 334 22.91 10.55 32.92
CA TYR F 334 21.47 10.51 32.66
C TYR F 334 21.15 9.41 31.66
N SER F 335 22.11 9.08 30.82
CA SER F 335 21.94 8.00 29.86
C SER F 335 22.41 6.69 30.49
N HIS F 336 23.60 6.73 31.10
CA HIS F 336 24.19 5.54 31.73
C HIS F 336 23.23 4.75 32.60
N HIS F 337 22.59 5.42 33.56
CA HIS F 337 21.67 4.75 34.47
C HIS F 337 20.48 4.12 33.76
N ALA F 338 20.12 4.67 32.61
CA ALA F 338 19.00 4.14 31.86
C ALA F 338 19.44 3.00 30.93
N VAL F 339 20.37 3.29 30.03
CA VAL F 339 20.83 2.30 29.06
C VAL F 339 21.50 1.05 29.60
N ILE F 340 22.07 1.12 30.80
CA ILE F 340 22.71 -0.07 31.35
C ILE F 340 21.62 -1.09 31.68
N THR F 341 20.37 -0.64 31.69
CA THR F 341 19.25 -1.53 31.98
C THR F 341 18.47 -1.91 30.72
N PHE F 342 18.88 -1.37 29.56
CA PHE F 342 18.21 -1.66 28.30
C PHE F 342 18.89 -2.78 27.52
N THR F 343 18.14 -3.85 27.24
CA THR F 343 18.73 -4.95 26.49
C THR F 343 19.05 -4.50 25.06
N ASN F 344 18.31 -3.50 24.57
CA ASN F 344 18.54 -3.01 23.22
C ASN F 344 19.42 -1.76 23.08
N THR F 345 20.33 -1.58 24.03
CA THR F 345 21.29 -0.47 23.97
C THR F 345 22.62 -1.15 24.28
N PRO F 346 23.15 -1.93 23.31
CA PRO F 346 24.41 -2.66 23.45
C PRO F 346 25.68 -1.83 23.57
N PHE F 347 25.58 -0.54 23.26
CA PHE F 347 26.72 0.37 23.36
C PHE F 347 26.18 1.79 23.50
N SER F 348 27.05 2.70 23.97
CA SER F 348 26.65 4.09 24.18
C SER F 348 27.64 5.07 23.56
N GLU F 349 27.25 6.34 23.55
CA GLU F 349 28.08 7.39 22.97
C GLU F 349 28.78 8.25 24.00
N PHE F 350 30.02 8.61 23.69
CA PHE F 350 30.79 9.52 24.52
C PHE F 350 31.19 10.63 23.55
N LEU F 351 30.62 11.81 23.72
CA LEU F 351 30.91 12.95 22.85
C LEU F 351 32.09 13.74 23.40
N MET F 352 33.21 13.70 22.69
CA MET F 352 34.43 14.38 23.09
C MET F 352 34.27 15.87 23.37
N THR F 353 34.51 16.29 24.61
CA THR F 353 34.44 17.69 24.98
C THR F 353 35.87 18.24 24.97
N SER F 354 36.82 17.32 24.87
CA SER F 354 38.24 17.67 24.79
C SER F 354 38.39 18.40 23.45
N PRO F 355 38.94 19.63 23.46
CA PRO F 355 39.13 20.40 22.22
C PRO F 355 39.76 19.65 21.06
N ASP F 356 40.78 18.84 21.33
CA ASP F 356 41.46 18.09 20.28
C ASP F 356 41.22 16.59 20.35
N CYS F 357 40.20 16.19 21.11
CA CYS F 357 39.84 14.78 21.25
C CYS F 357 40.96 13.87 21.72
N SER F 358 41.88 14.41 22.52
CA SER F 358 43.03 13.62 22.99
C SER F 358 42.91 13.18 24.45
N THR F 359 41.93 13.73 25.17
CA THR F 359 41.77 13.37 26.57
C THR F 359 40.31 13.07 26.92
N LEU F 360 40.11 12.47 28.08
CA LEU F 360 38.79 12.10 28.55
C LEU F 360 38.12 13.16 29.41
N ARG F 361 38.08 14.40 28.89
CA ARG F 361 37.43 15.47 29.62
C ARG F 361 35.98 15.00 29.81
N PRO F 362 35.44 15.10 31.03
CA PRO F 362 34.06 14.64 31.24
C PRO F 362 33.00 15.25 30.31
N GLN F 363 31.99 14.44 29.99
CA GLN F 363 30.90 14.82 29.09
C GLN F 363 30.26 16.17 29.38
N PHE F 364 30.02 16.47 30.66
CA PHE F 364 29.40 17.73 31.05
C PHE F 364 30.34 18.63 31.87
N ASP F 365 31.65 18.47 31.65
CA ASP F 365 32.63 19.28 32.36
C ASP F 365 32.28 20.76 32.18
N PRO F 366 32.33 21.55 33.28
CA PRO F 366 32.69 21.14 34.64
C PRO F 366 31.52 21.25 35.62
N ILE F 367 30.29 21.29 35.12
CA ILE F 367 29.13 21.45 36.00
C ILE F 367 28.79 20.28 36.91
N LEU F 368 29.28 19.08 36.58
CA LEU F 368 29.01 17.89 37.39
C LEU F 368 30.23 17.44 38.20
N LEU F 369 30.07 17.38 39.52
CA LEU F 369 31.17 16.94 40.39
C LEU F 369 31.22 15.40 40.39
N ASP F 370 32.43 14.86 40.33
CA ASP F 370 32.63 13.41 40.34
C ASP F 370 31.92 12.71 39.18
N GLU F 371 31.93 13.35 38.01
CA GLU F 371 31.28 12.79 36.84
C GLU F 371 32.14 11.65 36.30
N PRO F 372 31.57 10.44 36.20
CA PRO F 372 32.40 9.35 35.68
C PRO F 372 32.72 9.50 34.19
N VAL F 373 33.85 8.93 33.80
CA VAL F 373 34.27 8.94 32.41
C VAL F 373 34.71 7.52 32.06
N PRO F 374 34.67 7.15 30.79
CA PRO F 374 35.06 5.80 30.41
C PRO F 374 36.52 5.49 30.77
N VAL F 375 36.74 4.25 31.19
CA VAL F 375 38.07 3.76 31.51
C VAL F 375 38.25 2.62 30.51
N ASN F 376 39.24 2.74 29.64
CA ASN F 376 39.46 1.74 28.60
C ASN F 376 38.20 1.63 27.75
N GLY F 377 37.55 2.77 27.53
CA GLY F 377 36.34 2.82 26.72
C GLY F 377 35.09 2.23 27.34
N ARG F 378 35.12 1.99 28.64
CA ARG F 378 33.96 1.40 29.32
C ARG F 378 33.70 2.00 30.70
N ILE F 379 32.48 1.83 31.17
CA ILE F 379 32.09 2.28 32.50
C ILE F 379 31.42 1.08 33.16
N HIS F 380 32.08 0.54 34.19
CA HIS F 380 31.55 -0.61 34.91
C HIS F 380 30.35 -0.19 35.76
N LYS F 381 29.38 -1.08 35.93
CA LYS F 381 28.20 -0.75 36.70
C LYS F 381 28.49 -0.30 38.12
N SER F 382 29.59 -0.80 38.70
CA SER F 382 29.95 -0.43 40.06
C SER F 382 30.24 1.06 40.16
N VAL F 383 30.66 1.66 39.04
CA VAL F 383 30.95 3.09 39.02
C VAL F 383 29.66 3.88 39.23
N LEU F 384 28.54 3.28 38.86
CA LEU F 384 27.24 3.93 39.00
C LEU F 384 26.53 3.62 40.32
N ASP F 385 27.22 2.93 41.22
CA ASP F 385 26.60 2.58 42.50
C ASP F 385 26.59 3.72 43.52
N LYS F 386 25.86 4.77 43.18
CA LYS F 386 25.70 5.94 44.03
C LYS F 386 24.23 6.35 43.89
N PRO F 387 23.67 7.04 44.90
CA PRO F 387 22.26 7.48 44.87
C PRO F 387 21.89 8.37 43.68
N GLY F 388 20.68 8.17 43.15
CA GLY F 388 20.23 8.97 42.02
C GLY F 388 21.13 8.76 40.82
N PHE F 389 21.55 9.85 40.19
CA PHE F 389 22.44 9.75 39.05
C PHE F 389 23.90 9.83 39.51
N GLY F 390 24.08 9.73 40.83
CA GLY F 390 25.41 9.71 41.42
C GLY F 390 26.36 10.88 41.38
N VAL F 391 25.89 12.07 41.03
CA VAL F 391 26.78 13.23 40.99
C VAL F 391 26.25 14.39 41.81
N GLU F 392 27.10 15.40 41.98
CA GLU F 392 26.73 16.59 42.74
C GLU F 392 26.95 17.83 41.87
N LEU F 393 26.20 18.89 42.16
CA LEU F 393 26.30 20.12 41.41
C LEU F 393 27.54 20.93 41.77
N ASN F 394 28.32 21.31 40.77
CA ASN F 394 29.52 22.10 41.01
C ASN F 394 29.12 23.56 41.18
N ARG F 395 28.93 23.98 42.42
CA ARG F 395 28.53 25.36 42.68
C ARG F 395 29.67 26.37 42.60
N ASP F 396 30.85 25.92 42.18
CA ASP F 396 31.97 26.84 42.04
C ASP F 396 31.81 27.53 40.69
N CYS F 397 30.90 27.01 39.87
CA CYS F 397 30.64 27.61 38.58
C CYS F 397 29.79 28.83 38.96
N HIS F 398 29.87 29.90 38.17
CA HIS F 398 29.10 31.10 38.49
C HIS F 398 27.65 30.98 38.07
N LEU F 399 26.89 30.18 38.81
CA LEU F 399 25.48 29.98 38.52
C LEU F 399 24.67 31.27 38.69
N LYS F 400 23.79 31.54 37.73
CA LYS F 400 22.95 32.72 37.77
C LYS F 400 21.51 32.29 37.97
N ARG F 401 20.77 33.07 38.77
CA ARG F 401 19.38 32.77 39.04
C ARG F 401 18.57 33.96 38.56
N PRO F 402 18.20 33.96 37.26
CA PRO F 402 17.43 35.05 36.65
C PRO F 402 16.01 35.26 37.15
N TYR F 403 15.38 34.20 37.62
CA TYR F 403 13.99 34.30 38.10
C TYR F 403 13.78 33.66 39.47
N SER F 404 12.71 34.09 40.14
CA SER F 404 12.34 33.58 41.46
C SER F 404 10.82 33.48 41.52
N HIS F 405 10.31 32.80 42.52
CA HIS F 405 8.86 32.67 42.70
C HIS F 405 8.54 32.35 44.15
N MET G 1 -24.64 10.80 -50.94
CA MET G 1 -23.67 9.69 -50.70
C MET G 1 -24.09 8.40 -51.40
N GLU G 2 -23.09 7.66 -51.89
CA GLU G 2 -23.35 6.40 -52.57
C GLU G 2 -23.86 5.34 -51.60
N ASN G 3 -24.62 4.39 -52.12
CA ASN G 3 -25.14 3.32 -51.29
C ASN G 3 -23.96 2.47 -50.86
N ILE G 4 -23.98 1.98 -49.63
CA ILE G 4 -22.87 1.19 -49.14
C ILE G 4 -22.77 -0.16 -49.85
N MET G 5 -21.57 -0.73 -49.78
CA MET G 5 -21.29 -2.03 -50.35
C MET G 5 -22.26 -3.00 -49.70
N THR G 6 -22.84 -3.91 -50.49
CA THR G 6 -23.78 -4.88 -49.95
C THR G 6 -22.95 -6.03 -49.37
N LEU G 7 -23.36 -6.53 -48.20
CA LEU G 7 -22.64 -7.63 -47.56
C LEU G 7 -23.52 -8.84 -47.38
N PRO G 8 -22.98 -10.04 -47.66
CA PRO G 8 -23.75 -11.28 -47.52
C PRO G 8 -23.81 -11.73 -46.06
N LYS G 9 -24.75 -12.62 -45.76
CA LYS G 9 -24.86 -13.18 -44.43
C LYS G 9 -23.99 -14.44 -44.43
N ILE G 10 -23.67 -14.93 -43.24
CA ILE G 10 -22.86 -16.14 -43.11
C ILE G 10 -23.80 -17.32 -43.29
N LYS G 11 -23.43 -18.25 -44.16
CA LYS G 11 -24.28 -19.42 -44.42
C LYS G 11 -23.87 -20.66 -43.61
N HIS G 12 -22.58 -21.01 -43.68
CA HIS G 12 -22.08 -22.19 -42.96
C HIS G 12 -20.77 -21.94 -42.25
N VAL G 13 -20.52 -22.74 -41.23
CA VAL G 13 -19.25 -22.72 -40.52
C VAL G 13 -18.89 -24.21 -40.47
N ARG G 14 -17.65 -24.54 -40.85
CA ARG G 14 -17.20 -25.93 -40.85
C ARG G 14 -15.86 -26.03 -40.13
N ALA G 15 -15.61 -27.17 -39.50
CA ALA G 15 -14.35 -27.39 -38.79
C ALA G 15 -13.71 -28.73 -39.16
N TRP G 16 -12.40 -28.67 -39.38
CA TRP G 16 -11.61 -29.87 -39.73
C TRP G 16 -10.39 -29.88 -38.83
N PHE G 17 -9.65 -30.98 -38.87
CA PHE G 17 -8.42 -31.08 -38.09
C PHE G 17 -7.44 -31.99 -38.82
N ILE G 18 -6.16 -31.81 -38.52
CA ILE G 18 -5.09 -32.65 -39.05
C ILE G 18 -4.17 -32.84 -37.85
N GLY G 19 -3.40 -33.93 -37.86
CA GLY G 19 -2.49 -34.18 -36.76
C GLY G 19 -3.23 -34.54 -35.48
N GLY G 20 -2.52 -34.52 -34.35
CA GLY G 20 -3.15 -34.86 -33.09
C GLY G 20 -3.19 -36.35 -32.86
N ALA G 21 -3.64 -36.74 -31.67
CA ALA G 21 -3.72 -38.14 -31.29
C ALA G 21 -4.66 -39.02 -32.13
N THR G 22 -5.62 -38.41 -32.83
CA THR G 22 -6.53 -39.21 -33.65
C THR G 22 -6.26 -39.08 -35.15
N ALA G 23 -5.11 -38.53 -35.50
CA ALA G 23 -4.71 -38.40 -36.89
C ALA G 23 -3.23 -38.72 -37.04
N GLU G 24 -2.57 -38.10 -38.01
CA GLU G 24 -1.16 -38.35 -38.28
C GLU G 24 -0.21 -37.49 -37.45
N LYS G 25 0.56 -38.13 -36.58
CA LYS G 25 1.51 -37.41 -35.74
C LYS G 25 2.55 -36.71 -36.62
N GLY G 26 2.90 -35.49 -36.26
CA GLY G 26 3.89 -34.73 -37.02
C GLY G 26 3.32 -33.94 -38.19
N ALA G 27 2.00 -33.73 -38.19
CA ALA G 27 1.35 -32.99 -39.28
C ALA G 27 1.72 -31.51 -39.35
N GLY G 28 2.31 -30.98 -38.29
CA GLY G 28 2.69 -29.58 -38.28
C GLY G 28 1.47 -28.67 -38.33
N GLY G 29 1.47 -27.73 -39.27
CA GLY G 29 0.34 -26.83 -39.39
C GLY G 29 0.14 -25.88 -38.22
N GLY G 30 -1.09 -25.81 -37.72
CA GLY G 30 -1.40 -24.93 -36.61
C GLY G 30 -0.72 -25.26 -35.30
N ASP G 31 -0.54 -26.56 -35.03
CA ASP G 31 0.10 -27.00 -33.79
C ASP G 31 1.61 -26.98 -33.95
N TYR G 32 2.24 -25.90 -33.50
CA TYR G 32 3.69 -25.73 -33.59
C TYR G 32 4.47 -26.95 -33.10
N HIS G 33 3.94 -27.64 -32.11
CA HIS G 33 4.63 -28.78 -31.52
C HIS G 33 4.31 -30.15 -32.10
N ASP G 34 3.44 -30.21 -33.10
CA ASP G 34 3.12 -31.48 -33.72
C ASP G 34 4.14 -31.75 -34.82
N GLN G 35 5.37 -32.01 -34.39
CA GLN G 35 6.49 -32.25 -35.30
C GLN G 35 6.95 -33.70 -35.30
N GLY G 36 7.92 -34.00 -36.17
CA GLY G 36 8.47 -35.33 -36.24
C GLY G 36 9.64 -35.44 -35.27
N GLY G 37 10.54 -36.38 -35.53
CA GLY G 37 11.69 -36.55 -34.66
C GLY G 37 12.86 -35.65 -34.99
N ASN G 38 13.86 -35.65 -34.11
CA ASN G 38 15.07 -34.84 -34.29
C ASN G 38 14.78 -33.36 -34.49
N HIS G 39 13.72 -32.85 -33.86
CA HIS G 39 13.36 -31.45 -33.99
C HIS G 39 13.85 -30.70 -32.75
N TRP G 40 14.46 -29.54 -32.96
CA TRP G 40 14.98 -28.74 -31.85
C TRP G 40 13.89 -28.41 -30.83
N ILE G 41 12.66 -28.24 -31.33
CA ILE G 41 11.54 -27.88 -30.48
C ILE G 41 11.15 -28.97 -29.49
N ASP G 42 11.78 -30.14 -29.60
CA ASP G 42 11.48 -31.25 -28.71
C ASP G 42 12.76 -31.79 -28.08
N ASP G 43 13.85 -31.04 -28.23
CA ASP G 43 15.13 -31.47 -27.70
C ASP G 43 15.44 -31.05 -26.26
N HIS G 44 15.01 -31.89 -25.31
CA HIS G 44 15.26 -31.64 -23.89
C HIS G 44 14.89 -30.21 -23.46
N ILE G 45 13.68 -29.77 -23.81
CA ILE G 45 13.21 -28.44 -23.44
C ILE G 45 12.67 -28.49 -22.01
N ALA G 46 13.06 -27.53 -21.18
CA ALA G 46 12.60 -27.49 -19.79
C ALA G 46 11.10 -27.19 -19.76
N THR G 47 10.37 -27.93 -18.93
CA THR G 47 8.93 -27.76 -18.81
C THR G 47 8.49 -28.14 -17.40
N PRO G 48 7.20 -27.93 -17.09
CA PRO G 48 6.70 -28.30 -15.76
C PRO G 48 6.80 -29.81 -15.54
N MET G 49 7.02 -30.55 -16.63
CA MET G 49 7.13 -32.02 -16.56
C MET G 49 8.53 -32.58 -16.66
N SER G 50 9.52 -31.77 -17.04
CA SER G 50 10.88 -32.27 -17.19
C SER G 50 11.55 -32.73 -15.89
N LYS G 51 10.90 -32.48 -14.76
CA LYS G 51 11.43 -32.92 -13.47
C LYS G 51 11.22 -34.44 -13.36
N TYR G 52 10.38 -34.99 -14.24
CA TYR G 52 10.11 -36.42 -14.27
C TYR G 52 11.02 -37.06 -15.30
N ARG G 53 11.77 -38.08 -14.87
CA ARG G 53 12.71 -38.77 -15.74
C ARG G 53 12.14 -39.20 -17.09
N ASP G 54 10.95 -39.80 -17.07
CA ASP G 54 10.31 -40.26 -18.31
C ASP G 54 9.84 -39.15 -19.24
N TYR G 55 9.77 -37.92 -18.75
CA TYR G 55 9.29 -36.82 -19.58
C TYR G 55 10.29 -35.68 -19.69
N GLU G 56 11.55 -35.95 -19.36
CA GLU G 56 12.58 -34.93 -19.41
C GLU G 56 13.13 -34.65 -20.82
N GLN G 57 13.39 -35.70 -21.58
CA GLN G 57 13.96 -35.52 -22.92
C GLN G 57 13.01 -34.99 -23.98
N SER G 58 11.76 -35.42 -23.92
CA SER G 58 10.77 -35.03 -24.94
C SER G 58 9.44 -34.49 -24.45
N ARG G 59 9.05 -33.33 -24.97
CA ARG G 59 7.76 -32.75 -24.61
C ARG G 59 6.68 -33.60 -25.28
N GLN G 60 7.01 -34.16 -26.43
CA GLN G 60 6.05 -35.02 -27.14
C GLN G 60 5.69 -36.20 -26.24
N SER G 61 6.65 -36.70 -25.47
CA SER G 61 6.40 -37.84 -24.59
C SER G 61 5.29 -37.57 -23.56
N PHE G 62 5.15 -36.33 -23.08
CA PHE G 62 4.08 -36.07 -22.13
C PHE G 62 2.78 -35.65 -22.82
N GLY G 63 2.83 -35.53 -24.15
CA GLY G 63 1.63 -35.18 -24.91
C GLY G 63 1.44 -33.74 -25.36
N ILE G 64 2.53 -33.05 -25.64
CA ILE G 64 2.42 -31.65 -26.09
C ILE G 64 1.85 -31.61 -27.51
N ASN G 65 1.74 -32.78 -28.13
CA ASN G 65 1.25 -32.90 -29.51
C ASN G 65 -0.08 -33.61 -29.69
N VAL G 66 -0.82 -33.85 -28.61
CA VAL G 66 -2.09 -34.57 -28.74
C VAL G 66 -3.24 -33.84 -29.43
N LEU G 67 -3.23 -32.51 -29.39
CA LEU G 67 -4.33 -31.74 -29.98
C LEU G 67 -4.30 -31.62 -31.50
N GLY G 68 -3.14 -31.31 -32.06
CA GLY G 68 -3.07 -31.15 -33.50
C GLY G 68 -3.69 -29.82 -33.93
N THR G 69 -3.97 -29.71 -35.23
CA THR G 69 -4.50 -28.49 -35.81
C THR G 69 -6.01 -28.40 -36.02
N LEU G 70 -6.57 -27.27 -35.62
CA LEU G 70 -8.00 -27.02 -35.82
C LEU G 70 -8.06 -26.09 -37.02
N ILE G 71 -8.98 -26.36 -37.94
CA ILE G 71 -9.16 -25.52 -39.11
C ILE G 71 -10.64 -25.13 -39.12
N VAL G 72 -10.91 -23.82 -39.16
CA VAL G 72 -12.28 -23.36 -39.19
C VAL G 72 -12.50 -22.57 -40.47
N GLU G 73 -13.55 -22.92 -41.21
CA GLU G 73 -13.86 -22.20 -42.44
C GLU G 73 -15.29 -21.69 -42.38
N VAL G 74 -15.47 -20.42 -42.70
CA VAL G 74 -16.80 -19.81 -42.68
C VAL G 74 -17.15 -19.48 -44.14
N GLU G 75 -18.34 -19.86 -44.55
CA GLU G 75 -18.79 -19.59 -45.92
C GLU G 75 -19.99 -18.66 -45.94
N ALA G 76 -19.89 -17.59 -46.73
CA ALA G 76 -20.97 -16.61 -46.82
C ALA G 76 -22.00 -17.07 -47.85
N GLU G 77 -23.17 -16.44 -47.84
CA GLU G 77 -24.26 -16.76 -48.77
C GLU G 77 -23.85 -16.58 -50.23
N ASN G 78 -22.83 -15.76 -50.48
CA ASN G 78 -22.37 -15.52 -51.85
C ASN G 78 -21.23 -16.48 -52.22
N ARG G 79 -21.07 -17.52 -51.41
CA ARG G 79 -20.06 -18.56 -51.62
C ARG G 79 -18.61 -18.20 -51.30
N GLN G 80 -18.34 -16.96 -50.91
CA GLN G 80 -16.98 -16.59 -50.56
C GLN G 80 -16.70 -17.23 -49.20
N THR G 81 -15.43 -17.57 -48.96
CA THR G 81 -15.05 -18.18 -47.70
C THR G 81 -13.86 -17.49 -47.04
N GLY G 82 -13.72 -17.75 -45.74
CA GLY G 82 -12.64 -17.20 -44.96
C GLY G 82 -12.27 -18.34 -44.01
N PHE G 83 -11.02 -18.40 -43.56
CA PHE G 83 -10.64 -19.47 -42.67
C PHE G 83 -9.44 -19.10 -41.80
N ALA G 84 -9.16 -19.95 -40.83
CA ALA G 84 -8.02 -19.75 -39.94
C ALA G 84 -7.68 -21.09 -39.32
N VAL G 85 -6.49 -21.18 -38.73
CA VAL G 85 -6.06 -22.41 -38.09
C VAL G 85 -5.53 -22.09 -36.71
N SER G 86 -5.57 -23.07 -35.83
CA SER G 86 -5.07 -22.91 -34.47
C SER G 86 -4.79 -24.29 -33.90
N THR G 87 -4.57 -24.37 -32.60
CA THR G 87 -4.29 -25.64 -31.93
C THR G 87 -5.50 -26.08 -31.11
N ALA G 88 -6.12 -27.18 -31.51
CA ALA G 88 -7.29 -27.70 -30.80
C ALA G 88 -7.74 -29.03 -31.40
N GLY G 89 -7.52 -29.19 -32.71
CA GLY G 89 -7.89 -30.43 -33.36
C GLY G 89 -9.33 -30.90 -33.24
N GLU G 90 -9.50 -32.20 -33.06
CA GLU G 90 -10.82 -32.82 -32.98
C GLU G 90 -11.78 -32.20 -31.97
N MET G 91 -11.28 -31.93 -30.76
CA MET G 91 -12.12 -31.33 -29.74
C MET G 91 -12.56 -29.93 -30.17
N GLY G 92 -11.68 -29.22 -30.85
CA GLY G 92 -12.04 -27.90 -31.34
C GLY G 92 -13.21 -28.03 -32.32
N CYS G 93 -13.20 -29.10 -33.11
CA CYS G 93 -14.26 -29.32 -34.09
C CYS G 93 -15.60 -29.53 -33.38
N PHE G 94 -15.59 -30.23 -32.25
CA PHE G 94 -16.80 -30.47 -31.48
C PHE G 94 -17.38 -29.12 -31.05
N ILE G 95 -16.53 -28.28 -30.46
CA ILE G 95 -16.96 -26.98 -29.99
C ILE G 95 -17.59 -26.13 -31.09
N VAL G 96 -16.94 -26.08 -32.24
CA VAL G 96 -17.45 -25.29 -33.36
C VAL G 96 -18.74 -25.86 -33.97
N GLU G 97 -18.73 -27.14 -34.27
CA GLU G 97 -19.88 -27.79 -34.91
C GLU G 97 -21.08 -28.07 -34.02
N LYS G 98 -20.84 -28.27 -32.72
CA LYS G 98 -21.92 -28.59 -31.80
C LYS G 98 -22.32 -27.48 -30.84
N HIS G 99 -21.61 -26.36 -30.86
CA HIS G 99 -21.97 -25.28 -29.95
C HIS G 99 -21.94 -23.90 -30.59
N LEU G 100 -20.74 -23.43 -30.95
CA LEU G 100 -20.56 -22.10 -31.50
C LEU G 100 -21.27 -21.77 -32.82
N ASN G 101 -21.56 -22.79 -33.62
CA ASN G 101 -22.21 -22.56 -34.90
C ASN G 101 -23.53 -21.78 -34.75
N ARG G 102 -24.21 -21.94 -33.63
CA ARG G 102 -25.48 -21.26 -33.43
C ARG G 102 -25.36 -19.73 -33.37
N PHE G 103 -24.18 -19.23 -33.02
CA PHE G 103 -23.96 -17.79 -32.93
C PHE G 103 -23.37 -17.24 -34.22
N ILE G 104 -22.80 -18.13 -35.03
CA ILE G 104 -22.14 -17.75 -36.27
C ILE G 104 -23.02 -17.68 -37.51
N GLU G 105 -23.71 -18.79 -37.80
CA GLU G 105 -24.55 -18.87 -38.98
C GLU G 105 -25.77 -17.93 -38.93
N GLY G 106 -26.01 -17.23 -40.03
CA GLY G 106 -27.12 -16.31 -40.09
C GLY G 106 -26.73 -14.86 -39.83
N LYS G 107 -25.55 -14.65 -39.25
CA LYS G 107 -25.06 -13.29 -38.97
C LYS G 107 -24.50 -12.64 -40.23
N CYS G 108 -24.31 -11.32 -40.18
CA CYS G 108 -23.73 -10.61 -41.31
C CYS G 108 -22.24 -10.89 -41.20
N VAL G 109 -21.51 -10.89 -42.31
CA VAL G 109 -20.08 -11.14 -42.24
C VAL G 109 -19.37 -10.05 -41.43
N SER G 110 -20.04 -8.91 -41.21
CA SER G 110 -19.44 -7.82 -40.44
C SER G 110 -19.73 -7.91 -38.94
N ASP G 111 -20.58 -8.85 -38.53
CA ASP G 111 -20.94 -9.02 -37.11
C ASP G 111 -19.85 -9.74 -36.32
N ILE G 112 -18.60 -9.40 -36.57
CA ILE G 112 -17.49 -10.08 -35.90
C ILE G 112 -17.45 -9.92 -34.38
N LYS G 113 -17.48 -8.67 -33.91
CA LYS G 113 -17.43 -8.42 -32.46
C LYS G 113 -18.63 -9.02 -31.73
N LEU G 114 -19.78 -9.02 -32.38
CA LEU G 114 -20.99 -9.57 -31.78
C LEU G 114 -20.83 -11.08 -31.58
N ILE G 115 -20.40 -11.77 -32.63
CA ILE G 115 -20.20 -13.21 -32.55
C ILE G 115 -19.15 -13.50 -31.47
N HIS G 116 -18.11 -12.69 -31.43
CA HIS G 116 -17.04 -12.87 -30.46
C HIS G 116 -17.58 -12.80 -29.03
N ASP G 117 -18.37 -11.79 -28.72
CA ASP G 117 -18.92 -11.65 -27.39
C ASP G 117 -19.85 -12.81 -27.04
N GLN G 118 -20.61 -13.28 -28.02
CA GLN G 118 -21.52 -14.38 -27.76
C GLN G 118 -20.75 -15.68 -27.54
N MET G 119 -19.64 -15.88 -28.24
CA MET G 119 -18.86 -17.09 -28.04
C MET G 119 -18.27 -17.09 -26.62
N LEU G 120 -17.76 -15.95 -26.19
CA LEU G 120 -17.18 -15.82 -24.86
C LEU G 120 -18.23 -16.02 -23.77
N GLY G 121 -19.38 -15.35 -23.94
CA GLY G 121 -20.42 -15.47 -22.95
C GLY G 121 -21.03 -16.86 -22.83
N ALA G 122 -21.21 -17.52 -23.98
CA ALA G 122 -21.81 -18.85 -24.01
C ALA G 122 -20.90 -19.99 -23.53
N THR G 123 -19.58 -19.79 -23.58
CA THR G 123 -18.63 -20.81 -23.17
C THR G 123 -17.95 -20.48 -21.84
N MET G 124 -18.30 -19.35 -21.24
CA MET G 124 -17.67 -18.95 -19.99
C MET G 124 -17.71 -20.03 -18.91
N TYR G 125 -18.77 -20.83 -18.89
CA TYR G 125 -18.90 -21.88 -17.88
C TYR G 125 -17.95 -23.07 -18.06
N TYR G 126 -17.27 -23.16 -19.20
CA TYR G 126 -16.33 -24.27 -19.39
C TYR G 126 -15.04 -23.92 -20.14
N SER G 127 -14.85 -22.65 -20.46
CA SER G 127 -13.66 -22.24 -21.19
C SER G 127 -12.40 -22.09 -20.33
N GLY G 128 -12.58 -21.86 -19.03
CA GLY G 128 -11.43 -21.67 -18.16
C GLY G 128 -10.60 -20.44 -18.53
N SER G 129 -11.19 -19.52 -19.29
CA SER G 129 -10.52 -18.29 -19.69
C SER G 129 -9.21 -18.46 -20.50
N GLY G 130 -8.97 -19.65 -21.04
CA GLY G 130 -7.75 -19.83 -21.80
C GLY G 130 -7.60 -21.27 -22.25
N GLY G 131 -6.53 -21.56 -22.97
CA GLY G 131 -6.31 -22.92 -23.43
C GLY G 131 -7.25 -23.36 -24.54
N LEU G 132 -7.43 -24.68 -24.64
CA LEU G 132 -8.26 -25.32 -25.64
C LEU G 132 -9.50 -24.59 -26.13
N VAL G 133 -10.41 -24.28 -25.23
CA VAL G 133 -11.65 -23.60 -25.62
C VAL G 133 -11.38 -22.21 -26.19
N MET G 134 -10.45 -21.48 -25.59
CA MET G 134 -10.13 -20.14 -26.08
C MET G 134 -9.44 -20.23 -27.45
N ASN G 135 -8.64 -21.29 -27.65
CA ASN G 135 -7.96 -21.48 -28.93
C ASN G 135 -9.02 -21.64 -30.02
N THR G 136 -10.09 -22.36 -29.70
CA THR G 136 -11.16 -22.61 -30.65
C THR G 136 -11.90 -21.31 -30.97
N ILE G 137 -12.22 -20.53 -29.94
CA ILE G 137 -12.90 -19.27 -30.13
C ILE G 137 -12.03 -18.36 -30.99
N SER G 138 -10.72 -18.34 -30.70
CA SER G 138 -9.78 -17.52 -31.45
C SER G 138 -9.77 -17.90 -32.92
N CYS G 139 -9.79 -19.19 -33.20
CA CYS G 139 -9.78 -19.68 -34.58
C CYS G 139 -11.01 -19.20 -35.34
N VAL G 140 -12.15 -19.21 -34.67
CA VAL G 140 -13.38 -18.75 -35.31
C VAL G 140 -13.26 -17.25 -35.60
N ASP G 141 -12.82 -16.49 -34.60
CA ASP G 141 -12.66 -15.04 -34.75
C ASP G 141 -11.78 -14.72 -35.95
N LEU G 142 -10.67 -15.43 -36.08
CA LEU G 142 -9.75 -15.19 -37.19
C LEU G 142 -10.38 -15.56 -38.52
N ALA G 143 -11.14 -16.64 -38.54
CA ALA G 143 -11.81 -17.06 -39.78
C ALA G 143 -12.81 -15.98 -40.20
N LEU G 144 -13.47 -15.38 -39.22
CA LEU G 144 -14.45 -14.33 -39.49
C LEU G 144 -13.77 -13.08 -40.06
N TRP G 145 -12.64 -12.68 -39.48
CA TRP G 145 -11.92 -11.52 -40.00
C TRP G 145 -11.40 -11.82 -41.41
N ASP G 146 -11.00 -13.06 -41.64
CA ASP G 146 -10.49 -13.46 -42.96
C ASP G 146 -11.60 -13.34 -43.99
N LEU G 147 -12.79 -13.87 -43.66
CA LEU G 147 -13.93 -13.81 -44.56
C LEU G 147 -14.34 -12.37 -44.85
N PHE G 148 -14.44 -11.56 -43.80
CA PHE G 148 -14.83 -10.17 -43.95
C PHE G 148 -13.86 -9.46 -44.88
N GLY G 149 -12.57 -9.66 -44.66
CA GLY G 149 -11.56 -9.02 -45.50
C GLY G 149 -11.65 -9.46 -46.95
N LYS G 150 -11.91 -10.75 -47.17
CA LYS G 150 -12.02 -11.28 -48.52
C LYS G 150 -13.29 -10.80 -49.20
N VAL G 151 -14.36 -10.61 -48.43
CA VAL G 151 -15.61 -10.11 -49.00
C VAL G 151 -15.45 -8.65 -49.40
N VAL G 152 -14.83 -7.86 -48.52
CA VAL G 152 -14.61 -6.44 -48.78
C VAL G 152 -13.54 -6.22 -49.84
N GLY G 153 -12.57 -7.13 -49.89
CA GLY G 153 -11.49 -7.02 -50.85
C GLY G 153 -10.29 -6.25 -50.33
N LEU G 154 -10.07 -6.32 -49.01
CA LEU G 154 -8.95 -5.62 -48.40
C LEU G 154 -8.17 -6.47 -47.42
N PRO G 155 -6.87 -6.19 -47.26
CA PRO G 155 -6.06 -6.96 -46.32
C PRO G 155 -6.56 -6.57 -44.93
N VAL G 156 -6.48 -7.48 -43.98
CA VAL G 156 -6.93 -7.17 -42.63
C VAL G 156 -6.17 -5.96 -42.06
N TYR G 157 -4.89 -5.84 -42.36
CA TYR G 157 -4.12 -4.73 -41.82
C TYR G 157 -4.64 -3.36 -42.27
N LYS G 158 -5.27 -3.29 -43.44
CA LYS G 158 -5.81 -2.02 -43.90
C LYS G 158 -7.15 -1.77 -43.24
N LEU G 159 -7.93 -2.82 -43.01
CA LEU G 159 -9.22 -2.68 -42.36
C LEU G 159 -9.03 -2.15 -40.95
N LEU G 160 -7.92 -2.54 -40.30
CA LEU G 160 -7.63 -2.12 -38.94
C LEU G 160 -7.15 -0.67 -38.78
N GLY G 161 -6.85 0.00 -39.89
CA GLY G 161 -6.38 1.36 -39.78
C GLY G 161 -5.01 1.57 -40.39
N GLY G 162 -4.54 0.57 -41.14
CA GLY G 162 -3.26 0.66 -41.80
C GLY G 162 -1.98 0.38 -41.04
N ALA G 163 -0.91 0.17 -41.80
CA ALA G 163 0.40 -0.12 -41.24
C ALA G 163 1.01 1.15 -40.64
N VAL G 164 1.77 0.99 -39.56
CA VAL G 164 2.43 2.13 -38.94
C VAL G 164 3.93 2.01 -39.16
N ARG G 165 4.31 1.02 -39.96
CA ARG G 165 5.70 0.76 -40.32
C ARG G 165 5.69 0.07 -41.69
N ASP G 166 6.72 0.29 -42.50
CA ASP G 166 6.77 -0.31 -43.83
C ASP G 166 7.12 -1.79 -43.86
N GLU G 167 7.71 -2.29 -42.77
CA GLU G 167 8.07 -3.69 -42.70
C GLU G 167 8.09 -4.17 -41.26
N ILE G 168 7.90 -5.46 -41.07
CA ILE G 168 7.95 -6.06 -39.75
C ILE G 168 9.33 -6.66 -39.61
N GLN G 169 10.03 -6.35 -38.51
CA GLN G 169 11.35 -6.92 -38.30
C GLN G 169 11.17 -8.04 -37.28
N PHE G 170 11.83 -9.17 -37.52
CA PHE G 170 11.70 -10.36 -36.68
C PHE G 170 12.93 -10.81 -35.90
N TYR G 171 12.67 -11.51 -34.80
CA TYR G 171 13.72 -12.13 -34.01
C TYR G 171 13.32 -13.60 -34.23
N ALA G 172 14.27 -14.51 -34.16
CA ALA G 172 13.96 -15.92 -34.39
C ALA G 172 14.08 -16.77 -33.13
N THR G 173 13.12 -17.69 -32.96
CA THR G 173 13.13 -18.56 -31.81
C THR G 173 13.56 -19.95 -32.27
N GLY G 174 14.59 -20.47 -31.61
CA GLY G 174 15.12 -21.77 -31.96
C GLY G 174 16.49 -21.99 -31.32
N ALA G 175 17.10 -23.11 -31.62
CA ALA G 175 18.40 -23.45 -31.05
C ALA G 175 19.61 -22.81 -31.74
N ARG G 176 19.39 -22.10 -32.83
CA ARG G 176 20.53 -21.51 -33.54
C ARG G 176 20.48 -19.98 -33.77
N PRO G 177 20.66 -19.20 -32.70
CA PRO G 177 20.63 -17.74 -32.86
C PRO G 177 21.71 -17.30 -33.85
N ASP G 178 22.81 -18.04 -33.91
CA ASP G 178 23.89 -17.70 -34.82
C ASP G 178 23.46 -17.83 -36.28
N LEU G 179 22.70 -18.87 -36.61
CA LEU G 179 22.23 -19.03 -37.98
C LEU G 179 21.16 -17.98 -38.27
N ALA G 180 20.39 -17.62 -37.25
CA ALA G 180 19.34 -16.62 -37.42
C ALA G 180 19.96 -15.27 -37.77
N LYS G 181 21.08 -14.96 -37.14
CA LYS G 181 21.77 -13.71 -37.41
C LYS G 181 22.15 -13.66 -38.89
N GLU G 182 22.65 -14.78 -39.39
CA GLU G 182 23.06 -14.88 -40.79
C GLU G 182 21.87 -14.64 -41.71
N MET G 183 20.69 -15.11 -41.29
CA MET G 183 19.48 -14.96 -42.08
C MET G 183 18.91 -13.54 -42.06
N GLY G 184 19.45 -12.69 -41.19
CA GLY G 184 18.98 -11.32 -41.13
C GLY G 184 18.07 -10.97 -39.96
N PHE G 185 17.80 -11.92 -39.07
CA PHE G 185 16.94 -11.65 -37.92
C PHE G 185 17.64 -10.68 -36.96
N ILE G 186 16.86 -9.98 -36.15
CA ILE G 186 17.43 -9.00 -35.22
C ILE G 186 17.81 -9.58 -33.88
N GLY G 187 17.46 -10.84 -33.66
CA GLY G 187 17.78 -11.47 -32.40
C GLY G 187 17.40 -12.93 -32.41
N GLY G 188 17.80 -13.65 -31.37
CA GLY G 188 17.48 -15.07 -31.28
C GLY G 188 17.08 -15.47 -29.88
N LYS G 189 15.92 -16.10 -29.75
CA LYS G 189 15.45 -16.57 -28.45
C LYS G 189 15.68 -18.06 -28.38
N MET G 190 16.37 -18.51 -27.35
CA MET G 190 16.65 -19.93 -27.15
C MET G 190 15.85 -20.50 -25.98
N PRO G 191 15.51 -21.79 -26.05
CA PRO G 191 14.76 -22.42 -24.97
C PRO G 191 15.73 -22.86 -23.88
N THR G 192 15.27 -22.88 -22.64
CA THR G 192 16.13 -23.36 -21.56
C THR G 192 16.01 -24.88 -21.63
N HIS G 193 17.06 -25.58 -21.23
CA HIS G 193 17.04 -27.05 -21.27
C HIS G 193 17.01 -27.68 -19.89
N TRP G 194 17.29 -26.86 -18.87
CA TRP G 194 17.31 -27.36 -17.50
C TRP G 194 16.34 -26.60 -16.63
N GLY G 195 15.95 -27.22 -15.51
CA GLY G 195 15.00 -26.58 -14.61
C GLY G 195 15.41 -26.57 -13.16
N PRO G 196 14.51 -26.13 -12.26
CA PRO G 196 14.76 -26.07 -10.81
C PRO G 196 15.41 -27.31 -10.22
N HIS G 197 14.95 -28.48 -10.64
CA HIS G 197 15.50 -29.75 -10.14
C HIS G 197 16.98 -29.93 -10.52
N ASP G 198 17.45 -29.16 -11.48
CA ASP G 198 18.85 -29.25 -11.90
C ASP G 198 19.73 -28.29 -11.11
N GLY G 199 19.11 -27.40 -10.35
CA GLY G 199 19.84 -26.46 -9.52
C GLY G 199 20.92 -25.62 -10.18
N ASP G 200 22.02 -25.42 -9.46
CA ASP G 200 23.12 -24.60 -9.95
C ASP G 200 23.74 -25.12 -11.25
N ALA G 201 23.75 -26.43 -11.43
CA ALA G 201 24.31 -27.01 -12.66
C ALA G 201 23.44 -26.60 -13.84
N GLY G 202 22.12 -26.61 -13.63
CA GLY G 202 21.20 -26.24 -14.70
C GLY G 202 21.37 -24.78 -15.09
N ILE G 203 21.52 -23.92 -14.09
CA ILE G 203 21.70 -22.50 -14.34
C ILE G 203 23.02 -22.28 -15.08
N ARG G 204 24.07 -22.95 -14.65
CA ARG G 204 25.37 -22.82 -15.28
C ARG G 204 25.32 -23.24 -16.76
N LYS G 205 24.65 -24.34 -17.03
CA LYS G 205 24.55 -24.83 -18.41
C LYS G 205 23.75 -23.93 -19.35
N ASP G 206 22.58 -23.47 -18.93
CA ASP G 206 21.82 -22.60 -19.81
C ASP G 206 22.48 -21.24 -19.95
N ALA G 207 23.15 -20.77 -18.89
CA ALA G 207 23.84 -19.49 -18.95
C ALA G 207 25.03 -19.61 -19.91
N ALA G 208 25.68 -20.77 -19.89
CA ALA G 208 26.83 -21.01 -20.76
C ALA G 208 26.36 -21.02 -22.21
N MET G 209 25.16 -21.55 -22.43
CA MET G 209 24.57 -21.60 -23.76
C MET G 209 24.41 -20.17 -24.27
N VAL G 210 23.93 -19.29 -23.39
CA VAL G 210 23.73 -17.88 -23.75
C VAL G 210 25.08 -17.21 -24.02
N ALA G 211 26.03 -17.42 -23.13
CA ALA G 211 27.36 -16.83 -23.27
C ALA G 211 27.99 -17.21 -24.61
N ASP G 212 27.83 -18.47 -24.98
CA ASP G 212 28.38 -18.98 -26.23
C ASP G 212 27.78 -18.24 -27.43
N MET G 213 26.45 -18.08 -27.43
CA MET G 213 25.80 -17.39 -28.53
C MET G 213 26.13 -15.90 -28.56
N ARG G 214 26.38 -15.31 -27.39
CA ARG G 214 26.72 -13.89 -27.33
C ARG G 214 28.07 -13.71 -28.02
N GLU G 215 28.96 -14.66 -27.78
CA GLU G 215 30.29 -14.66 -28.34
C GLU G 215 30.18 -14.75 -29.87
N LYS G 216 29.33 -15.66 -30.33
CA LYS G 216 29.14 -15.89 -31.77
C LYS G 216 28.35 -14.82 -32.50
N CYS G 217 27.39 -14.19 -31.82
CA CYS G 217 26.54 -13.19 -32.46
C CYS G 217 26.90 -11.71 -32.29
N GLY G 218 27.79 -11.40 -31.36
CA GLY G 218 28.12 -10.01 -31.15
C GLY G 218 27.19 -9.35 -30.14
N PRO G 219 27.46 -8.10 -29.74
CA PRO G 219 26.65 -7.36 -28.77
C PRO G 219 25.29 -6.79 -29.19
N ASP G 220 25.12 -6.46 -30.47
CA ASP G 220 23.87 -5.86 -30.92
C ASP G 220 22.74 -6.82 -31.29
N PHE G 221 23.09 -8.05 -31.59
CA PHE G 221 22.10 -9.08 -31.94
C PHE G 221 21.46 -9.50 -30.61
N TRP G 222 20.15 -9.34 -30.48
CA TRP G 222 19.49 -9.71 -29.22
C TRP G 222 19.49 -11.20 -28.92
N LEU G 223 19.55 -11.53 -27.64
CA LEU G 223 19.49 -12.91 -27.18
C LEU G 223 18.46 -12.94 -26.07
N MET G 224 17.58 -13.94 -26.09
CA MET G 224 16.55 -14.08 -25.08
C MET G 224 16.42 -15.55 -24.69
N LEU G 225 15.79 -15.80 -23.54
CA LEU G 225 15.57 -17.16 -23.08
C LEU G 225 14.09 -17.43 -22.88
N ASP G 226 13.62 -18.56 -23.42
CA ASP G 226 12.23 -18.96 -23.25
C ASP G 226 12.26 -20.09 -22.22
N CYS G 227 11.47 -19.96 -21.17
CA CYS G 227 11.47 -20.94 -20.08
C CYS G 227 10.22 -21.82 -19.98
N TRP G 228 9.33 -21.66 -20.96
CA TRP G 228 8.09 -22.44 -21.05
C TRP G 228 7.47 -22.92 -19.73
N MET G 229 7.09 -21.98 -18.87
CA MET G 229 6.42 -22.28 -17.59
C MET G 229 7.14 -23.26 -16.66
N SER G 230 8.42 -23.50 -16.92
CA SER G 230 9.17 -24.51 -16.16
C SER G 230 9.87 -24.16 -14.85
N GLN G 231 9.84 -22.91 -14.41
CA GLN G 231 10.58 -22.57 -13.20
C GLN G 231 9.74 -22.07 -12.04
N ASP G 232 10.43 -21.53 -11.03
CA ASP G 232 9.77 -20.92 -9.88
C ASP G 232 10.51 -19.61 -9.70
N VAL G 233 10.03 -18.73 -8.84
CA VAL G 233 10.66 -17.43 -8.66
C VAL G 233 12.17 -17.46 -8.37
N ASN G 234 12.59 -18.29 -7.41
CA ASN G 234 14.00 -18.35 -7.06
C ASN G 234 14.91 -18.79 -8.21
N TYR G 235 14.53 -19.87 -8.88
CA TYR G 235 15.33 -20.38 -9.99
C TYR G 235 15.41 -19.35 -11.11
N ALA G 236 14.27 -18.76 -11.45
CA ALA G 236 14.21 -17.76 -12.51
C ALA G 236 15.08 -16.56 -12.15
N THR G 237 15.06 -16.18 -10.87
CA THR G 237 15.85 -15.05 -10.41
C THR G 237 17.34 -15.37 -10.57
N LYS G 238 17.74 -16.56 -10.14
CA LYS G 238 19.14 -16.97 -10.25
C LYS G 238 19.59 -17.02 -11.71
N LEU G 239 18.75 -17.57 -12.58
CA LEU G 239 19.09 -17.67 -14.00
C LEU G 239 19.22 -16.29 -14.64
N ALA G 240 18.28 -15.41 -14.34
CA ALA G 240 18.30 -14.05 -14.90
C ALA G 240 19.60 -13.34 -14.53
N HIS G 241 19.98 -13.42 -13.26
CA HIS G 241 21.19 -12.77 -12.81
C HIS G 241 22.44 -13.43 -13.40
N ALA G 242 22.38 -14.73 -13.62
CA ALA G 242 23.50 -15.46 -14.20
C ALA G 242 23.69 -15.04 -15.66
N CYS G 243 22.61 -14.59 -16.30
CA CYS G 243 22.68 -14.19 -17.71
C CYS G 243 22.87 -12.68 -17.90
N ALA G 244 22.80 -11.93 -16.81
CA ALA G 244 22.96 -10.48 -16.89
C ALA G 244 24.27 -10.02 -17.56
N PRO G 245 25.39 -10.69 -17.26
CA PRO G 245 26.68 -10.31 -17.86
C PRO G 245 26.69 -10.36 -19.39
N PHE G 246 25.76 -11.10 -19.96
CA PHE G 246 25.70 -11.25 -21.41
C PHE G 246 24.58 -10.42 -22.04
N ASN G 247 24.02 -9.52 -21.25
CA ASN G 247 22.94 -8.65 -21.70
C ASN G 247 21.75 -9.40 -22.32
N LEU G 248 21.25 -10.41 -21.61
CA LEU G 248 20.09 -11.15 -22.08
C LEU G 248 18.99 -10.11 -22.12
N LYS G 249 18.34 -9.94 -23.27
CA LYS G 249 17.29 -8.92 -23.40
C LYS G 249 16.08 -9.20 -22.51
N TRP G 250 15.64 -10.45 -22.46
CA TRP G 250 14.50 -10.80 -21.62
C TRP G 250 14.46 -12.28 -21.31
N ILE G 251 13.75 -12.63 -20.24
CA ILE G 251 13.58 -14.02 -19.82
C ILE G 251 12.07 -14.22 -19.86
N GLU G 252 11.64 -15.18 -20.68
CA GLU G 252 10.22 -15.41 -20.93
C GLU G 252 9.49 -16.59 -20.31
N GLU G 253 8.25 -16.31 -19.90
CA GLU G 253 7.34 -17.27 -19.30
C GLU G 253 7.99 -18.22 -18.31
N CYS G 254 8.65 -17.66 -17.30
CA CYS G 254 9.31 -18.47 -16.28
C CYS G 254 8.32 -19.26 -15.43
N LEU G 255 7.11 -18.75 -15.29
CA LEU G 255 6.11 -19.39 -14.44
C LEU G 255 4.79 -19.78 -15.09
N PRO G 256 4.08 -20.74 -14.48
CA PRO G 256 2.78 -21.17 -15.02
C PRO G 256 1.92 -19.90 -15.08
N PRO G 257 0.95 -19.84 -16.00
CA PRO G 257 0.09 -18.67 -16.15
C PRO G 257 -0.68 -18.10 -14.95
N GLN G 258 -1.16 -18.97 -14.05
CA GLN G 258 -1.93 -18.50 -12.90
C GLN G 258 -1.09 -17.74 -11.86
N GLN G 259 0.24 -17.89 -11.93
CA GLN G 259 1.10 -17.27 -10.94
C GLN G 259 1.43 -15.79 -11.12
N TYR G 260 0.39 -14.96 -11.14
CA TYR G 260 0.53 -13.52 -11.29
C TYR G 260 1.37 -12.93 -10.17
N GLU G 261 1.12 -13.38 -8.95
CA GLU G 261 1.86 -12.88 -7.79
C GLU G 261 3.35 -13.18 -7.95
N GLY G 262 3.66 -14.37 -8.48
CA GLY G 262 5.05 -14.74 -8.69
C GLY G 262 5.69 -13.89 -9.77
N TYR G 263 4.94 -13.56 -10.81
CA TYR G 263 5.49 -12.73 -11.87
C TYR G 263 5.82 -11.34 -11.33
N ARG G 264 4.97 -10.83 -10.45
CA ARG G 264 5.21 -9.52 -9.86
C ARG G 264 6.52 -9.54 -9.08
N GLU G 265 6.72 -10.60 -8.29
CA GLU G 265 7.95 -10.72 -7.51
C GLU G 265 9.18 -10.91 -8.40
N LEU G 266 9.05 -11.74 -9.43
CA LEU G 266 10.15 -11.99 -10.35
C LEU G 266 10.59 -10.70 -11.04
N LYS G 267 9.62 -9.92 -11.51
CA LYS G 267 9.94 -8.65 -12.17
C LYS G 267 10.70 -7.74 -11.20
N ARG G 268 10.28 -7.72 -9.94
CA ARG G 268 10.95 -6.91 -8.94
C ARG G 268 12.39 -7.37 -8.71
N ASN G 269 12.62 -8.68 -8.82
CA ASN G 269 13.95 -9.26 -8.60
C ASN G 269 14.86 -9.26 -9.83
N ALA G 270 14.31 -8.90 -10.99
CA ALA G 270 15.10 -8.91 -12.22
C ALA G 270 16.27 -7.95 -12.28
N PRO G 271 17.37 -8.36 -12.95
CA PRO G 271 18.56 -7.50 -13.07
C PRO G 271 18.12 -6.20 -13.74
N ALA G 272 18.75 -5.09 -13.38
CA ALA G 272 18.40 -3.80 -13.96
C ALA G 272 18.48 -3.83 -15.48
N GLY G 273 17.41 -3.37 -16.13
CA GLY G 273 17.40 -3.34 -17.59
C GLY G 273 16.94 -4.62 -18.28
N MET G 274 16.92 -5.73 -17.57
CA MET G 274 16.48 -7.00 -18.17
C MET G 274 14.97 -7.11 -18.08
N MET G 275 14.33 -7.47 -19.18
CA MET G 275 12.88 -7.58 -19.17
C MET G 275 12.36 -8.97 -18.81
N VAL G 276 11.15 -8.99 -18.29
CA VAL G 276 10.48 -10.22 -17.89
C VAL G 276 9.22 -10.24 -18.74
N THR G 277 8.96 -11.36 -19.42
CA THR G 277 7.79 -11.45 -20.28
C THR G 277 6.98 -12.73 -20.05
N SER G 278 5.77 -12.75 -20.62
CA SER G 278 4.87 -13.90 -20.51
C SER G 278 3.61 -13.56 -21.28
N GLY G 279 2.65 -14.49 -21.28
CA GLY G 279 1.40 -14.22 -21.95
C GLY G 279 0.92 -15.16 -23.04
N GLU G 280 1.82 -15.94 -23.65
CA GLU G 280 1.38 -16.82 -24.72
C GLU G 280 0.29 -17.82 -24.31
N HIS G 281 0.25 -18.19 -23.04
CA HIS G 281 -0.76 -19.14 -22.59
C HIS G 281 -1.96 -18.49 -21.91
N HIS G 282 -1.94 -17.17 -21.78
CA HIS G 282 -3.06 -16.46 -21.16
C HIS G 282 -4.17 -16.22 -22.16
N GLY G 283 -5.40 -16.06 -21.67
CA GLY G 283 -6.53 -15.84 -22.54
C GLY G 283 -7.54 -14.89 -21.90
N THR G 284 -8.28 -14.18 -22.75
CA THR G 284 -9.29 -13.18 -22.35
C THR G 284 -8.63 -11.88 -21.94
N LEU G 285 -9.26 -10.78 -22.30
CA LEU G 285 -8.75 -9.45 -21.99
C LEU G 285 -8.55 -9.24 -20.49
N GLN G 286 -9.48 -9.75 -19.68
CA GLN G 286 -9.37 -9.59 -18.23
C GLN G 286 -8.12 -10.25 -17.64
N SER G 287 -7.73 -11.41 -18.15
CA SER G 287 -6.52 -12.07 -17.65
C SER G 287 -5.31 -11.22 -17.98
N PHE G 288 -5.31 -10.59 -19.16
CA PHE G 288 -4.20 -9.74 -19.55
C PHE G 288 -4.15 -8.46 -18.72
N ARG G 289 -5.31 -8.03 -18.23
CA ARG G 289 -5.38 -6.84 -17.36
C ARG G 289 -4.59 -7.20 -16.10
N THR G 290 -4.88 -8.37 -15.55
CA THR G 290 -4.20 -8.86 -14.35
C THR G 290 -2.70 -9.08 -14.61
N LEU G 291 -2.39 -9.68 -15.75
CA LEU G 291 -0.99 -9.93 -16.10
C LEU G 291 -0.23 -8.61 -16.24
N ALA G 292 -0.83 -7.64 -16.92
CA ALA G 292 -0.19 -6.35 -17.11
C ALA G 292 0.11 -5.67 -15.79
N GLU G 293 -0.80 -5.81 -14.83
CA GLU G 293 -0.60 -5.17 -13.53
C GLU G 293 0.49 -5.80 -12.67
N THR G 294 1.05 -6.93 -13.10
CA THR G 294 2.14 -7.55 -12.34
C THR G 294 3.41 -6.74 -12.60
N GLY G 295 3.39 -5.93 -13.64
CA GLY G 295 4.54 -5.11 -13.98
C GLY G 295 5.48 -5.69 -15.02
N ILE G 296 5.18 -6.87 -15.57
CA ILE G 296 6.07 -7.43 -16.57
C ILE G 296 6.15 -6.50 -17.77
N ASP G 297 7.28 -6.55 -18.47
CA ASP G 297 7.55 -5.66 -19.58
C ASP G 297 6.81 -5.86 -20.89
N ILE G 298 6.66 -7.12 -21.30
CA ILE G 298 5.99 -7.41 -22.56
C ILE G 298 5.03 -8.58 -22.42
N MET G 299 3.81 -8.40 -22.93
CA MET G 299 2.82 -9.47 -22.91
C MET G 299 2.87 -10.09 -24.30
N GLN G 300 2.84 -11.42 -24.35
CA GLN G 300 2.98 -12.12 -25.61
C GLN G 300 1.86 -13.07 -25.99
N PRO G 301 0.64 -12.54 -26.15
CA PRO G 301 -0.47 -13.41 -26.52
C PRO G 301 -0.28 -14.06 -27.89
N ASP G 302 -0.82 -15.26 -28.06
CA ASP G 302 -0.77 -15.91 -29.36
C ASP G 302 -2.14 -15.52 -29.92
N VAL G 303 -2.16 -14.96 -31.13
CA VAL G 303 -3.43 -14.52 -31.70
C VAL G 303 -4.45 -15.65 -31.80
N GLY G 304 -3.96 -16.86 -32.05
CA GLY G 304 -4.87 -18.00 -32.15
C GLY G 304 -5.22 -18.65 -30.83
N TRP G 305 -4.68 -18.14 -29.72
CA TRP G 305 -4.96 -18.73 -28.41
C TRP G 305 -5.55 -17.75 -27.39
N CYS G 306 -5.24 -16.47 -27.53
CA CYS G 306 -5.69 -15.46 -26.58
C CYS G 306 -7.15 -15.05 -26.67
N GLY G 307 -7.81 -15.39 -27.77
CA GLY G 307 -9.19 -15.01 -27.97
C GLY G 307 -9.41 -14.56 -29.41
N GLY G 308 -8.32 -14.38 -30.15
CA GLY G 308 -8.43 -13.97 -31.55
C GLY G 308 -7.91 -12.57 -31.81
N LEU G 309 -8.09 -12.10 -33.04
CA LEU G 309 -7.64 -10.77 -33.42
C LEU G 309 -8.41 -9.72 -32.63
N THR G 310 -9.71 -9.95 -32.44
CA THR G 310 -10.55 -9.02 -31.71
C THR G 310 -9.97 -8.75 -30.31
N THR G 311 -9.54 -9.81 -29.65
CA THR G 311 -8.96 -9.70 -28.31
C THR G 311 -7.54 -9.11 -28.39
N LEU G 312 -6.76 -9.54 -29.37
CA LEU G 312 -5.40 -9.03 -29.52
C LEU G 312 -5.37 -7.51 -29.61
N VAL G 313 -6.26 -6.94 -30.42
CA VAL G 313 -6.30 -5.50 -30.57
C VAL G 313 -6.57 -4.81 -29.24
N GLU G 314 -7.41 -5.43 -28.41
CA GLU G 314 -7.72 -4.86 -27.10
C GLU G 314 -6.50 -4.97 -26.19
N ILE G 315 -5.82 -6.10 -26.25
CA ILE G 315 -4.63 -6.29 -25.43
C ILE G 315 -3.56 -5.26 -25.81
N ALA G 316 -3.44 -4.97 -27.11
CA ALA G 316 -2.47 -3.99 -27.57
C ALA G 316 -2.75 -2.61 -26.97
N ALA G 317 -4.03 -2.26 -26.89
CA ALA G 317 -4.43 -0.97 -26.34
C ALA G 317 -4.13 -0.92 -24.84
N LEU G 318 -4.38 -2.03 -24.16
CA LEU G 318 -4.12 -2.14 -22.74
C LEU G 318 -2.63 -1.86 -22.49
N ALA G 319 -1.78 -2.57 -23.21
CA ALA G 319 -0.34 -2.38 -23.06
C ALA G 319 0.09 -0.97 -23.43
N LYS G 320 -0.46 -0.45 -24.53
CA LYS G 320 -0.12 0.89 -24.98
C LYS G 320 -0.51 1.94 -23.92
N SER G 321 -1.65 1.74 -23.28
CA SER G 321 -2.11 2.69 -22.27
C SER G 321 -1.11 2.78 -21.11
N ARG G 322 -0.37 1.70 -20.89
CA ARG G 322 0.60 1.64 -19.81
C ARG G 322 2.01 1.97 -20.30
N GLY G 323 2.11 2.34 -21.56
CA GLY G 323 3.39 2.69 -22.15
C GLY G 323 4.29 1.48 -22.37
N GLN G 324 3.68 0.32 -22.53
CA GLN G 324 4.41 -0.91 -22.73
C GLN G 324 4.20 -1.55 -24.12
N LEU G 325 4.98 -2.58 -24.40
CA LEU G 325 4.91 -3.27 -25.68
C LEU G 325 4.13 -4.58 -25.65
N VAL G 326 3.63 -4.97 -26.81
CA VAL G 326 2.94 -6.24 -26.97
C VAL G 326 3.64 -6.90 -28.14
N VAL G 327 4.14 -8.11 -27.92
CA VAL G 327 4.84 -8.84 -28.97
C VAL G 327 4.26 -10.25 -28.98
N PRO G 328 3.28 -10.50 -29.85
CA PRO G 328 2.60 -11.79 -29.99
C PRO G 328 3.51 -12.98 -30.19
N HIS G 329 3.01 -14.14 -29.76
CA HIS G 329 3.72 -15.40 -29.89
C HIS G 329 3.39 -15.98 -31.27
N GLY G 330 4.43 -16.25 -32.07
CA GLY G 330 4.24 -16.81 -33.41
C GLY G 330 3.08 -16.22 -34.18
N SER G 331 2.13 -17.07 -34.57
CA SER G 331 0.91 -16.66 -35.27
C SER G 331 0.95 -16.30 -36.76
N SER G 332 2.13 -16.20 -37.35
CA SER G 332 2.23 -15.90 -38.78
C SER G 332 1.36 -14.71 -39.21
N VAL G 333 0.66 -14.86 -40.34
CA VAL G 333 -0.18 -13.79 -40.88
C VAL G 333 -1.23 -13.23 -39.91
N TYR G 334 -1.70 -14.06 -38.99
CA TYR G 334 -2.71 -13.63 -38.04
C TYR G 334 -2.13 -12.56 -37.11
N SER G 335 -0.82 -12.61 -36.91
CA SER G 335 -0.15 -11.61 -36.09
C SER G 335 0.30 -10.45 -36.99
N HIS G 336 0.93 -10.77 -38.12
CA HIS G 336 1.42 -9.77 -39.06
C HIS G 336 0.42 -8.66 -39.38
N HIS G 337 -0.77 -9.04 -39.81
CA HIS G 337 -1.79 -8.05 -40.17
C HIS G 337 -2.21 -7.16 -39.00
N ALA G 338 -2.04 -7.67 -37.78
CA ALA G 338 -2.40 -6.89 -36.61
C ALA G 338 -1.23 -6.01 -36.15
N VAL G 339 -0.10 -6.64 -35.85
CA VAL G 339 1.06 -5.92 -35.33
C VAL G 339 1.67 -4.88 -36.26
N ILE G 340 1.50 -5.02 -37.56
CA ILE G 340 2.08 -4.03 -38.45
C ILE G 340 1.33 -2.70 -38.27
N THR G 341 0.19 -2.76 -37.58
CA THR G 341 -0.61 -1.56 -37.33
C THR G 341 -0.47 -1.08 -35.87
N PHE G 342 0.30 -1.81 -35.07
CA PHE G 342 0.49 -1.45 -33.66
C PHE G 342 1.77 -0.63 -33.45
N THR G 343 1.64 0.58 -32.93
CA THR G 343 2.81 1.40 -32.68
C THR G 343 3.66 0.76 -31.60
N ASN G 344 3.04 -0.02 -30.71
CA ASN G 344 3.78 -0.66 -29.63
C ASN G 344 4.20 -2.12 -29.85
N THR G 345 4.38 -2.49 -31.12
CA THR G 345 4.86 -3.83 -31.48
C THR G 345 5.98 -3.55 -32.48
N PRO G 346 7.12 -3.03 -32.01
CA PRO G 346 8.28 -2.70 -32.84
C PRO G 346 8.99 -3.86 -33.52
N PHE G 347 8.70 -5.08 -33.10
CA PHE G 347 9.29 -6.28 -33.69
C PHE G 347 8.38 -7.47 -33.41
N SER G 348 8.55 -8.54 -34.18
CA SER G 348 7.73 -9.74 -34.03
C SER G 348 8.56 -11.01 -33.92
N GLU G 349 7.88 -12.11 -33.61
CA GLU G 349 8.54 -13.39 -33.47
C GLU G 349 8.32 -14.34 -34.63
N PHE G 350 9.36 -15.07 -34.98
CA PHE G 350 9.29 -16.09 -36.01
C PHE G 350 9.79 -17.35 -35.30
N LEU G 351 8.88 -18.28 -35.04
CA LEU G 351 9.24 -19.52 -34.36
C LEU G 351 9.67 -20.59 -35.36
N MET G 352 10.95 -20.92 -35.35
CA MET G 352 11.52 -21.91 -36.26
C MET G 352 10.82 -23.26 -36.27
N THR G 353 10.25 -23.62 -37.42
CA THR G 353 9.59 -24.92 -37.57
C THR G 353 10.58 -25.85 -38.26
N SER G 354 11.68 -25.26 -38.73
CA SER G 354 12.75 -26.02 -39.37
C SER G 354 13.36 -26.86 -38.26
N PRO G 355 13.44 -28.20 -38.43
CA PRO G 355 14.00 -29.09 -37.43
C PRO G 355 15.34 -28.67 -36.83
N ASP G 356 16.23 -28.15 -37.66
CA ASP G 356 17.55 -27.73 -37.17
C ASP G 356 17.76 -26.22 -37.23
N CYS G 357 16.67 -25.48 -37.39
CA CYS G 357 16.72 -24.02 -37.44
C CYS G 357 17.67 -23.46 -38.51
N SER G 358 17.82 -24.18 -39.62
CA SER G 358 18.71 -23.72 -40.69
C SER G 358 17.99 -23.15 -41.89
N THR G 359 16.68 -23.34 -41.97
CA THR G 359 15.92 -22.82 -43.10
C THR G 359 14.68 -22.07 -42.67
N LEU G 360 14.08 -21.35 -43.61
CA LEU G 360 12.88 -20.57 -43.34
C LEU G 360 11.59 -21.33 -43.64
N ARG G 361 11.45 -22.52 -43.07
CA ARG G 361 10.24 -23.29 -43.27
C ARG G 361 9.12 -22.40 -42.72
N PRO G 362 8.02 -22.22 -43.48
CA PRO G 362 6.94 -21.36 -42.97
C PRO G 362 6.39 -21.71 -41.59
N GLN G 363 5.99 -20.68 -40.86
CA GLN G 363 5.46 -20.81 -39.50
C GLN G 363 4.39 -21.88 -39.31
N PHE G 364 3.45 -21.97 -40.24
CA PHE G 364 2.38 -22.97 -40.13
C PHE G 364 2.45 -24.03 -41.23
N ASP G 365 3.65 -24.27 -41.75
CA ASP G 365 3.84 -25.28 -42.78
C ASP G 365 3.21 -26.60 -42.34
N PRO G 366 2.46 -27.26 -43.22
CA PRO G 366 2.15 -26.88 -44.60
C PRO G 366 0.67 -26.55 -44.83
N ILE G 367 -0.07 -26.27 -43.76
CA ILE G 367 -1.50 -26.02 -43.88
C ILE G 367 -1.90 -24.72 -44.60
N LEU G 368 -0.98 -23.76 -44.67
CA LEU G 368 -1.26 -22.48 -45.33
C LEU G 368 -0.58 -22.33 -46.68
N LEU G 369 -1.37 -22.12 -47.73
CA LEU G 369 -0.81 -21.95 -49.06
C LEU G 369 -0.32 -20.51 -49.23
N ASP G 370 0.84 -20.35 -49.86
CA ASP G 370 1.43 -19.03 -50.09
C ASP G 370 1.67 -18.25 -48.80
N GLU G 371 2.09 -18.96 -47.76
CA GLU G 371 2.35 -18.33 -46.47
C GLU G 371 3.65 -17.55 -46.55
N PRO G 372 3.60 -16.24 -46.27
CA PRO G 372 4.85 -15.49 -46.35
C PRO G 372 5.84 -15.84 -45.24
N VAL G 373 7.12 -15.67 -45.55
CA VAL G 373 8.17 -15.93 -44.57
C VAL G 373 9.11 -14.73 -44.63
N PRO G 374 9.85 -14.48 -43.55
CA PRO G 374 10.77 -13.34 -43.55
C PRO G 374 11.84 -13.43 -44.63
N VAL G 375 12.15 -12.29 -45.22
CA VAL G 375 13.21 -12.19 -46.22
C VAL G 375 14.18 -11.23 -45.55
N ASN G 376 15.40 -11.69 -45.32
CA ASN G 376 16.41 -10.89 -44.63
C ASN G 376 15.86 -10.48 -43.26
N GLY G 377 15.12 -11.41 -42.64
CA GLY G 377 14.55 -11.18 -41.32
C GLY G 377 13.41 -10.19 -41.24
N ARG G 378 12.81 -9.87 -42.38
CA ARG G 378 11.73 -8.90 -42.42
C ARG G 378 10.63 -9.28 -43.41
N ILE G 379 9.44 -8.72 -43.19
CA ILE G 379 8.32 -8.92 -44.08
C ILE G 379 7.79 -7.53 -44.41
N HIS G 380 7.94 -7.13 -45.68
CA HIS G 380 7.49 -5.81 -46.11
C HIS G 380 5.97 -5.79 -46.17
N LYS G 381 5.36 -4.64 -45.89
CA LYS G 381 3.90 -4.55 -45.91
C LYS G 381 3.28 -4.95 -47.24
N SER G 382 4.00 -4.74 -48.33
CA SER G 382 3.48 -5.10 -49.66
C SER G 382 3.21 -6.59 -49.75
N VAL G 383 3.96 -7.38 -48.98
CA VAL G 383 3.79 -8.83 -48.98
C VAL G 383 2.41 -9.18 -48.43
N LEU G 384 1.88 -8.31 -47.58
CA LEU G 384 0.57 -8.52 -46.96
C LEU G 384 -0.59 -7.93 -47.76
N ASP G 385 -0.31 -7.38 -48.93
CA ASP G 385 -1.35 -6.77 -49.75
C ASP G 385 -2.23 -7.77 -50.51
N LYS G 386 -2.94 -8.59 -49.75
CA LYS G 386 -3.87 -9.58 -50.29
C LYS G 386 -5.08 -9.54 -49.38
N PRO G 387 -6.26 -9.96 -49.87
CA PRO G 387 -7.50 -9.96 -49.10
C PRO G 387 -7.45 -10.79 -47.81
N GLY G 388 -8.10 -10.29 -46.75
CA GLY G 388 -8.11 -11.02 -45.48
C GLY G 388 -6.71 -11.19 -44.94
N PHE G 389 -6.36 -12.41 -44.54
CA PHE G 389 -5.02 -12.67 -44.03
C PHE G 389 -4.10 -13.12 -45.18
N GLY G 390 -4.61 -12.99 -46.40
CA GLY G 390 -3.84 -13.29 -47.60
C GLY G 390 -3.40 -14.69 -47.96
N VAL G 391 -3.95 -15.72 -47.30
CA VAL G 391 -3.55 -17.08 -47.63
C VAL G 391 -4.75 -17.96 -47.95
N GLU G 392 -4.45 -19.16 -48.46
CA GLU G 392 -5.49 -20.12 -48.79
C GLU G 392 -5.23 -21.43 -48.06
N LEU G 393 -6.29 -22.20 -47.84
CA LEU G 393 -6.19 -23.48 -47.13
C LEU G 393 -5.63 -24.58 -48.02
N ASN G 394 -4.58 -25.25 -47.53
CA ASN G 394 -3.96 -26.34 -48.30
C ASN G 394 -4.79 -27.59 -48.12
N ARG G 395 -5.72 -27.83 -49.03
CA ARG G 395 -6.57 -29.01 -48.92
C ARG G 395 -5.92 -30.31 -49.36
N ASP G 396 -4.63 -30.27 -49.66
CA ASP G 396 -3.91 -31.48 -50.03
C ASP G 396 -3.54 -32.21 -48.75
N CYS G 397 -3.70 -31.51 -47.62
CA CYS G 397 -3.42 -32.12 -46.33
C CYS G 397 -4.65 -32.99 -46.11
N HIS G 398 -4.50 -34.09 -45.40
CA HIS G 398 -5.64 -34.99 -45.18
C HIS G 398 -6.55 -34.47 -44.08
N LEU G 399 -7.32 -33.43 -44.38
CA LEU G 399 -8.25 -32.86 -43.41
C LEU G 399 -9.36 -33.83 -43.03
N LYS G 400 -9.64 -33.90 -41.74
CA LYS G 400 -10.68 -34.78 -41.23
C LYS G 400 -11.83 -33.93 -40.70
N ARG G 401 -13.06 -34.38 -40.93
CA ARG G 401 -14.24 -33.66 -40.47
C ARG G 401 -14.99 -34.60 -39.53
N PRO G 402 -14.61 -34.59 -38.24
CA PRO G 402 -15.23 -35.46 -37.23
C PRO G 402 -16.70 -35.19 -36.90
N TYR G 403 -17.15 -33.96 -37.08
CA TYR G 403 -18.53 -33.61 -36.76
C TYR G 403 -19.23 -32.83 -37.86
N SER G 404 -20.56 -32.88 -37.85
CA SER G 404 -21.39 -32.17 -38.82
C SER G 404 -22.60 -31.63 -38.09
N HIS G 405 -23.34 -30.73 -38.75
CA HIS G 405 -24.55 -30.18 -38.16
C HIS G 405 -25.48 -29.66 -39.25
N MET H 1 6.47 -55.60 13.20
CA MET H 1 5.29 -55.03 12.49
C MET H 1 4.80 -55.92 11.37
N GLU H 2 3.49 -55.98 11.18
CA GLU H 2 2.91 -56.80 10.13
C GLU H 2 3.23 -56.22 8.76
N ASN H 3 3.25 -57.08 7.74
CA ASN H 3 3.53 -56.64 6.39
C ASN H 3 2.33 -55.80 5.96
N ILE H 4 2.59 -54.74 5.21
CA ILE H 4 1.50 -53.87 4.78
C ILE H 4 0.59 -54.56 3.77
N MET H 5 -0.62 -54.02 3.68
CA MET H 5 -1.64 -54.51 2.76
C MET H 5 -1.01 -54.44 1.36
N THR H 6 -1.23 -55.45 0.54
CA THR H 6 -0.67 -55.43 -0.80
C THR H 6 -1.64 -54.64 -1.68
N LEU H 7 -1.10 -53.80 -2.57
CA LEU H 7 -1.92 -52.99 -3.45
C LEU H 7 -1.66 -53.30 -4.90
N PRO H 8 -2.72 -53.37 -5.71
CA PRO H 8 -2.57 -53.66 -7.14
C PRO H 8 -2.19 -52.40 -7.92
N LYS H 9 -1.71 -52.61 -9.14
CA LYS H 9 -1.36 -51.51 -10.01
C LYS H 9 -2.62 -51.21 -10.82
N ILE H 10 -2.66 -50.05 -11.46
CA ILE H 10 -3.80 -49.67 -12.27
C ILE H 10 -3.62 -50.31 -13.64
N LYS H 11 -4.64 -51.02 -14.11
CA LYS H 11 -4.55 -51.70 -15.41
C LYS H 11 -5.13 -50.89 -16.57
N HIS H 12 -6.35 -50.40 -16.40
CA HIS H 12 -7.02 -49.63 -17.46
C HIS H 12 -7.74 -48.42 -16.94
N VAL H 13 -7.93 -47.44 -17.83
CA VAL H 13 -8.72 -46.26 -17.51
C VAL H 13 -9.64 -46.16 -18.74
N ARG H 14 -10.93 -46.00 -18.49
CA ARG H 14 -11.91 -45.90 -19.57
C ARG H 14 -12.79 -44.69 -19.35
N ALA H 15 -13.28 -44.10 -20.44
CA ALA H 15 -14.14 -42.93 -20.35
C ALA H 15 -15.39 -43.08 -21.23
N TRP H 16 -16.54 -42.71 -20.66
CA TRP H 16 -17.82 -42.76 -21.36
C TRP H 16 -18.51 -41.42 -21.15
N PHE H 17 -19.60 -41.21 -21.87
CA PHE H 17 -20.39 -40.00 -21.70
C PHE H 17 -21.86 -40.29 -21.98
N ILE H 18 -22.72 -39.45 -21.43
CA ILE H 18 -24.16 -39.53 -21.67
C ILE H 18 -24.57 -38.07 -21.79
N GLY H 19 -25.68 -37.82 -22.47
CA GLY H 19 -26.13 -36.45 -22.65
C GLY H 19 -25.22 -35.64 -23.56
N GLY H 20 -25.40 -34.33 -23.56
CA GLY H 20 -24.57 -33.49 -24.39
C GLY H 20 -25.08 -33.40 -25.81
N ALA H 21 -24.45 -32.56 -26.62
CA ALA H 21 -24.85 -32.34 -28.00
C ALA H 21 -24.76 -33.55 -28.91
N THR H 22 -23.99 -34.57 -28.55
CA THR H 22 -23.86 -35.76 -29.39
C THR H 22 -24.57 -36.98 -28.83
N ALA H 23 -25.43 -36.76 -27.82
CA ALA H 23 -26.19 -37.84 -27.22
C ALA H 23 -27.61 -37.35 -26.92
N GLU H 24 -28.22 -37.90 -25.89
CA GLU H 24 -29.60 -37.54 -25.53
C GLU H 24 -29.71 -36.33 -24.61
N LYS H 25 -30.30 -35.25 -25.13
CA LYS H 25 -30.48 -34.03 -24.34
C LYS H 25 -31.35 -34.33 -23.12
N GLY H 26 -30.97 -33.76 -21.98
CA GLY H 26 -31.73 -33.97 -20.75
C GLY H 26 -31.36 -35.22 -19.97
N ALA H 27 -30.18 -35.78 -20.25
CA ALA H 27 -29.71 -36.98 -19.57
C ALA H 27 -29.40 -36.78 -18.09
N GLY H 28 -29.29 -35.53 -17.65
CA GLY H 28 -28.98 -35.26 -16.26
C GLY H 28 -27.60 -35.77 -15.87
N GLY H 29 -27.52 -36.55 -14.80
CA GLY H 29 -26.24 -37.09 -14.38
C GLY H 29 -25.26 -36.05 -13.88
N GLY H 30 -24.03 -36.12 -14.38
CA GLY H 30 -22.99 -35.19 -13.97
C GLY H 30 -23.22 -33.74 -14.35
N ASP H 31 -23.82 -33.51 -15.51
CA ASP H 31 -24.09 -32.15 -15.97
C ASP H 31 -25.40 -31.65 -15.37
N TYR H 32 -25.29 -30.90 -14.29
CA TYR H 32 -26.44 -30.35 -13.58
C TYR H 32 -27.44 -29.65 -14.51
N HIS H 33 -26.94 -29.03 -15.57
CA HIS H 33 -27.79 -28.28 -16.49
C HIS H 33 -28.33 -29.04 -17.69
N ASP H 34 -28.01 -30.33 -17.81
CA ASP H 34 -28.51 -31.11 -18.93
C ASP H 34 -29.87 -31.67 -18.53
N GLN H 35 -30.84 -30.78 -18.44
CA GLN H 35 -32.19 -31.14 -18.02
C GLN H 35 -33.21 -31.03 -19.15
N GLY H 36 -34.44 -31.42 -18.85
CA GLY H 36 -35.51 -31.34 -19.83
C GLY H 36 -36.15 -29.98 -19.75
N GLY H 37 -37.41 -29.88 -20.19
CA GLY H 37 -38.11 -28.60 -20.15
C GLY H 37 -38.80 -28.34 -18.83
N ASN H 38 -39.31 -27.12 -18.68
CA ASN H 38 -40.03 -26.71 -17.47
C ASN H 38 -39.21 -26.90 -16.19
N HIS H 39 -37.90 -26.75 -16.28
CA HIS H 39 -37.04 -26.92 -15.12
C HIS H 39 -36.67 -25.55 -14.56
N TRP H 40 -36.75 -25.39 -13.24
CA TRP H 40 -36.43 -24.11 -12.61
C TRP H 40 -35.02 -23.66 -12.98
N ILE H 41 -34.11 -24.61 -13.13
CA ILE H 41 -32.73 -24.30 -13.42
C ILE H 41 -32.51 -23.67 -14.79
N ASP H 42 -33.58 -23.58 -15.59
CA ASP H 42 -33.48 -22.98 -16.92
C ASP H 42 -34.55 -21.90 -17.08
N ASP H 43 -35.17 -21.50 -15.98
CA ASP H 43 -36.23 -20.51 -16.03
C ASP H 43 -35.77 -19.05 -15.89
N HIS H 44 -35.44 -18.44 -17.03
CA HIS H 44 -35.03 -17.04 -17.07
C HIS H 44 -33.96 -16.70 -16.02
N ILE H 45 -32.89 -17.50 -15.99
CA ILE H 45 -31.80 -17.29 -15.05
C ILE H 45 -30.85 -16.24 -15.63
N ALA H 46 -30.48 -15.25 -14.84
CA ALA H 46 -29.57 -14.21 -15.31
C ALA H 46 -28.19 -14.81 -15.59
N THR H 47 -27.61 -14.43 -16.73
CA THR H 47 -26.29 -14.93 -17.13
C THR H 47 -25.58 -13.87 -17.97
N PRO H 48 -24.32 -14.15 -18.36
CA PRO H 48 -23.57 -13.19 -19.18
C PRO H 48 -24.24 -13.06 -20.55
N MET H 49 -25.14 -13.98 -20.87
CA MET H 49 -25.83 -13.98 -22.16
C MET H 49 -27.28 -13.49 -22.13
N SER H 50 -27.86 -13.36 -20.94
CA SER H 50 -29.26 -12.95 -20.87
C SER H 50 -29.54 -11.52 -21.36
N LYS H 51 -28.48 -10.76 -21.66
CA LYS H 51 -28.65 -9.41 -22.18
C LYS H 51 -29.09 -9.52 -23.65
N TYR H 52 -28.95 -10.70 -24.22
CA TYR H 52 -29.36 -10.95 -25.60
C TYR H 52 -30.77 -11.53 -25.59
N ARG H 53 -31.67 -10.89 -26.34
CA ARG H 53 -33.06 -11.32 -26.39
C ARG H 53 -33.26 -12.80 -26.67
N ASP H 54 -32.52 -13.35 -27.64
CA ASP H 54 -32.65 -14.76 -27.99
C ASP H 54 -32.11 -15.73 -26.94
N TYR H 55 -31.36 -15.22 -25.97
CA TYR H 55 -30.78 -16.09 -24.95
C TYR H 55 -31.14 -15.68 -23.54
N GLU H 56 -32.20 -14.88 -23.40
CA GLU H 56 -32.63 -14.40 -22.09
C GLU H 56 -33.46 -15.41 -21.29
N GLN H 57 -34.41 -16.06 -21.95
CA GLN H 57 -35.29 -17.01 -21.27
C GLN H 57 -34.65 -18.34 -20.88
N SER H 58 -33.78 -18.85 -21.74
CA SER H 58 -33.17 -20.16 -21.50
C SER H 58 -31.66 -20.26 -21.61
N ARG H 59 -31.02 -20.82 -20.58
CA ARG H 59 -29.58 -21.01 -20.62
C ARG H 59 -29.29 -22.14 -21.60
N GLN H 60 -30.24 -23.06 -21.72
CA GLN H 60 -30.06 -24.17 -22.66
C GLN H 60 -29.96 -23.61 -24.08
N SER H 61 -30.68 -22.53 -24.35
CA SER H 61 -30.65 -21.93 -25.68
C SER H 61 -29.25 -21.47 -26.09
N PHE H 62 -28.43 -21.01 -25.15
CA PHE H 62 -27.08 -20.60 -25.55
C PHE H 62 -26.07 -21.75 -25.47
N GLY H 63 -26.54 -22.92 -25.02
CA GLY H 63 -25.68 -24.09 -24.96
C GLY H 63 -25.07 -24.48 -23.63
N ILE H 64 -25.75 -24.21 -22.53
CA ILE H 64 -25.24 -24.57 -21.20
C ILE H 64 -25.26 -26.09 -21.03
N ASN H 65 -25.91 -26.76 -21.97
CA ASN H 65 -26.05 -28.22 -21.92
C ASN H 65 -25.32 -29.02 -23.00
N VAL H 66 -24.42 -28.38 -23.75
CA VAL H 66 -23.73 -29.10 -24.82
C VAL H 66 -22.72 -30.16 -24.41
N LEU H 67 -22.13 -30.04 -23.23
CA LEU H 67 -21.12 -30.99 -22.79
C LEU H 67 -21.64 -32.33 -22.29
N GLY H 68 -22.66 -32.30 -21.44
CA GLY H 68 -23.17 -33.56 -20.92
C GLY H 68 -22.24 -34.12 -19.86
N THR H 69 -22.44 -35.39 -19.55
CA THR H 69 -21.68 -36.07 -18.50
C THR H 69 -20.47 -36.89 -18.91
N LEU H 70 -19.36 -36.69 -18.22
CA LEU H 70 -18.16 -37.48 -18.46
C LEU H 70 -18.15 -38.52 -17.35
N ILE H 71 -17.85 -39.76 -17.69
CA ILE H 71 -17.74 -40.84 -16.70
C ILE H 71 -16.36 -41.45 -16.88
N VAL H 72 -15.60 -41.51 -15.80
CA VAL H 72 -14.27 -42.11 -15.88
C VAL H 72 -14.21 -43.29 -14.92
N GLU H 73 -13.77 -44.44 -15.44
CA GLU H 73 -13.64 -45.62 -14.61
C GLU H 73 -12.21 -46.15 -14.69
N VAL H 74 -11.62 -46.41 -13.53
CA VAL H 74 -10.26 -46.93 -13.47
C VAL H 74 -10.34 -48.35 -12.94
N GLU H 75 -9.68 -49.28 -13.62
CA GLU H 75 -9.71 -50.68 -13.22
C GLU H 75 -8.31 -51.12 -12.78
N ALA H 76 -8.21 -51.74 -11.60
CA ALA H 76 -6.94 -52.22 -11.09
C ALA H 76 -6.65 -53.63 -11.61
N GLU H 77 -5.40 -54.07 -11.47
CA GLU H 77 -5.00 -55.40 -11.93
C GLU H 77 -5.76 -56.53 -11.25
N ASN H 78 -6.35 -56.22 -10.09
CA ASN H 78 -7.12 -57.22 -9.37
C ASN H 78 -8.60 -57.15 -9.71
N ARG H 79 -8.91 -56.45 -10.80
CA ARG H 79 -10.26 -56.29 -11.31
C ARG H 79 -11.18 -55.35 -10.53
N GLN H 80 -10.73 -54.81 -9.42
CA GLN H 80 -11.57 -53.86 -8.69
C GLN H 80 -11.59 -52.57 -9.49
N THR H 81 -12.69 -51.82 -9.39
CA THR H 81 -12.80 -50.57 -10.13
C THR H 81 -13.24 -49.40 -9.24
N GLY H 82 -13.00 -48.21 -9.74
CA GLY H 82 -13.38 -46.98 -9.06
C GLY H 82 -13.83 -46.06 -10.17
N PHE H 83 -14.74 -45.13 -9.89
CA PHE H 83 -15.19 -44.23 -10.94
C PHE H 83 -15.69 -42.91 -10.38
N ALA H 84 -15.96 -41.97 -11.29
CA ALA H 84 -16.49 -40.67 -10.90
C ALA H 84 -17.14 -40.06 -12.13
N VAL H 85 -17.92 -39.01 -11.92
CA VAL H 85 -18.59 -38.35 -13.03
C VAL H 85 -18.39 -36.85 -12.90
N SER H 86 -18.48 -36.15 -14.02
CA SER H 86 -18.32 -34.70 -14.02
C SER H 86 -18.94 -34.17 -15.30
N THR H 87 -18.68 -32.90 -15.60
CA THR H 87 -19.22 -32.27 -16.80
C THR H 87 -18.11 -32.09 -17.84
N ALA H 88 -18.21 -32.81 -18.96
CA ALA H 88 -17.22 -32.70 -20.03
C ALA H 88 -17.64 -33.54 -21.24
N GLY H 89 -18.34 -34.64 -20.98
CA GLY H 89 -18.82 -35.49 -22.05
C GLY H 89 -17.80 -36.03 -23.03
N GLU H 90 -18.15 -36.02 -24.32
CA GLU H 90 -17.30 -36.56 -25.37
C GLU H 90 -15.87 -36.02 -25.41
N MET H 91 -15.74 -34.70 -25.29
CA MET H 91 -14.41 -34.09 -25.30
C MET H 91 -13.60 -34.57 -24.10
N GLY H 92 -14.26 -34.77 -22.97
CA GLY H 92 -13.58 -35.26 -21.79
C GLY H 92 -13.04 -36.65 -22.08
N CYS H 93 -13.79 -37.44 -22.84
CA CYS H 93 -13.35 -38.79 -23.19
C CYS H 93 -12.08 -38.75 -24.05
N PHE H 94 -12.00 -37.77 -24.95
CA PHE H 94 -10.82 -37.62 -25.80
C PHE H 94 -9.60 -37.40 -24.91
N ILE H 95 -9.72 -36.45 -23.98
CA ILE H 95 -8.62 -36.11 -23.08
C ILE H 95 -8.14 -37.32 -22.28
N VAL H 96 -9.09 -38.07 -21.72
CA VAL H 96 -8.73 -39.23 -20.92
C VAL H 96 -8.12 -40.38 -21.73
N GLU H 97 -8.79 -40.75 -22.82
CA GLU H 97 -8.35 -41.85 -23.66
C GLU H 97 -7.17 -41.58 -24.59
N LYS H 98 -6.98 -40.33 -24.99
CA LYS H 98 -5.89 -39.98 -25.90
C LYS H 98 -4.73 -39.22 -25.28
N HIS H 99 -4.84 -38.85 -24.01
CA HIS H 99 -3.74 -38.11 -23.39
C HIS H 99 -3.41 -38.56 -21.98
N LEU H 100 -4.33 -38.35 -21.05
CA LEU H 100 -4.09 -38.68 -19.64
C LEU H 100 -3.84 -40.14 -19.29
N ASN H 101 -4.35 -41.05 -20.11
CA ASN H 101 -4.16 -42.47 -19.83
C ASN H 101 -2.69 -42.86 -19.64
N ARG H 102 -1.79 -42.16 -20.31
CA ARG H 102 -0.37 -42.48 -20.20
C ARG H 102 0.22 -42.27 -18.80
N PHE H 103 -0.41 -41.40 -18.02
CA PHE H 103 0.07 -41.12 -16.66
C PHE H 103 -0.65 -41.98 -15.63
N ILE H 104 -1.81 -42.51 -16.01
CA ILE H 104 -2.64 -43.31 -15.13
C ILE H 104 -2.33 -44.81 -15.08
N GLU H 105 -2.34 -45.44 -16.25
CA GLU H 105 -2.10 -46.88 -16.35
C GLU H 105 -0.69 -47.29 -15.96
N GLY H 106 -0.58 -48.33 -15.14
CA GLY H 106 0.71 -48.81 -14.71
C GLY H 106 1.12 -48.31 -13.33
N LYS H 107 0.45 -47.26 -12.85
CA LYS H 107 0.74 -46.70 -11.54
C LYS H 107 0.11 -47.54 -10.44
N CYS H 108 0.53 -47.33 -9.20
CA CYS H 108 -0.05 -48.04 -8.07
C CYS H 108 -1.36 -47.30 -7.80
N VAL H 109 -2.36 -47.99 -7.25
CA VAL H 109 -3.63 -47.33 -6.98
C VAL H 109 -3.44 -46.22 -5.93
N SER H 110 -2.32 -46.25 -5.21
CA SER H 110 -2.08 -45.21 -4.20
C SER H 110 -1.34 -44.00 -4.75
N ASP H 111 -0.88 -44.07 -6.00
CA ASP H 111 -0.15 -42.96 -6.63
C ASP H 111 -1.07 -41.82 -7.09
N ILE H 112 -2.05 -41.48 -6.27
CA ILE H 112 -3.01 -40.44 -6.64
C ILE H 112 -2.44 -39.04 -6.85
N LYS H 113 -1.69 -38.55 -5.88
CA LYS H 113 -1.10 -37.22 -5.98
C LYS H 113 -0.12 -37.12 -7.13
N LEU H 114 0.61 -38.19 -7.38
CA LEU H 114 1.58 -38.21 -8.47
C LEU H 114 0.87 -38.06 -9.81
N ILE H 115 -0.16 -38.88 -10.02
CA ILE H 115 -0.91 -38.82 -11.26
C ILE H 115 -1.52 -37.43 -11.41
N HIS H 116 -2.02 -36.88 -10.31
CA HIS H 116 -2.63 -35.56 -10.32
C HIS H 116 -1.64 -34.50 -10.80
N ASP H 117 -0.44 -34.50 -10.25
CA ASP H 117 0.57 -33.52 -10.66
C ASP H 117 0.95 -33.70 -12.13
N GLN H 118 1.05 -34.94 -12.58
CA GLN H 118 1.39 -35.18 -13.98
C GLN H 118 0.29 -34.73 -14.92
N MET H 119 -0.97 -34.91 -14.53
CA MET H 119 -2.08 -34.48 -15.37
C MET H 119 -2.04 -32.95 -15.51
N LEU H 120 -1.82 -32.26 -14.40
CA LEU H 120 -1.76 -30.80 -14.41
C LEU H 120 -0.59 -30.29 -15.22
N GLY H 121 0.58 -30.88 -15.02
CA GLY H 121 1.76 -30.46 -15.74
C GLY H 121 1.71 -30.71 -17.23
N ALA H 122 1.14 -31.86 -17.62
CA ALA H 122 1.05 -32.24 -19.02
C ALA H 122 -0.01 -31.50 -19.82
N THR H 123 -1.02 -30.96 -19.15
CA THR H 123 -2.10 -30.25 -19.83
C THR H 123 -2.05 -28.75 -19.62
N MET H 124 -1.05 -28.27 -18.88
CA MET H 124 -0.94 -26.84 -18.60
C MET H 124 -1.00 -25.97 -19.85
N TYR H 125 -0.46 -26.47 -20.96
CA TYR H 125 -0.44 -25.69 -22.18
C TYR H 125 -1.80 -25.53 -22.86
N TYR H 126 -2.82 -26.27 -22.43
CA TYR H 126 -4.14 -26.12 -23.03
C TYR H 126 -5.32 -26.19 -22.07
N SER H 127 -5.05 -26.32 -20.78
CA SER H 127 -6.13 -26.43 -19.80
C SER H 127 -6.77 -25.10 -19.41
N GLY H 128 -6.06 -24.00 -19.59
CA GLY H 128 -6.61 -22.71 -19.22
C GLY H 128 -6.90 -22.59 -17.72
N SER H 129 -6.28 -23.45 -16.93
CA SER H 129 -6.46 -23.45 -15.47
C SER H 129 -7.90 -23.62 -14.95
N GLY H 130 -8.81 -24.08 -15.79
CA GLY H 130 -10.18 -24.27 -15.33
C GLY H 130 -11.08 -24.70 -16.46
N GLY H 131 -12.36 -24.91 -16.15
CA GLY H 131 -13.28 -25.33 -17.19
C GLY H 131 -13.11 -26.75 -17.65
N LEU H 132 -13.56 -27.01 -18.88
CA LEU H 132 -13.52 -28.32 -19.52
C LEU H 132 -12.37 -29.25 -19.19
N VAL H 133 -11.14 -28.80 -19.46
CA VAL H 133 -9.98 -29.63 -19.21
C VAL H 133 -9.80 -29.94 -17.72
N MET H 134 -10.03 -28.95 -16.86
CA MET H 134 -9.88 -29.17 -15.42
C MET H 134 -10.99 -30.10 -14.92
N ASN H 135 -12.18 -30.02 -15.53
CA ASN H 135 -13.29 -30.88 -15.14
C ASN H 135 -12.88 -32.33 -15.40
N THR H 136 -12.19 -32.54 -16.51
CA THR H 136 -11.75 -33.88 -16.89
C THR H 136 -10.71 -34.39 -15.91
N ILE H 137 -9.73 -33.56 -15.59
CA ILE H 137 -8.69 -33.93 -14.64
C ILE H 137 -9.34 -34.27 -13.30
N SER H 138 -10.28 -33.43 -12.89
CA SER H 138 -10.99 -33.64 -11.62
C SER H 138 -11.69 -35.00 -11.59
N CYS H 139 -12.34 -35.34 -12.70
CA CYS H 139 -13.07 -36.60 -12.79
C CYS H 139 -12.12 -37.78 -12.62
N VAL H 140 -10.94 -37.70 -13.22
CA VAL H 140 -9.95 -38.76 -13.08
C VAL H 140 -9.50 -38.86 -11.62
N ASP H 141 -9.18 -37.71 -11.03
CA ASP H 141 -8.74 -37.67 -9.63
C ASP H 141 -9.75 -38.35 -8.71
N LEU H 142 -11.02 -38.04 -8.93
CA LEU H 142 -12.09 -38.62 -8.10
C LEU H 142 -12.20 -40.12 -8.33
N ALA H 143 -12.06 -40.56 -9.58
CA ALA H 143 -12.14 -41.98 -9.89
C ALA H 143 -10.99 -42.71 -9.18
N LEU H 144 -9.83 -42.06 -9.12
CA LEU H 144 -8.67 -42.66 -8.47
C LEU H 144 -8.90 -42.80 -6.96
N TRP H 145 -9.45 -41.75 -6.34
CA TRP H 145 -9.73 -41.82 -4.90
C TRP H 145 -10.79 -42.88 -4.63
N ASP H 146 -11.74 -43.01 -5.54
CA ASP H 146 -12.81 -44.01 -5.40
C ASP H 146 -12.21 -45.41 -5.44
N LEU H 147 -11.36 -45.66 -6.43
CA LEU H 147 -10.71 -46.96 -6.57
C LEU H 147 -9.85 -47.30 -5.36
N PHE H 148 -9.04 -46.32 -4.92
CA PHE H 148 -8.16 -46.53 -3.78
C PHE H 148 -9.00 -46.90 -2.54
N GLY H 149 -10.08 -46.15 -2.32
CA GLY H 149 -10.92 -46.44 -1.17
C GLY H 149 -11.57 -47.82 -1.26
N LYS H 150 -11.99 -48.21 -2.45
CA LYS H 150 -12.62 -49.51 -2.63
C LYS H 150 -11.60 -50.65 -2.49
N VAL H 151 -10.36 -50.40 -2.90
CA VAL H 151 -9.32 -51.41 -2.77
C VAL H 151 -8.96 -51.59 -1.29
N VAL H 152 -8.81 -50.47 -0.58
CA VAL H 152 -8.48 -50.50 0.84
C VAL H 152 -9.65 -50.99 1.69
N GLY H 153 -10.87 -50.69 1.24
CA GLY H 153 -12.06 -51.10 1.98
C GLY H 153 -12.53 -50.03 2.96
N LEU H 154 -12.27 -48.77 2.65
CA LEU H 154 -12.68 -47.68 3.53
C LEU H 154 -13.34 -46.53 2.80
N PRO H 155 -14.23 -45.81 3.49
CA PRO H 155 -14.90 -44.66 2.87
C PRO H 155 -13.81 -43.61 2.71
N VAL H 156 -13.93 -42.78 1.68
CA VAL H 156 -12.93 -41.74 1.47
C VAL H 156 -12.81 -40.82 2.70
N TYR H 157 -13.93 -40.52 3.34
CA TYR H 157 -13.89 -39.62 4.49
C TYR H 157 -13.04 -40.16 5.63
N LYS H 158 -12.93 -41.48 5.76
CA LYS H 158 -12.09 -42.04 6.82
C LYS H 158 -10.62 -42.00 6.39
N LEU H 159 -10.36 -42.21 5.11
CA LEU H 159 -8.99 -42.17 4.60
C LEU H 159 -8.41 -40.77 4.80
N LEU H 160 -9.26 -39.75 4.70
CA LEU H 160 -8.82 -38.37 4.85
C LEU H 160 -8.55 -37.92 6.28
N GLY H 161 -8.90 -38.74 7.26
CA GLY H 161 -8.66 -38.34 8.64
C GLY H 161 -9.93 -38.27 9.46
N GLY H 162 -11.01 -38.82 8.92
CA GLY H 162 -12.27 -38.86 9.64
C GLY H 162 -13.16 -37.64 9.66
N ALA H 163 -14.42 -37.87 10.04
CA ALA H 163 -15.41 -36.82 10.12
C ALA H 163 -15.15 -35.94 11.34
N VAL H 164 -15.45 -34.65 11.21
CA VAL H 164 -15.28 -33.72 12.32
C VAL H 164 -16.67 -33.28 12.81
N ARG H 165 -17.68 -33.91 12.25
CA ARG H 165 -19.08 -33.66 12.61
C ARG H 165 -19.86 -34.93 12.32
N ASP H 166 -20.92 -35.19 13.08
CA ASP H 166 -21.70 -36.42 12.90
C ASP H 166 -22.64 -36.39 11.70
N GLU H 167 -22.94 -35.20 11.20
CA GLU H 167 -23.82 -35.07 10.05
C GLU H 167 -23.51 -33.80 9.29
N ILE H 168 -23.86 -33.81 8.01
CA ILE H 168 -23.67 -32.64 7.15
C ILE H 168 -25.03 -31.97 7.08
N GLN H 169 -25.08 -30.66 7.34
CA GLN H 169 -26.34 -29.93 7.26
C GLN H 169 -26.30 -29.18 5.93
N PHE H 170 -27.42 -29.19 5.21
CA PHE H 170 -27.52 -28.57 3.90
C PHE H 170 -28.46 -27.38 3.75
N TYR H 171 -28.14 -26.55 2.76
CA TYR H 171 -28.99 -25.44 2.38
C TYR H 171 -29.37 -25.90 0.97
N ALA H 172 -30.53 -25.49 0.47
CA ALA H 172 -30.97 -25.92 -0.84
C ALA H 172 -30.97 -24.81 -1.87
N THR H 173 -30.51 -25.13 -3.08
CA THR H 173 -30.48 -24.15 -4.15
C THR H 173 -31.60 -24.47 -5.13
N GLY H 174 -32.45 -23.48 -5.38
CA GLY H 174 -33.57 -23.66 -6.27
C GLY H 174 -34.55 -22.51 -6.13
N ALA H 175 -35.67 -22.60 -6.83
CA ALA H 175 -36.68 -21.54 -6.81
C ALA H 175 -37.65 -21.59 -5.64
N ARG H 176 -37.57 -22.62 -4.80
CA ARG H 176 -38.50 -22.72 -3.68
C ARG H 176 -37.89 -22.84 -2.27
N PRO H 177 -37.30 -21.76 -1.76
CA PRO H 177 -36.71 -21.80 -0.42
C PRO H 177 -37.76 -22.21 0.61
N ASP H 178 -39.01 -21.82 0.36
CA ASP H 178 -40.09 -22.16 1.27
C ASP H 178 -40.32 -23.67 1.36
N LEU H 179 -40.26 -24.36 0.22
CA LEU H 179 -40.44 -25.81 0.25
C LEU H 179 -39.21 -26.47 0.87
N ALA H 180 -38.05 -25.85 0.66
CA ALA H 180 -36.80 -26.38 1.22
C ALA H 180 -36.86 -26.34 2.74
N LYS H 181 -37.42 -25.26 3.28
CA LYS H 181 -37.54 -25.12 4.72
C LYS H 181 -38.38 -26.29 5.26
N GLU H 182 -39.47 -26.59 4.56
CA GLU H 182 -40.34 -27.69 4.97
C GLU H 182 -39.59 -29.01 4.97
N MET H 183 -38.67 -29.17 4.03
CA MET H 183 -37.90 -30.40 3.93
C MET H 183 -36.81 -30.53 4.98
N GLY H 184 -36.56 -29.45 5.72
CA GLY H 184 -35.55 -29.51 6.76
C GLY H 184 -34.23 -28.82 6.47
N PHE H 185 -34.10 -28.20 5.30
CA PHE H 185 -32.86 -27.51 4.94
C PHE H 185 -32.67 -26.28 5.84
N ILE H 186 -31.43 -25.83 5.99
CA ILE H 186 -31.13 -24.69 6.85
C ILE H 186 -31.21 -23.35 6.13
N GLY H 187 -31.39 -23.40 4.82
CA GLY H 187 -31.47 -22.17 4.06
C GLY H 187 -31.79 -22.45 2.61
N GLY H 188 -32.06 -21.38 1.85
CA GLY H 188 -32.37 -21.54 0.45
C GLY H 188 -31.71 -20.48 -0.40
N LYS H 189 -30.99 -20.92 -1.43
CA LYS H 189 -30.33 -19.99 -2.34
C LYS H 189 -31.13 -19.94 -3.62
N MET H 190 -31.49 -18.73 -4.04
CA MET H 190 -32.28 -18.52 -5.24
C MET H 190 -31.45 -17.87 -6.33
N PRO H 191 -31.76 -18.18 -7.60
CA PRO H 191 -31.01 -17.57 -8.70
C PRO H 191 -31.62 -16.21 -9.01
N THR H 192 -30.80 -15.27 -9.49
CA THR H 192 -31.34 -13.97 -9.88
C THR H 192 -31.90 -14.21 -11.27
N HIS H 193 -32.93 -13.43 -11.64
CA HIS H 193 -33.56 -13.59 -12.94
C HIS H 193 -33.31 -12.40 -13.85
N TRP H 194 -32.82 -11.31 -13.27
CA TRP H 194 -32.57 -10.10 -14.05
C TRP H 194 -31.11 -9.68 -13.93
N GLY H 195 -30.64 -8.90 -14.90
CA GLY H 195 -29.26 -8.45 -14.89
C GLY H 195 -29.07 -6.95 -15.08
N PRO H 196 -27.82 -6.50 -15.25
CA PRO H 196 -27.47 -5.09 -15.45
C PRO H 196 -28.33 -4.36 -16.48
N HIS H 197 -28.61 -5.02 -17.60
CA HIS H 197 -29.42 -4.43 -18.65
C HIS H 197 -30.85 -4.14 -18.20
N ASP H 198 -31.25 -4.75 -17.08
CA ASP H 198 -32.60 -4.54 -16.55
C ASP H 198 -32.64 -3.38 -15.56
N GLY H 199 -31.46 -2.89 -15.19
CA GLY H 199 -31.37 -1.77 -14.28
C GLY H 199 -32.13 -1.85 -12.97
N ASP H 200 -32.68 -0.70 -12.55
CA ASP H 200 -33.41 -0.62 -11.30
C ASP H 200 -34.61 -1.55 -11.22
N ALA H 201 -35.28 -1.80 -12.35
CA ALA H 201 -36.42 -2.71 -12.37
C ALA H 201 -35.96 -4.11 -12.03
N GLY H 202 -34.80 -4.50 -12.57
CA GLY H 202 -34.28 -5.82 -12.31
C GLY H 202 -33.93 -5.99 -10.85
N ILE H 203 -33.31 -4.96 -10.26
CA ILE H 203 -32.94 -5.01 -8.86
C ILE H 203 -34.20 -5.11 -7.99
N ARG H 204 -35.20 -4.32 -8.33
CA ARG H 204 -36.44 -4.31 -7.58
C ARG H 204 -37.12 -5.69 -7.62
N LYS H 205 -37.14 -6.32 -8.78
CA LYS H 205 -37.76 -7.62 -8.92
C LYS H 205 -37.06 -8.74 -8.16
N ASP H 206 -35.74 -8.84 -8.28
CA ASP H 206 -35.05 -9.90 -7.55
C ASP H 206 -35.06 -9.63 -6.05
N ALA H 207 -35.03 -8.37 -5.66
CA ALA H 207 -35.06 -8.03 -4.24
C ALA H 207 -36.44 -8.38 -3.68
N ALA H 208 -37.48 -8.17 -4.50
CA ALA H 208 -38.85 -8.48 -4.09
C ALA H 208 -38.99 -9.98 -3.90
N MET H 209 -38.31 -10.73 -4.75
CA MET H 209 -38.34 -12.19 -4.68
C MET H 209 -37.76 -12.62 -3.34
N VAL H 210 -36.67 -11.98 -2.94
CA VAL H 210 -36.02 -12.29 -1.67
C VAL H 210 -36.94 -11.90 -0.49
N ALA H 211 -37.51 -10.71 -0.57
CA ALA H 211 -38.39 -10.22 0.48
C ALA H 211 -39.56 -11.16 0.70
N ASP H 212 -40.12 -11.66 -0.40
CA ASP H 212 -41.24 -12.59 -0.35
C ASP H 212 -40.85 -13.87 0.39
N MET H 213 -39.70 -14.43 0.05
CA MET H 213 -39.25 -15.66 0.70
C MET H 213 -38.89 -15.42 2.17
N ARG H 214 -38.41 -14.24 2.50
CA ARG H 214 -38.06 -13.94 3.90
C ARG H 214 -39.35 -13.95 4.71
N GLU H 215 -40.41 -13.42 4.11
CA GLU H 215 -41.72 -13.35 4.75
C GLU H 215 -42.22 -14.77 4.99
N LYS H 216 -42.08 -15.63 3.98
CA LYS H 216 -42.54 -17.01 4.06
C LYS H 216 -41.69 -17.94 4.92
N CYS H 217 -40.37 -17.70 4.97
CA CYS H 217 -39.47 -18.58 5.71
C CYS H 217 -39.06 -18.17 7.12
N GLY H 218 -39.32 -16.92 7.50
CA GLY H 218 -38.93 -16.49 8.83
C GLY H 218 -37.51 -15.94 8.83
N PRO H 219 -37.04 -15.37 9.95
CA PRO H 219 -35.70 -14.79 10.08
C PRO H 219 -34.49 -15.72 10.21
N ASP H 220 -34.67 -16.91 10.76
CA ASP H 220 -33.54 -17.82 10.96
C ASP H 220 -33.16 -18.71 9.78
N PHE H 221 -34.09 -18.92 8.85
CA PHE H 221 -33.83 -19.73 7.66
C PHE H 221 -33.02 -18.84 6.72
N TRP H 222 -31.81 -19.27 6.36
CA TRP H 222 -30.97 -18.46 5.49
C TRP H 222 -31.51 -18.29 4.08
N LEU H 223 -31.22 -17.14 3.49
CA LEU H 223 -31.61 -16.85 2.12
C LEU H 223 -30.37 -16.29 1.44
N MET H 224 -30.09 -16.76 0.22
CA MET H 224 -28.93 -16.32 -0.54
C MET H 224 -29.32 -16.12 -1.99
N LEU H 225 -28.50 -15.38 -2.72
CA LEU H 225 -28.74 -15.14 -4.14
C LEU H 225 -27.56 -15.62 -4.97
N ASP H 226 -27.84 -16.38 -6.03
CA ASP H 226 -26.81 -16.87 -6.92
C ASP H 226 -26.95 -16.00 -8.17
N CYS H 227 -25.87 -15.37 -8.60
CA CYS H 227 -25.90 -14.48 -9.76
C CYS H 227 -25.22 -15.00 -11.02
N TRP H 228 -24.76 -16.24 -10.97
CA TRP H 228 -24.10 -16.93 -12.10
C TRP H 228 -23.33 -16.05 -13.09
N MET H 229 -22.30 -15.37 -12.59
CA MET H 229 -21.42 -14.53 -13.42
C MET H 229 -22.10 -13.46 -14.26
N SER H 230 -23.35 -13.15 -13.96
CA SER H 230 -24.13 -12.21 -14.77
C SER H 230 -24.08 -10.71 -14.53
N GLN H 231 -23.36 -10.23 -13.53
CA GLN H 231 -23.38 -8.80 -13.25
C GLN H 231 -22.04 -8.08 -13.39
N ASP H 232 -22.01 -6.84 -12.89
CA ASP H 232 -20.79 -6.05 -12.86
C ASP H 232 -20.77 -5.47 -11.45
N VAL H 233 -19.67 -4.84 -11.06
CA VAL H 233 -19.59 -4.32 -9.70
C VAL H 233 -20.72 -3.40 -9.26
N ASN H 234 -21.08 -2.42 -10.08
CA ASN H 234 -22.14 -1.49 -9.70
C ASN H 234 -23.50 -2.18 -9.49
N TYR H 235 -23.90 -3.02 -10.44
CA TYR H 235 -25.19 -3.70 -10.33
C TYR H 235 -25.21 -4.62 -9.10
N ALA H 236 -24.13 -5.38 -8.90
CA ALA H 236 -24.04 -6.28 -7.76
C ALA H 236 -24.11 -5.49 -6.45
N THR H 237 -23.45 -4.33 -6.43
CA THR H 237 -23.45 -3.49 -5.24
C THR H 237 -24.88 -3.01 -4.95
N LYS H 238 -25.57 -2.52 -5.99
CA LYS H 238 -26.94 -2.05 -5.81
C LYS H 238 -27.86 -3.18 -5.34
N LEU H 239 -27.72 -4.37 -5.94
CA LEU H 239 -28.56 -5.50 -5.56
C LEU H 239 -28.31 -5.92 -4.11
N ALA H 240 -27.04 -6.00 -3.72
CA ALA H 240 -26.68 -6.38 -2.37
C ALA H 240 -27.31 -5.45 -1.35
N HIS H 241 -27.19 -4.15 -1.59
CA HIS H 241 -27.76 -3.18 -0.67
C HIS H 241 -29.29 -3.22 -0.67
N ALA H 242 -29.87 -3.53 -1.82
CA ALA H 242 -31.33 -3.62 -1.91
C ALA H 242 -31.84 -4.83 -1.11
N CYS H 243 -30.99 -5.83 -0.94
CA CYS H 243 -31.37 -7.04 -0.20
C CYS H 243 -30.95 -7.02 1.26
N ALA H 244 -30.17 -6.02 1.65
CA ALA H 244 -29.70 -5.91 3.03
C ALA H 244 -30.81 -5.92 4.08
N PRO H 245 -31.93 -5.23 3.81
CA PRO H 245 -33.04 -5.18 4.78
C PRO H 245 -33.63 -6.55 5.11
N PHE H 246 -33.39 -7.53 4.24
CA PHE H 246 -33.94 -8.86 4.44
C PHE H 246 -32.88 -9.85 4.94
N ASN H 247 -31.74 -9.31 5.35
CA ASN H 247 -30.64 -10.12 5.84
C ASN H 247 -30.21 -11.24 4.90
N LEU H 248 -29.98 -10.88 3.63
CA LEU H 248 -29.51 -11.87 2.66
C LEU H 248 -28.15 -12.31 3.21
N LYS H 249 -27.96 -13.61 3.41
CA LYS H 249 -26.71 -14.11 3.97
C LYS H 249 -25.51 -13.87 3.06
N TRP H 250 -25.66 -14.10 1.77
CA TRP H 250 -24.58 -13.85 0.84
C TRP H 250 -25.07 -13.70 -0.60
N ILE H 251 -24.24 -13.07 -1.42
CA ILE H 251 -24.55 -12.86 -2.84
C ILE H 251 -23.40 -13.57 -3.56
N GLU H 252 -23.77 -14.56 -4.37
CA GLU H 252 -22.79 -15.41 -5.04
C GLU H 252 -22.47 -15.25 -6.51
N GLU H 253 -21.18 -15.40 -6.82
CA GLU H 253 -20.63 -15.31 -8.16
C GLU H 253 -21.22 -14.20 -9.03
N CYS H 254 -21.13 -12.97 -8.53
CA CYS H 254 -21.66 -11.83 -9.26
C CYS H 254 -20.90 -11.55 -10.54
N LEU H 255 -19.62 -11.91 -10.57
CA LEU H 255 -18.76 -11.61 -11.71
C LEU H 255 -18.06 -12.79 -12.38
N PRO H 256 -17.68 -12.64 -13.65
CA PRO H 256 -16.99 -13.71 -14.37
C PRO H 256 -15.75 -14.04 -13.52
N PRO H 257 -15.25 -15.28 -13.60
CA PRO H 257 -14.09 -15.72 -12.82
C PRO H 257 -12.77 -14.93 -12.90
N GLN H 258 -12.43 -14.38 -14.05
CA GLN H 258 -11.18 -13.65 -14.20
C GLN H 258 -11.17 -12.30 -13.47
N GLN H 259 -12.35 -11.80 -13.10
CA GLN H 259 -12.44 -10.49 -12.48
C GLN H 259 -12.13 -10.41 -10.98
N TYR H 260 -10.91 -10.81 -10.62
CA TYR H 260 -10.47 -10.80 -9.23
C TYR H 260 -10.51 -9.38 -8.67
N GLU H 261 -10.04 -8.42 -9.45
CA GLU H 261 -10.02 -7.02 -9.02
C GLU H 261 -11.44 -6.54 -8.73
N GLY H 262 -12.40 -6.97 -9.54
CA GLY H 262 -13.79 -6.59 -9.33
C GLY H 262 -14.34 -7.21 -8.06
N TYR H 263 -13.96 -8.45 -7.78
CA TYR H 263 -14.44 -9.11 -6.57
C TYR H 263 -13.90 -8.39 -5.34
N ARG H 264 -12.66 -7.93 -5.41
CA ARG H 264 -12.09 -7.20 -4.28
C ARG H 264 -12.89 -5.93 -4.01
N GLU H 265 -13.24 -5.21 -5.07
CA GLU H 265 -14.01 -3.98 -4.93
C GLU H 265 -15.43 -4.27 -4.45
N LEU H 266 -16.05 -5.31 -4.98
CA LEU H 266 -17.41 -5.68 -4.59
C LEU H 266 -17.46 -6.01 -3.10
N LYS H 267 -16.49 -6.80 -2.63
CA LYS H 267 -16.45 -7.17 -1.22
C LYS H 267 -16.33 -5.91 -0.35
N ARG H 268 -15.53 -4.95 -0.80
CA ARG H 268 -15.37 -3.70 -0.06
C ARG H 268 -16.67 -2.91 -0.02
N ASN H 269 -17.46 -3.00 -1.09
CA ASN H 269 -18.73 -2.28 -1.19
C ASN H 269 -19.92 -2.99 -0.54
N ALA H 270 -19.75 -4.24 -0.14
CA ALA H 270 -20.84 -5.01 0.43
C ALA H 270 -21.41 -4.49 1.74
N PRO H 271 -22.73 -4.64 1.94
CA PRO H 271 -23.39 -4.19 3.17
C PRO H 271 -22.71 -4.89 4.35
N ALA H 272 -22.61 -4.20 5.48
CA ALA H 272 -21.97 -4.78 6.66
C ALA H 272 -22.60 -6.13 7.04
N GLY H 273 -21.76 -7.13 7.23
CA GLY H 273 -22.26 -8.45 7.61
C GLY H 273 -22.69 -9.35 6.46
N MET H 274 -22.90 -8.80 5.28
CA MET H 274 -23.31 -9.62 4.14
C MET H 274 -22.08 -10.20 3.45
N MET H 275 -22.11 -11.48 3.17
CA MET H 275 -20.96 -12.12 2.54
C MET H 275 -21.00 -12.10 1.02
N VAL H 276 -19.81 -12.17 0.42
CA VAL H 276 -19.65 -12.20 -1.03
C VAL H 276 -18.92 -13.51 -1.29
N THR H 277 -19.44 -14.31 -2.23
CA THR H 277 -18.83 -15.60 -2.52
C THR H 277 -18.62 -15.83 -4.02
N SER H 278 -17.84 -16.86 -4.33
CA SER H 278 -17.56 -17.23 -5.72
C SER H 278 -16.65 -18.45 -5.70
N GLY H 279 -16.24 -18.92 -6.88
CA GLY H 279 -15.33 -20.04 -6.93
C GLY H 279 -15.75 -21.29 -7.68
N GLU H 280 -17.05 -21.50 -7.90
CA GLU H 280 -17.47 -22.73 -8.58
C GLU H 280 -16.86 -22.90 -9.97
N HIS H 281 -16.54 -21.80 -10.64
CA HIS H 281 -15.94 -21.90 -11.97
C HIS H 281 -14.42 -21.75 -12.00
N HIS H 282 -13.80 -21.55 -10.83
CA HIS H 282 -12.35 -21.42 -10.75
C HIS H 282 -11.70 -22.80 -10.69
N GLY H 283 -10.44 -22.86 -11.12
CA GLY H 283 -9.71 -24.11 -11.12
C GLY H 283 -8.25 -23.90 -10.77
N THR H 284 -7.63 -24.94 -10.21
CA THR H 284 -6.22 -24.95 -9.77
C THR H 284 -6.05 -24.19 -8.46
N LEU H 285 -5.19 -24.72 -7.61
CA LEU H 285 -4.92 -24.12 -6.31
C LEU H 285 -4.46 -22.68 -6.43
N GLN H 286 -3.62 -22.39 -7.42
CA GLN H 286 -3.12 -21.03 -7.59
C GLN H 286 -4.21 -20.00 -7.87
N SER H 287 -5.22 -20.38 -8.65
CA SER H 287 -6.32 -19.46 -8.93
C SER H 287 -7.08 -19.17 -7.63
N PHE H 288 -7.22 -20.19 -6.78
CA PHE H 288 -7.93 -19.98 -5.53
C PHE H 288 -7.11 -19.13 -4.56
N ARG H 289 -5.78 -19.16 -4.71
CA ARG H 289 -4.90 -18.32 -3.88
C ARG H 289 -5.26 -16.87 -4.23
N THR H 290 -5.34 -16.60 -5.53
CA THR H 290 -5.67 -15.25 -6.01
C THR H 290 -7.08 -14.86 -5.60
N LEU H 291 -8.02 -15.79 -5.74
CA LEU H 291 -9.41 -15.51 -5.37
C LEU H 291 -9.52 -15.22 -3.87
N ALA H 292 -8.84 -16.02 -3.06
CA ALA H 292 -8.88 -15.83 -1.62
C ALA H 292 -8.35 -14.45 -1.22
N GLU H 293 -7.32 -13.99 -1.91
CA GLU H 293 -6.74 -12.69 -1.59
C GLU H 293 -7.61 -11.49 -1.96
N THR H 294 -8.71 -11.71 -2.67
CA THR H 294 -9.60 -10.60 -3.01
C THR H 294 -10.40 -10.24 -1.76
N GLY H 295 -10.40 -11.14 -0.78
CA GLY H 295 -11.11 -10.89 0.46
C GLY H 295 -12.52 -11.45 0.53
N ILE H 296 -12.98 -12.16 -0.51
CA ILE H 296 -14.33 -12.72 -0.45
C ILE H 296 -14.42 -13.69 0.71
N ASP H 297 -15.63 -13.82 1.25
CA ASP H 297 -15.88 -14.65 2.42
C ASP H 297 -15.82 -16.16 2.29
N ILE H 298 -16.39 -16.69 1.21
CA ILE H 298 -16.42 -18.13 1.01
C ILE H 298 -16.08 -18.50 -0.42
N MET H 299 -15.18 -19.48 -0.58
CA MET H 299 -14.81 -19.96 -1.90
C MET H 299 -15.63 -21.23 -2.10
N GLN H 300 -16.19 -21.39 -3.30
CA GLN H 300 -17.09 -22.51 -3.56
C GLN H 300 -16.70 -23.41 -4.73
N PRO H 301 -15.52 -24.03 -4.66
CA PRO H 301 -15.10 -24.91 -5.76
C PRO H 301 -16.04 -26.10 -5.93
N ASP H 302 -16.18 -26.57 -7.17
CA ASP H 302 -16.97 -27.77 -7.42
C ASP H 302 -15.88 -28.83 -7.43
N VAL H 303 -16.06 -29.89 -6.63
CA VAL H 303 -15.03 -30.93 -6.55
C VAL H 303 -14.71 -31.53 -7.91
N GLY H 304 -15.72 -31.64 -8.77
CA GLY H 304 -15.50 -32.20 -10.09
C GLY H 304 -15.02 -31.20 -11.13
N TRP H 305 -14.85 -29.93 -10.76
CA TRP H 305 -14.39 -28.91 -11.71
C TRP H 305 -13.12 -28.18 -11.29
N CYS H 306 -12.86 -28.09 -9.99
CA CYS H 306 -11.71 -27.36 -9.47
C CYS H 306 -10.36 -28.05 -9.61
N GLY H 307 -10.38 -29.34 -9.88
CA GLY H 307 -9.14 -30.09 -10.01
C GLY H 307 -9.27 -31.44 -9.33
N GLY H 308 -10.37 -31.64 -8.60
CA GLY H 308 -10.60 -32.89 -7.93
C GLY H 308 -10.52 -32.81 -6.40
N LEU H 309 -10.62 -33.96 -5.75
CA LEU H 309 -10.54 -34.00 -4.29
C LEU H 309 -9.16 -33.56 -3.83
N THR H 310 -8.13 -33.96 -4.56
CA THR H 310 -6.77 -33.60 -4.20
C THR H 310 -6.64 -32.08 -4.09
N THR H 311 -7.20 -31.37 -5.06
CA THR H 311 -7.16 -29.92 -5.07
C THR H 311 -8.09 -29.33 -4.01
N LEU H 312 -9.28 -29.90 -3.86
CA LEU H 312 -10.24 -29.41 -2.88
C LEU H 312 -9.64 -29.38 -1.47
N VAL H 313 -8.94 -30.45 -1.10
CA VAL H 313 -8.35 -30.51 0.23
C VAL H 313 -7.34 -29.38 0.42
N GLU H 314 -6.62 -29.03 -0.65
CA GLU H 314 -5.64 -27.95 -0.57
C GLU H 314 -6.36 -26.61 -0.44
N ILE H 315 -7.44 -26.44 -1.19
CA ILE H 315 -8.21 -25.20 -1.13
C ILE H 315 -8.77 -25.02 0.28
N ALA H 316 -9.21 -26.12 0.90
CA ALA H 316 -9.77 -26.05 2.25
C ALA H 316 -8.72 -25.55 3.24
N ALA H 317 -7.48 -25.99 3.07
CA ALA H 317 -6.38 -25.57 3.95
C ALA H 317 -6.08 -24.09 3.74
N LEU H 318 -6.09 -23.67 2.47
CA LEU H 318 -5.84 -22.28 2.13
C LEU H 318 -6.85 -21.40 2.85
N ALA H 319 -8.14 -21.72 2.70
CA ALA H 319 -9.19 -20.96 3.36
C ALA H 319 -9.06 -21.00 4.87
N LYS H 320 -8.79 -22.19 5.41
CA LYS H 320 -8.66 -22.35 6.85
C LYS H 320 -7.51 -21.51 7.39
N SER H 321 -6.42 -21.42 6.64
CA SER H 321 -5.26 -20.65 7.08
C SER H 321 -5.62 -19.18 7.23
N ARG H 322 -6.62 -18.73 6.47
CA ARG H 322 -7.06 -17.34 6.51
C ARG H 322 -8.26 -17.15 7.44
N GLY H 323 -8.65 -18.21 8.12
CA GLY H 323 -9.77 -18.16 9.04
C GLY H 323 -11.10 -18.05 8.34
N GLN H 324 -11.16 -18.55 7.11
CA GLN H 324 -12.38 -18.50 6.32
C GLN H 324 -12.96 -19.88 6.02
N LEU H 325 -14.16 -19.88 5.43
CA LEU H 325 -14.86 -21.11 5.11
C LEU H 325 -14.78 -21.51 3.64
N VAL H 326 -14.96 -22.80 3.39
CA VAL H 326 -14.98 -23.34 2.04
C VAL H 326 -16.28 -24.13 1.98
N VAL H 327 -17.13 -23.80 1.03
CA VAL H 327 -18.41 -24.49 0.88
C VAL H 327 -18.55 -24.85 -0.59
N PRO H 328 -18.16 -26.08 -0.95
CA PRO H 328 -18.22 -26.59 -2.32
C PRO H 328 -19.55 -26.44 -3.02
N HIS H 329 -19.48 -26.36 -4.35
CA HIS H 329 -20.66 -26.26 -5.20
C HIS H 329 -21.14 -27.69 -5.51
N GLY H 330 -22.40 -27.98 -5.18
CA GLY H 330 -22.97 -29.30 -5.43
C GLY H 330 -22.03 -30.45 -5.12
N SER H 331 -21.75 -31.28 -6.12
CA SER H 331 -20.83 -32.40 -6.02
C SER H 331 -21.24 -33.70 -5.33
N SER H 332 -22.38 -33.71 -4.65
CA SER H 332 -22.86 -34.93 -4.00
C SER H 332 -21.79 -35.61 -3.14
N VAL H 333 -21.67 -36.94 -3.26
CA VAL H 333 -20.71 -37.72 -2.47
C VAL H 333 -19.26 -37.26 -2.59
N TYR H 334 -18.90 -36.70 -3.73
CA TYR H 334 -17.53 -36.25 -3.94
C TYR H 334 -17.21 -35.10 -3.00
N SER H 335 -18.23 -34.35 -2.60
CA SER H 335 -18.06 -33.26 -1.66
C SER H 335 -18.26 -33.79 -0.23
N HIS H 336 -19.32 -34.57 -0.03
CA HIS H 336 -19.64 -35.11 1.28
C HIS H 336 -18.46 -35.77 2.00
N HIS H 337 -17.78 -36.68 1.32
CA HIS H 337 -16.65 -37.38 1.93
C HIS H 337 -15.51 -36.44 2.29
N ALA H 338 -15.41 -35.31 1.61
CA ALA H 338 -14.36 -34.35 1.89
C ALA H 338 -14.77 -33.36 2.98
N VAL H 339 -15.87 -32.66 2.75
CA VAL H 339 -16.32 -31.64 3.70
C VAL H 339 -16.72 -32.13 5.09
N ILE H 340 -17.10 -33.39 5.22
CA ILE H 340 -17.48 -33.87 6.53
C ILE H 340 -16.22 -33.94 7.41
N THR H 341 -15.06 -33.82 6.77
CA THR H 341 -13.79 -33.85 7.50
C THR H 341 -13.18 -32.45 7.64
N PHE H 342 -13.83 -31.44 7.06
CA PHE H 342 -13.32 -30.06 7.10
C PHE H 342 -13.94 -29.27 8.25
N THR H 343 -13.11 -28.78 9.16
CA THR H 343 -13.64 -27.97 10.26
C THR H 343 -14.24 -26.68 9.73
N ASN H 344 -13.74 -26.21 8.58
CA ASN H 344 -14.24 -24.96 8.02
C ASN H 344 -15.29 -25.09 6.91
N THR H 345 -16.06 -26.17 6.95
CA THR H 345 -17.16 -26.37 6.00
C THR H 345 -18.33 -26.79 6.90
N PRO H 346 -18.88 -25.82 7.67
CA PRO H 346 -20.00 -26.04 8.59
C PRO H 346 -21.33 -26.44 7.98
N PHE H 347 -21.46 -26.27 6.66
CA PHE H 347 -22.68 -26.62 5.97
C PHE H 347 -22.34 -26.86 4.49
N SER H 348 -23.24 -27.54 3.78
CA SER H 348 -23.02 -27.85 2.38
C SER H 348 -24.21 -27.50 1.50
N GLU H 349 -24.01 -27.58 0.19
CA GLU H 349 -25.07 -27.27 -0.76
C GLU H 349 -25.71 -28.47 -1.41
N PHE H 350 -27.02 -28.38 -1.60
CA PHE H 350 -27.77 -29.42 -2.29
C PHE H 350 -28.47 -28.65 -3.42
N LEU H 351 -28.03 -28.87 -4.65
CA LEU H 351 -28.61 -28.19 -5.80
C LEU H 351 -29.80 -28.99 -6.35
N MET H 352 -30.99 -28.44 -6.20
CA MET H 352 -32.23 -29.08 -6.64
C MET H 352 -32.23 -29.50 -8.11
N THR H 353 -32.34 -30.81 -8.35
CA THR H 353 -32.39 -31.32 -9.73
C THR H 353 -33.87 -31.58 -10.04
N SER H 354 -34.69 -31.49 -8.99
CA SER H 354 -36.14 -31.65 -9.13
C SER H 354 -36.60 -30.44 -9.94
N PRO H 355 -37.31 -30.68 -11.07
CA PRO H 355 -37.80 -29.59 -11.92
C PRO H 355 -38.49 -28.43 -11.20
N ASP H 356 -39.32 -28.76 -10.21
CA ASP H 356 -40.04 -27.73 -9.47
C ASP H 356 -39.59 -27.59 -8.03
N CYS H 357 -38.42 -28.15 -7.72
CA CYS H 357 -37.85 -28.07 -6.37
C CYS H 357 -38.78 -28.57 -5.27
N SER H 358 -39.61 -29.56 -5.57
CA SER H 358 -40.55 -30.09 -4.59
C SER H 358 -40.13 -31.45 -4.03
N THR H 359 -39.16 -32.10 -4.65
CA THR H 359 -38.72 -33.41 -4.18
C THR H 359 -37.21 -33.51 -4.08
N LEU H 360 -36.75 -34.56 -3.41
CA LEU H 360 -35.32 -34.79 -3.21
C LEU H 360 -34.68 -35.65 -4.29
N ARG H 361 -34.89 -35.30 -5.54
CA ARG H 361 -34.29 -36.05 -6.63
C ARG H 361 -32.79 -35.97 -6.38
N PRO H 362 -32.07 -37.10 -6.43
CA PRO H 362 -30.63 -37.07 -6.18
C PRO H 362 -29.82 -36.08 -7.03
N GLN H 363 -28.78 -35.53 -6.43
CA GLN H 363 -27.90 -34.54 -7.06
C GLN H 363 -27.42 -34.90 -8.47
N PHE H 364 -27.01 -36.15 -8.66
CA PHE H 364 -26.54 -36.60 -9.97
C PHE H 364 -27.45 -37.62 -10.62
N ASP H 365 -28.73 -37.58 -10.29
CA ASP H 365 -29.70 -38.51 -10.86
C ASP H 365 -29.58 -38.46 -12.38
N PRO H 366 -29.58 -39.64 -13.05
CA PRO H 366 -29.65 -40.98 -12.47
C PRO H 366 -28.37 -41.80 -12.66
N ILE H 367 -27.26 -41.14 -12.94
CA ILE H 367 -26.01 -41.85 -13.20
C ILE H 367 -25.39 -42.58 -12.01
N LEU H 368 -25.74 -42.18 -10.79
CA LEU H 368 -25.20 -42.80 -9.58
C LEU H 368 -26.19 -43.71 -8.87
N LEU H 369 -25.83 -44.98 -8.71
CA LEU H 369 -26.69 -45.93 -8.01
C LEU H 369 -26.53 -45.77 -6.50
N ASP H 370 -27.65 -45.81 -5.78
CA ASP H 370 -27.65 -45.68 -4.33
C ASP H 370 -27.04 -44.36 -3.87
N GLU H 371 -27.32 -43.29 -4.60
CA GLU H 371 -26.80 -41.98 -4.26
C GLU H 371 -27.56 -41.44 -3.06
N PRO H 372 -26.85 -41.12 -1.97
CA PRO H 372 -27.58 -40.59 -0.81
C PRO H 372 -28.15 -39.19 -1.05
N VAL H 373 -29.24 -38.89 -0.35
CA VAL H 373 -29.87 -37.59 -0.44
C VAL H 373 -30.15 -37.15 0.99
N PRO H 374 -30.25 -35.83 1.22
CA PRO H 374 -30.52 -35.35 2.58
C PRO H 374 -31.84 -35.87 3.14
N VAL H 375 -31.83 -36.18 4.43
CA VAL H 375 -33.02 -36.62 5.15
C VAL H 375 -33.17 -35.53 6.20
N ASN H 376 -34.29 -34.83 6.17
CA ASN H 376 -34.52 -33.72 7.09
C ASN H 376 -33.40 -32.70 6.91
N GLY H 377 -32.95 -32.52 5.67
CA GLY H 377 -31.91 -31.57 5.35
C GLY H 377 -30.51 -31.92 5.81
N ARG H 378 -30.30 -33.18 6.16
CA ARG H 378 -29.00 -33.63 6.63
C ARG H 378 -28.60 -35.01 6.14
N ILE H 379 -27.30 -35.28 6.15
CA ILE H 379 -26.79 -36.59 5.79
C ILE H 379 -25.86 -37.01 6.92
N HIS H 380 -26.28 -38.04 7.65
CA HIS H 380 -25.49 -38.54 8.78
C HIS H 380 -24.25 -39.26 8.26
N LYS H 381 -23.16 -39.20 9.00
CA LYS H 381 -21.91 -39.83 8.56
C LYS H 381 -22.07 -41.32 8.29
N SER H 382 -22.97 -41.98 9.02
CA SER H 382 -23.17 -43.42 8.83
C SER H 382 -23.65 -43.73 7.42
N VAL H 383 -24.31 -42.76 6.79
CA VAL H 383 -24.79 -42.94 5.43
C VAL H 383 -23.60 -43.07 4.47
N LEU H 384 -22.48 -42.47 4.85
CA LEU H 384 -21.26 -42.50 4.03
C LEU H 384 -20.34 -43.68 4.35
N ASP H 385 -20.78 -44.58 5.23
CA ASP H 385 -19.94 -45.71 5.59
C ASP H 385 -19.93 -46.84 4.56
N LYS H 386 -19.41 -46.52 3.38
CA LYS H 386 -19.27 -47.48 2.29
C LYS H 386 -17.91 -47.17 1.64
N PRO H 387 -17.30 -48.16 0.98
CA PRO H 387 -15.99 -47.99 0.33
C PRO H 387 -15.93 -46.87 -0.71
N GLY H 388 -14.81 -46.17 -0.76
CA GLY H 388 -14.64 -45.08 -1.72
C GLY H 388 -15.68 -44.01 -1.49
N PHE H 389 -16.34 -43.57 -2.56
CA PHE H 389 -17.38 -42.56 -2.43
C PHE H 389 -18.74 -43.22 -2.24
N GLY H 390 -18.71 -44.53 -1.99
CA GLY H 390 -19.91 -45.30 -1.70
C GLY H 390 -21.02 -45.54 -2.71
N VAL H 391 -20.77 -45.26 -3.99
CA VAL H 391 -21.81 -45.48 -4.99
C VAL H 391 -21.33 -46.35 -6.14
N GLU H 392 -22.26 -46.76 -6.99
CA GLU H 392 -21.94 -47.58 -8.14
C GLU H 392 -22.47 -46.91 -9.41
N LEU H 393 -21.83 -47.22 -10.54
CA LEU H 393 -22.21 -46.63 -11.82
C LEU H 393 -23.48 -47.25 -12.39
N ASN H 394 -24.46 -46.42 -12.73
CA ASN H 394 -25.70 -46.92 -13.29
C ASN H 394 -25.50 -47.20 -14.78
N ARG H 395 -25.16 -48.45 -15.09
CA ARG H 395 -24.93 -48.80 -16.48
C ARG H 395 -26.19 -49.00 -17.31
N ASP H 396 -27.36 -48.71 -16.73
CA ASP H 396 -28.60 -48.82 -17.48
C ASP H 396 -28.75 -47.56 -18.30
N CYS H 397 -27.91 -46.56 -18.02
CA CYS H 397 -27.94 -45.32 -18.77
C CYS H 397 -27.22 -45.72 -20.07
N HIS H 398 -27.56 -45.08 -21.18
CA HIS H 398 -26.93 -45.44 -22.45
C HIS H 398 -25.56 -44.81 -22.60
N LEU H 399 -24.59 -45.34 -21.85
CA LEU H 399 -23.23 -44.82 -21.91
C LEU H 399 -22.60 -45.04 -23.28
N LYS H 400 -21.92 -44.00 -23.77
CA LYS H 400 -21.25 -44.06 -25.06
C LYS H 400 -19.75 -44.01 -24.85
N ARG H 401 -19.01 -44.79 -25.63
CA ARG H 401 -17.56 -44.83 -25.54
C ARG H 401 -17.01 -44.37 -26.88
N PRO H 402 -16.85 -43.06 -27.06
CA PRO H 402 -16.35 -42.48 -28.31
C PRO H 402 -14.90 -42.79 -28.68
N TYR H 403 -14.06 -43.06 -27.69
CA TYR H 403 -12.65 -43.34 -27.95
C TYR H 403 -12.13 -44.57 -27.23
N SER H 404 -11.06 -45.14 -27.77
CA SER H 404 -10.42 -46.32 -27.20
C SER H 404 -8.91 -46.15 -27.32
N HIS H 405 -8.15 -46.99 -26.63
CA HIS H 405 -6.70 -46.94 -26.72
C HIS H 405 -6.11 -48.29 -26.31
MG MG I . 14.85 19.32 -21.00
O1 TLA J . 16.09 21.06 -20.98
O11 TLA J . 17.08 22.69 -22.12
C1 TLA J . 16.29 21.73 -22.03
C2 TLA J . 15.50 21.35 -23.29
O2 TLA J . 14.66 20.20 -23.09
C3 TLA J . 16.48 21.10 -24.47
O3 TLA J . 17.24 19.92 -24.21
C4 TLA J . 15.71 20.97 -25.81
O4 TLA J . 15.77 19.89 -26.43
O41 TLA J . 15.05 21.96 -26.19
MG MG K . -20.43 16.37 -18.77
O1 TLA L . -21.91 15.98 -20.36
O11 TLA L . -23.18 16.80 -21.99
C1 TLA L . -22.31 16.91 -21.09
C2 TLA L . -21.69 18.31 -20.90
O2 TLA L . -20.72 18.33 -19.84
C3 TLA L . -22.81 19.35 -20.63
O3 TLA L . -23.34 19.14 -19.31
C4 TLA L . -22.27 20.79 -20.76
O4 TLA L . -22.25 21.51 -19.75
O41 TLA L . -21.88 21.13 -21.89
MG MG M . 17.10 -24.56 11.80
O1 TLA N . 17.50 -26.61 11.32
O11 TLA N . 18.41 -28.53 11.96
C1 TLA N . 18.03 -27.36 12.17
C2 TLA N . 18.20 -26.84 13.60
O2 TLA N . 17.80 -25.47 13.72
C3 TLA N . 19.68 -27.01 14.06
O3 TLA N . 20.51 -26.06 13.37
C4 TLA N . 19.83 -26.83 15.58
O4 TLA N . 20.49 -25.87 16.02
O41 TLA N . 19.26 -27.68 16.31
MG MG O . -11.49 -11.12 27.93
O1 TLA P . -11.81 -10.50 29.98
O11 TLA P . -12.21 -11.02 32.10
C1 TLA P . -12.02 -11.33 30.90
C2 TLA P . -12.04 -12.82 30.56
O2 TLA P . -11.73 -13.05 29.18
C3 TLA P . -13.42 -13.44 30.92
O3 TLA P . -14.42 -12.95 30.02
C4 TLA P . -13.36 -14.97 30.88
O4 TLA P . -13.97 -15.57 29.96
O41 TLA P . -12.69 -15.54 31.76
MG MG Q . -8.58 26.00 16.93
O1 TLA R . -9.30 28.03 16.61
O11 TLA R . -9.65 30.07 17.40
C1 TLA R . -9.24 28.90 17.50
C2 TLA R . -8.63 28.51 18.86
O2 TLA R . -8.12 27.17 18.84
C3 TLA R . -9.67 28.68 19.99
O3 TLA R . -10.69 27.66 19.87
C4 TLA R . -9.00 28.60 21.38
O4 TLA R . -9.26 27.62 22.11
O41 TLA R . -8.22 29.54 21.69
MG MG S . 24.46 13.27 16.13
O1 TLA T . 25.78 12.77 17.68
O11 TLA T . 27.16 13.50 19.26
C1 TLA T . 26.40 13.67 18.29
C2 TLA T . 26.19 15.13 17.83
O2 TLA T . 25.27 15.23 16.74
C3 TLA T . 27.56 15.76 17.43
O3 TLA T . 28.01 15.20 16.17
C4 TLA T . 27.45 17.28 17.31
O4 TLA T . 27.59 17.81 16.18
O41 TLA T . 27.23 17.92 18.37
MG MG U . 7.43 -18.49 -25.26
O1 TLA V . 7.79 -18.29 -27.36
O11 TLA V . 8.02 -19.26 -29.35
C1 TLA V . 7.76 -19.29 -28.13
C2 TLA V . 7.35 -20.63 -27.53
O2 TLA V . 7.12 -20.56 -26.12
C3 TLA V . 8.44 -21.69 -27.84
O3 TLA V . 9.62 -21.39 -27.08
C4 TLA V . 7.93 -23.11 -27.51
O4 TLA V . 8.39 -23.69 -26.51
O41 TLA V . 7.06 -23.59 -28.27
MG MG W . -23.38 -20.72 -7.77
O1 TLA X . -24.38 -22.48 -6.91
O11 TLA X . -25.70 -24.24 -7.25
C1 TLA X . -25.06 -23.24 -7.64
C2 TLA X . -25.09 -22.95 -9.15
O2 TLA X . -24.35 -21.77 -9.49
C3 TLA X . -26.57 -22.82 -9.64
O3 TLA X . -27.15 -21.61 -9.11
C4 TLA X . -26.64 -22.83 -11.17
O4 TLA X . -26.90 -21.76 -11.76
O41 TLA X . -26.43 -23.92 -11.75
#